data_7X8E
#
_entry.id   7X8E
#
_cell.length_a   160.699
_cell.length_b   161.203
_cell.length_c   121.984
_cell.angle_alpha   90.00
_cell.angle_beta   90.02
_cell.angle_gamma   90.00
#
_symmetry.space_group_name_H-M   'C 1 2 1'
#
loop_
_entity.id
_entity.type
_entity.pdbx_description
1 polymer '4-hydroxyphenylpyruvate dioxygenase'
2 non-polymer 'COBALT (II) ION'
3 non-polymer 1,5-dimethyl-3-(2-methylphenyl)-6-(2-oxidanyl-6-oxidanylidene-cyclohexen-1-yl)carbonyl-quinazoline-2,4-dione
4 water water
#
_entity_poly.entity_id   1
_entity_poly.type   'polypeptide(L)'
_entity_poly.pdbx_seq_one_letter_code
;ADLYENPMGLMGFEFIEFASPTPGTLEPIFEIMGFTKVATHRSKNVHLYRQGEINLILNNEPNSIASYFAAEHGPSVCGM
AFRVKDSQKAYNRALELGAQPIHIDTGPMELNLPAIKGIGGAPLYLIDRFGEGSSIYDIDFVYLEGVERNPVGAGLKVID
HLTHNVYRGRMVYWANFYEKLFNFREARYFDIKGEYTGLTSKAMSAPDGMIRIPLNEESSKGAGQIEEFLMQFNGEGIQH
VAFLTDDLVKTWDALKKIGMRFMTAPPDTYYEMLEGRLPDHGEPVDQLQARGILLDGSSVEGDKRLLLQIFSETLMGPVF
FEFIQRKGDDGFGEGNFKALFESIERDQVRRGVLATD
;
_entity_poly.pdbx_strand_id   A,B,C,D,E,F,G,H
#
loop_
_chem_comp.id
_chem_comp.type
_chem_comp.name
_chem_comp.formula
92X non-polymer 1,5-dimethyl-3-(2-methylphenyl)-6-(2-oxidanyl-6-oxidanylidene-cyclohexen-1-yl)carbonyl-quinazoline-2,4-dione 'C24 H22 N2 O5'
CO non-polymer 'COBALT (II) ION' 'Co 2'
#
# COMPACT_ATOMS: atom_id res chain seq x y z
N ASP A 2 20.24 1.19 5.19
CA ASP A 2 21.31 1.71 6.05
C ASP A 2 22.26 0.57 6.46
N LEU A 3 23.09 0.10 5.53
CA LEU A 3 23.81 -1.16 5.68
C LEU A 3 25.01 -1.04 6.62
N TYR A 4 25.77 0.05 6.53
CA TYR A 4 26.81 0.36 7.50
C TYR A 4 26.98 1.87 7.54
N GLU A 5 28.02 2.34 8.23
CA GLU A 5 28.14 3.77 8.54
C GLU A 5 28.24 4.62 7.27
N ASN A 6 27.40 5.65 7.19
CA ASN A 6 27.22 6.46 5.99
C ASN A 6 27.65 7.91 6.26
N PRO A 7 28.94 8.16 6.45
CA PRO A 7 29.39 9.52 6.80
C PRO A 7 29.05 10.60 5.79
N MET A 8 29.01 10.27 4.50
CA MET A 8 28.67 11.25 3.47
C MET A 8 27.18 11.48 3.33
N GLY A 9 26.34 10.73 4.04
CA GLY A 9 24.90 10.89 3.93
C GLY A 9 24.30 10.53 2.57
N LEU A 10 24.80 9.45 1.95
CA LEU A 10 24.38 9.09 0.61
C LEU A 10 22.94 8.58 0.58
N MET A 11 22.22 8.91 -0.50
CA MET A 11 20.83 8.46 -0.68
C MET A 11 20.56 8.11 -2.16
N GLY A 12 21.36 7.20 -2.72
CA GLY A 12 21.12 6.68 -4.06
C GLY A 12 21.66 7.55 -5.17
N PHE A 13 21.53 7.05 -6.41
CA PHE A 13 21.90 7.85 -7.57
C PHE A 13 20.94 9.01 -7.74
N GLU A 14 21.49 10.14 -8.19
CA GLU A 14 20.67 11.29 -8.53
C GLU A 14 20.52 11.44 -10.02
N PHE A 15 21.63 11.44 -10.76
CA PHE A 15 21.57 11.51 -12.22
C PHE A 15 22.90 11.07 -12.81
N ILE A 16 22.82 10.76 -14.11
CA ILE A 16 23.95 10.42 -14.96
C ILE A 16 24.04 11.45 -16.07
N GLU A 17 25.26 11.85 -16.43
CA GLU A 17 25.49 12.86 -17.45
C GLU A 17 26.09 12.23 -18.71
N PHE A 18 25.62 12.69 -19.87
CA PHE A 18 26.09 12.19 -21.15
C PHE A 18 26.63 13.33 -22.01
N ALA A 19 27.60 13.00 -22.87
CA ALA A 19 28.13 13.94 -23.84
C ALA A 19 28.77 13.17 -24.98
N SER A 20 28.67 13.70 -26.20
CA SER A 20 29.39 13.10 -27.32
C SER A 20 30.11 14.14 -28.18
N PRO A 21 31.28 13.78 -28.74
CA PRO A 21 31.94 14.69 -29.70
C PRO A 21 31.15 14.91 -30.97
N THR A 22 30.32 13.96 -31.39
CA THR A 22 29.51 14.22 -32.57
C THR A 22 28.04 14.33 -32.18
N PRO A 23 27.28 15.27 -32.76
CA PRO A 23 25.89 15.43 -32.36
C PRO A 23 24.97 14.38 -32.98
N GLY A 24 23.74 14.33 -32.44
CA GLY A 24 22.76 13.37 -32.91
C GLY A 24 23.14 11.93 -32.67
N THR A 25 24.10 11.65 -31.79
CA THR A 25 24.45 10.27 -31.48
C THR A 25 23.87 9.76 -30.16
N LEU A 26 23.49 10.65 -29.24
CA LEU A 26 22.91 10.27 -27.95
C LEU A 26 21.40 10.44 -27.88
N GLU A 27 20.84 11.47 -28.54
CA GLU A 27 19.39 11.61 -28.58
C GLU A 27 18.67 10.35 -29.05
N PRO A 28 19.02 9.73 -30.19
CA PRO A 28 18.23 8.57 -30.63
C PRO A 28 18.41 7.33 -29.77
N ILE A 29 19.49 7.28 -28.96
CA ILE A 29 19.70 6.15 -28.06
C ILE A 29 18.78 6.27 -26.86
N PHE A 30 18.63 7.48 -26.33
CA PHE A 30 17.67 7.68 -25.26
C PHE A 30 16.28 7.23 -25.68
N GLU A 31 15.89 7.53 -26.92
CA GLU A 31 14.57 7.15 -27.40
C GLU A 31 14.36 5.63 -27.32
N ILE A 32 15.27 4.86 -27.93
CA ILE A 32 15.03 3.43 -28.03
C ILE A 32 14.99 2.75 -26.66
N MET A 33 15.68 3.30 -25.65
CA MET A 33 15.55 2.80 -24.28
C MET A 33 14.39 3.45 -23.52
N GLY A 34 13.46 4.07 -24.22
CA GLY A 34 12.25 4.50 -23.56
C GLY A 34 12.42 5.68 -22.62
N PHE A 35 13.45 6.50 -22.83
CA PHE A 35 13.63 7.75 -22.11
C PHE A 35 13.00 8.88 -22.92
N THR A 36 12.53 9.93 -22.23
CA THR A 36 11.82 11.04 -22.85
C THR A 36 12.52 12.35 -22.52
N LYS A 37 12.73 13.20 -23.52
CA LYS A 37 13.18 14.57 -23.24
C LYS A 37 12.09 15.31 -22.48
N VAL A 38 12.45 15.98 -21.40
CA VAL A 38 11.41 16.48 -20.51
C VAL A 38 11.68 17.90 -20.03
N ALA A 39 12.91 18.39 -20.21
CA ALA A 39 13.21 19.76 -19.84
C ALA A 39 14.47 20.23 -20.53
N THR A 40 14.72 21.54 -20.43
CA THR A 40 15.94 22.15 -20.98
C THR A 40 16.47 23.21 -20.03
N HIS A 41 17.79 23.29 -19.93
CA HIS A 41 18.45 24.21 -19.01
C HIS A 41 18.03 25.65 -19.29
N ARG A 42 17.97 26.44 -18.22
CA ARG A 42 17.60 27.85 -18.37
C ARG A 42 18.55 28.58 -19.31
N SER A 43 19.85 28.31 -19.22
CA SER A 43 20.83 29.01 -20.05
C SER A 43 21.65 28.09 -20.94
N LYS A 44 22.14 26.98 -20.41
CA LYS A 44 23.06 26.12 -21.15
C LYS A 44 22.29 25.23 -22.14
N ASN A 45 23.02 24.73 -23.12
CA ASN A 45 22.49 23.84 -24.16
C ASN A 45 22.50 22.38 -23.67
N VAL A 46 21.83 22.14 -22.54
CA VAL A 46 21.80 20.82 -21.92
C VAL A 46 20.36 20.48 -21.54
N HIS A 47 20.05 19.19 -21.55
CA HIS A 47 18.66 18.72 -21.59
C HIS A 47 18.48 17.52 -20.67
N LEU A 48 17.26 17.40 -20.15
CA LEU A 48 16.91 16.37 -19.17
C LEU A 48 16.05 15.33 -19.88
N TYR A 49 16.49 14.08 -19.84
CA TYR A 49 15.68 12.95 -20.25
C TYR A 49 15.27 12.17 -19.01
N ARG A 50 14.07 11.63 -19.02
CA ARG A 50 13.51 11.04 -17.82
C ARG A 50 12.70 9.79 -18.17
N GLN A 51 12.65 8.87 -17.21
CA GLN A 51 11.89 7.62 -17.27
C GLN A 51 11.88 7.01 -15.88
N GLY A 52 10.69 6.63 -15.39
CA GLY A 52 10.52 6.37 -13.97
C GLY A 52 11.20 7.43 -13.12
N GLU A 53 12.12 6.98 -12.26
CA GLU A 53 12.90 7.85 -11.41
C GLU A 53 14.32 8.09 -11.91
N ILE A 54 14.67 7.64 -13.12
CA ILE A 54 16.01 7.86 -13.67
C ILE A 54 16.04 9.25 -14.34
N ASN A 55 16.94 10.10 -13.86
CA ASN A 55 17.24 11.33 -14.56
C ASN A 55 18.52 11.14 -15.36
N LEU A 56 18.50 11.55 -16.63
CA LEU A 56 19.68 11.54 -17.49
C LEU A 56 19.88 12.94 -18.07
N ILE A 57 21.07 13.51 -17.90
CA ILE A 57 21.39 14.84 -18.42
C ILE A 57 22.17 14.69 -19.72
N LEU A 58 21.72 15.36 -20.79
CA LEU A 58 22.45 15.46 -22.04
C LEU A 58 23.18 16.81 -22.07
N ASN A 59 24.49 16.78 -21.95
CA ASN A 59 25.28 17.99 -21.97
C ASN A 59 25.84 18.19 -23.37
N ASN A 60 25.33 19.22 -24.07
CA ASN A 60 25.82 19.63 -25.39
C ASN A 60 26.55 20.97 -25.33
N GLU A 61 26.95 21.40 -24.13
CA GLU A 61 27.62 22.69 -23.97
C GLU A 61 29.02 22.61 -24.55
N PRO A 62 29.42 23.56 -25.39
CA PRO A 62 30.76 23.53 -25.96
C PRO A 62 31.75 24.21 -25.00
N ASN A 63 33.01 23.82 -25.14
CA ASN A 63 34.10 24.24 -24.25
C ASN A 63 33.81 23.94 -22.78
N SER A 64 32.80 23.14 -22.49
CA SER A 64 32.43 22.76 -21.14
C SER A 64 33.28 21.59 -20.65
N ILE A 65 33.13 21.25 -19.37
CA ILE A 65 33.93 20.15 -18.84
C ILE A 65 33.50 18.82 -19.44
N ALA A 66 32.23 18.71 -19.83
CA ALA A 66 31.75 17.45 -20.39
C ALA A 66 32.22 17.27 -21.84
N SER A 67 32.29 18.36 -22.62
CA SER A 67 32.71 18.24 -24.01
C SER A 67 34.20 17.93 -24.14
N TYR A 68 35.03 18.39 -23.20
CA TYR A 68 36.42 17.93 -23.12
C TYR A 68 36.49 16.43 -22.79
N PHE A 69 35.71 15.98 -21.82
CA PHE A 69 35.67 14.56 -21.51
C PHE A 69 35.17 13.76 -22.71
N ALA A 70 34.20 14.31 -23.45
CA ALA A 70 33.68 13.61 -24.61
C ALA A 70 34.68 13.67 -25.76
N ALA A 71 35.41 14.79 -25.89
CA ALA A 71 36.44 14.90 -26.92
C ALA A 71 37.49 13.81 -26.77
N GLU A 72 37.75 13.36 -25.55
CA GLU A 72 38.78 12.35 -25.35
C GLU A 72 38.26 10.92 -25.38
N HIS A 73 37.01 10.68 -24.97
CA HIS A 73 36.47 9.32 -24.83
C HIS A 73 35.34 8.98 -25.80
N GLY A 74 34.89 9.91 -26.62
CA GLY A 74 33.80 9.64 -27.51
C GLY A 74 32.48 9.77 -26.78
N PRO A 75 31.38 9.39 -27.45
CA PRO A 75 30.11 9.19 -26.77
C PRO A 75 30.29 8.39 -25.49
N SER A 76 29.82 8.94 -24.38
CA SER A 76 30.22 8.40 -23.09
C SER A 76 29.27 8.85 -21.99
N VAL A 77 29.28 8.09 -20.90
CA VAL A 77 28.84 8.64 -19.63
C VAL A 77 29.98 9.51 -19.11
N CYS A 78 29.72 10.81 -18.97
CA CYS A 78 30.73 11.81 -18.66
C CYS A 78 30.52 12.50 -17.32
N GLY A 79 29.46 12.15 -16.59
CA GLY A 79 29.27 12.64 -15.24
C GLY A 79 28.39 11.72 -14.43
N MET A 80 28.46 11.88 -13.12
CA MET A 80 27.76 11.00 -12.19
C MET A 80 27.49 11.75 -10.89
N ALA A 81 26.22 11.79 -10.47
CA ALA A 81 25.81 12.51 -9.28
C ALA A 81 25.20 11.58 -8.24
N PHE A 82 25.67 11.71 -7.01
CA PHE A 82 25.06 11.05 -5.85
C PHE A 82 24.11 12.00 -5.11
N ARG A 83 23.01 11.45 -4.59
CA ARG A 83 22.19 12.16 -3.61
C ARG A 83 22.88 12.12 -2.24
N VAL A 84 22.92 13.27 -1.55
CA VAL A 84 23.47 13.36 -0.21
C VAL A 84 22.50 14.15 0.64
N LYS A 85 22.60 13.95 1.95
CA LYS A 85 21.79 14.73 2.88
C LYS A 85 22.26 16.18 2.93
N ASP A 86 23.55 16.39 3.14
CA ASP A 86 24.11 17.73 3.21
C ASP A 86 25.34 17.79 2.31
N SER A 87 25.26 18.57 1.25
CA SER A 87 26.27 18.42 0.23
C SER A 87 27.52 19.25 0.50
N GLN A 88 27.46 20.27 1.35
CA GLN A 88 28.68 20.97 1.71
C GLN A 88 29.46 20.23 2.80
N LYS A 89 28.76 19.53 3.70
CA LYS A 89 29.45 18.66 4.65
C LYS A 89 30.16 17.54 3.89
N ALA A 90 29.50 17.00 2.87
CA ALA A 90 30.14 15.96 2.06
C ALA A 90 31.28 16.53 1.24
N TYR A 91 31.03 17.62 0.51
CA TYR A 91 32.08 18.19 -0.33
C TYR A 91 33.31 18.58 0.51
N ASN A 92 33.09 19.17 1.69
CA ASN A 92 34.22 19.49 2.55
C ASN A 92 34.95 18.22 2.96
N ARG A 93 34.21 17.24 3.48
CA ARG A 93 34.84 16.01 3.96
C ARG A 93 35.65 15.32 2.86
N ALA A 94 35.13 15.32 1.62
CA ALA A 94 35.83 14.70 0.50
C ALA A 94 37.15 15.42 0.20
N LEU A 95 37.14 16.76 0.25
CA LEU A 95 38.39 17.50 0.04
C LEU A 95 39.34 17.34 1.22
N GLU A 96 38.84 17.15 2.44
CA GLU A 96 39.74 16.90 3.56
C GLU A 96 40.40 15.53 3.41
N LEU A 97 39.66 14.54 2.91
CA LEU A 97 40.17 13.18 2.72
C LEU A 97 40.97 13.01 1.42
N GLY A 98 41.21 14.08 0.67
CA GLY A 98 42.18 14.08 -0.41
C GLY A 98 41.62 14.09 -1.82
N ALA A 99 40.31 14.27 -1.99
CA ALA A 99 39.74 14.36 -3.33
C ALA A 99 40.11 15.69 -3.98
N GLN A 100 40.22 15.67 -5.31
CA GLN A 100 40.48 16.90 -6.05
C GLN A 100 39.16 17.49 -6.56
N PRO A 101 38.90 18.77 -6.35
CA PRO A 101 37.67 19.37 -6.87
C PRO A 101 37.68 19.43 -8.40
N ILE A 102 36.48 19.44 -8.98
CA ILE A 102 36.28 19.81 -10.39
C ILE A 102 35.35 21.00 -10.41
N HIS A 103 35.83 22.13 -10.91
CA HIS A 103 34.99 23.33 -10.97
C HIS A 103 34.06 23.25 -12.17
N ILE A 104 32.77 23.20 -11.91
CA ILE A 104 31.77 23.23 -12.97
C ILE A 104 31.29 24.68 -13.09
N ASP A 105 31.55 25.30 -14.24
CA ASP A 105 31.25 26.73 -14.40
C ASP A 105 29.75 26.97 -14.25
N THR A 106 29.42 27.95 -13.40
CA THR A 106 28.04 28.28 -13.07
C THR A 106 27.65 29.61 -13.67
N GLY A 107 26.49 29.65 -14.32
CA GLY A 107 25.94 30.89 -14.81
C GLY A 107 25.24 31.69 -13.72
N PRO A 108 24.96 32.95 -14.03
CA PRO A 108 24.24 33.79 -13.07
C PRO A 108 22.81 33.30 -12.85
N MET A 109 22.34 33.43 -11.60
CA MET A 109 21.04 32.96 -11.15
C MET A 109 20.91 31.43 -11.17
N GLU A 110 22.01 30.70 -11.18
CA GLU A 110 22.00 29.25 -11.32
C GLU A 110 22.75 28.62 -10.13
N LEU A 111 22.61 27.30 -9.98
CA LEU A 111 23.10 26.59 -8.80
C LEU A 111 24.54 26.12 -8.97
N ASN A 112 25.41 26.50 -8.02
CA ASN A 112 26.76 25.97 -7.96
C ASN A 112 26.68 24.49 -7.61
N LEU A 113 27.00 23.63 -8.58
CA LEU A 113 27.03 22.20 -8.37
C LEU A 113 28.45 21.78 -7.98
N PRO A 114 28.66 21.23 -6.79
CA PRO A 114 30.01 20.79 -6.43
C PRO A 114 30.33 19.39 -6.92
N ALA A 115 31.52 19.24 -7.49
CA ALA A 115 31.97 17.95 -7.95
C ALA A 115 33.41 17.71 -7.51
N ILE A 116 33.80 16.43 -7.51
CA ILE A 116 35.19 16.03 -7.36
C ILE A 116 35.56 15.18 -8.55
N LYS A 117 36.87 15.01 -8.76
CA LYS A 117 37.36 14.23 -9.87
C LYS A 117 37.14 12.76 -9.58
N GLY A 118 36.39 12.07 -10.44
CA GLY A 118 36.16 10.67 -10.30
C GLY A 118 36.81 9.85 -11.40
N ILE A 119 36.28 8.65 -11.59
CA ILE A 119 36.76 7.75 -12.61
C ILE A 119 36.93 8.49 -13.93
N GLY A 120 38.03 8.20 -14.63
CA GLY A 120 38.30 8.80 -15.92
C GLY A 120 38.43 10.31 -15.92
N GLY A 121 38.44 10.94 -14.75
CA GLY A 121 38.27 12.38 -14.70
C GLY A 121 36.83 12.84 -14.81
N ALA A 122 35.89 11.90 -14.81
CA ALA A 122 34.49 12.27 -14.75
C ALA A 122 34.22 12.98 -13.42
N PRO A 123 33.51 14.11 -13.44
CA PRO A 123 33.03 14.71 -12.21
C PRO A 123 32.06 13.80 -11.47
N LEU A 124 32.27 13.67 -10.18
CA LEU A 124 31.29 13.08 -9.27
C LEU A 124 30.57 14.22 -8.49
N TYR A 125 29.31 14.50 -8.84
CA TYR A 125 28.55 15.54 -8.16
C TYR A 125 28.02 15.04 -6.82
N LEU A 126 27.90 15.97 -5.87
CA LEU A 126 27.25 15.70 -4.60
C LEU A 126 26.07 16.64 -4.47
N ILE A 127 24.86 16.11 -4.56
CA ILE A 127 23.63 16.89 -4.67
C ILE A 127 22.78 16.67 -3.43
N ASP A 128 22.35 17.76 -2.80
CA ASP A 128 21.52 17.66 -1.61
C ASP A 128 20.13 18.26 -1.78
N ARG A 129 19.76 18.68 -2.99
CA ARG A 129 18.40 19.10 -3.30
C ARG A 129 17.76 18.12 -4.27
N PHE A 130 16.50 17.78 -4.02
CA PHE A 130 15.78 16.77 -4.80
C PHE A 130 14.33 16.78 -4.34
N GLY A 131 13.53 15.90 -4.95
CA GLY A 131 12.11 15.90 -4.68
C GLY A 131 11.36 16.97 -5.46
N GLU A 132 10.16 16.64 -5.96
CA GLU A 132 9.40 17.57 -6.78
C GLU A 132 9.31 18.95 -6.15
N GLY A 133 9.55 19.96 -6.97
CA GLY A 133 9.48 21.35 -6.56
C GLY A 133 10.79 21.82 -6.03
N SER A 134 11.51 20.93 -5.35
CA SER A 134 12.78 21.25 -4.73
C SER A 134 13.99 20.88 -5.57
N SER A 135 13.85 19.91 -6.48
CA SER A 135 14.95 19.31 -7.23
C SER A 135 15.74 20.35 -8.02
N ILE A 136 16.94 19.96 -8.44
CA ILE A 136 17.72 20.84 -9.30
C ILE A 136 17.09 20.95 -10.68
N TYR A 137 16.20 20.03 -11.04
CA TYR A 137 15.52 20.17 -12.32
C TYR A 137 14.46 21.26 -12.22
N ASP A 138 13.81 21.38 -11.07
CA ASP A 138 12.88 22.50 -10.86
C ASP A 138 13.61 23.85 -10.84
N ILE A 139 14.77 23.89 -10.19
CA ILE A 139 15.47 25.17 -10.03
C ILE A 139 16.16 25.57 -11.34
N ASP A 140 17.01 24.69 -11.89
CA ASP A 140 17.90 25.09 -12.98
C ASP A 140 17.40 24.68 -14.37
N PHE A 141 16.27 23.98 -14.47
CA PHE A 141 15.79 23.51 -15.76
C PHE A 141 14.39 24.07 -16.03
N VAL A 142 14.03 24.09 -17.30
CA VAL A 142 12.73 24.58 -17.77
C VAL A 142 12.04 23.47 -18.53
N TYR A 143 10.88 23.05 -18.05
CA TYR A 143 10.22 21.89 -18.65
C TYR A 143 9.52 22.28 -19.94
N LEU A 144 9.42 21.30 -20.83
CA LEU A 144 8.79 21.52 -22.11
C LEU A 144 7.29 21.76 -21.91
N GLU A 145 6.76 22.76 -22.63
CA GLU A 145 5.35 23.07 -22.57
C GLU A 145 4.50 21.85 -22.89
N GLY A 146 3.52 21.57 -22.03
CA GLY A 146 2.54 20.54 -22.27
C GLY A 146 3.01 19.17 -21.88
N VAL A 147 4.27 18.86 -22.24
CA VAL A 147 4.91 17.58 -21.97
C VAL A 147 4.78 17.18 -20.50
N GLU A 148 4.77 15.88 -20.23
CA GLU A 148 4.68 15.39 -18.87
C GLU A 148 6.06 15.30 -18.22
N ARG A 149 6.09 15.50 -16.91
CA ARG A 149 7.34 15.50 -16.17
C ARG A 149 7.59 14.23 -15.39
N ASN A 150 6.74 13.21 -15.52
CA ASN A 150 6.98 11.92 -14.86
C ASN A 150 6.76 10.77 -15.83
N PRO A 151 7.45 10.77 -16.96
CA PRO A 151 7.21 9.73 -17.96
C PRO A 151 7.59 8.37 -17.42
N VAL A 152 6.86 7.35 -17.87
CA VAL A 152 7.08 6.00 -17.38
C VAL A 152 7.70 5.07 -18.44
N GLY A 153 7.54 5.35 -19.73
CA GLY A 153 8.27 4.63 -20.76
C GLY A 153 8.09 3.12 -20.66
N ALA A 154 9.19 2.39 -20.89
CA ALA A 154 9.19 0.93 -20.86
C ALA A 154 9.19 0.37 -19.43
N GLY A 155 9.09 1.23 -18.43
CA GLY A 155 9.00 0.78 -17.07
C GLY A 155 10.31 0.74 -16.32
N LEU A 156 11.35 1.39 -16.82
CA LEU A 156 12.60 1.43 -16.06
C LEU A 156 12.44 2.36 -14.88
N LYS A 157 12.94 1.93 -13.73
CA LYS A 157 12.65 2.59 -12.44
C LYS A 157 13.80 3.40 -11.94
N VAL A 158 14.88 2.77 -11.42
CA VAL A 158 16.06 3.49 -10.99
C VAL A 158 17.29 2.92 -11.67
N ILE A 159 18.38 3.68 -11.57
CA ILE A 159 19.70 3.12 -11.87
C ILE A 159 19.98 2.04 -10.84
N ASP A 160 20.23 0.84 -11.32
CA ASP A 160 20.65 -0.17 -10.37
C ASP A 160 22.14 -0.05 -10.09
N HIS A 161 22.95 0.07 -11.15
CA HIS A 161 24.41 0.16 -11.01
C HIS A 161 25.03 0.68 -12.30
N LEU A 162 26.24 1.23 -12.16
CA LEU A 162 27.15 1.57 -13.25
C LEU A 162 28.44 0.83 -12.97
N THR A 163 28.92 0.06 -13.93
CA THR A 163 30.15 -0.68 -13.73
C THR A 163 31.22 -0.03 -14.60
N HIS A 164 32.36 0.22 -13.98
CA HIS A 164 33.53 0.78 -14.66
C HIS A 164 34.50 -0.32 -15.10
N ASN A 165 35.18 -0.06 -16.20
CA ASN A 165 36.38 -0.79 -16.60
C ASN A 165 37.60 0.09 -16.29
N VAL A 166 38.63 -0.49 -15.67
CA VAL A 166 39.82 0.24 -15.25
C VAL A 166 41.06 -0.54 -15.67
N TYR A 167 42.17 0.16 -15.79
CA TYR A 167 43.38 -0.50 -16.27
C TYR A 167 43.87 -1.52 -15.26
N ARG A 168 44.57 -2.53 -15.77
CA ARG A 168 45.17 -3.56 -14.93
C ARG A 168 45.86 -2.93 -13.74
N GLY A 169 45.47 -3.39 -12.55
CA GLY A 169 46.02 -2.87 -11.31
C GLY A 169 45.13 -1.90 -10.56
N ARG A 170 44.47 -1.00 -11.28
CA ARG A 170 43.70 0.13 -10.77
C ARG A 170 42.40 -0.25 -10.07
N MET A 171 42.01 -1.52 -10.06
CA MET A 171 40.78 -1.88 -9.38
C MET A 171 40.90 -1.63 -7.88
N VAL A 172 42.04 -2.00 -7.29
CA VAL A 172 42.32 -1.70 -5.88
C VAL A 172 42.40 -0.18 -5.63
N TYR A 173 42.90 0.60 -6.60
CA TYR A 173 43.00 2.04 -6.43
C TYR A 173 41.62 2.68 -6.29
N TRP A 174 40.74 2.43 -7.26
CA TRP A 174 39.41 2.99 -7.21
C TRP A 174 38.58 2.36 -6.10
N ALA A 175 38.88 1.12 -5.74
CA ALA A 175 38.16 0.53 -4.61
C ALA A 175 38.47 1.29 -3.34
N ASN A 176 39.72 1.75 -3.17
CA ASN A 176 40.05 2.56 -2.01
C ASN A 176 39.48 3.98 -2.13
N PHE A 177 39.40 4.51 -3.35
CA PHE A 177 38.74 5.79 -3.57
C PHE A 177 37.33 5.80 -2.96
N TYR A 178 36.51 4.81 -3.30
CA TYR A 178 35.15 4.79 -2.77
C TYR A 178 35.10 4.34 -1.31
N GLU A 179 36.01 3.46 -0.88
CA GLU A 179 36.06 3.06 0.52
C GLU A 179 36.47 4.23 1.41
N LYS A 180 37.52 4.96 1.02
CA LYS A 180 38.02 6.07 1.83
C LYS A 180 37.00 7.19 1.91
N LEU A 181 36.52 7.67 0.76
CA LEU A 181 35.77 8.91 0.75
C LEU A 181 34.30 8.69 1.08
N PHE A 182 33.74 7.56 0.69
CA PHE A 182 32.31 7.36 0.84
C PHE A 182 31.94 6.18 1.72
N ASN A 183 32.93 5.41 2.16
CA ASN A 183 32.70 4.21 2.96
C ASN A 183 31.94 3.16 2.16
N PHE A 184 32.35 2.97 0.91
CA PHE A 184 31.90 1.81 0.17
C PHE A 184 32.59 0.59 0.73
N ARG A 185 32.02 -0.60 0.44
CA ARG A 185 32.63 -1.86 0.82
C ARG A 185 32.50 -2.82 -0.34
N GLU A 186 33.51 -3.65 -0.53
CA GLU A 186 33.40 -4.75 -1.49
C GLU A 186 32.38 -5.76 -0.95
N ALA A 187 31.27 -5.92 -1.66
CA ALA A 187 30.22 -6.86 -1.28
C ALA A 187 30.37 -8.20 -1.98
N ARG A 188 30.91 -8.20 -3.18
CA ARG A 188 31.14 -9.41 -3.94
C ARG A 188 32.52 -9.34 -4.58
N TYR A 189 33.06 -10.51 -4.91
CA TYR A 189 34.28 -10.64 -5.72
C TYR A 189 34.04 -11.72 -6.77
N PHE A 190 34.57 -11.48 -7.97
CA PHE A 190 34.41 -12.39 -9.11
C PHE A 190 35.78 -12.69 -9.73
N ASP A 191 36.04 -13.97 -10.00
CA ASP A 191 37.28 -14.46 -10.62
C ASP A 191 36.93 -15.30 -11.84
N ILE A 192 37.06 -14.74 -13.03
CA ILE A 192 36.60 -15.41 -14.26
C ILE A 192 37.73 -16.17 -14.97
N THR A 200 37.88 -10.70 -13.53
CA THR A 200 38.33 -10.05 -12.28
C THR A 200 37.49 -8.81 -11.95
N SER A 201 36.75 -8.85 -10.85
CA SER A 201 35.79 -7.78 -10.60
C SER A 201 35.49 -7.63 -9.11
N LYS A 202 35.42 -6.37 -8.67
CA LYS A 202 35.10 -5.98 -7.30
C LYS A 202 33.78 -5.21 -7.30
N ALA A 203 32.82 -5.65 -6.48
CA ALA A 203 31.46 -5.09 -6.49
C ALA A 203 31.31 -4.15 -5.30
N MET A 204 31.48 -2.86 -5.55
CA MET A 204 31.51 -1.85 -4.50
C MET A 204 30.09 -1.33 -4.25
N SER A 205 29.55 -1.62 -3.07
CA SER A 205 28.25 -1.09 -2.71
C SER A 205 28.40 0.09 -1.76
N ALA A 206 27.43 0.99 -1.83
CA ALA A 206 27.42 2.16 -0.98
C ALA A 206 26.71 1.84 0.34
N PRO A 207 26.99 2.60 1.40
CA PRO A 207 26.30 2.35 2.66
C PRO A 207 24.81 2.68 2.63
N ASP A 208 24.25 3.09 1.49
CA ASP A 208 22.81 3.28 1.38
C ASP A 208 22.10 2.08 0.77
N GLY A 209 22.84 1.10 0.27
CA GLY A 209 22.26 -0.06 -0.40
C GLY A 209 21.73 0.19 -1.79
N MET A 210 21.95 1.35 -2.35
CA MET A 210 21.45 1.64 -3.68
C MET A 210 22.55 1.89 -4.68
N ILE A 211 23.57 2.65 -4.28
CA ILE A 211 24.65 2.98 -5.22
C ILE A 211 25.55 1.76 -5.31
N ARG A 212 25.56 1.15 -6.48
CA ARG A 212 26.44 0.03 -6.78
C ARG A 212 27.35 0.44 -7.92
N ILE A 213 28.66 0.32 -7.70
CA ILE A 213 29.63 0.60 -8.76
C ILE A 213 30.63 -0.55 -8.84
N PRO A 214 30.37 -1.54 -9.67
CA PRO A 214 31.37 -2.59 -9.90
C PRO A 214 32.55 -2.09 -10.71
N LEU A 215 33.74 -2.57 -10.38
CA LEU A 215 34.96 -2.24 -11.10
C LEU A 215 35.57 -3.48 -11.75
N ASN A 216 36.03 -3.34 -13.01
CA ASN A 216 36.50 -4.49 -13.79
C ASN A 216 37.92 -4.31 -14.29
N GLU A 217 38.72 -5.36 -14.16
CA GLU A 217 40.09 -5.46 -14.66
C GLU A 217 40.20 -6.62 -15.64
N GLU A 218 41.08 -6.48 -16.63
CA GLU A 218 41.33 -7.59 -17.55
C GLU A 218 42.16 -8.72 -16.89
N GLY A 222 45.07 -10.89 -20.35
CA GLY A 222 44.85 -9.84 -21.34
C GLY A 222 44.12 -10.30 -22.59
N ALA A 223 44.05 -9.42 -23.60
CA ALA A 223 43.43 -9.71 -24.90
C ALA A 223 41.98 -10.17 -24.73
N GLY A 224 41.15 -9.26 -24.17
CA GLY A 224 39.77 -9.62 -23.89
C GLY A 224 38.74 -8.51 -24.06
N GLN A 225 37.58 -8.71 -23.44
CA GLN A 225 36.46 -7.79 -23.59
C GLN A 225 36.72 -6.45 -22.88
N ILE A 226 37.56 -6.47 -21.83
CA ILE A 226 37.87 -5.26 -21.08
C ILE A 226 38.97 -4.47 -21.76
N GLU A 227 40.04 -5.15 -22.14
CA GLU A 227 41.18 -4.48 -22.78
C GLU A 227 40.75 -3.74 -24.04
N GLU A 228 39.82 -4.32 -24.81
CA GLU A 228 39.37 -3.59 -25.99
C GLU A 228 38.51 -2.40 -25.61
N PHE A 229 37.79 -2.48 -24.48
CA PHE A 229 37.05 -1.30 -24.01
C PHE A 229 37.99 -0.13 -23.71
N LEU A 230 39.09 -0.38 -22.99
CA LEU A 230 40.00 0.73 -22.66
C LEU A 230 40.67 1.29 -23.90
N MET A 231 40.99 0.44 -24.87
CA MET A 231 41.47 0.91 -26.18
C MET A 231 40.44 1.82 -26.84
N GLN A 232 39.19 1.37 -26.94
CA GLN A 232 38.18 2.12 -27.69
C GLN A 232 37.64 3.31 -26.92
N PHE A 233 37.64 3.26 -25.58
CA PHE A 233 37.19 4.39 -24.79
C PHE A 233 38.28 5.41 -24.58
N ASN A 234 39.53 5.03 -24.79
CA ASN A 234 40.67 5.91 -24.54
C ASN A 234 40.73 6.27 -23.06
N GLY A 235 40.64 5.25 -22.21
CA GLY A 235 40.78 5.44 -20.79
C GLY A 235 39.78 4.64 -19.97
N GLU A 236 39.95 4.68 -18.66
CA GLU A 236 38.97 4.15 -17.72
C GLU A 236 37.63 4.89 -17.84
N GLY A 237 36.54 4.16 -17.69
CA GLY A 237 35.23 4.78 -17.76
C GLY A 237 34.14 3.78 -17.44
N ILE A 238 32.90 4.26 -17.54
CA ILE A 238 31.73 3.44 -17.29
C ILE A 238 31.54 2.52 -18.47
N GLN A 239 31.51 1.20 -18.22
CA GLN A 239 31.30 0.23 -19.30
C GLN A 239 29.82 0.04 -19.60
N HIS A 240 29.01 -0.23 -18.58
CA HIS A 240 27.59 -0.32 -18.86
C HIS A 240 26.81 0.29 -17.70
N VAL A 241 25.67 0.89 -18.05
CA VAL A 241 24.72 1.44 -17.09
C VAL A 241 23.58 0.45 -16.98
N ALA A 242 23.24 0.04 -15.76
CA ALA A 242 22.17 -0.95 -15.53
C ALA A 242 20.91 -0.27 -14.97
N PHE A 243 19.81 -0.37 -15.71
CA PHE A 243 18.52 0.15 -15.28
C PHE A 243 17.71 -0.98 -14.67
N LEU A 244 17.02 -0.66 -13.58
CA LEU A 244 16.13 -1.60 -12.93
C LEU A 244 14.72 -1.45 -13.46
N THR A 245 14.00 -2.58 -13.50
CA THR A 245 12.61 -2.65 -13.94
C THR A 245 11.86 -3.59 -13.02
N ASP A 246 10.57 -3.30 -12.84
CA ASP A 246 9.69 -4.16 -12.02
C ASP A 246 9.34 -5.48 -12.72
N ASP A 247 9.31 -5.48 -14.07
CA ASP A 247 9.01 -6.67 -14.86
C ASP A 247 9.84 -6.61 -16.14
N LEU A 248 10.86 -7.47 -16.23
CA LEU A 248 11.77 -7.43 -17.37
C LEU A 248 11.08 -7.85 -18.68
N VAL A 249 10.24 -8.89 -18.67
CA VAL A 249 9.66 -9.31 -19.96
C VAL A 249 8.70 -8.24 -20.49
N LYS A 250 7.94 -7.58 -19.62
CA LYS A 250 7.12 -6.48 -20.11
C LYS A 250 7.98 -5.29 -20.55
N THR A 251 9.02 -4.96 -19.78
CA THR A 251 9.92 -3.91 -20.26
C THR A 251 10.51 -4.27 -21.62
N TRP A 252 10.81 -5.56 -21.82
CA TRP A 252 11.32 -6.04 -23.10
C TRP A 252 10.36 -5.73 -24.25
N ASP A 253 9.11 -6.15 -24.11
CA ASP A 253 8.13 -5.83 -25.14
C ASP A 253 8.07 -4.33 -25.38
N ALA A 254 7.89 -3.55 -24.31
CA ALA A 254 7.78 -2.10 -24.47
C ALA A 254 9.06 -1.52 -25.08
N LEU A 255 10.21 -2.10 -24.76
CA LEU A 255 11.48 -1.67 -25.36
C LEU A 255 11.57 -2.12 -26.83
N LYS A 256 11.14 -3.35 -27.13
CA LYS A 256 11.18 -3.83 -28.51
C LYS A 256 10.19 -3.08 -29.39
N LYS A 257 9.15 -2.53 -28.79
CA LYS A 257 8.16 -1.74 -29.50
C LYS A 257 8.75 -0.46 -30.05
N ILE A 258 9.83 0.04 -29.44
CA ILE A 258 10.36 1.35 -29.79
C ILE A 258 11.76 1.24 -30.41
N GLY A 259 12.11 0.07 -30.92
CA GLY A 259 13.31 -0.06 -31.73
C GLY A 259 14.56 -0.38 -30.96
N MET A 260 14.43 -0.90 -29.74
CA MET A 260 15.60 -1.26 -28.97
C MET A 260 16.20 -2.54 -29.54
N ARG A 261 17.52 -2.58 -29.63
CA ARG A 261 18.24 -3.73 -30.14
C ARG A 261 19.05 -4.35 -29.01
N PHE A 262 18.90 -5.67 -28.83
CA PHE A 262 19.59 -6.44 -27.81
C PHE A 262 20.66 -7.34 -28.41
N MET A 263 21.56 -7.78 -27.53
CA MET A 263 22.53 -8.81 -27.86
C MET A 263 21.81 -10.08 -28.32
N THR A 264 22.46 -10.85 -29.18
CA THR A 264 21.80 -12.04 -29.69
C THR A 264 21.59 -13.05 -28.58
N ALA A 265 20.40 -13.66 -28.59
CA ALA A 265 20.03 -14.60 -27.55
C ALA A 265 21.04 -15.76 -27.48
N PRO A 266 21.19 -16.36 -26.31
CA PRO A 266 22.04 -17.53 -26.19
C PRO A 266 21.52 -18.67 -27.05
N PRO A 267 22.28 -19.75 -27.19
CA PRO A 267 21.75 -20.90 -27.90
C PRO A 267 20.59 -21.51 -27.12
N ASP A 268 19.74 -22.23 -27.84
CA ASP A 268 18.62 -22.97 -27.23
C ASP A 268 19.10 -23.90 -26.13
N THR A 269 20.31 -24.45 -26.28
CA THR A 269 20.96 -25.21 -25.21
C THR A 269 20.93 -24.45 -23.88
N TYR A 270 21.16 -23.13 -23.91
CA TYR A 270 21.26 -22.37 -22.67
C TYR A 270 19.99 -22.51 -21.83
N TYR A 271 18.83 -22.54 -22.51
CA TYR A 271 17.57 -22.53 -21.79
C TYR A 271 17.17 -23.92 -21.30
N GLU A 272 17.63 -24.98 -21.97
CA GLU A 272 17.41 -26.32 -21.44
C GLU A 272 18.15 -26.52 -20.13
N MET A 273 19.42 -26.10 -20.07
CA MET A 273 20.21 -26.37 -18.86
C MET A 273 19.73 -25.61 -17.64
N LEU A 274 18.69 -24.79 -17.77
CA LEU A 274 18.28 -23.92 -16.68
C LEU A 274 17.78 -24.70 -15.47
N GLU A 275 17.15 -25.86 -15.69
CA GLU A 275 16.62 -26.55 -14.53
C GLU A 275 17.67 -27.40 -13.82
N GLY A 276 18.81 -27.66 -14.45
CA GLY A 276 19.94 -28.17 -13.71
C GLY A 276 20.66 -27.08 -12.93
N ARG A 277 20.89 -25.93 -13.58
CA ARG A 277 21.64 -24.85 -12.98
C ARG A 277 20.95 -24.30 -11.74
N LEU A 278 19.67 -23.98 -11.85
CA LEU A 278 18.91 -23.37 -10.77
C LEU A 278 17.61 -24.14 -10.59
N PRO A 279 17.66 -25.31 -9.98
CA PRO A 279 16.45 -26.12 -9.85
C PRO A 279 15.29 -25.36 -9.21
N ASP A 280 14.12 -25.47 -9.85
CA ASP A 280 12.86 -24.91 -9.37
C ASP A 280 12.91 -23.38 -9.23
N HIS A 281 13.52 -22.72 -10.22
CA HIS A 281 13.55 -21.27 -10.26
C HIS A 281 12.17 -20.65 -10.46
N GLY A 282 11.22 -21.38 -11.07
CA GLY A 282 9.86 -20.92 -11.24
C GLY A 282 9.62 -20.01 -12.41
N GLU A 283 10.68 -19.58 -13.10
CA GLU A 283 10.53 -18.65 -14.20
C GLU A 283 9.90 -19.34 -15.42
N PRO A 284 9.05 -18.65 -16.16
CA PRO A 284 8.50 -19.22 -17.39
C PRO A 284 9.53 -19.28 -18.53
N VAL A 285 10.16 -20.45 -18.71
CA VAL A 285 11.32 -20.54 -19.61
C VAL A 285 10.97 -20.16 -21.04
N ASP A 286 9.76 -20.51 -21.49
CA ASP A 286 9.30 -20.10 -22.81
C ASP A 286 9.43 -18.59 -22.99
N GLN A 287 9.00 -17.83 -21.98
CA GLN A 287 8.99 -16.39 -22.10
C GLN A 287 10.40 -15.81 -22.11
N LEU A 288 11.31 -16.43 -21.37
CA LEU A 288 12.70 -15.96 -21.37
C LEU A 288 13.39 -16.37 -22.66
N GLN A 289 13.08 -17.55 -23.18
CA GLN A 289 13.72 -18.01 -24.42
C GLN A 289 13.24 -17.21 -25.63
N ALA A 290 11.98 -16.74 -25.60
CA ALA A 290 11.45 -15.97 -26.71
C ALA A 290 12.05 -14.57 -26.81
N ARG A 291 12.83 -14.14 -25.83
CA ARG A 291 13.33 -12.78 -25.77
C ARG A 291 14.83 -12.69 -25.61
N GLY A 292 15.52 -13.79 -25.33
CA GLY A 292 16.93 -13.76 -25.03
C GLY A 292 17.28 -13.37 -23.62
N ILE A 293 16.30 -13.10 -22.76
CA ILE A 293 16.57 -12.80 -21.35
C ILE A 293 17.37 -13.93 -20.70
N LEU A 294 18.33 -13.55 -19.86
CA LEU A 294 19.15 -14.49 -19.10
C LEU A 294 18.67 -14.54 -17.66
N LEU A 295 19.15 -15.54 -16.93
CA LEU A 295 18.75 -15.76 -15.53
C LEU A 295 19.93 -16.26 -14.70
N ASP A 296 19.97 -15.84 -13.44
CA ASP A 296 21.00 -16.29 -12.50
C ASP A 296 20.48 -16.18 -11.08
N GLY A 297 21.23 -16.78 -10.16
CA GLY A 297 20.88 -16.80 -8.75
C GLY A 297 21.41 -18.05 -8.09
N SER A 298 20.73 -18.46 -7.02
CA SER A 298 21.01 -19.74 -6.38
C SER A 298 19.76 -20.19 -5.66
N SER A 299 19.59 -21.51 -5.52
CA SER A 299 18.39 -22.11 -4.94
C SER A 299 18.77 -23.05 -3.78
N VAL A 300 18.68 -22.57 -2.54
CA VAL A 300 19.09 -23.31 -1.35
C VAL A 300 17.95 -23.29 -0.33
N GLU A 301 17.47 -24.48 0.06
CA GLU A 301 16.55 -24.69 1.19
C GLU A 301 15.36 -23.71 1.19
N GLY A 302 14.55 -23.80 0.12
CA GLY A 302 13.30 -23.07 0.04
C GLY A 302 13.42 -21.57 -0.08
N ASP A 303 14.62 -21.02 -0.19
CA ASP A 303 14.82 -19.59 -0.39
C ASP A 303 15.23 -19.34 -1.83
N LYS A 304 14.45 -18.52 -2.54
CA LYS A 304 14.64 -18.27 -3.96
C LYS A 304 15.27 -16.89 -4.15
N ARG A 305 16.52 -16.87 -4.61
CA ARG A 305 17.19 -15.62 -4.95
C ARG A 305 17.59 -15.69 -6.42
N LEU A 306 16.98 -14.85 -7.23
CA LEU A 306 17.20 -14.91 -8.66
C LEU A 306 17.32 -13.51 -9.22
N LEU A 307 17.57 -13.49 -10.53
CA LEU A 307 18.00 -12.29 -11.23
C LEU A 307 17.81 -12.53 -12.72
N LEU A 308 16.93 -11.78 -13.34
CA LEU A 308 16.76 -11.79 -14.78
C LEU A 308 17.41 -10.54 -15.35
N GLN A 309 18.12 -10.70 -16.48
CA GLN A 309 18.86 -9.59 -17.08
C GLN A 309 19.02 -9.79 -18.57
N ILE A 310 19.09 -8.69 -19.31
CA ILE A 310 19.45 -8.73 -20.73
C ILE A 310 20.24 -7.47 -21.06
N PHE A 311 21.14 -7.60 -22.03
CA PHE A 311 22.07 -6.55 -22.39
C PHE A 311 21.75 -6.00 -23.76
N SER A 312 21.97 -4.70 -23.94
CA SER A 312 21.92 -4.18 -25.28
C SER A 312 23.23 -4.49 -25.99
N GLU A 313 23.24 -4.26 -27.30
CA GLU A 313 24.51 -4.14 -27.99
C GLU A 313 25.20 -2.84 -27.52
N THR A 314 26.45 -2.66 -27.95
CA THR A 314 27.12 -1.39 -27.73
C THR A 314 26.39 -0.30 -28.51
N LEU A 315 26.11 0.82 -27.84
CA LEU A 315 25.28 1.87 -28.43
C LEU A 315 25.97 3.23 -28.52
N MET A 316 26.74 3.61 -27.51
CA MET A 316 27.56 4.82 -27.53
C MET A 316 29.00 4.36 -27.47
N GLY A 317 29.67 4.37 -28.61
CA GLY A 317 30.98 3.75 -28.68
C GLY A 317 30.92 2.38 -28.05
N PRO A 318 31.84 2.13 -27.12
CA PRO A 318 31.93 0.81 -26.48
C PRO A 318 31.05 0.63 -25.24
N VAL A 319 30.13 1.54 -24.99
CA VAL A 319 29.25 1.54 -23.81
C VAL A 319 27.94 0.84 -24.17
N PHE A 320 27.46 -0.03 -23.28
CA PHE A 320 26.20 -0.70 -23.50
C PHE A 320 25.38 -0.59 -22.23
N PHE A 321 24.18 -1.16 -22.27
CA PHE A 321 23.25 -1.02 -21.17
C PHE A 321 22.67 -2.37 -20.79
N GLU A 322 22.14 -2.40 -19.57
CA GLU A 322 21.60 -3.58 -18.96
C GLU A 322 20.25 -3.24 -18.36
N PHE A 323 19.32 -4.16 -18.58
CA PHE A 323 17.97 -4.06 -18.05
C PHE A 323 17.78 -5.28 -17.19
N ILE A 324 17.53 -5.07 -15.91
CA ILE A 324 17.63 -6.13 -14.92
C ILE A 324 16.40 -6.08 -14.03
N GLN A 325 15.98 -7.24 -13.58
CA GLN A 325 14.93 -7.36 -12.59
C GLN A 325 15.43 -8.32 -11.52
N ARG A 326 15.36 -7.88 -10.26
CA ARG A 326 15.92 -8.65 -9.16
C ARG A 326 14.85 -9.34 -8.34
N LYS A 327 15.01 -10.65 -8.18
CA LYS A 327 14.09 -11.45 -7.38
C LYS A 327 14.83 -12.10 -6.22
N GLY A 328 15.50 -11.30 -5.38
CA GLY A 328 16.17 -11.80 -4.21
C GLY A 328 17.67 -11.99 -4.35
N ASP A 329 18.19 -12.06 -5.58
CA ASP A 329 19.63 -12.13 -5.81
C ASP A 329 20.20 -10.72 -5.87
N ASP A 330 21.19 -10.43 -5.02
CA ASP A 330 21.87 -9.14 -5.04
C ASP A 330 23.16 -9.17 -5.85
N GLY A 331 23.31 -10.14 -6.75
CA GLY A 331 24.48 -10.25 -7.60
C GLY A 331 24.33 -9.54 -8.93
N PHE A 332 25.18 -9.91 -9.90
CA PHE A 332 25.21 -9.18 -11.15
C PHE A 332 25.19 -10.07 -12.40
N GLY A 333 24.66 -11.29 -12.30
CA GLY A 333 24.62 -12.18 -13.44
C GLY A 333 25.89 -12.97 -13.68
N GLU A 334 26.81 -12.94 -12.72
CA GLU A 334 28.11 -13.55 -12.89
C GLU A 334 28.04 -15.00 -13.38
N GLY A 335 27.02 -15.75 -12.96
CA GLY A 335 26.92 -17.15 -13.35
C GLY A 335 26.69 -17.35 -14.83
N ASN A 336 26.10 -16.35 -15.50
CA ASN A 336 25.84 -16.39 -16.92
C ASN A 336 27.09 -16.49 -17.77
N PHE A 337 28.27 -16.24 -17.21
CA PHE A 337 29.50 -16.33 -18.01
C PHE A 337 29.89 -17.78 -18.24
N LYS A 338 29.89 -18.59 -17.16
CA LYS A 338 30.10 -20.02 -17.29
C LYS A 338 28.92 -20.71 -17.95
N ALA A 339 27.70 -20.31 -17.57
CA ALA A 339 26.50 -20.87 -18.16
C ALA A 339 26.49 -20.71 -19.68
N LEU A 340 27.00 -19.58 -20.18
CA LEU A 340 26.94 -19.34 -21.62
C LEU A 340 28.04 -20.08 -22.37
N PHE A 341 29.21 -20.28 -21.76
CA PHE A 341 30.26 -21.02 -22.45
C PHE A 341 29.88 -22.49 -22.60
N GLU A 342 29.36 -23.10 -21.52
CA GLU A 342 28.88 -24.47 -21.61
C GLU A 342 27.70 -24.58 -22.59
N SER A 343 26.98 -23.50 -22.81
CA SER A 343 25.88 -23.50 -23.77
C SER A 343 26.39 -23.47 -25.20
N ILE A 344 27.26 -22.49 -25.51
CA ILE A 344 27.85 -22.46 -26.84
C ILE A 344 28.66 -23.73 -27.10
N GLU A 345 29.10 -24.40 -26.03
CA GLU A 345 29.88 -25.63 -26.18
C GLU A 345 29.00 -26.79 -26.63
N ARG A 346 27.95 -27.08 -25.86
CA ARG A 346 27.05 -28.16 -26.24
C ARG A 346 26.43 -27.91 -27.60
N ASP A 347 26.17 -26.65 -27.96
CA ASP A 347 25.52 -26.35 -29.23
C ASP A 347 26.47 -26.43 -30.42
N GLN A 348 27.75 -26.16 -30.22
CA GLN A 348 28.70 -26.40 -31.30
C GLN A 348 28.99 -27.90 -31.44
N VAL A 349 28.99 -28.63 -30.32
CA VAL A 349 29.11 -30.09 -30.34
C VAL A 349 27.95 -30.71 -31.10
N ARG A 350 26.73 -30.21 -30.86
CA ARG A 350 25.56 -30.80 -31.51
C ARG A 350 25.49 -30.52 -33.00
N ARG A 351 26.43 -29.76 -33.58
CA ARG A 351 26.41 -29.42 -35.01
C ARG A 351 27.73 -29.59 -35.74
N GLY A 352 28.88 -29.56 -35.06
CA GLY A 352 30.16 -29.62 -35.76
C GLY A 352 31.15 -28.55 -35.33
N ASP B 2 -32.12 -29.81 -17.99
CA ASP B 2 -33.13 -29.75 -16.95
C ASP B 2 -33.70 -31.16 -16.68
N LEU B 3 -32.91 -31.96 -15.97
CA LEU B 3 -33.26 -33.36 -15.72
C LEU B 3 -34.19 -33.52 -14.51
N TYR B 4 -34.01 -32.69 -13.49
CA TYR B 4 -34.93 -32.63 -12.36
C TYR B 4 -34.68 -31.31 -11.61
N GLU B 5 -35.21 -31.21 -10.40
CA GLU B 5 -35.29 -29.93 -9.72
C GLU B 5 -33.90 -29.34 -9.48
N ASN B 6 -33.75 -28.05 -9.80
CA ASN B 6 -32.45 -27.38 -9.79
C ASN B 6 -32.44 -26.23 -8.81
N PRO B 7 -32.57 -26.51 -7.49
CA PRO B 7 -32.62 -25.43 -6.49
C PRO B 7 -31.48 -24.42 -6.55
N MET B 8 -30.26 -24.86 -6.78
CA MET B 8 -29.15 -23.94 -6.91
C MET B 8 -29.07 -23.27 -8.28
N GLY B 9 -29.91 -23.68 -9.22
CA GLY B 9 -29.84 -23.16 -10.57
C GLY B 9 -28.49 -23.36 -11.24
N LEU B 10 -27.95 -24.59 -11.20
CA LEU B 10 -26.68 -24.88 -11.87
C LEU B 10 -26.81 -24.72 -13.39
N MET B 11 -25.72 -24.28 -14.03
CA MET B 11 -25.60 -24.27 -15.49
C MET B 11 -24.22 -24.74 -15.97
N GLY B 12 -23.78 -25.92 -15.50
CA GLY B 12 -22.58 -26.56 -15.99
C GLY B 12 -21.29 -26.13 -15.27
N PHE B 13 -20.19 -26.76 -15.66
CA PHE B 13 -18.89 -26.35 -15.14
C PHE B 13 -18.51 -24.95 -15.60
N GLU B 14 -17.91 -24.16 -14.70
CA GLU B 14 -17.37 -22.87 -15.11
C GLU B 14 -15.87 -22.92 -15.36
N PHE B 15 -15.11 -23.40 -14.38
CA PHE B 15 -13.66 -23.50 -14.54
C PHE B 15 -13.10 -24.52 -13.57
N ILE B 16 -11.90 -24.99 -13.90
CA ILE B 16 -11.09 -25.88 -13.08
C ILE B 16 -9.83 -25.15 -12.67
N GLU B 17 -9.44 -25.31 -11.41
CA GLU B 17 -8.27 -24.64 -10.86
C GLU B 17 -7.14 -25.62 -10.60
N PHE B 18 -5.92 -25.22 -10.95
CA PHE B 18 -4.76 -26.06 -10.76
C PHE B 18 -3.75 -25.33 -9.87
N ALA B 19 -2.92 -26.11 -9.19
CA ALA B 19 -1.85 -25.56 -8.38
C ALA B 19 -0.81 -26.64 -8.17
N SER B 20 0.45 -26.24 -8.05
CA SER B 20 1.52 -27.19 -7.79
C SER B 20 2.58 -26.64 -6.85
N PRO B 21 3.06 -27.48 -5.92
CA PRO B 21 4.20 -27.07 -5.07
C PRO B 21 5.50 -26.92 -5.82
N THR B 22 5.63 -27.49 -7.03
CA THR B 22 6.81 -27.30 -7.85
C THR B 22 6.44 -26.54 -9.12
N PRO B 23 7.14 -25.46 -9.44
CA PRO B 23 6.77 -24.65 -10.60
C PRO B 23 7.22 -25.32 -11.90
N GLY B 24 6.65 -24.82 -13.00
CA GLY B 24 6.93 -25.41 -14.29
C GLY B 24 6.51 -26.85 -14.42
N THR B 25 5.53 -27.33 -13.65
CA THR B 25 5.05 -28.70 -13.83
C THR B 25 3.71 -28.77 -14.54
N LEU B 26 2.86 -27.75 -14.39
CA LEU B 26 1.54 -27.71 -15.01
C LEU B 26 1.50 -26.99 -16.35
N GLU B 27 2.34 -25.97 -16.54
CA GLU B 27 2.36 -25.30 -17.84
C GLU B 27 2.64 -26.27 -18.98
N PRO B 28 3.70 -27.08 -18.95
CA PRO B 28 3.94 -27.99 -20.07
C PRO B 28 2.83 -29.03 -20.28
N ILE B 29 2.11 -29.38 -19.21
CA ILE B 29 0.97 -30.28 -19.34
C ILE B 29 -0.16 -29.62 -20.13
N PHE B 30 -0.49 -28.38 -19.77
CA PHE B 30 -1.59 -27.71 -20.44
C PHE B 30 -1.40 -27.67 -21.95
N GLU B 31 -0.17 -27.42 -22.43
CA GLU B 31 -0.04 -27.24 -23.87
C GLU B 31 -0.09 -28.58 -24.61
N ILE B 32 0.44 -29.66 -24.02
CA ILE B 32 0.36 -30.93 -24.76
C ILE B 32 -1.09 -31.37 -24.93
N MET B 33 -1.99 -30.94 -24.04
CA MET B 33 -3.42 -31.14 -24.22
C MET B 33 -4.10 -30.01 -25.02
N GLY B 34 -3.34 -29.23 -25.78
CA GLY B 34 -3.97 -28.27 -26.66
C GLY B 34 -4.62 -27.09 -25.97
N PHE B 35 -4.25 -26.81 -24.73
CA PHE B 35 -4.71 -25.61 -24.06
C PHE B 35 -3.77 -24.45 -24.37
N THR B 36 -4.26 -23.23 -24.21
CA THR B 36 -3.48 -22.03 -24.54
C THR B 36 -3.58 -20.99 -23.44
N LYS B 37 -2.43 -20.45 -23.01
CA LYS B 37 -2.46 -19.28 -22.12
C LYS B 37 -3.07 -18.10 -22.87
N VAL B 38 -4.07 -17.46 -22.26
CA VAL B 38 -4.76 -16.35 -22.91
C VAL B 38 -4.97 -15.15 -22.01
N ALA B 39 -4.62 -15.21 -20.73
CA ALA B 39 -4.81 -14.03 -19.89
C ALA B 39 -4.04 -14.22 -18.59
N THR B 40 -3.90 -13.11 -17.86
CA THR B 40 -3.30 -13.11 -16.53
C THR B 40 -4.14 -12.24 -15.60
N HIS B 41 -4.14 -12.61 -14.32
CA HIS B 41 -4.84 -11.84 -13.30
C HIS B 41 -4.27 -10.42 -13.24
N ARG B 42 -5.15 -9.45 -12.97
CA ARG B 42 -4.65 -8.07 -12.94
C ARG B 42 -3.78 -7.79 -11.71
N SER B 43 -3.79 -8.67 -10.70
CA SER B 43 -2.86 -8.54 -9.58
C SER B 43 -2.18 -9.87 -9.21
N LYS B 44 -2.97 -10.94 -9.05
CA LYS B 44 -2.43 -12.21 -8.56
C LYS B 44 -1.59 -12.92 -9.62
N ASN B 45 -0.67 -13.75 -9.14
CA ASN B 45 0.22 -14.54 -10.00
C ASN B 45 -0.49 -15.79 -10.54
N VAL B 46 -1.59 -15.55 -11.26
CA VAL B 46 -2.47 -16.62 -11.72
C VAL B 46 -2.87 -16.31 -13.15
N HIS B 47 -3.16 -17.38 -13.91
CA HIS B 47 -3.21 -17.27 -15.36
C HIS B 47 -4.33 -18.16 -15.90
N LEU B 48 -4.92 -17.74 -17.01
CA LEU B 48 -6.05 -18.42 -17.63
C LEU B 48 -5.59 -19.15 -18.89
N TYR B 49 -5.64 -20.48 -18.87
CA TYR B 49 -5.47 -21.28 -20.08
C TYR B 49 -6.83 -21.64 -20.66
N ARG B 50 -6.93 -21.66 -21.99
CA ARG B 50 -8.21 -21.84 -22.63
C ARG B 50 -8.10 -22.80 -23.82
N GLN B 51 -9.25 -23.39 -24.16
CA GLN B 51 -9.45 -24.27 -25.32
C GLN B 51 -10.94 -24.56 -25.44
N GLY B 52 -11.49 -24.47 -26.66
CA GLY B 52 -12.93 -24.45 -26.84
C GLY B 52 -13.62 -23.64 -25.75
N GLU B 53 -14.55 -24.25 -25.04
CA GLU B 53 -15.22 -23.61 -23.92
C GLU B 53 -14.62 -23.96 -22.56
N ILE B 54 -13.54 -24.75 -22.50
CA ILE B 54 -12.92 -25.10 -21.22
C ILE B 54 -12.05 -23.94 -20.77
N ASN B 55 -12.27 -23.47 -19.54
CA ASN B 55 -11.34 -22.57 -18.87
C ASN B 55 -10.55 -23.32 -17.80
N LEU B 56 -9.23 -23.10 -17.76
CA LEU B 56 -8.36 -23.68 -16.74
C LEU B 56 -7.57 -22.57 -16.04
N ILE B 57 -7.70 -22.48 -14.71
CA ILE B 57 -7.00 -21.46 -13.93
C ILE B 57 -5.72 -22.05 -13.33
N LEU B 58 -4.58 -21.54 -13.76
CA LEU B 58 -3.31 -21.86 -13.13
C LEU B 58 -3.10 -20.90 -11.96
N ASN B 59 -2.97 -21.44 -10.75
CA ASN B 59 -2.87 -20.62 -9.55
C ASN B 59 -1.49 -20.81 -8.94
N ASN B 60 -0.63 -19.78 -9.08
CA ASN B 60 0.68 -19.74 -8.46
C ASN B 60 0.79 -18.64 -7.40
N GLU B 61 -0.33 -18.20 -6.84
CA GLU B 61 -0.28 -17.28 -5.73
C GLU B 61 0.40 -17.97 -4.55
N PRO B 62 1.36 -17.34 -3.89
CA PRO B 62 1.92 -17.93 -2.68
C PRO B 62 1.06 -17.58 -1.47
N ASN B 63 1.15 -18.42 -0.44
CA ASN B 63 0.39 -18.24 0.79
C ASN B 63 -1.12 -18.23 0.55
N SER B 64 -1.55 -18.57 -0.66
CA SER B 64 -2.95 -18.71 -1.03
C SER B 64 -3.52 -20.04 -0.56
N ILE B 65 -4.85 -20.15 -0.66
CA ILE B 65 -5.51 -21.38 -0.24
C ILE B 65 -5.14 -22.52 -1.18
N ALA B 66 -4.94 -22.21 -2.47
CA ALA B 66 -4.46 -23.19 -3.44
C ALA B 66 -3.02 -23.57 -3.19
N SER B 67 -2.24 -22.65 -2.64
CA SER B 67 -0.84 -22.93 -2.31
C SER B 67 -0.72 -24.01 -1.23
N TYR B 68 -1.56 -23.92 -0.19
CA TYR B 68 -1.56 -24.93 0.87
C TYR B 68 -2.17 -26.24 0.37
N PHE B 69 -3.21 -26.16 -0.47
CA PHE B 69 -3.78 -27.38 -1.03
C PHE B 69 -2.74 -28.12 -1.87
N ALA B 70 -2.00 -27.39 -2.72
CA ALA B 70 -0.92 -28.01 -3.47
C ALA B 70 0.17 -28.54 -2.55
N ALA B 71 0.41 -27.84 -1.43
CA ALA B 71 1.42 -28.29 -0.46
C ALA B 71 1.11 -29.66 0.10
N GLU B 72 -0.16 -30.03 0.19
CA GLU B 72 -0.49 -31.29 0.83
C GLU B 72 -0.70 -32.43 -0.16
N HIS B 73 -1.13 -32.11 -1.40
CA HIS B 73 -1.52 -33.11 -2.39
C HIS B 73 -0.68 -33.09 -3.67
N GLY B 74 0.35 -32.25 -3.76
CA GLY B 74 1.16 -32.17 -4.95
C GLY B 74 0.45 -31.45 -6.07
N PRO B 75 1.00 -31.55 -7.28
CA PRO B 75 0.27 -31.11 -8.49
C PRO B 75 -1.10 -31.76 -8.55
N SER B 76 -2.12 -30.94 -8.79
CA SER B 76 -3.48 -31.36 -8.49
C SER B 76 -4.48 -30.38 -9.06
N VAL B 77 -5.68 -30.89 -9.31
CA VAL B 77 -6.82 -29.99 -9.41
C VAL B 77 -7.17 -29.54 -8.01
N CYS B 78 -7.12 -28.23 -7.77
CA CYS B 78 -7.24 -27.65 -6.43
C CYS B 78 -8.49 -26.81 -6.22
N GLY B 79 -9.28 -26.55 -7.27
CA GLY B 79 -10.52 -25.84 -7.10
C GLY B 79 -11.45 -26.19 -8.24
N MET B 80 -12.72 -25.83 -8.06
CA MET B 80 -13.77 -26.26 -8.98
C MET B 80 -14.91 -25.25 -8.88
N ALA B 81 -15.29 -24.65 -10.01
CA ALA B 81 -16.38 -23.68 -10.03
C ALA B 81 -17.56 -24.21 -10.82
N PHE B 82 -18.75 -24.05 -10.26
CA PHE B 82 -20.00 -24.28 -10.98
C PHE B 82 -20.58 -22.96 -11.47
N ARG B 83 -21.12 -22.94 -12.69
CA ARG B 83 -22.00 -21.87 -13.12
C ARG B 83 -23.35 -21.95 -12.39
N VAL B 84 -23.82 -20.81 -11.87
CA VAL B 84 -25.14 -20.78 -11.25
C VAL B 84 -25.87 -19.53 -11.73
N LYS B 85 -27.19 -19.58 -11.64
CA LYS B 85 -28.01 -18.45 -12.05
C LYS B 85 -27.82 -17.26 -11.11
N ASP B 86 -28.02 -17.48 -9.81
CA ASP B 86 -27.80 -16.43 -8.81
C ASP B 86 -26.87 -16.96 -7.74
N SER B 87 -25.66 -16.42 -7.69
CA SER B 87 -24.66 -17.02 -6.82
C SER B 87 -24.89 -16.70 -5.36
N GLN B 88 -25.50 -15.54 -5.06
CA GLN B 88 -25.79 -15.19 -3.68
C GLN B 88 -26.86 -16.09 -3.09
N LYS B 89 -27.93 -16.36 -3.84
CA LYS B 89 -28.95 -17.30 -3.37
C LYS B 89 -28.35 -18.68 -3.20
N ALA B 90 -27.48 -19.08 -4.13
CA ALA B 90 -26.83 -20.36 -4.02
C ALA B 90 -25.95 -20.43 -2.78
N TYR B 91 -25.17 -19.38 -2.54
CA TYR B 91 -24.27 -19.39 -1.39
C TYR B 91 -25.03 -19.53 -0.07
N ASN B 92 -26.12 -18.76 0.09
CA ASN B 92 -26.86 -18.77 1.33
C ASN B 92 -27.55 -20.11 1.54
N ARG B 93 -28.14 -20.65 0.48
CA ARG B 93 -28.77 -21.96 0.57
C ARG B 93 -27.76 -23.02 0.98
N ALA B 94 -26.52 -22.91 0.48
CA ALA B 94 -25.52 -23.92 0.81
C ALA B 94 -25.10 -23.82 2.27
N LEU B 95 -24.96 -22.60 2.81
CA LEU B 95 -24.60 -22.46 4.22
C LEU B 95 -25.76 -22.84 5.13
N GLU B 96 -26.99 -22.61 4.69
CA GLU B 96 -28.14 -23.04 5.49
C GLU B 96 -28.22 -24.56 5.58
N LEU B 97 -27.86 -25.25 4.51
CA LEU B 97 -27.91 -26.70 4.49
C LEU B 97 -26.62 -27.33 5.04
N GLY B 98 -25.76 -26.55 5.69
CA GLY B 98 -24.67 -27.09 6.48
C GLY B 98 -23.29 -27.06 5.87
N ALA B 99 -23.11 -26.43 4.71
CA ALA B 99 -21.78 -26.27 4.11
C ALA B 99 -20.91 -25.32 4.95
N GLN B 100 -19.60 -25.47 4.78
CA GLN B 100 -18.65 -24.56 5.42
C GLN B 100 -18.02 -23.63 4.40
N PRO B 101 -17.99 -22.33 4.65
CA PRO B 101 -17.37 -21.41 3.70
C PRO B 101 -15.86 -21.60 3.62
N ILE B 102 -15.32 -21.29 2.46
CA ILE B 102 -13.90 -21.04 2.29
C ILE B 102 -13.74 -19.57 1.94
N HIS B 103 -12.98 -18.84 2.75
CA HIS B 103 -12.70 -17.46 2.44
C HIS B 103 -11.60 -17.39 1.39
N ILE B 104 -11.88 -16.74 0.24
CA ILE B 104 -10.91 -16.58 -0.84
C ILE B 104 -10.53 -15.09 -0.91
N ASP B 105 -9.30 -14.77 -0.49
CA ASP B 105 -8.92 -13.38 -0.23
C ASP B 105 -9.00 -12.54 -1.51
N THR B 106 -9.72 -11.43 -1.43
CA THR B 106 -10.07 -10.61 -2.56
C THR B 106 -9.25 -9.32 -2.56
N GLY B 107 -8.55 -9.08 -3.66
CA GLY B 107 -7.83 -7.83 -3.82
C GLY B 107 -8.76 -6.65 -3.97
N PRO B 108 -8.25 -5.46 -3.67
CA PRO B 108 -9.02 -4.24 -3.97
C PRO B 108 -9.34 -4.14 -5.46
N MET B 109 -10.59 -3.77 -5.74
CA MET B 109 -11.16 -3.63 -7.09
C MET B 109 -11.43 -4.95 -7.78
N GLU B 110 -11.33 -6.07 -7.07
CA GLU B 110 -11.57 -7.39 -7.64
C GLU B 110 -12.89 -8.00 -7.16
N LEU B 111 -13.23 -9.12 -7.80
CA LEU B 111 -14.50 -9.79 -7.55
C LEU B 111 -14.39 -10.74 -6.36
N ASN B 112 -15.29 -10.55 -5.39
CA ASN B 112 -15.39 -11.45 -4.24
C ASN B 112 -16.05 -12.75 -4.70
N LEU B 113 -15.25 -13.81 -4.79
CA LEU B 113 -15.70 -15.11 -5.29
C LEU B 113 -16.06 -16.00 -4.12
N PRO B 114 -17.32 -16.45 -4.01
CA PRO B 114 -17.70 -17.34 -2.92
C PRO B 114 -17.44 -18.81 -3.19
N ALA B 115 -16.97 -19.52 -2.16
CA ALA B 115 -16.76 -20.95 -2.26
C ALA B 115 -17.11 -21.63 -0.93
N ILE B 116 -17.39 -22.92 -1.00
CA ILE B 116 -17.62 -23.77 0.15
C ILE B 116 -16.62 -24.90 0.11
N LYS B 117 -16.42 -25.56 1.26
CA LYS B 117 -15.38 -26.56 1.31
C LYS B 117 -15.87 -27.82 0.62
N GLY B 118 -15.20 -28.17 -0.47
CA GLY B 118 -15.51 -29.36 -1.20
C GLY B 118 -14.61 -30.52 -0.82
N ILE B 119 -14.35 -31.37 -1.79
CA ILE B 119 -13.65 -32.61 -1.52
C ILE B 119 -12.17 -32.34 -1.38
N GLY B 120 -11.56 -32.96 -0.36
CA GLY B 120 -10.18 -32.68 -0.05
C GLY B 120 -9.94 -31.28 0.45
N GLY B 121 -11.01 -30.56 0.82
CA GLY B 121 -10.87 -29.15 1.12
C GLY B 121 -10.66 -28.28 -0.10
N ALA B 122 -10.93 -28.81 -1.28
CA ALA B 122 -10.86 -27.99 -2.48
C ALA B 122 -12.04 -27.03 -2.50
N PRO B 123 -11.80 -25.73 -2.77
CA PRO B 123 -12.91 -24.79 -2.92
C PRO B 123 -13.87 -25.18 -4.03
N LEU B 124 -15.15 -25.04 -3.74
CA LEU B 124 -16.21 -25.15 -4.74
C LEU B 124 -16.84 -23.76 -4.95
N TYR B 125 -16.44 -23.07 -6.03
CA TYR B 125 -16.96 -21.74 -6.34
C TYR B 125 -18.34 -21.81 -7.01
N LEU B 126 -19.16 -20.81 -6.70
CA LEU B 126 -20.46 -20.63 -7.31
C LEU B 126 -20.42 -19.30 -8.05
N ILE B 127 -20.40 -19.36 -9.38
CA ILE B 127 -20.17 -18.20 -10.24
C ILE B 127 -21.45 -17.89 -11.01
N ASP B 128 -21.91 -16.64 -10.92
CA ASP B 128 -23.12 -16.24 -11.63
C ASP B 128 -22.86 -15.23 -12.75
N ARG B 129 -21.61 -14.93 -13.06
CA ARG B 129 -21.27 -14.03 -14.15
C ARG B 129 -20.47 -14.79 -15.20
N PHE B 130 -20.89 -14.67 -16.47
CA PHE B 130 -20.28 -15.40 -17.58
C PHE B 130 -20.81 -14.80 -18.89
N GLY B 131 -20.35 -15.37 -19.99
CA GLY B 131 -20.61 -14.71 -21.26
C GLY B 131 -19.53 -13.71 -21.60
N GLU B 132 -19.28 -13.55 -22.90
CA GLU B 132 -18.21 -12.65 -23.32
C GLU B 132 -18.50 -11.24 -22.84
N GLY B 133 -17.49 -10.62 -22.22
CA GLY B 133 -17.61 -9.29 -21.67
C GLY B 133 -18.22 -9.25 -20.28
N SER B 134 -19.09 -10.22 -19.98
CA SER B 134 -19.66 -10.36 -18.65
C SER B 134 -18.90 -11.35 -17.76
N SER B 135 -18.10 -12.23 -18.35
CA SER B 135 -17.40 -13.28 -17.60
C SER B 135 -16.48 -12.69 -16.53
N ILE B 136 -16.14 -13.52 -15.54
CA ILE B 136 -15.18 -13.10 -14.54
C ILE B 136 -13.80 -12.93 -15.15
N TYR B 137 -13.54 -13.56 -16.31
CA TYR B 137 -12.24 -13.39 -16.95
C TYR B 137 -12.11 -12.00 -17.56
N ASP B 138 -13.22 -11.47 -18.12
CA ASP B 138 -13.23 -10.08 -18.57
C ASP B 138 -13.03 -9.10 -17.41
N ILE B 139 -13.56 -9.42 -16.23
CA ILE B 139 -13.49 -8.49 -15.11
C ILE B 139 -12.14 -8.57 -14.40
N ASP B 140 -11.75 -9.77 -13.96
CA ASP B 140 -10.62 -9.95 -13.05
C ASP B 140 -9.32 -10.34 -13.76
N PHE B 141 -9.34 -10.59 -15.05
CA PHE B 141 -8.19 -11.09 -15.79
C PHE B 141 -7.87 -10.12 -16.92
N VAL B 142 -6.61 -10.07 -17.32
CA VAL B 142 -6.15 -9.19 -18.40
C VAL B 142 -5.66 -10.06 -19.53
N TYR B 143 -6.27 -9.91 -20.69
CA TYR B 143 -5.90 -10.78 -21.80
C TYR B 143 -4.56 -10.36 -22.39
N LEU B 144 -3.81 -11.35 -22.85
CA LEU B 144 -2.48 -11.07 -23.36
C LEU B 144 -2.57 -10.34 -24.71
N GLU B 145 -1.53 -9.54 -24.99
CA GLU B 145 -1.44 -8.76 -26.23
C GLU B 145 -1.62 -9.65 -27.47
N GLY B 146 -2.64 -9.33 -28.28
CA GLY B 146 -2.81 -9.95 -29.61
C GLY B 146 -3.27 -11.39 -29.68
N VAL B 147 -2.80 -12.23 -28.75
CA VAL B 147 -3.29 -13.60 -28.56
C VAL B 147 -4.80 -13.66 -28.73
N GLU B 148 -5.29 -14.66 -29.45
CA GLU B 148 -6.74 -14.81 -29.53
C GLU B 148 -7.29 -15.30 -28.20
N ARG B 149 -8.52 -14.90 -27.91
CA ARG B 149 -9.19 -15.18 -26.65
C ARG B 149 -10.17 -16.33 -26.74
N ASN B 150 -10.27 -17.00 -27.89
CA ASN B 150 -11.16 -18.15 -28.03
C ASN B 150 -10.48 -19.25 -28.85
N PRO B 151 -9.29 -19.69 -28.43
CA PRO B 151 -8.61 -20.74 -29.18
C PRO B 151 -9.44 -22.00 -29.24
N VAL B 152 -9.14 -22.84 -30.23
CA VAL B 152 -9.88 -24.08 -30.42
C VAL B 152 -9.01 -25.32 -30.20
N GLY B 153 -7.69 -25.20 -30.36
CA GLY B 153 -6.77 -26.23 -29.92
C GLY B 153 -6.98 -27.51 -30.68
N ALA B 154 -6.99 -28.63 -29.96
CA ALA B 154 -7.26 -29.94 -30.55
C ALA B 154 -8.74 -30.25 -30.62
N GLY B 155 -9.60 -29.26 -30.37
CA GLY B 155 -11.02 -29.45 -30.54
C GLY B 155 -11.73 -29.93 -29.31
N LEU B 156 -11.11 -29.84 -28.13
CA LEU B 156 -11.81 -30.09 -26.88
C LEU B 156 -12.78 -28.97 -26.56
N LYS B 157 -14.02 -29.36 -26.27
CA LYS B 157 -15.11 -28.41 -26.10
C LYS B 157 -15.38 -28.07 -24.64
N VAL B 158 -15.94 -29.03 -23.90
CA VAL B 158 -16.33 -28.76 -22.53
C VAL B 158 -15.74 -29.82 -21.62
N ILE B 159 -15.70 -29.51 -20.32
CA ILE B 159 -15.46 -30.53 -19.31
C ILE B 159 -16.66 -31.49 -19.33
N ASP B 160 -16.40 -32.74 -19.63
CA ASP B 160 -17.47 -33.70 -19.52
C ASP B 160 -17.73 -34.06 -18.05
N HIS B 161 -16.67 -34.46 -17.33
CA HIS B 161 -16.83 -34.87 -15.95
C HIS B 161 -15.48 -34.86 -15.24
N LEU B 162 -15.56 -34.83 -13.91
CA LEU B 162 -14.41 -34.96 -13.02
C LEU B 162 -14.73 -36.06 -12.04
N THR B 163 -13.95 -37.11 -12.04
CA THR B 163 -14.20 -38.16 -11.08
C THR B 163 -13.21 -38.01 -9.94
N HIS B 164 -13.72 -38.28 -8.74
CA HIS B 164 -12.97 -38.22 -7.50
C HIS B 164 -12.72 -39.62 -6.97
N ASN B 165 -11.56 -39.78 -6.33
CA ASN B 165 -11.27 -40.96 -5.54
C ASN B 165 -11.43 -40.58 -4.07
N VAL B 166 -12.22 -41.35 -3.33
CA VAL B 166 -12.48 -41.06 -1.93
C VAL B 166 -12.19 -42.32 -1.13
N TYR B 167 -11.90 -42.15 0.16
CA TYR B 167 -11.56 -43.27 1.01
C TYR B 167 -12.74 -44.23 1.17
N ARG B 168 -12.42 -45.49 1.46
CA ARG B 168 -13.47 -46.51 1.57
C ARG B 168 -14.51 -46.06 2.60
N GLY B 169 -15.78 -46.08 2.20
CA GLY B 169 -16.89 -45.60 2.99
C GLY B 169 -17.36 -44.20 2.67
N ARG B 170 -16.50 -43.35 2.10
CA ARG B 170 -16.79 -41.93 1.87
C ARG B 170 -17.56 -41.65 0.60
N MET B 171 -17.77 -42.64 -0.26
CA MET B 171 -18.58 -42.45 -1.45
C MET B 171 -20.00 -42.04 -1.08
N VAL B 172 -20.62 -42.77 -0.15
CA VAL B 172 -21.95 -42.42 0.36
C VAL B 172 -21.96 -41.00 0.94
N TYR B 173 -20.92 -40.66 1.71
CA TYR B 173 -20.82 -39.33 2.28
C TYR B 173 -20.86 -38.25 1.20
N TRP B 174 -19.89 -38.29 0.28
CA TRP B 174 -19.84 -37.30 -0.79
C TRP B 174 -21.04 -37.39 -1.71
N ALA B 175 -21.62 -38.57 -1.87
CA ALA B 175 -22.84 -38.65 -2.67
C ALA B 175 -23.95 -37.83 -2.02
N ASN B 176 -24.06 -37.88 -0.69
CA ASN B 176 -25.13 -37.16 -0.02
C ASN B 176 -24.82 -35.68 0.11
N PHE B 177 -23.54 -35.31 0.18
CA PHE B 177 -23.13 -33.91 0.05
C PHE B 177 -23.72 -33.29 -1.22
N TYR B 178 -23.50 -33.94 -2.37
CA TYR B 178 -23.98 -33.35 -3.61
C TYR B 178 -25.50 -33.46 -3.74
N GLU B 179 -26.11 -34.51 -3.19
CA GLU B 179 -27.58 -34.58 -3.24
C GLU B 179 -28.22 -33.54 -2.32
N LYS B 180 -27.70 -33.41 -1.09
CA LYS B 180 -28.23 -32.41 -0.16
C LYS B 180 -28.09 -31.00 -0.73
N LEU B 181 -26.87 -30.63 -1.13
CA LEU B 181 -26.64 -29.22 -1.41
C LEU B 181 -27.05 -28.84 -2.83
N PHE B 182 -26.92 -29.74 -3.79
CA PHE B 182 -27.17 -29.36 -5.18
C PHE B 182 -28.18 -30.25 -5.88
N ASN B 183 -28.80 -31.19 -5.17
CA ASN B 183 -29.80 -32.06 -5.73
C ASN B 183 -29.24 -32.91 -6.87
N PHE B 184 -27.98 -33.30 -6.76
CA PHE B 184 -27.43 -34.36 -7.61
C PHE B 184 -28.19 -35.65 -7.35
N ARG B 185 -28.18 -36.55 -8.34
CA ARG B 185 -28.67 -37.90 -8.17
C ARG B 185 -27.67 -38.88 -8.77
N GLU B 186 -27.59 -40.06 -8.17
CA GLU B 186 -26.82 -41.15 -8.76
C GLU B 186 -27.51 -41.61 -10.05
N ALA B 187 -26.84 -41.40 -11.18
CA ALA B 187 -27.35 -41.85 -12.47
C ALA B 187 -27.09 -43.34 -12.67
N ARG B 188 -25.97 -43.84 -12.19
CA ARG B 188 -25.66 -45.26 -12.32
C ARG B 188 -24.60 -45.64 -11.29
N TYR B 189 -24.40 -46.96 -11.15
CA TYR B 189 -23.54 -47.57 -10.14
C TYR B 189 -22.81 -48.77 -10.75
N PHE B 190 -21.65 -49.14 -10.17
CA PHE B 190 -20.73 -50.11 -10.78
C PHE B 190 -20.07 -51.05 -9.76
N ASP B 191 -19.60 -52.21 -10.26
CA ASP B 191 -18.86 -53.22 -9.48
C ASP B 191 -17.86 -53.92 -10.39
N ILE B 192 -16.58 -53.58 -10.27
CA ILE B 192 -15.53 -54.22 -11.06
C ILE B 192 -15.05 -55.51 -10.39
N LEU B 199 -13.15 -52.05 -8.00
CA LEU B 199 -13.54 -50.64 -7.99
C LEU B 199 -15.08 -50.47 -7.86
N THR B 200 -15.50 -49.79 -6.79
CA THR B 200 -16.90 -49.41 -6.60
C THR B 200 -17.09 -47.96 -7.03
N SER B 201 -18.19 -47.69 -7.73
CA SER B 201 -18.32 -46.35 -8.29
C SER B 201 -19.77 -45.90 -8.40
N LYS B 202 -19.97 -44.60 -8.20
CA LYS B 202 -21.27 -43.96 -8.11
C LYS B 202 -21.21 -42.74 -9.01
N ALA B 203 -22.13 -42.65 -9.99
CA ALA B 203 -22.06 -41.63 -11.03
C ALA B 203 -23.01 -40.49 -10.70
N MET B 204 -22.51 -39.51 -9.96
CA MET B 204 -23.34 -38.37 -9.52
C MET B 204 -23.48 -37.40 -10.67
N SER B 205 -24.68 -37.26 -11.20
CA SER B 205 -24.95 -36.24 -12.19
C SER B 205 -25.82 -35.15 -11.58
N ALA B 206 -25.64 -33.91 -12.09
CA ALA B 206 -26.31 -32.71 -11.61
C ALA B 206 -27.61 -32.46 -12.35
N PRO B 207 -28.55 -31.72 -11.73
CA PRO B 207 -29.86 -31.55 -12.36
C PRO B 207 -29.81 -30.70 -13.62
N ASP B 208 -28.64 -30.54 -14.23
CA ASP B 208 -28.52 -29.75 -15.45
C ASP B 208 -28.02 -30.55 -16.63
N GLY B 209 -27.75 -31.85 -16.45
CA GLY B 209 -27.25 -32.72 -17.51
C GLY B 209 -25.85 -32.39 -17.98
N MET B 210 -25.13 -31.57 -17.25
CA MET B 210 -23.79 -31.21 -17.65
C MET B 210 -22.76 -31.53 -16.58
N ILE B 211 -23.06 -31.23 -15.31
CA ILE B 211 -22.07 -31.44 -14.26
C ILE B 211 -22.13 -32.91 -13.84
N ARG B 212 -21.06 -33.63 -14.13
CA ARG B 212 -20.93 -35.03 -13.78
C ARG B 212 -19.74 -35.18 -12.85
N ILE B 213 -19.99 -35.74 -11.66
CA ILE B 213 -18.92 -36.04 -10.71
C ILE B 213 -19.02 -37.49 -10.26
N PRO B 214 -18.30 -38.39 -10.90
CA PRO B 214 -18.27 -39.79 -10.44
C PRO B 214 -17.37 -39.94 -9.21
N LEU B 215 -17.84 -40.76 -8.27
CA LEU B 215 -17.15 -41.05 -7.03
C LEU B 215 -16.65 -42.48 -7.04
N ASN B 216 -15.37 -42.69 -6.66
CA ASN B 216 -14.73 -44.01 -6.66
C ASN B 216 -14.22 -44.34 -5.27
N GLU B 217 -14.56 -45.51 -4.75
CA GLU B 217 -13.85 -46.06 -3.60
C GLU B 217 -13.38 -47.46 -3.92
N GLU B 218 -12.26 -47.86 -3.30
CA GLU B 218 -11.69 -49.19 -3.53
C GLU B 218 -12.53 -50.31 -2.90
N GLY B 222 -9.06 -54.45 -1.64
CA GLY B 222 -8.11 -53.36 -1.51
C GLY B 222 -6.86 -53.49 -2.37
N ALA B 223 -5.85 -52.67 -2.08
CA ALA B 223 -4.51 -52.75 -2.72
C ALA B 223 -4.57 -52.50 -4.23
N GLY B 224 -5.44 -51.59 -4.66
CA GLY B 224 -5.64 -51.38 -6.08
C GLY B 224 -5.18 -50.05 -6.65
N GLN B 225 -5.82 -49.67 -7.76
CA GLN B 225 -5.50 -48.43 -8.45
C GLN B 225 -5.97 -47.21 -7.67
N ILE B 226 -7.02 -47.37 -6.87
CA ILE B 226 -7.59 -46.24 -6.13
C ILE B 226 -6.82 -46.00 -4.84
N GLU B 227 -6.50 -47.08 -4.12
CA GLU B 227 -5.81 -46.95 -2.85
C GLU B 227 -4.40 -46.40 -3.03
N GLU B 228 -3.78 -46.60 -4.18
CA GLU B 228 -2.48 -45.96 -4.36
C GLU B 228 -2.65 -44.51 -4.84
N PHE B 229 -3.75 -44.18 -5.52
CA PHE B 229 -4.02 -42.77 -5.76
C PHE B 229 -4.13 -42.00 -4.45
N LEU B 230 -4.80 -42.57 -3.45
CA LEU B 230 -5.02 -41.87 -2.19
C LEU B 230 -3.74 -41.74 -1.37
N MET B 231 -2.75 -42.60 -1.58
CA MET B 231 -1.43 -42.39 -1.00
C MET B 231 -0.65 -41.33 -1.76
N GLN B 232 -0.54 -41.50 -3.09
CA GLN B 232 0.23 -40.56 -3.89
C GLN B 232 -0.30 -39.13 -3.78
N PHE B 233 -1.61 -38.98 -3.56
CA PHE B 233 -2.27 -37.69 -3.50
C PHE B 233 -2.40 -37.16 -2.08
N ASN B 234 -2.30 -38.02 -1.07
CA ASN B 234 -2.36 -37.59 0.32
C ASN B 234 -3.76 -37.12 0.71
N GLY B 235 -4.76 -37.80 0.19
CA GLY B 235 -6.13 -37.53 0.52
C GLY B 235 -7.03 -37.79 -0.66
N GLU B 236 -8.29 -37.37 -0.50
CA GLU B 236 -9.33 -37.45 -1.52
C GLU B 236 -9.14 -36.36 -2.58
N GLY B 237 -9.52 -36.65 -3.81
CA GLY B 237 -9.38 -35.65 -4.85
C GLY B 237 -9.76 -36.16 -6.22
N ILE B 238 -9.62 -35.26 -7.19
CA ILE B 238 -9.93 -35.53 -8.60
C ILE B 238 -8.87 -36.46 -9.18
N GLN B 239 -9.32 -37.63 -9.65
CA GLN B 239 -8.44 -38.59 -10.32
C GLN B 239 -8.28 -38.30 -11.81
N HIS B 240 -9.39 -38.23 -12.53
CA HIS B 240 -9.32 -37.93 -13.97
C HIS B 240 -10.32 -36.85 -14.43
N VAL B 241 -9.77 -35.78 -15.02
CA VAL B 241 -10.60 -34.76 -15.66
C VAL B 241 -10.84 -35.26 -17.08
N ALA B 242 -12.09 -35.23 -17.53
CA ALA B 242 -12.47 -35.72 -18.85
C ALA B 242 -12.90 -34.56 -19.74
N PHE B 243 -12.29 -34.45 -20.93
CA PHE B 243 -12.60 -33.37 -21.86
C PHE B 243 -13.40 -33.93 -23.02
N LEU B 244 -14.57 -33.37 -23.24
CA LEU B 244 -15.37 -33.72 -24.39
C LEU B 244 -14.76 -33.18 -25.68
N THR B 245 -15.03 -33.89 -26.78
CA THR B 245 -14.65 -33.47 -28.13
C THR B 245 -15.66 -34.02 -29.11
N ASP B 246 -15.78 -33.36 -30.26
CA ASP B 246 -16.75 -33.73 -31.29
C ASP B 246 -16.23 -34.77 -32.27
N ASP B 247 -14.91 -35.01 -32.29
CA ASP B 247 -14.32 -36.08 -33.10
C ASP B 247 -13.04 -36.54 -32.40
N LEU B 248 -13.09 -37.70 -31.75
CA LEU B 248 -11.94 -38.15 -30.96
C LEU B 248 -10.72 -38.46 -31.85
N VAL B 249 -10.90 -39.14 -32.98
CA VAL B 249 -9.73 -39.45 -33.80
C VAL B 249 -9.09 -38.16 -34.33
N LYS B 250 -9.91 -37.20 -34.77
CA LYS B 250 -9.34 -35.92 -35.20
C LYS B 250 -8.68 -35.20 -34.02
N THR B 251 -9.32 -35.19 -32.84
CA THR B 251 -8.64 -34.65 -31.66
C THR B 251 -7.35 -35.38 -31.35
N TRP B 252 -7.36 -36.72 -31.47
CA TRP B 252 -6.17 -37.52 -31.21
C TRP B 252 -4.99 -37.09 -32.07
N ASP B 253 -5.21 -37.03 -33.40
CA ASP B 253 -4.18 -36.51 -34.28
C ASP B 253 -3.70 -35.15 -33.83
N ALA B 254 -4.64 -34.28 -33.45
CA ALA B 254 -4.26 -32.93 -33.05
C ALA B 254 -3.51 -32.94 -31.72
N LEU B 255 -3.86 -33.84 -30.82
CA LEU B 255 -3.10 -33.95 -29.58
C LEU B 255 -1.72 -34.58 -29.80
N LYS B 256 -1.64 -35.55 -30.72
CA LYS B 256 -0.38 -36.25 -30.94
C LYS B 256 0.68 -35.34 -31.53
N LYS B 257 0.27 -34.37 -32.38
CA LYS B 257 1.28 -33.52 -33.00
C LYS B 257 1.80 -32.46 -32.03
N ILE B 258 1.11 -32.18 -30.93
CA ILE B 258 1.63 -31.23 -29.94
C ILE B 258 2.21 -31.93 -28.71
N GLY B 259 2.46 -33.23 -28.80
CA GLY B 259 3.26 -33.92 -27.81
C GLY B 259 2.51 -34.73 -26.79
N MET B 260 1.23 -35.04 -27.02
CA MET B 260 0.46 -35.72 -26.00
C MET B 260 0.89 -37.19 -25.88
N ARG B 261 0.90 -37.69 -24.65
CA ARG B 261 1.32 -39.04 -24.34
C ARG B 261 0.11 -39.77 -23.77
N PHE B 262 -0.27 -40.88 -24.41
CA PHE B 262 -1.44 -41.65 -24.05
C PHE B 262 -1.08 -42.95 -23.36
N MET B 263 -2.07 -43.50 -22.65
CA MET B 263 -1.96 -44.87 -22.16
C MET B 263 -1.68 -45.81 -23.33
N THR B 264 -1.01 -46.92 -23.04
CA THR B 264 -0.64 -47.84 -24.11
C THR B 264 -1.86 -48.58 -24.63
N ALA B 265 -1.89 -48.75 -25.95
CA ALA B 265 -3.05 -49.34 -26.62
C ALA B 265 -3.34 -50.75 -26.10
N PRO B 266 -4.59 -51.16 -26.11
CA PRO B 266 -4.94 -52.53 -25.73
C PRO B 266 -4.37 -53.51 -26.74
N PRO B 267 -4.33 -54.81 -26.41
CA PRO B 267 -3.87 -55.80 -27.39
C PRO B 267 -4.76 -55.81 -28.61
N ASP B 268 -4.20 -56.28 -29.73
CA ASP B 268 -5.00 -56.44 -30.94
C ASP B 268 -6.18 -57.39 -30.73
N THR B 269 -6.09 -58.30 -29.74
CA THR B 269 -7.24 -59.10 -29.37
C THR B 269 -8.42 -58.23 -28.97
N TYR B 270 -8.14 -57.09 -28.29
CA TYR B 270 -9.20 -56.18 -27.88
C TYR B 270 -10.04 -55.71 -29.06
N TYR B 271 -9.38 -55.32 -30.15
CA TYR B 271 -10.11 -54.78 -31.28
C TYR B 271 -10.85 -55.84 -32.09
N GLU B 272 -10.33 -57.06 -32.15
CA GLU B 272 -11.05 -58.12 -32.86
C GLU B 272 -12.39 -58.41 -32.20
N MET B 273 -12.44 -58.32 -30.88
CA MET B 273 -13.62 -58.74 -30.12
C MET B 273 -14.71 -57.67 -30.08
N LEU B 274 -14.53 -56.53 -30.76
CA LEU B 274 -15.53 -55.47 -30.69
C LEU B 274 -16.82 -55.83 -31.42
N GLU B 275 -16.73 -56.67 -32.46
CA GLU B 275 -17.95 -57.02 -33.19
C GLU B 275 -18.85 -57.94 -32.38
N GLY B 276 -18.27 -58.77 -31.51
CA GLY B 276 -19.08 -59.52 -30.57
C GLY B 276 -19.60 -58.67 -29.43
N ARG B 277 -18.74 -57.78 -28.90
CA ARG B 277 -19.16 -56.92 -27.79
C ARG B 277 -20.30 -56.01 -28.20
N LEU B 278 -20.19 -55.38 -29.38
CA LEU B 278 -21.11 -54.32 -29.79
C LEU B 278 -21.42 -54.46 -31.27
N PRO B 279 -22.23 -55.46 -31.65
CA PRO B 279 -22.56 -55.64 -33.07
C PRO B 279 -23.03 -54.36 -33.74
N ASP B 280 -22.59 -54.17 -34.99
CA ASP B 280 -23.02 -53.07 -35.86
C ASP B 280 -22.76 -51.71 -35.25
N HIS B 281 -21.63 -51.57 -34.56
CA HIS B 281 -21.27 -50.28 -33.99
C HIS B 281 -20.85 -49.27 -35.04
N GLY B 282 -20.56 -49.69 -36.26
CA GLY B 282 -20.29 -48.76 -37.34
C GLY B 282 -19.01 -47.98 -37.22
N GLU B 283 -18.23 -48.20 -36.19
CA GLU B 283 -17.01 -47.43 -35.99
C GLU B 283 -15.88 -48.04 -36.83
N PRO B 284 -15.11 -47.20 -37.53
CA PRO B 284 -14.04 -47.74 -38.37
C PRO B 284 -12.93 -48.37 -37.53
N VAL B 285 -13.09 -49.66 -37.21
CA VAL B 285 -12.25 -50.27 -36.17
C VAL B 285 -10.78 -50.02 -36.44
N ASP B 286 -10.38 -50.02 -37.71
CA ASP B 286 -8.98 -49.86 -38.04
C ASP B 286 -8.44 -48.50 -37.57
N GLN B 287 -9.29 -47.49 -37.57
CA GLN B 287 -8.86 -46.17 -37.13
C GLN B 287 -8.72 -46.10 -35.61
N LEU B 288 -9.58 -46.82 -34.89
CA LEU B 288 -9.47 -46.87 -33.44
C LEU B 288 -8.27 -47.69 -33.02
N GLN B 289 -8.02 -48.80 -33.71
CA GLN B 289 -6.88 -49.64 -33.36
C GLN B 289 -5.55 -48.93 -33.62
N ALA B 290 -5.51 -48.05 -34.63
CA ALA B 290 -4.29 -47.30 -34.92
C ALA B 290 -3.94 -46.30 -33.83
N ARG B 291 -4.89 -45.92 -33.00
CA ARG B 291 -4.70 -44.84 -32.04
C ARG B 291 -4.80 -45.29 -30.60
N GLY B 292 -5.23 -46.52 -30.35
CA GLY B 292 -5.46 -46.97 -29.01
C GLY B 292 -6.78 -46.54 -28.43
N ILE B 293 -7.68 -45.99 -29.25
CA ILE B 293 -8.96 -45.51 -28.77
C ILE B 293 -9.84 -46.68 -28.36
N LEU B 294 -10.51 -46.57 -27.22
CA LEU B 294 -11.39 -47.60 -26.70
C LEU B 294 -12.83 -47.30 -27.09
N LEU B 295 -13.69 -48.31 -26.97
CA LEU B 295 -15.09 -48.19 -27.37
C LEU B 295 -15.97 -48.85 -26.33
N ASP B 296 -17.17 -48.30 -26.13
CA ASP B 296 -18.14 -48.93 -25.25
C ASP B 296 -19.52 -48.35 -25.51
N GLY B 297 -20.54 -48.98 -24.93
CA GLY B 297 -21.90 -48.53 -25.06
C GLY B 297 -22.86 -49.70 -25.09
N SER B 298 -24.11 -49.39 -25.40
CA SER B 298 -25.15 -50.41 -25.39
C SER B 298 -25.01 -51.34 -26.61
N SER B 299 -25.16 -52.64 -26.37
CA SER B 299 -25.06 -53.63 -27.43
C SER B 299 -25.97 -53.27 -28.61
N VAL B 300 -27.26 -53.54 -28.45
CA VAL B 300 -28.24 -53.25 -29.49
C VAL B 300 -29.64 -53.12 -28.91
N GLY B 302 -31.46 -51.09 -34.37
CA GLY B 302 -32.04 -50.42 -33.22
C GLY B 302 -31.41 -49.06 -32.96
N ASP B 303 -31.02 -48.83 -31.72
CA ASP B 303 -30.39 -47.57 -31.33
C ASP B 303 -28.95 -47.79 -30.87
N LYS B 304 -28.02 -47.17 -31.58
CA LYS B 304 -26.60 -47.30 -31.25
C LYS B 304 -26.27 -46.20 -30.23
N ARG B 305 -26.16 -46.60 -28.97
CA ARG B 305 -25.77 -45.70 -27.89
C ARG B 305 -24.33 -46.04 -27.51
N LEU B 306 -23.36 -45.26 -28.03
CA LEU B 306 -21.96 -45.58 -27.78
C LEU B 306 -21.17 -44.33 -27.42
N LEU B 307 -19.85 -44.53 -27.33
CA LEU B 307 -18.92 -43.74 -26.53
C LEU B 307 -17.50 -44.13 -26.87
N LEU B 308 -16.67 -43.17 -27.31
CA LEU B 308 -15.25 -43.38 -27.56
C LEU B 308 -14.44 -42.65 -26.50
N GLN B 309 -13.31 -43.23 -26.08
CA GLN B 309 -12.53 -42.60 -25.03
C GLN B 309 -11.09 -43.06 -25.10
N ILE B 310 -10.18 -42.18 -24.69
CA ILE B 310 -8.77 -42.54 -24.49
C ILE B 310 -8.19 -41.73 -23.32
N PHE B 311 -7.23 -42.33 -22.62
CA PHE B 311 -6.67 -41.80 -21.40
C PHE B 311 -5.21 -41.41 -21.58
N SER B 312 -4.83 -40.27 -21.01
CA SER B 312 -3.42 -39.95 -20.89
C SER B 312 -2.74 -40.89 -19.89
N GLU B 313 -1.39 -40.91 -19.91
CA GLU B 313 -0.64 -41.39 -18.76
C GLU B 313 -0.94 -40.46 -17.58
N THR B 314 -0.41 -40.76 -16.39
CA THR B 314 -0.48 -39.79 -15.31
C THR B 314 0.47 -38.64 -15.58
N LEU B 315 -0.03 -37.42 -15.42
CA LEU B 315 0.73 -36.25 -15.85
C LEU B 315 1.06 -35.30 -14.71
N MET B 316 0.12 -35.04 -13.82
CA MET B 316 0.35 -34.25 -12.62
C MET B 316 0.21 -35.21 -11.45
N GLY B 317 1.34 -35.68 -10.93
CA GLY B 317 1.30 -36.68 -9.91
C GLY B 317 0.40 -37.83 -10.37
N PRO B 318 -0.50 -38.27 -9.50
CA PRO B 318 -1.35 -39.43 -9.83
C PRO B 318 -2.61 -39.09 -10.61
N VAL B 319 -2.78 -37.82 -11.02
CA VAL B 319 -3.93 -37.34 -11.79
C VAL B 319 -3.65 -37.58 -13.27
N PHE B 320 -4.69 -37.99 -14.00
CA PHE B 320 -4.58 -38.20 -15.43
C PHE B 320 -5.82 -37.62 -16.10
N PHE B 321 -5.87 -37.70 -17.43
CA PHE B 321 -6.89 -37.00 -18.18
C PHE B 321 -7.56 -37.96 -19.17
N GLU B 322 -8.77 -37.60 -19.54
CA GLU B 322 -9.60 -38.40 -20.41
C GLU B 322 -10.15 -37.56 -21.54
N PHE B 323 -10.16 -38.16 -22.72
CA PHE B 323 -10.68 -37.52 -23.92
C PHE B 323 -11.77 -38.42 -24.48
N ILE B 324 -12.98 -37.89 -24.62
CA ILE B 324 -14.17 -38.70 -24.85
C ILE B 324 -15.06 -38.05 -25.90
N GLN B 325 -15.73 -38.89 -26.67
CA GLN B 325 -16.73 -38.46 -27.62
C GLN B 325 -17.96 -39.33 -27.46
N ARG B 326 -19.11 -38.70 -27.32
CA ARG B 326 -20.33 -39.37 -26.94
C ARG B 326 -21.26 -39.50 -28.14
N LYS B 327 -21.60 -40.75 -28.49
CA LYS B 327 -22.58 -41.05 -29.53
C LYS B 327 -23.79 -41.77 -28.94
N GLY B 328 -24.49 -41.13 -28.00
CA GLY B 328 -25.75 -41.64 -27.51
C GLY B 328 -25.67 -42.37 -26.19
N ASP B 329 -24.52 -42.93 -25.85
CA ASP B 329 -24.33 -43.54 -24.55
C ASP B 329 -24.00 -42.48 -23.50
N ASP B 330 -24.72 -42.51 -22.37
CA ASP B 330 -24.47 -41.57 -21.28
C ASP B 330 -23.70 -42.20 -20.14
N GLY B 331 -22.81 -43.16 -20.45
CA GLY B 331 -21.99 -43.83 -19.46
C GLY B 331 -20.56 -43.34 -19.43
N PHE B 332 -19.66 -44.19 -18.93
CA PHE B 332 -18.28 -43.79 -18.69
C PHE B 332 -17.26 -44.81 -19.17
N GLY B 333 -17.65 -45.74 -20.03
CA GLY B 333 -16.72 -46.72 -20.58
C GLY B 333 -16.43 -47.91 -19.70
N GLU B 334 -17.22 -48.11 -18.65
CA GLU B 334 -16.92 -49.12 -17.64
C GLU B 334 -16.84 -50.51 -18.24
N GLY B 335 -17.51 -50.73 -19.37
CA GLY B 335 -17.40 -52.01 -20.06
C GLY B 335 -15.98 -52.33 -20.46
N ASN B 336 -15.15 -51.30 -20.69
CA ASN B 336 -13.76 -51.50 -21.07
C ASN B 336 -12.93 -52.19 -20.00
N PHE B 337 -13.43 -52.32 -18.78
CA PHE B 337 -12.65 -52.96 -17.73
C PHE B 337 -12.63 -54.47 -17.90
N LYS B 338 -13.81 -55.08 -17.98
CA LYS B 338 -13.91 -56.47 -18.40
C LYS B 338 -13.38 -56.64 -19.81
N ALA B 339 -13.77 -55.74 -20.72
CA ALA B 339 -13.35 -55.84 -22.11
C ALA B 339 -11.84 -55.83 -22.23
N LEU B 340 -11.14 -55.13 -21.34
CA LEU B 340 -9.69 -55.15 -21.40
C LEU B 340 -9.09 -56.39 -20.74
N PHE B 341 -9.70 -56.89 -19.66
CA PHE B 341 -9.16 -58.08 -19.00
C PHE B 341 -9.24 -59.31 -19.92
N GLU B 342 -10.33 -59.43 -20.69
CA GLU B 342 -10.45 -60.56 -21.61
C GLU B 342 -9.48 -60.45 -22.78
N SER B 343 -9.22 -59.23 -23.26
CA SER B 343 -8.23 -59.00 -24.30
C SER B 343 -6.84 -59.46 -23.85
N ILE B 344 -6.36 -58.93 -22.72
CA ILE B 344 -5.06 -59.34 -22.21
C ILE B 344 -5.02 -60.85 -21.97
N GLU B 345 -6.18 -61.47 -21.72
CA GLU B 345 -6.23 -62.91 -21.52
C GLU B 345 -6.00 -63.64 -22.85
N ARG B 346 -6.90 -63.44 -23.83
CA ARG B 346 -6.75 -64.07 -25.13
C ARG B 346 -5.37 -63.84 -25.72
N ASP B 347 -4.76 -62.70 -25.42
CA ASP B 347 -3.44 -62.37 -25.96
C ASP B 347 -2.29 -62.96 -25.14
N GLN B 348 -2.47 -63.12 -23.82
CA GLN B 348 -1.47 -63.85 -23.07
C GLN B 348 -1.53 -65.34 -23.36
N VAL B 349 -2.74 -65.87 -23.66
CA VAL B 349 -2.86 -67.27 -24.05
C VAL B 349 -2.43 -67.49 -25.50
N ARG B 350 -2.43 -66.46 -26.34
CA ARG B 350 -1.92 -66.61 -27.69
C ARG B 350 -0.39 -66.70 -27.72
N ARG B 351 0.29 -66.43 -26.62
CA ARG B 351 1.74 -66.25 -26.65
C ARG B 351 2.50 -67.04 -25.58
N GLY B 352 1.94 -67.23 -24.39
CA GLY B 352 2.64 -67.84 -23.28
C GLY B 352 2.11 -67.35 -21.94
N ASP C 2 -29.40 2.94 42.58
CA ASP C 2 -30.63 2.86 41.80
C ASP C 2 -31.36 4.20 41.76
N LEU C 3 -30.97 5.05 40.82
CA LEU C 3 -31.66 6.32 40.61
C LEU C 3 -32.86 6.17 39.67
N TYR C 4 -32.72 5.38 38.61
CA TYR C 4 -33.85 5.01 37.77
C TYR C 4 -33.49 3.74 36.98
N GLU C 5 -34.27 3.47 35.92
CA GLU C 5 -34.12 2.23 35.16
C GLU C 5 -32.71 2.10 34.60
N ASN C 6 -32.13 0.92 34.74
CA ASN C 6 -30.72 0.68 34.39
C ASN C 6 -30.59 -0.47 33.39
N PRO C 7 -31.18 -0.33 32.20
CA PRO C 7 -31.17 -1.44 31.22
C PRO C 7 -29.81 -2.03 30.91
N MET C 8 -28.75 -1.26 30.97
CA MET C 8 -27.43 -1.79 30.66
C MET C 8 -26.74 -2.38 31.88
N GLY C 9 -27.35 -2.29 33.04
CA GLY C 9 -26.72 -2.77 34.26
C GLY C 9 -25.42 -2.08 34.59
N LEU C 10 -25.33 -0.75 34.37
CA LEU C 10 -24.14 0.02 34.73
C LEU C 10 -23.82 -0.14 36.21
N MET C 11 -22.51 -0.13 36.51
CA MET C 11 -22.06 -0.19 37.90
C MET C 11 -20.79 0.65 38.12
N GLY C 12 -20.79 1.88 37.63
CA GLY C 12 -19.69 2.80 37.86
C GLY C 12 -18.59 2.77 36.80
N PHE C 13 -17.64 3.69 36.93
CA PHE C 13 -16.45 3.67 36.07
C PHE C 13 -15.60 2.45 36.39
N GLU C 14 -15.10 1.79 35.34
CA GLU C 14 -14.10 0.74 35.55
C GLU C 14 -12.69 1.28 35.40
N PHE C 15 -12.37 1.86 34.24
CA PHE C 15 -11.06 2.43 34.04
C PHE C 15 -11.10 3.54 33.00
N ILE C 16 -10.02 4.34 33.02
CA ILE C 16 -9.73 5.39 32.05
C ILE C 16 -8.45 5.02 31.31
N GLU C 17 -8.44 5.28 30.00
CA GLU C 17 -7.28 4.98 29.16
C GLU C 17 -6.56 6.24 28.70
N PHE C 18 -5.23 6.17 28.65
CA PHE C 18 -4.41 7.30 28.23
C PHE C 18 -3.46 6.89 27.13
N ALA C 19 -3.26 7.78 26.17
CA ALA C 19 -2.27 7.56 25.13
C ALA C 19 -1.68 8.90 24.76
N SER C 20 -0.41 8.90 24.32
CA SER C 20 0.24 10.10 23.80
C SER C 20 1.17 9.82 22.62
N PRO C 21 1.16 10.69 21.61
CA PRO C 21 2.05 10.50 20.46
C PRO C 21 3.52 10.73 20.78
N THR C 22 3.83 11.48 21.84
CA THR C 22 5.21 11.58 22.30
C THR C 22 5.36 10.83 23.62
N PRO C 23 6.37 9.97 23.75
CA PRO C 23 6.50 9.15 24.95
C PRO C 23 6.99 9.97 26.15
N GLY C 24 6.91 9.34 27.32
CA GLY C 24 7.35 9.97 28.54
C GLY C 24 6.66 11.29 28.81
N THR C 25 5.44 11.49 28.32
CA THR C 25 4.71 12.69 28.72
C THR C 25 3.64 12.39 29.77
N LEU C 26 3.07 11.18 29.78
CA LEU C 26 2.01 10.82 30.71
C LEU C 26 2.50 10.04 31.93
N GLU C 27 3.69 9.46 31.90
CA GLU C 27 4.20 8.85 33.13
C GLU C 27 4.41 9.89 34.23
N PRO C 28 5.11 11.01 34.01
CA PRO C 28 5.34 11.93 35.12
C PRO C 28 4.07 12.61 35.62
N ILE C 29 3.03 12.71 34.80
CA ILE C 29 1.77 13.29 35.26
C ILE C 29 1.10 12.37 36.25
N PHE C 30 1.10 11.06 35.97
CA PHE C 30 0.48 10.12 36.89
C PHE C 30 1.15 10.19 38.25
N GLU C 31 2.47 10.26 38.26
CA GLU C 31 3.18 10.27 39.54
C GLU C 31 2.80 11.51 40.37
N ILE C 32 2.73 12.69 39.74
CA ILE C 32 2.52 13.89 40.55
C ILE C 32 1.11 13.93 41.15
N MET C 33 0.13 13.28 40.52
CA MET C 33 -1.20 13.13 41.10
C MET C 33 -1.32 11.90 41.98
N GLY C 34 -0.20 11.33 42.41
CA GLY C 34 -0.29 10.22 43.34
C GLY C 34 -0.85 8.94 42.78
N PHE C 35 -0.51 8.60 41.53
CA PHE C 35 -0.83 7.31 40.97
C PHE C 35 0.44 6.46 40.94
N THR C 36 0.26 5.14 41.02
CA THR C 36 1.40 4.25 41.12
C THR C 36 1.36 3.21 40.02
N LYS C 37 2.48 3.05 39.31
CA LYS C 37 2.58 1.95 38.35
C LYS C 37 2.51 0.63 39.09
N VAL C 38 1.55 -0.20 38.73
CA VAL C 38 1.27 -1.38 39.54
C VAL C 38 1.25 -2.67 38.74
N ALA C 39 1.09 -2.64 37.42
CA ALA C 39 1.06 -3.88 36.67
C ALA C 39 1.40 -3.59 35.22
N THR C 40 1.65 -4.67 34.46
CA THR C 40 1.94 -4.58 33.04
C THR C 40 1.23 -5.70 32.29
N HIS C 41 0.77 -5.38 31.08
CA HIS C 41 0.07 -6.35 30.23
C HIS C 41 0.97 -7.53 29.92
N ARG C 42 0.34 -8.69 29.69
CA ARG C 42 1.12 -9.89 29.45
C ARG C 42 1.77 -9.90 28.06
N SER C 43 1.23 -9.15 27.10
CA SER C 43 1.84 -9.06 25.77
C SER C 43 2.09 -7.63 25.32
N LYS C 44 1.15 -6.72 25.57
CA LYS C 44 1.18 -5.38 25.00
C LYS C 44 2.01 -4.42 25.87
N ASN C 45 2.53 -3.38 25.20
CA ASN C 45 3.23 -2.27 25.84
C ASN C 45 2.22 -1.34 26.53
N VAL C 46 1.53 -1.91 27.51
CA VAL C 46 0.36 -1.31 28.14
C VAL C 46 0.50 -1.53 29.64
N HIS C 47 0.21 -0.50 30.43
CA HIS C 47 0.57 -0.48 31.84
C HIS C 47 -0.61 0.02 32.68
N LEU C 48 -0.67 -0.43 33.92
CA LEU C 48 -1.76 -0.10 34.83
C LEU C 48 -1.25 0.79 35.95
N TYR C 49 -1.77 2.00 36.05
CA TYR C 49 -1.52 2.83 37.22
C TYR C 49 -2.73 2.77 38.14
N ARG C 50 -2.48 2.73 39.44
CA ARG C 50 -3.55 2.59 40.40
C ARG C 50 -3.41 3.65 41.50
N GLN C 51 -4.54 3.88 42.19
CA GLN C 51 -4.65 4.72 43.37
C GLN C 51 -6.05 4.52 43.93
N GLY C 52 -6.18 4.25 45.22
CA GLY C 52 -7.46 3.82 45.77
C GLY C 52 -8.16 2.85 44.85
N GLU C 53 -9.35 3.23 44.39
CA GLU C 53 -10.12 2.42 43.48
C GLU C 53 -10.03 2.86 42.02
N ILE C 54 -9.18 3.85 41.69
CA ILE C 54 -9.07 4.34 40.32
C ILE C 54 -8.05 3.51 39.56
N ASN C 55 -8.47 2.94 38.44
CA ASN C 55 -7.55 2.28 37.52
C ASN C 55 -7.31 3.18 36.31
N LEU C 56 -6.04 3.41 35.99
CA LEU C 56 -5.64 4.16 34.80
C LEU C 56 -4.76 3.29 33.89
N ILE C 57 -5.14 3.17 32.60
CA ILE C 57 -4.40 2.37 31.64
C ILE C 57 -3.55 3.29 30.78
N LEU C 58 -2.24 3.04 30.76
CA LEU C 58 -1.28 3.72 29.89
C LEU C 58 -1.07 2.89 28.63
N ASN C 59 -1.57 3.37 27.49
CA ASN C 59 -1.55 2.59 26.26
C ASN C 59 -0.43 3.07 25.34
N ASN C 60 0.69 2.33 25.31
CA ASN C 60 1.82 2.60 24.44
C ASN C 60 1.95 1.61 23.30
N GLU C 61 0.89 0.91 22.99
CA GLU C 61 0.97 -0.06 21.91
C GLU C 61 0.95 0.67 20.57
N PRO C 62 1.91 0.43 19.69
CA PRO C 62 1.92 1.12 18.40
C PRO C 62 0.95 0.47 17.41
N ASN C 63 0.52 1.28 16.45
CA ASN C 63 -0.49 0.93 15.45
C ASN C 63 -1.83 0.59 16.08
N SER C 64 -1.96 0.69 17.40
CA SER C 64 -3.19 0.33 18.09
C SER C 64 -4.30 1.32 17.77
N ILE C 65 -5.47 1.10 18.38
CA ILE C 65 -6.54 2.06 18.20
C ILE C 65 -6.29 3.28 19.06
N ALA C 66 -5.50 3.14 20.12
CA ALA C 66 -5.22 4.27 20.99
C ALA C 66 -4.16 5.19 20.40
N SER C 67 -3.16 4.65 19.71
CA SER C 67 -2.09 5.49 19.17
C SER C 67 -2.56 6.32 17.99
N TYR C 68 -3.56 5.82 17.23
CA TYR C 68 -4.22 6.64 16.21
C TYR C 68 -5.02 7.76 16.86
N PHE C 69 -5.79 7.44 17.91
CA PHE C 69 -6.48 8.48 18.66
C PHE C 69 -5.49 9.51 19.23
N ALA C 70 -4.34 9.02 19.73
CA ALA C 70 -3.34 9.93 20.28
C ALA C 70 -2.64 10.73 19.17
N ALA C 71 -2.44 10.11 18.00
CA ALA C 71 -1.83 10.82 16.88
C ALA C 71 -2.68 12.00 16.41
N GLU C 72 -3.99 11.94 16.63
CA GLU C 72 -4.88 12.99 16.15
C GLU C 72 -5.14 14.06 17.20
N HIS C 73 -5.12 13.68 18.48
CA HIS C 73 -5.55 14.55 19.57
C HIS C 73 -4.44 14.88 20.55
N GLY C 74 -3.24 14.33 20.38
CA GLY C 74 -2.17 14.56 21.33
C GLY C 74 -2.36 13.74 22.58
N PRO C 75 -1.63 14.09 23.64
CA PRO C 75 -1.85 13.44 24.95
C PRO C 75 -3.29 13.63 25.40
N SER C 76 -3.90 12.53 25.84
CA SER C 76 -5.35 12.55 25.93
C SER C 76 -5.85 11.35 26.73
N VAL C 77 -7.00 11.54 27.36
CA VAL C 77 -7.80 10.37 27.71
C VAL C 77 -8.32 9.81 26.39
N CYS C 78 -7.90 8.60 26.04
CA CYS C 78 -8.26 7.97 24.78
C CYS C 78 -9.24 6.81 24.92
N GLY C 79 -9.64 6.44 26.13
CA GLY C 79 -10.56 5.34 26.30
C GLY C 79 -11.33 5.47 27.58
N MET C 80 -12.42 4.72 27.67
CA MET C 80 -13.34 4.84 28.79
C MET C 80 -14.10 3.53 28.96
N ALA C 81 -14.04 2.93 30.16
CA ALA C 81 -14.70 1.67 30.45
C ALA C 81 -15.75 1.85 31.54
N PHE C 82 -16.96 1.34 31.27
CA PHE C 82 -18.01 1.23 32.28
C PHE C 82 -18.06 -0.20 32.86
N ARG C 83 -18.27 -0.32 34.19
CA ARG C 83 -18.71 -1.60 34.77
C ARG C 83 -20.13 -1.92 34.36
N VAL C 84 -20.35 -3.15 33.92
CA VAL C 84 -21.69 -3.65 33.62
C VAL C 84 -21.86 -5.03 34.24
N LYS C 85 -23.14 -5.37 34.48
CA LYS C 85 -23.50 -6.65 35.03
C LYS C 85 -23.21 -7.74 34.00
N ASP C 86 -23.91 -7.72 32.87
CA ASP C 86 -23.61 -8.61 31.76
C ASP C 86 -23.12 -7.79 30.59
N SER C 87 -21.88 -8.02 30.20
CA SER C 87 -21.32 -7.23 29.12
C SER C 87 -21.81 -7.69 27.74
N GLN C 88 -22.03 -8.99 27.54
CA GLN C 88 -22.60 -9.43 26.26
C GLN C 88 -24.01 -8.90 26.06
N LYS C 89 -24.82 -8.97 27.12
CA LYS C 89 -26.17 -8.43 27.04
C LYS C 89 -26.13 -6.93 26.77
N ALA C 90 -25.19 -6.22 27.40
CA ALA C 90 -25.08 -4.79 27.19
C ALA C 90 -24.55 -4.46 25.81
N TYR C 91 -23.55 -5.21 25.33
CA TYR C 91 -22.99 -4.93 24.02
C TYR C 91 -24.00 -5.15 22.89
N ASN C 92 -24.78 -6.24 22.97
CA ASN C 92 -25.82 -6.46 21.95
C ASN C 92 -26.84 -5.34 22.01
N ARG C 93 -27.30 -5.00 23.22
CA ARG C 93 -28.32 -3.97 23.33
C ARG C 93 -27.85 -2.68 22.70
N ALA C 94 -26.55 -2.38 22.81
CA ALA C 94 -26.02 -1.14 22.26
C ALA C 94 -25.96 -1.17 20.73
N LEU C 95 -25.56 -2.30 20.15
CA LEU C 95 -25.58 -2.37 18.69
C LEU C 95 -27.00 -2.43 18.18
N GLU C 96 -27.95 -2.93 18.97
CA GLU C 96 -29.32 -2.93 18.50
C GLU C 96 -29.86 -1.51 18.45
N LEU C 97 -29.50 -0.68 19.42
CA LEU C 97 -29.96 0.69 19.49
C LEU C 97 -29.14 1.64 18.59
N GLY C 98 -28.19 1.12 17.81
CA GLY C 98 -27.54 1.88 16.75
C GLY C 98 -26.10 2.33 17.00
N ALA C 99 -25.45 1.87 18.06
CA ALA C 99 -24.05 2.20 18.29
C ALA C 99 -23.16 1.50 17.25
N GLN C 100 -21.95 2.00 17.11
CA GLN C 100 -20.98 1.44 16.19
C GLN C 100 -19.86 0.75 16.96
N PRO C 101 -19.54 -0.49 16.64
CA PRO C 101 -18.46 -1.18 17.34
C PRO C 101 -17.11 -0.56 17.07
N ILE C 102 -16.19 -0.80 17.99
CA ILE C 102 -14.76 -0.63 17.79
C ILE C 102 -14.11 -1.97 18.05
N HIS C 103 -13.46 -2.53 17.05
CA HIS C 103 -12.75 -3.77 17.29
C HIS C 103 -11.38 -3.47 17.89
N ILE C 104 -11.13 -3.96 19.10
CA ILE C 104 -9.82 -3.85 19.74
C ILE C 104 -9.14 -5.21 19.66
N ASP C 105 -8.09 -5.28 18.83
CA ASP C 105 -7.30 -6.49 18.64
C ASP C 105 -6.81 -7.03 19.96
N THR C 106 -7.19 -8.27 20.28
CA THR C 106 -6.72 -8.96 21.46
C THR C 106 -5.84 -10.13 21.04
N GLY C 107 -4.86 -10.44 21.88
CA GLY C 107 -3.91 -11.47 21.56
C GLY C 107 -4.34 -12.85 22.03
N PRO C 108 -3.62 -13.88 21.57
CA PRO C 108 -3.90 -15.23 22.05
C PRO C 108 -3.74 -15.34 23.56
N MET C 109 -4.71 -16.02 24.18
CA MET C 109 -4.85 -16.18 25.62
C MET C 109 -5.27 -14.91 26.35
N GLU C 110 -5.77 -13.89 25.66
CA GLU C 110 -6.24 -12.66 26.28
C GLU C 110 -7.75 -12.53 26.16
N LEU C 111 -8.31 -11.55 26.88
CA LEU C 111 -9.75 -11.31 26.91
C LEU C 111 -10.20 -10.42 25.76
N ASN C 112 -11.26 -10.83 25.07
CA ASN C 112 -11.93 -9.97 24.09
C ASN C 112 -12.67 -8.88 24.85
N LEU C 113 -12.18 -7.64 24.75
CA LEU C 113 -12.83 -6.50 25.38
C LEU C 113 -13.75 -5.82 24.37
N PRO C 114 -15.04 -5.69 24.66
CA PRO C 114 -15.95 -5.06 23.70
C PRO C 114 -16.10 -3.55 23.92
N ALA C 115 -16.09 -2.80 22.81
CA ALA C 115 -16.25 -1.36 22.91
C ALA C 115 -17.05 -0.82 21.75
N ILE C 116 -17.74 0.30 21.98
CA ILE C 116 -18.41 1.04 20.92
C ILE C 116 -17.74 2.39 20.75
N LYS C 117 -18.01 3.02 19.60
CA LYS C 117 -17.42 4.32 19.32
C LYS C 117 -18.10 5.39 20.19
N GLY C 118 -17.30 6.04 21.06
CA GLY C 118 -17.78 7.14 21.87
C GLY C 118 -17.27 8.49 21.39
N ILE C 119 -17.29 9.46 22.30
CA ILE C 119 -16.92 10.82 21.93
C ILE C 119 -15.49 10.83 21.41
N GLY C 120 -15.27 11.54 20.29
CA GLY C 120 -13.97 11.62 19.65
C GLY C 120 -13.51 10.35 18.98
N GLY C 121 -14.41 9.36 18.81
CA GLY C 121 -13.99 8.04 18.42
C GLY C 121 -13.25 7.29 19.50
N ALA C 122 -13.30 7.78 20.75
CA ALA C 122 -12.75 7.01 21.85
C ALA C 122 -13.60 5.75 22.07
N PRO C 123 -12.96 4.61 22.29
CA PRO C 123 -13.69 3.40 22.68
C PRO C 123 -14.39 3.59 24.02
N LEU C 124 -15.66 3.22 24.05
CA LEU C 124 -16.42 3.06 25.29
C LEU C 124 -16.49 1.55 25.60
N TYR C 125 -15.63 1.08 26.51
CA TYR C 125 -15.60 -0.34 26.87
C TYR C 125 -16.73 -0.69 27.84
N LEU C 126 -17.22 -1.93 27.70
CA LEU C 126 -18.24 -2.49 28.59
C LEU C 126 -17.63 -3.72 29.26
N ILE C 127 -17.32 -3.59 30.54
CA ILE C 127 -16.52 -4.56 31.28
C ILE C 127 -17.39 -5.16 32.37
N ASP C 128 -17.51 -6.49 32.37
CA ASP C 128 -18.31 -7.19 33.37
C ASP C 128 -17.47 -8.04 34.31
N ARG C 129 -16.15 -7.95 34.23
CA ARG C 129 -15.23 -8.68 35.10
C ARG C 129 -14.51 -7.69 36.00
N PHE C 130 -14.51 -7.99 37.30
CA PHE C 130 -13.97 -7.08 38.31
C PHE C 130 -13.99 -7.76 39.67
N GLY C 131 -13.60 -7.02 40.70
CA GLY C 131 -13.40 -7.64 41.98
C GLY C 131 -12.02 -8.27 41.99
N GLU C 132 -11.38 -8.23 43.15
CA GLU C 132 -10.05 -8.79 43.28
C GLU C 132 -10.02 -10.27 42.89
N GLY C 133 -9.02 -10.64 42.09
CA GLY C 133 -8.86 -12.01 41.64
C GLY C 133 -9.72 -12.38 40.46
N SER C 134 -10.81 -11.65 40.23
CA SER C 134 -11.63 -11.81 39.05
C SER C 134 -11.42 -10.71 38.02
N SER C 135 -10.81 -9.59 38.41
CA SER C 135 -10.67 -8.39 37.59
C SER C 135 -9.99 -8.68 36.26
N ILE C 136 -10.16 -7.75 35.30
CA ILE C 136 -9.44 -7.89 34.05
C ILE C 136 -7.95 -7.65 34.24
N TYR C 137 -7.55 -7.00 35.33
CA TYR C 137 -6.12 -6.83 35.58
C TYR C 137 -5.51 -8.13 36.09
N ASP C 138 -6.23 -8.86 36.94
CA ASP C 138 -5.77 -10.18 37.34
C ASP C 138 -5.60 -11.11 36.14
N ILE C 139 -6.41 -10.92 35.10
CA ILE C 139 -6.42 -11.86 33.99
C ILE C 139 -5.38 -11.46 32.94
N ASP C 140 -5.48 -10.25 32.39
CA ASP C 140 -4.61 -9.85 31.30
C ASP C 140 -3.36 -9.10 31.74
N PHE C 141 -3.18 -8.84 33.04
CA PHE C 141 -2.10 -7.99 33.51
C PHE C 141 -1.21 -8.74 34.50
N VAL C 142 0.07 -8.44 34.48
CA VAL C 142 1.06 -9.02 35.37
C VAL C 142 1.55 -7.96 36.33
N TYR C 143 1.29 -8.15 37.62
CA TYR C 143 1.70 -7.15 38.60
C TYR C 143 3.21 -7.20 38.83
N LEU C 144 3.77 -6.02 39.09
CA LEU C 144 5.19 -5.91 39.37
C LEU C 144 5.56 -6.73 40.60
N GLU C 145 6.77 -7.28 40.58
CA GLU C 145 7.35 -8.06 41.67
C GLU C 145 7.20 -7.34 43.00
N GLY C 146 6.39 -7.92 43.90
CA GLY C 146 6.26 -7.43 45.26
C GLY C 146 5.61 -6.05 45.43
N VAL C 147 5.57 -5.26 44.35
CA VAL C 147 4.88 -3.97 44.37
C VAL C 147 3.48 -4.15 44.93
N GLU C 148 3.06 -3.18 45.75
CA GLU C 148 1.75 -3.24 46.37
C GLU C 148 0.67 -2.99 45.33
N ARG C 149 -0.34 -3.85 45.32
CA ARG C 149 -1.37 -3.83 44.29
C ARG C 149 -2.62 -3.05 44.69
N ASN C 150 -2.67 -2.48 45.90
CA ASN C 150 -3.78 -1.62 46.30
C ASN C 150 -3.27 -0.33 46.92
N PRO C 151 -2.48 0.44 46.18
CA PRO C 151 -1.92 1.67 46.73
C PRO C 151 -3.00 2.71 46.99
N VAL C 152 -2.73 3.56 47.97
CA VAL C 152 -3.70 4.55 48.40
C VAL C 152 -3.34 5.97 47.96
N GLY C 153 -2.05 6.27 47.73
CA GLY C 153 -1.58 7.50 47.16
C GLY C 153 -1.92 8.69 48.04
N ALA C 154 -2.24 9.82 47.39
CA ALA C 154 -2.67 11.03 48.08
C ALA C 154 -4.14 10.98 48.49
N GLY C 155 -4.76 9.81 48.45
CA GLY C 155 -6.09 9.63 48.98
C GLY C 155 -7.22 9.84 48.00
N LEU C 156 -6.94 9.77 46.70
CA LEU C 156 -8.02 9.76 45.72
C LEU C 156 -8.66 8.38 45.66
N LYS C 157 -9.99 8.37 45.61
CA LYS C 157 -10.78 7.15 45.78
C LYS C 157 -11.35 6.65 44.45
N VAL C 158 -12.39 7.29 43.90
CA VAL C 158 -12.95 6.91 42.60
C VAL C 158 -12.86 8.08 41.62
N ILE C 159 -13.08 7.75 40.35
CA ILE C 159 -13.41 8.81 39.38
C ILE C 159 -14.79 9.34 39.76
N ASP C 160 -14.87 10.64 39.94
CA ASP C 160 -16.16 11.25 40.19
C ASP C 160 -16.89 11.55 38.88
N HIS C 161 -16.23 12.26 37.96
CA HIS C 161 -16.79 12.56 36.65
C HIS C 161 -15.68 12.82 35.63
N LEU C 162 -16.06 12.70 34.36
CA LEU C 162 -15.28 13.10 33.19
C LEU C 162 -16.17 14.06 32.43
N THR C 163 -15.73 15.29 32.26
CA THR C 163 -16.52 16.21 31.46
C THR C 163 -15.87 16.33 30.10
N HIS C 164 -16.71 16.27 29.08
CA HIS C 164 -16.28 16.42 27.70
C HIS C 164 -16.63 17.80 27.16
N ASN C 165 -15.76 18.29 26.28
CA ASN C 165 -16.07 19.44 25.43
C ASN C 165 -16.45 18.94 24.04
N VAL C 166 -17.47 19.56 23.46
CA VAL C 166 -18.00 19.11 22.17
C VAL C 166 -18.34 20.35 21.35
N TYR C 167 -18.30 20.20 20.04
CA TYR C 167 -18.56 21.32 19.14
C TYR C 167 -19.98 21.84 19.30
N ARG C 168 -20.13 23.15 19.13
CA ARG C 168 -21.43 23.80 19.30
C ARG C 168 -22.51 23.06 18.53
N GLY C 169 -23.66 22.92 19.17
CA GLY C 169 -24.73 22.03 18.71
C GLY C 169 -24.68 20.59 19.23
N ARG C 170 -23.50 20.00 19.27
CA ARG C 170 -23.33 18.57 19.57
C ARG C 170 -23.61 18.21 21.01
N MET C 171 -24.00 19.14 21.86
CA MET C 171 -24.29 18.76 23.24
C MET C 171 -25.55 17.92 23.31
N VAL C 172 -26.59 18.33 22.56
CA VAL C 172 -27.82 17.56 22.47
C VAL C 172 -27.55 16.19 21.81
N TYR C 173 -26.69 16.17 20.79
CA TYR C 173 -26.33 14.91 20.15
C TYR C 173 -25.82 13.89 21.16
N TRP C 174 -24.79 14.26 21.92
CA TRP C 174 -24.19 13.34 22.87
C TRP C 174 -25.07 13.09 24.07
N ALA C 175 -25.86 14.08 24.48
CA ALA C 175 -26.83 13.81 25.53
C ALA C 175 -27.78 12.71 25.10
N ASN C 176 -28.17 12.70 23.82
CA ASN C 176 -29.13 11.72 23.36
C ASN C 176 -28.49 10.35 23.18
N PHE C 177 -27.22 10.33 22.77
CA PHE C 177 -26.43 9.11 22.76
C PHE C 177 -26.44 8.42 24.12
N TYR C 178 -26.10 9.15 25.19
CA TYR C 178 -26.10 8.52 26.50
C TYR C 178 -27.51 8.24 27.01
N GLU C 179 -28.50 9.05 26.61
CA GLU C 179 -29.87 8.76 26.97
C GLU C 179 -30.39 7.51 26.25
N LYS C 180 -30.22 7.46 24.91
CA LYS C 180 -30.72 6.33 24.12
C LYS C 180 -30.13 5.01 24.59
N LEU C 181 -28.81 4.96 24.75
CA LEU C 181 -28.13 3.68 24.93
C LEU C 181 -27.99 3.29 26.39
N PHE C 182 -27.72 4.24 27.29
CA PHE C 182 -27.50 3.87 28.67
C PHE C 182 -28.54 4.44 29.63
N ASN C 183 -29.54 5.13 29.11
CA ASN C 183 -30.56 5.74 29.96
C ASN C 183 -29.96 6.73 30.93
N PHE C 184 -29.00 7.53 30.47
CA PHE C 184 -28.55 8.68 31.23
C PHE C 184 -29.68 9.69 31.27
N ARG C 185 -29.61 10.61 32.25
CA ARG C 185 -30.53 11.75 32.28
C ARG C 185 -29.75 12.99 32.67
N GLU C 186 -30.22 14.13 32.16
CA GLU C 186 -29.71 15.44 32.55
C GLU C 186 -30.13 15.74 33.99
N ALA C 187 -29.17 15.77 34.91
CA ALA C 187 -29.44 16.09 36.30
C ALA C 187 -29.33 17.58 36.58
N ARG C 188 -28.48 18.28 35.84
CA ARG C 188 -28.31 19.72 35.99
C ARG C 188 -28.18 20.35 34.62
N TYR C 189 -28.29 21.68 34.60
CA TYR C 189 -28.05 22.52 33.43
C TYR C 189 -27.47 23.84 33.92
N PHE C 190 -26.50 24.38 33.16
CA PHE C 190 -25.80 25.60 33.54
C PHE C 190 -25.68 26.53 32.34
N ASP C 191 -25.67 27.84 32.62
CA ASP C 191 -25.50 28.88 31.60
C ASP C 191 -24.62 29.99 32.15
N ILE C 192 -23.43 30.15 31.57
CA ILE C 192 -22.43 31.13 32.04
C ILE C 192 -22.69 32.50 31.42
N THR C 200 -22.36 26.97 28.94
CA THR C 200 -23.37 26.02 28.44
C THR C 200 -23.05 24.54 28.72
N SER C 201 -23.75 23.91 29.65
CA SER C 201 -23.35 22.56 30.03
C SER C 201 -24.52 21.72 30.50
N LYS C 202 -24.63 20.52 29.94
CA LYS C 202 -25.56 19.49 30.39
C LYS C 202 -24.81 18.48 31.25
N ALA C 203 -25.31 18.24 32.47
CA ALA C 203 -24.69 17.32 33.43
C ALA C 203 -25.39 15.96 33.34
N MET C 204 -24.86 15.09 32.48
CA MET C 204 -25.43 13.77 32.23
C MET C 204 -25.03 12.78 33.33
N SER C 205 -26.01 12.25 34.05
CA SER C 205 -25.76 11.25 35.07
C SER C 205 -26.33 9.89 34.66
N ALA C 206 -25.71 8.84 35.18
CA ALA C 206 -26.07 7.47 34.85
C ALA C 206 -27.06 6.92 35.87
N PRO C 207 -27.84 5.91 35.48
CA PRO C 207 -28.80 5.33 36.43
C PRO C 207 -28.16 4.72 37.66
N ASP C 208 -26.84 4.75 37.79
CA ASP C 208 -26.18 4.19 38.96
C ASP C 208 -25.74 5.24 39.96
N GLY C 209 -25.89 6.53 39.64
CA GLY C 209 -25.45 7.59 40.54
C GLY C 209 -23.94 7.65 40.73
N MET C 210 -23.20 7.15 39.81
CA MET C 210 -21.76 7.16 39.94
C MET C 210 -21.10 7.68 38.68
N ILE C 211 -21.61 7.29 37.52
CA ILE C 211 -21.01 7.72 36.26
C ILE C 211 -21.61 9.07 35.90
N ARG C 212 -20.79 10.12 36.01
CA ARG C 212 -21.17 11.44 35.57
C ARG C 212 -20.32 11.82 34.38
N ILE C 213 -20.96 12.29 33.31
CA ILE C 213 -20.29 12.82 32.14
C ILE C 213 -20.95 14.14 31.77
N PRO C 214 -20.46 15.25 32.30
CA PRO C 214 -20.94 16.56 31.85
C PRO C 214 -20.42 16.91 30.45
N LEU C 215 -21.29 17.53 29.66
CA LEU C 215 -20.99 17.92 28.29
C LEU C 215 -20.99 19.44 28.17
N ASN C 216 -19.90 20.01 27.62
CA ASN C 216 -19.78 21.46 27.46
C ASN C 216 -19.73 21.84 25.99
N GLU C 217 -20.51 22.86 25.61
CA GLU C 217 -20.28 23.54 24.34
C GLU C 217 -20.13 25.04 24.60
N GLU C 218 -19.36 25.70 23.73
CA GLU C 218 -19.09 27.13 23.89
C GLU C 218 -20.37 27.97 23.76
N GLY C 222 -18.97 32.68 21.59
CA GLY C 222 -17.73 32.01 21.24
C GLY C 222 -16.51 32.69 21.84
N ALA C 223 -15.34 32.40 21.25
CA ALA C 223 -14.07 33.03 21.61
C ALA C 223 -13.70 32.77 23.08
N GLY C 224 -13.77 31.49 23.47
CA GLY C 224 -13.65 31.17 24.89
C GLY C 224 -12.76 30.00 25.26
N GLN C 225 -12.95 29.50 26.49
CA GLN C 225 -12.15 28.42 27.04
C GLN C 225 -12.44 27.08 26.37
N ILE C 226 -13.67 26.89 25.87
CA ILE C 226 -14.06 25.63 25.23
C ILE C 226 -13.61 25.61 23.77
N GLU C 227 -13.78 26.74 23.07
CA GLU C 227 -13.38 26.83 21.67
C GLU C 227 -11.86 26.66 21.52
N GLU C 228 -11.07 26.99 22.55
CA GLU C 228 -9.64 26.77 22.43
C GLU C 228 -9.27 25.34 22.79
N PHE C 229 -10.01 24.71 23.71
CA PHE C 229 -9.81 23.29 23.93
C PHE C 229 -10.02 22.49 22.65
N LEU C 230 -11.13 22.77 21.94
CA LEU C 230 -11.46 22.03 20.72
C LEU C 230 -10.46 22.27 19.60
N MET C 231 -9.74 23.39 19.61
CA MET C 231 -8.65 23.61 18.65
C MET C 231 -7.42 22.81 19.04
N GLN C 232 -6.95 22.97 20.28
CA GLN C 232 -5.74 22.29 20.72
C GLN C 232 -5.92 20.77 20.73
N PHE C 233 -7.11 20.29 21.08
CA PHE C 233 -7.34 18.85 21.09
C PHE C 233 -7.59 18.29 19.72
N ASN C 234 -7.94 19.14 18.76
CA ASN C 234 -8.26 18.70 17.41
C ASN C 234 -9.45 17.73 17.44
N GLY C 235 -10.59 18.26 17.92
CA GLY C 235 -11.86 17.57 17.97
C GLY C 235 -12.45 17.62 19.37
N GLU C 236 -13.49 16.82 19.56
CA GLU C 236 -14.19 16.68 20.83
C GLU C 236 -13.48 15.69 21.74
N GLY C 237 -13.52 15.97 23.04
CA GLY C 237 -12.75 15.13 23.95
C GLY C 237 -13.09 15.39 25.41
N ILE C 238 -12.46 14.59 26.27
CA ILE C 238 -12.53 14.80 27.71
C ILE C 238 -11.73 16.04 28.07
N GLN C 239 -12.41 17.04 28.61
CA GLN C 239 -11.71 18.25 29.02
C GLN C 239 -11.00 18.06 30.35
N HIS C 240 -11.70 17.60 31.37
CA HIS C 240 -11.02 17.33 32.62
C HIS C 240 -11.58 16.07 33.25
N VAL C 241 -10.69 15.31 33.89
CA VAL C 241 -11.04 14.18 34.73
C VAL C 241 -11.05 14.67 36.17
N ALA C 242 -12.11 14.36 36.91
CA ALA C 242 -12.20 14.73 38.32
C ALA C 242 -12.04 13.48 39.19
N PHE C 243 -11.20 13.59 40.23
CA PHE C 243 -10.99 12.53 41.20
C PHE C 243 -11.58 12.93 42.54
N LEU C 244 -12.28 11.99 43.16
CA LEU C 244 -12.91 12.19 44.45
C LEU C 244 -11.98 11.73 45.58
N THR C 245 -12.14 12.39 46.74
CA THR C 245 -11.28 12.18 47.91
C THR C 245 -12.11 12.47 49.15
N ASP C 246 -11.82 11.74 50.22
CA ASP C 246 -12.52 11.93 51.48
C ASP C 246 -12.08 13.19 52.22
N ASP C 247 -10.95 13.82 51.81
CA ASP C 247 -10.40 14.98 52.50
C ASP C 247 -9.47 15.72 51.54
N LEU C 248 -9.97 16.79 50.92
CA LEU C 248 -9.19 17.47 49.89
C LEU C 248 -7.99 18.22 50.50
N VAL C 249 -8.16 18.78 51.69
CA VAL C 249 -7.05 19.39 52.40
C VAL C 249 -5.90 18.40 52.53
N LYS C 250 -6.15 17.28 53.21
CA LYS C 250 -5.14 16.24 53.36
C LYS C 250 -4.67 15.73 52.00
N THR C 251 -5.58 15.63 51.01
CA THR C 251 -5.15 15.26 49.67
C THR C 251 -4.26 16.34 49.06
N TRP C 252 -4.59 17.61 49.31
CA TRP C 252 -3.78 18.70 48.78
C TRP C 252 -2.37 18.72 49.36
N ASP C 253 -2.23 18.49 50.67
CA ASP C 253 -0.90 18.36 51.23
C ASP C 253 -0.13 17.22 50.57
N ALA C 254 -0.75 16.03 50.54
CA ALA C 254 -0.10 14.85 49.98
C ALA C 254 0.19 15.04 48.50
N LEU C 255 -0.70 15.73 47.80
CA LEU C 255 -0.45 16.03 46.40
C LEU C 255 0.68 17.04 46.24
N LYS C 256 0.69 18.07 47.08
CA LYS C 256 1.71 19.10 46.93
C LYS C 256 3.10 18.55 47.23
N LYS C 257 3.17 17.55 48.12
CA LYS C 257 4.47 17.02 48.52
C LYS C 257 5.12 16.25 47.39
N ILE C 258 4.34 15.68 46.47
CA ILE C 258 4.89 14.84 45.40
C ILE C 258 4.90 15.56 44.06
N GLY C 259 4.94 16.88 44.10
CA GLY C 259 5.21 17.66 42.90
C GLY C 259 4.02 18.13 42.12
N MET C 260 2.80 18.02 42.68
CA MET C 260 1.60 18.39 41.93
C MET C 260 1.48 19.91 41.83
N ARG C 261 1.04 20.38 40.66
CA ARG C 261 0.95 21.78 40.32
C ARG C 261 -0.51 22.16 40.15
N PHE C 262 -1.00 23.07 41.00
CA PHE C 262 -2.37 23.54 40.90
C PHE C 262 -2.46 24.83 40.11
N MET C 263 -3.68 25.17 39.71
CA MET C 263 -3.97 26.48 39.16
C MET C 263 -3.91 27.52 40.27
N THR C 264 -3.57 28.76 39.92
CA THR C 264 -3.25 29.71 40.98
C THR C 264 -4.50 30.12 41.76
N ALA C 265 -4.31 30.34 43.06
CA ALA C 265 -5.41 30.59 43.97
C ALA C 265 -6.20 31.84 43.58
N PRO C 266 -7.48 31.90 43.94
CA PRO C 266 -8.25 33.12 43.75
C PRO C 266 -7.63 34.26 44.52
N PRO C 267 -8.12 35.49 44.37
CA PRO C 267 -7.68 36.58 45.23
C PRO C 267 -8.17 36.38 46.66
N ASP C 268 -7.53 37.11 47.58
CA ASP C 268 -7.99 37.11 48.98
C ASP C 268 -9.45 37.53 49.07
N THR C 269 -9.89 38.46 48.20
CA THR C 269 -11.28 38.90 48.21
C THR C 269 -12.25 37.74 48.00
N TYR C 270 -11.84 36.71 47.26
CA TYR C 270 -12.70 35.53 47.06
C TYR C 270 -13.06 34.87 48.37
N TYR C 271 -12.07 34.70 49.25
CA TYR C 271 -12.32 34.02 50.52
C TYR C 271 -13.05 34.90 51.53
N GLU C 272 -12.89 36.23 51.44
CA GLU C 272 -13.66 37.10 52.33
C GLU C 272 -15.16 37.06 52.03
N MET C 273 -15.56 36.64 50.82
CA MET C 273 -16.96 36.71 50.42
C MET C 273 -17.71 35.43 50.71
N LEU C 274 -17.08 34.44 51.36
CA LEU C 274 -17.71 33.14 51.51
C LEU C 274 -18.80 33.15 52.57
N GLU C 275 -18.68 33.95 53.62
CA GLU C 275 -19.74 33.91 54.63
C GLU C 275 -21.00 34.64 54.19
N GLY C 276 -20.93 35.41 53.11
CA GLY C 276 -22.14 35.96 52.53
C GLY C 276 -22.70 35.08 51.44
N ARG C 277 -21.83 34.46 50.65
CA ARG C 277 -22.32 33.64 49.56
C ARG C 277 -22.90 32.34 50.07
N LEU C 278 -22.27 31.73 51.08
CA LEU C 278 -22.71 30.45 51.64
C LEU C 278 -22.64 30.52 53.15
N PRO C 279 -23.60 31.21 53.77
CA PRO C 279 -23.52 31.46 55.22
C PRO C 279 -23.51 30.19 56.06
N ASP C 280 -22.64 30.21 57.07
CA ASP C 280 -22.52 29.13 58.07
C ASP C 280 -22.15 27.80 57.43
N HIS C 281 -21.29 27.84 56.41
CA HIS C 281 -20.81 26.63 55.75
C HIS C 281 -19.95 25.79 56.67
N GLY C 282 -19.29 26.40 57.64
CA GLY C 282 -18.50 25.68 58.63
C GLY C 282 -17.10 25.32 58.21
N GLU C 283 -16.73 25.56 56.95
CA GLU C 283 -15.41 25.17 56.48
C GLU C 283 -14.35 26.11 57.06
N PRO C 284 -13.21 25.58 57.47
CA PRO C 284 -12.15 26.44 58.02
C PRO C 284 -11.49 27.29 56.96
N VAL C 285 -12.00 28.50 56.72
CA VAL C 285 -11.69 29.25 55.52
C VAL C 285 -10.19 29.41 55.33
N ASP C 286 -9.46 29.58 56.42
CA ASP C 286 -8.03 29.86 56.32
C ASP C 286 -7.27 28.67 55.75
N GLN C 287 -7.73 27.45 56.03
CA GLN C 287 -7.12 26.27 55.45
C GLN C 287 -7.38 26.19 53.95
N LEU C 288 -8.60 26.56 53.54
CA LEU C 288 -8.92 26.65 52.11
C LEU C 288 -8.17 27.79 51.46
N GLN C 289 -8.06 28.91 52.16
CA GLN C 289 -7.40 30.06 51.55
C GLN C 289 -5.90 29.82 51.43
N ALA C 290 -5.32 29.07 52.36
CA ALA C 290 -3.90 28.69 52.36
C ALA C 290 -3.52 27.76 51.21
N ARG C 291 -4.48 27.30 50.42
CA ARG C 291 -4.25 26.25 49.44
C ARG C 291 -4.84 26.56 48.07
N GLY C 292 -5.71 27.55 47.98
CA GLY C 292 -6.39 27.82 46.74
C GLY C 292 -7.64 27.01 46.53
N ILE C 293 -8.07 26.22 47.52
CA ILE C 293 -9.26 25.38 47.36
C ILE C 293 -10.52 26.25 47.31
N LEU C 294 -11.40 25.95 46.36
CA LEU C 294 -12.65 26.65 46.13
C LEU C 294 -13.76 25.94 46.87
N LEU C 295 -14.87 26.65 47.08
CA LEU C 295 -15.97 26.10 47.84
C LEU C 295 -17.28 26.45 47.12
N ASP C 296 -18.23 25.51 47.16
CA ASP C 296 -19.54 25.80 46.59
C ASP C 296 -20.58 24.89 47.22
N GLY C 297 -21.84 25.25 47.01
CA GLY C 297 -22.96 24.56 47.59
C GLY C 297 -24.10 25.54 47.83
N SER C 298 -24.99 25.15 48.74
CA SER C 298 -26.08 26.04 49.14
C SER C 298 -26.32 25.88 50.63
N SER C 299 -26.51 27.02 51.30
CA SER C 299 -26.69 27.07 52.75
C SER C 299 -28.02 27.76 53.10
N VAL C 300 -28.95 26.97 53.65
CA VAL C 300 -30.26 27.47 54.09
C VAL C 300 -30.98 26.41 54.94
N GLU C 301 -31.62 26.86 56.02
CA GLU C 301 -32.46 26.00 56.87
C GLU C 301 -31.71 24.78 57.41
N GLY C 302 -30.53 25.03 57.99
CA GLY C 302 -29.78 23.96 58.66
C GLY C 302 -29.47 22.78 57.77
N ASP C 303 -29.13 23.05 56.50
CA ASP C 303 -28.95 22.01 55.47
C ASP C 303 -27.73 22.39 54.63
N LYS C 304 -26.55 22.12 55.19
CA LYS C 304 -25.30 22.34 54.47
C LYS C 304 -25.09 21.19 53.49
N ARG C 305 -25.20 21.49 52.21
CA ARG C 305 -24.71 20.62 51.14
C ARG C 305 -23.59 21.39 50.44
N LEU C 306 -22.37 20.93 50.62
CA LEU C 306 -21.23 21.69 50.16
C LEU C 306 -20.38 20.83 49.24
N LEU C 307 -19.35 21.48 48.70
CA LEU C 307 -18.52 20.89 47.67
C LEU C 307 -17.22 21.67 47.63
N LEU C 308 -16.10 20.97 47.81
CA LEU C 308 -14.78 21.55 47.76
C LEU C 308 -14.03 20.98 46.56
N GLN C 309 -13.30 21.85 45.85
CA GLN C 309 -12.66 21.43 44.61
C GLN C 309 -11.45 22.32 44.33
N ILE C 310 -10.47 21.75 43.63
CA ILE C 310 -9.33 22.49 43.12
C ILE C 310 -8.88 21.84 41.81
N PHE C 311 -8.35 22.66 40.90
CA PHE C 311 -7.98 22.25 39.55
C PHE C 311 -6.49 22.32 39.36
N SER C 312 -5.91 21.27 38.77
CA SER C 312 -4.55 21.37 38.29
C SER C 312 -4.44 22.39 37.15
N GLU C 313 -3.22 22.67 36.74
CA GLU C 313 -3.01 23.33 35.45
C GLU C 313 -3.36 22.34 34.35
N THR C 314 -3.21 22.76 33.10
CA THR C 314 -3.26 21.79 32.01
C THR C 314 -2.00 20.94 32.03
N LEU C 315 -2.18 19.62 32.00
CA LEU C 315 -1.08 18.69 32.18
C LEU C 315 -0.81 17.81 30.97
N MET C 316 -1.82 17.46 30.18
CA MET C 316 -1.64 16.71 28.94
C MET C 316 -2.31 17.52 27.84
N GLY C 317 -1.52 18.31 27.11
CA GLY C 317 -2.10 19.26 26.21
C GLY C 317 -3.11 20.10 26.98
N PRO C 318 -4.33 20.19 26.46
CA PRO C 318 -5.37 21.01 27.09
C PRO C 318 -6.23 20.29 28.12
N VAL C 319 -5.85 19.06 28.51
CA VAL C 319 -6.58 18.26 29.49
C VAL C 319 -6.04 18.60 30.88
N PHE C 320 -6.95 18.87 31.82
CA PHE C 320 -6.55 19.15 33.19
C PHE C 320 -7.35 18.25 34.11
N PHE C 321 -7.08 18.38 35.41
CA PHE C 321 -7.63 17.44 36.38
C PHE C 321 -8.22 18.20 37.55
N GLU C 322 -9.20 17.57 38.19
CA GLU C 322 -9.95 18.16 39.28
C GLU C 322 -9.93 17.22 40.47
N PHE C 323 -9.79 17.80 41.64
CA PHE C 323 -9.78 17.03 42.89
C PHE C 323 -10.89 17.62 43.72
N ILE C 324 -11.89 16.80 44.03
CA ILE C 324 -13.14 17.28 44.59
C ILE C 324 -13.49 16.45 45.82
N GLN C 325 -14.14 17.09 46.79
CA GLN C 325 -14.69 16.39 47.93
C GLN C 325 -16.09 16.92 48.17
N ARG C 326 -17.04 15.99 48.31
CA ARG C 326 -18.45 16.31 48.39
C ARG C 326 -18.92 16.16 49.83
N LYS C 327 -19.59 17.21 50.34
CA LYS C 327 -20.29 17.18 51.62
C LYS C 327 -21.76 17.54 51.40
N GLY C 328 -22.44 16.81 50.51
CA GLY C 328 -23.87 16.92 50.32
C GLY C 328 -24.28 17.52 48.97
N ASP C 329 -23.46 18.39 48.38
CA ASP C 329 -23.81 19.00 47.10
C ASP C 329 -23.55 18.03 45.95
N ASP C 330 -24.54 17.90 45.05
CA ASP C 330 -24.41 17.03 43.90
C ASP C 330 -24.07 17.76 42.62
N GLY C 331 -23.53 18.97 42.71
CA GLY C 331 -23.18 19.77 41.56
C GLY C 331 -21.70 19.75 41.24
N PHE C 332 -21.26 20.76 40.48
CA PHE C 332 -19.91 20.73 39.92
C PHE C 332 -19.09 21.98 40.19
N GLY C 333 -19.51 22.82 41.14
CA GLY C 333 -18.80 24.05 41.43
C GLY C 333 -19.14 25.21 40.52
N GLU C 334 -20.24 25.12 39.78
CA GLU C 334 -20.60 26.14 38.80
C GLU C 334 -20.70 27.52 39.44
N GLY C 335 -21.05 27.60 40.73
CA GLY C 335 -21.14 28.89 41.40
C GLY C 335 -19.82 29.63 41.44
N ASN C 336 -18.72 28.88 41.47
CA ASN C 336 -17.38 29.46 41.45
C ASN C 336 -17.11 30.27 40.19
N PHE C 337 -17.92 30.14 39.15
CA PHE C 337 -17.69 30.93 37.95
C PHE C 337 -18.03 32.39 38.18
N LYS C 338 -19.26 32.66 38.59
CA LYS C 338 -19.65 34.00 38.99
C LYS C 338 -18.88 34.44 40.22
N ALA C 339 -18.63 33.51 41.14
CA ALA C 339 -17.99 33.84 42.40
C ALA C 339 -16.56 34.35 42.18
N LEU C 340 -15.85 33.77 41.22
CA LEU C 340 -14.51 34.26 40.98
C LEU C 340 -14.51 35.55 40.17
N PHE C 341 -15.52 35.77 39.33
CA PHE C 341 -15.59 37.03 38.61
C PHE C 341 -15.77 38.20 39.57
N GLU C 342 -16.74 38.11 40.49
CA GLU C 342 -16.91 39.14 41.51
C GLU C 342 -15.68 39.26 42.40
N SER C 343 -14.95 38.17 42.58
CA SER C 343 -13.72 38.21 43.37
C SER C 343 -12.63 38.99 42.64
N ILE C 344 -12.36 38.65 41.38
CA ILE C 344 -11.42 39.44 40.61
C ILE C 344 -11.89 40.89 40.52
N GLU C 345 -13.19 41.13 40.68
CA GLU C 345 -13.74 42.49 40.57
C GLU C 345 -13.40 43.32 41.80
N ARG C 346 -13.83 42.87 42.99
CA ARG C 346 -13.53 43.64 44.20
C ARG C 346 -12.04 43.86 44.37
N ASP C 347 -11.21 42.96 43.83
CA ASP C 347 -9.76 43.08 44.00
C ASP C 347 -9.14 44.04 42.98
N GLN C 348 -9.56 43.99 41.72
CA GLN C 348 -9.07 44.97 40.75
C GLN C 348 -9.56 46.38 41.11
N VAL C 349 -10.76 46.48 41.70
CA VAL C 349 -11.24 47.73 42.26
C VAL C 349 -10.33 48.21 43.38
N ARG C 350 -9.91 47.29 44.27
CA ARG C 350 -9.07 47.66 45.41
C ARG C 350 -7.65 48.06 45.00
N ARG C 351 -7.22 47.80 43.76
CA ARG C 351 -5.87 48.14 43.32
C ARG C 351 -5.83 49.26 42.29
N GLY C 352 -6.96 49.84 41.89
CA GLY C 352 -6.99 50.69 40.71
C GLY C 352 -7.07 49.88 39.42
N ASP D 2 22.48 -12.59 5.34
CA ASP D 2 23.26 -12.50 4.11
C ASP D 2 23.55 -11.06 3.73
N LEU D 3 24.52 -10.46 4.42
CA LEU D 3 24.92 -9.09 4.15
C LEU D 3 25.82 -8.98 2.92
N TYR D 4 26.94 -9.73 2.92
CA TYR D 4 27.87 -9.83 1.80
C TYR D 4 28.10 -11.31 1.50
N GLU D 5 28.99 -11.59 0.54
CA GLU D 5 29.24 -12.98 0.17
C GLU D 5 30.04 -13.68 1.27
N ASN D 6 29.71 -14.96 1.47
CA ASN D 6 30.03 -15.69 2.69
C ASN D 6 30.78 -16.97 2.33
N PRO D 7 32.01 -16.83 1.81
CA PRO D 7 32.76 -18.03 1.35
C PRO D 7 32.91 -19.11 2.41
N MET D 8 33.33 -18.75 3.62
CA MET D 8 33.42 -19.67 4.75
C MET D 8 32.06 -20.22 5.18
N GLY D 9 30.95 -19.72 4.64
CA GLY D 9 29.63 -20.19 5.01
C GLY D 9 29.34 -20.08 6.50
N LEU D 10 29.62 -18.91 7.07
CA LEU D 10 29.48 -18.67 8.50
C LEU D 10 28.02 -18.61 8.90
N MET D 11 27.72 -19.11 10.09
CA MET D 11 26.37 -19.04 10.65
C MET D 11 26.38 -18.76 12.15
N GLY D 12 27.01 -17.65 12.57
CA GLY D 12 26.98 -17.21 13.95
C GLY D 12 28.11 -17.76 14.83
N PHE D 13 28.11 -17.33 16.09
CA PHE D 13 28.98 -17.94 17.10
C PHE D 13 28.47 -19.33 17.47
N GLU D 14 29.40 -20.28 17.62
CA GLU D 14 29.02 -21.55 18.23
C GLU D 14 29.32 -21.60 19.72
N PHE D 15 30.53 -21.22 20.11
CA PHE D 15 30.86 -21.20 21.53
C PHE D 15 32.11 -20.38 21.78
N ILE D 16 32.28 -20.02 23.06
CA ILE D 16 33.44 -19.36 23.63
C ILE D 16 34.05 -20.28 24.69
N GLU D 17 35.37 -20.34 24.74
CA GLU D 17 36.09 -21.26 25.64
C GLU D 17 36.89 -20.47 26.67
N PHE D 18 36.73 -20.82 27.94
CA PHE D 18 37.43 -20.20 29.05
C PHE D 18 38.43 -21.16 29.70
N ALA D 19 39.55 -20.62 30.16
CA ALA D 19 40.53 -21.35 30.94
C ALA D 19 41.14 -20.42 31.98
N SER D 20 41.62 -20.99 33.07
CA SER D 20 42.28 -20.20 34.10
C SER D 20 43.45 -20.92 34.75
N PRO D 21 44.55 -20.20 35.05
CA PRO D 21 45.66 -20.82 35.80
C PRO D 21 45.37 -21.07 37.26
N THR D 22 44.38 -20.41 37.84
CA THR D 22 43.88 -20.71 39.18
C THR D 22 42.51 -21.36 39.06
N PRO D 23 42.25 -22.45 39.77
CA PRO D 23 40.91 -23.04 39.72
C PRO D 23 39.94 -22.29 40.64
N GLY D 24 38.66 -22.57 40.45
CA GLY D 24 37.66 -21.87 41.22
C GLY D 24 37.51 -20.41 40.88
N THR D 25 38.14 -19.92 39.81
CA THR D 25 37.96 -18.50 39.46
C THR D 25 36.86 -18.29 38.43
N LEU D 26 36.68 -19.23 37.50
CA LEU D 26 35.70 -19.06 36.41
C LEU D 26 34.32 -19.64 36.71
N GLU D 27 34.25 -20.77 37.43
CA GLU D 27 32.98 -21.35 37.86
C GLU D 27 32.06 -20.32 38.56
N PRO D 28 32.51 -19.64 39.62
CA PRO D 28 31.58 -18.73 40.32
C PRO D 28 31.25 -17.48 39.51
N ILE D 29 32.08 -17.11 38.55
CA ILE D 29 31.76 -16.03 37.63
C ILE D 29 30.62 -16.45 36.71
N PHE D 30 30.69 -17.65 36.16
CA PHE D 30 29.61 -18.14 35.31
C PHE D 30 28.28 -18.11 36.05
N GLU D 31 28.26 -18.54 37.31
CA GLU D 31 27.01 -18.63 38.05
C GLU D 31 26.33 -17.27 38.19
N ILE D 32 27.10 -16.22 38.46
CA ILE D 32 26.45 -14.93 38.72
C ILE D 32 25.92 -14.28 37.44
N MET D 33 26.48 -14.63 36.28
CA MET D 33 25.93 -14.25 34.99
C MET D 33 24.84 -15.21 34.49
N GLY D 34 24.23 -15.98 35.37
CA GLY D 34 23.06 -16.74 34.99
C GLY D 34 23.33 -17.95 34.12
N PHE D 35 24.57 -18.40 34.04
CA PHE D 35 24.91 -19.61 33.31
C PHE D 35 24.81 -20.80 34.25
N THR D 36 24.44 -21.95 33.69
CA THR D 36 24.29 -23.20 34.43
C THR D 36 25.25 -24.25 33.89
N LYS D 37 25.89 -25.02 34.79
CA LYS D 37 26.63 -26.20 34.33
C LYS D 37 25.64 -27.26 33.87
N VAL D 38 25.87 -27.83 32.70
CA VAL D 38 24.79 -28.59 32.07
C VAL D 38 25.34 -29.87 31.42
N ALA D 39 26.67 -29.97 31.30
CA ALA D 39 27.24 -31.21 30.78
C ALA D 39 28.72 -31.24 31.12
N THR D 40 29.32 -32.42 30.93
CA THR D 40 30.75 -32.62 31.08
C THR D 40 31.25 -33.44 29.91
N HIS D 41 32.55 -33.34 29.64
CA HIS D 41 33.17 -34.07 28.55
C HIS D 41 33.17 -35.56 28.83
N ARG D 42 33.33 -36.35 27.77
CA ARG D 42 33.38 -37.80 27.93
C ARG D 42 34.67 -38.23 28.64
N SER D 43 35.80 -37.62 28.29
CA SER D 43 37.07 -38.01 28.90
C SER D 43 37.81 -36.84 29.55
N LYS D 44 37.68 -35.63 28.99
CA LYS D 44 38.44 -34.47 29.44
C LYS D 44 37.75 -33.72 30.59
N ASN D 45 38.56 -33.03 31.40
CA ASN D 45 38.08 -32.20 32.51
C ASN D 45 37.56 -30.86 31.99
N VAL D 46 36.63 -30.93 31.04
CA VAL D 46 36.07 -29.73 30.42
C VAL D 46 34.55 -29.82 30.47
N HIS D 47 33.90 -28.68 30.60
CA HIS D 47 32.51 -28.61 31.03
C HIS D 47 31.75 -27.59 30.18
N LEU D 48 30.42 -27.77 30.14
CA LEU D 48 29.55 -26.93 29.33
C LEU D 48 28.65 -26.14 30.27
N TYR D 49 28.80 -24.82 30.26
CA TYR D 49 27.85 -23.94 30.89
C TYR D 49 26.93 -23.33 29.84
N ARG D 50 25.64 -23.19 30.18
CA ARG D 50 24.62 -22.81 29.21
C ARG D 50 23.66 -21.76 29.75
N GLN D 51 23.08 -20.99 28.82
CA GLN D 51 22.02 -20.03 29.05
C GLN D 51 21.55 -19.55 27.69
N GLY D 52 20.23 -19.55 27.47
CA GLY D 52 19.68 -19.37 26.13
C GLY D 52 20.45 -20.17 25.10
N GLU D 53 20.77 -19.53 23.98
CA GLU D 53 21.56 -20.14 22.93
C GLU D 53 23.08 -20.01 23.12
N ILE D 54 23.57 -19.46 24.25
CA ILE D 54 25.01 -19.24 24.44
C ILE D 54 25.66 -20.48 25.05
N ASN D 55 26.69 -20.99 24.40
CA ASN D 55 27.48 -22.09 24.95
C ASN D 55 28.83 -21.58 25.43
N LEU D 56 29.15 -21.84 26.69
CA LEU D 56 30.44 -21.52 27.27
C LEU D 56 31.13 -22.81 27.74
N ILE D 57 32.36 -23.05 27.28
CA ILE D 57 33.13 -24.24 27.63
C ILE D 57 34.24 -23.84 28.59
N LEU D 58 34.26 -24.49 29.76
CA LEU D 58 35.31 -24.33 30.76
C LEU D 58 36.37 -25.42 30.56
N ASN D 59 37.58 -25.05 30.13
CA ASN D 59 38.60 -26.04 29.81
C ASN D 59 39.60 -26.15 30.95
N ASN D 60 39.55 -27.26 31.69
CA ASN D 60 40.47 -27.51 32.80
C ASN D 60 41.47 -28.62 32.49
N GLU D 61 41.58 -29.03 31.24
CA GLU D 61 42.55 -30.04 30.83
C GLU D 61 43.95 -29.49 31.05
N PRO D 62 44.81 -30.15 31.82
CA PRO D 62 46.18 -29.65 31.98
C PRO D 62 47.04 -30.05 30.80
N ASN D 63 48.14 -29.32 30.62
CA ASN D 63 49.03 -29.45 29.47
C ASN D 63 48.30 -29.25 28.15
N SER D 64 47.05 -28.83 28.19
CA SER D 64 46.27 -28.67 26.98
C SER D 64 46.64 -27.37 26.29
N ILE D 65 46.10 -27.20 25.08
CA ILE D 65 46.35 -25.97 24.35
C ILE D 65 45.79 -24.78 25.08
N ALA D 66 44.73 -24.99 25.89
CA ALA D 66 44.07 -23.93 26.63
C ALA D 66 44.74 -23.61 27.96
N SER D 67 45.49 -24.55 28.54
CA SER D 67 46.16 -24.28 29.79
C SER D 67 47.42 -23.46 29.60
N TYR D 68 48.12 -23.64 28.47
CA TYR D 68 49.24 -22.77 28.13
C TYR D 68 48.76 -21.35 27.84
N PHE D 69 47.66 -21.20 27.10
CA PHE D 69 47.11 -19.87 26.88
C PHE D 69 46.72 -19.22 28.20
N ALA D 70 46.16 -19.99 29.11
CA ALA D 70 45.83 -19.45 30.42
C ALA D 70 47.08 -19.12 31.22
N ALA D 71 48.16 -19.90 31.05
CA ALA D 71 49.42 -19.63 31.74
C ALA D 71 49.98 -18.25 31.34
N GLU D 72 49.88 -17.90 30.07
CA GLU D 72 50.42 -16.63 29.61
C GLU D 72 49.51 -15.44 29.94
N HIS D 73 48.19 -15.65 30.01
CA HIS D 73 47.24 -14.55 30.03
C HIS D 73 46.32 -14.50 31.25
N GLY D 74 46.44 -15.42 32.19
CA GLY D 74 45.54 -15.44 33.33
C GLY D 74 44.17 -15.98 32.97
N PRO D 75 43.21 -15.81 33.88
CA PRO D 75 41.81 -16.12 33.54
C PRO D 75 41.40 -15.34 32.30
N SER D 76 40.85 -16.05 31.31
CA SER D 76 40.70 -15.47 29.98
C SER D 76 39.66 -16.23 29.16
N VAL D 77 39.25 -15.58 28.07
CA VAL D 77 38.64 -16.28 26.94
C VAL D 77 39.79 -16.80 26.09
N CYS D 78 39.87 -18.13 25.96
CA CYS D 78 41.00 -18.80 25.32
C CYS D 78 40.61 -19.55 24.05
N GLY D 79 39.34 -19.55 23.66
CA GLY D 79 38.92 -20.17 22.42
C GLY D 79 37.67 -19.52 21.91
N MET D 80 37.43 -19.68 20.62
CA MET D 80 36.32 -19.02 19.96
C MET D 80 35.94 -19.83 18.73
N ALA D 81 34.70 -20.33 18.68
CA ALA D 81 34.24 -21.17 17.59
C ALA D 81 33.16 -20.46 16.76
N PHE D 82 33.34 -20.44 15.45
CA PHE D 82 32.31 -20.02 14.51
C PHE D 82 31.53 -21.24 13.98
N ARG D 83 30.20 -21.11 13.88
CA ARG D 83 29.40 -22.05 13.08
C ARG D 83 29.71 -21.86 11.60
N VAL D 84 29.92 -22.97 10.89
CA VAL D 84 30.11 -22.93 9.45
C VAL D 84 29.26 -24.03 8.83
N LYS D 85 28.92 -23.84 7.56
CA LYS D 85 28.16 -24.86 6.82
C LYS D 85 29.01 -26.10 6.59
N ASP D 86 30.20 -25.93 6.02
CA ASP D 86 31.09 -27.02 5.65
C ASP D 86 32.45 -26.73 6.28
N SER D 87 32.80 -27.46 7.32
CA SER D 87 33.98 -27.07 8.07
C SER D 87 35.28 -27.59 7.44
N GLN D 88 35.24 -28.70 6.70
CA GLN D 88 36.42 -29.05 5.92
C GLN D 88 36.69 -28.01 4.85
N LYS D 89 35.62 -27.53 4.18
CA LYS D 89 35.80 -26.55 3.12
C LYS D 89 36.38 -25.27 3.69
N ALA D 90 35.83 -24.79 4.81
CA ALA D 90 36.34 -23.57 5.42
C ALA D 90 37.76 -23.75 5.94
N TYR D 91 38.05 -24.90 6.52
CA TYR D 91 39.40 -25.11 7.06
C TYR D 91 40.46 -25.15 5.96
N ASN D 92 40.19 -25.86 4.85
CA ASN D 92 41.14 -25.91 3.75
C ASN D 92 41.28 -24.53 3.12
N ARG D 93 40.18 -23.79 3.04
CA ARG D 93 40.25 -22.45 2.49
C ARG D 93 41.11 -21.57 3.36
N ALA D 94 40.90 -21.63 4.68
CA ALA D 94 41.70 -20.83 5.61
C ALA D 94 43.18 -21.17 5.47
N LEU D 95 43.52 -22.47 5.40
CA LEU D 95 44.92 -22.82 5.23
C LEU D 95 45.44 -22.41 3.87
N GLU D 96 44.58 -22.33 2.86
CA GLU D 96 45.05 -21.89 1.56
C GLU D 96 45.32 -20.39 1.53
N LEU D 97 44.54 -19.61 2.27
CA LEU D 97 44.69 -18.16 2.30
C LEU D 97 45.68 -17.69 3.38
N GLY D 98 46.50 -18.59 3.91
CA GLY D 98 47.62 -18.22 4.74
C GLY D 98 47.44 -18.37 6.24
N ALA D 99 46.35 -18.99 6.69
CA ALA D 99 46.17 -19.24 8.12
C ALA D 99 47.09 -20.36 8.59
N GLN D 100 47.40 -20.33 9.87
CA GLN D 100 48.10 -21.41 10.54
C GLN D 100 47.13 -22.22 11.39
N PRO D 101 47.24 -23.54 11.37
CA PRO D 101 46.39 -24.36 12.23
C PRO D 101 46.92 -24.42 13.65
N ILE D 102 46.02 -24.76 14.56
CA ILE D 102 46.34 -25.23 15.90
C ILE D 102 45.88 -26.66 15.97
N HIS D 103 46.75 -27.56 16.39
CA HIS D 103 46.29 -28.93 16.57
C HIS D 103 45.69 -29.08 17.97
N ILE D 104 44.40 -29.40 18.03
CA ILE D 104 43.69 -29.62 19.28
C ILE D 104 43.61 -31.12 19.49
N ASP D 105 44.31 -31.60 20.52
CA ASP D 105 44.39 -33.01 20.86
C ASP D 105 43.00 -33.59 21.18
N THR D 106 42.53 -34.48 20.32
CA THR D 106 41.26 -35.16 20.49
C THR D 106 41.51 -36.62 20.84
N GLY D 107 40.74 -37.14 21.79
CA GLY D 107 40.94 -38.50 22.23
C GLY D 107 40.20 -39.54 21.40
N PRO D 108 40.46 -40.81 21.67
CA PRO D 108 39.77 -41.86 20.93
C PRO D 108 38.25 -41.75 21.07
N MET D 109 37.56 -42.05 19.96
CA MET D 109 36.11 -41.98 19.88
C MET D 109 35.58 -40.56 20.03
N GLU D 110 36.37 -39.55 19.68
CA GLU D 110 35.98 -38.16 19.87
C GLU D 110 36.11 -37.40 18.57
N LEU D 111 35.50 -36.20 18.54
CA LEU D 111 35.41 -35.40 17.32
C LEU D 111 36.69 -34.62 17.10
N ASN D 112 37.29 -34.75 15.92
CA ASN D 112 38.41 -33.91 15.53
C ASN D 112 37.91 -32.51 15.24
N LEU D 113 38.23 -31.56 16.14
CA LEU D 113 37.79 -30.19 15.98
C LEU D 113 38.88 -29.36 15.34
N PRO D 114 38.64 -28.77 14.19
CA PRO D 114 39.69 -28.00 13.53
C PRO D 114 39.69 -26.54 13.95
N ALA D 115 40.90 -26.00 14.16
CA ALA D 115 41.08 -24.62 14.54
C ALA D 115 42.27 -24.03 13.80
N ILE D 116 42.25 -22.72 13.59
CA ILE D 116 43.41 -21.97 13.16
C ILE D 116 43.83 -21.04 14.31
N LYS D 117 45.03 -20.48 14.20
CA LYS D 117 45.49 -19.57 15.24
C LYS D 117 44.88 -18.20 15.03
N GLY D 118 44.20 -17.69 16.05
CA GLY D 118 43.72 -16.34 15.99
C GLY D 118 44.38 -15.40 16.99
N ILE D 119 43.58 -14.46 17.49
CA ILE D 119 44.07 -13.40 18.35
C ILE D 119 44.75 -14.00 19.56
N GLY D 120 45.93 -13.48 19.92
CA GLY D 120 46.67 -13.96 21.07
C GLY D 120 47.06 -15.42 20.99
N GLY D 121 47.01 -16.01 19.79
CA GLY D 121 47.20 -17.43 19.68
C GLY D 121 46.00 -18.27 20.12
N ALA D 122 44.88 -17.62 20.43
CA ALA D 122 43.67 -18.36 20.76
C ALA D 122 43.18 -19.15 19.54
N PRO D 123 42.80 -20.41 19.75
CA PRO D 123 42.18 -21.19 18.66
C PRO D 123 40.88 -20.58 18.18
N LEU D 124 40.76 -20.45 16.87
CA LEU D 124 39.49 -20.16 16.19
C LEU D 124 38.93 -21.45 15.57
N TYR D 125 37.93 -22.07 16.22
CA TYR D 125 37.34 -23.32 15.72
C TYR D 125 36.32 -23.07 14.60
N LEU D 126 36.26 -23.98 13.66
CA LEU D 126 35.27 -23.97 12.58
C LEU D 126 34.41 -25.20 12.77
N ILE D 127 33.23 -25.02 13.35
CA ILE D 127 32.33 -26.11 13.70
C ILE D 127 31.18 -26.13 12.72
N ASP D 128 30.92 -27.31 12.13
CA ASP D 128 29.79 -27.48 11.24
C ASP D 128 28.76 -28.47 11.77
N ARG D 129 28.87 -28.86 13.05
CA ARG D 129 27.90 -29.72 13.71
C ARG D 129 27.24 -28.94 14.82
N PHE D 130 25.90 -28.93 14.83
CA PHE D 130 25.12 -28.12 15.77
C PHE D 130 23.65 -28.53 15.63
N GLY D 131 22.80 -27.91 16.43
CA GLY D 131 21.42 -28.36 16.48
C GLY D 131 21.24 -29.59 17.36
N GLU D 132 20.10 -29.67 18.05
CA GLU D 132 19.88 -30.74 19.01
C GLU D 132 20.04 -32.13 18.39
N GLY D 133 20.74 -33.01 19.11
CA GLY D 133 21.01 -34.36 18.66
C GLY D 133 22.18 -34.48 17.70
N SER D 134 22.54 -33.39 17.03
CA SER D 134 23.70 -33.36 16.13
C SER D 134 24.86 -32.54 16.69
N SER D 135 24.63 -31.73 17.73
CA SER D 135 25.61 -30.78 18.23
C SER D 135 26.86 -31.48 18.73
N ILE D 136 27.99 -30.76 18.72
CA ILE D 136 29.19 -31.33 19.28
C ILE D 136 29.03 -31.61 20.76
N TYR D 137 28.03 -31.01 21.43
CA TYR D 137 27.82 -31.31 22.84
C TYR D 137 27.10 -32.64 23.01
N ASP D 138 26.13 -32.95 22.14
CA ASP D 138 25.52 -34.28 22.14
C ASP D 138 26.56 -35.36 21.92
N ILE D 139 27.48 -35.14 21.01
CA ILE D 139 28.49 -36.13 20.66
C ILE D 139 29.56 -36.21 21.75
N ASP D 140 30.36 -35.15 21.90
CA ASP D 140 31.54 -35.25 22.77
C ASP D 140 31.26 -34.97 24.24
N PHE D 141 30.06 -34.52 24.61
CA PHE D 141 29.75 -34.18 26.00
C PHE D 141 28.67 -35.10 26.54
N VAL D 142 28.71 -35.35 27.84
CA VAL D 142 27.68 -36.12 28.52
C VAL D 142 26.98 -35.19 29.54
N TYR D 143 25.68 -35.04 29.38
CA TYR D 143 24.91 -34.16 30.27
C TYR D 143 24.83 -34.75 31.67
N LEU D 144 24.48 -33.89 32.60
CA LEU D 144 24.32 -34.34 33.98
C LEU D 144 22.98 -35.06 34.15
N GLU D 145 22.94 -35.99 35.11
CA GLU D 145 21.70 -36.64 35.47
C GLU D 145 20.64 -35.62 35.89
N GLY D 146 19.48 -35.71 35.25
CA GLY D 146 18.32 -34.97 35.70
C GLY D 146 18.28 -33.53 35.23
N VAL D 147 19.38 -32.81 35.44
CA VAL D 147 19.57 -31.40 35.07
C VAL D 147 18.99 -31.07 33.69
N GLU D 148 18.49 -29.85 33.52
CA GLU D 148 17.91 -29.44 32.25
C GLU D 148 18.99 -28.97 31.28
N ARG D 149 18.75 -29.23 30.00
CA ARG D 149 19.75 -28.99 28.98
C ARG D 149 19.59 -27.65 28.28
N ASN D 150 18.46 -26.95 28.44
CA ASN D 150 18.23 -25.67 27.78
C ASN D 150 17.86 -24.57 28.76
N PRO D 151 18.71 -24.31 29.77
CA PRO D 151 18.34 -23.31 30.76
C PRO D 151 18.24 -21.93 30.14
N VAL D 152 17.36 -21.11 30.71
CA VAL D 152 17.13 -19.76 30.20
C VAL D 152 17.79 -18.66 31.06
N GLY D 153 18.02 -18.91 32.35
CA GLY D 153 18.88 -18.03 33.13
C GLY D 153 18.24 -16.69 33.38
N ALA D 154 19.05 -15.63 33.28
CA ALA D 154 18.54 -14.27 33.40
C ALA D 154 17.98 -13.73 32.10
N GLY D 155 17.92 -14.55 31.05
CA GLY D 155 17.30 -14.17 29.82
C GLY D 155 18.24 -13.80 28.70
N LEU D 156 19.51 -14.19 28.80
CA LEU D 156 20.48 -13.87 27.76
C LEU D 156 20.41 -14.89 26.62
N LYS D 157 20.41 -14.39 25.39
CA LYS D 157 20.09 -15.26 24.27
C LYS D 157 21.32 -15.72 23.51
N VAL D 158 21.98 -14.81 22.78
CA VAL D 158 23.17 -15.14 22.01
C VAL D 158 24.30 -14.22 22.42
N ILE D 159 25.52 -14.63 22.05
CA ILE D 159 26.64 -13.68 22.08
C ILE D 159 26.37 -12.60 21.05
N ASP D 160 26.38 -11.37 21.50
CA ASP D 160 26.28 -10.31 20.52
C ASP D 160 27.63 -10.06 19.87
N HIS D 161 28.68 -9.83 20.67
CA HIS D 161 29.99 -9.55 20.12
C HIS D 161 31.09 -9.86 21.14
N LEU D 162 32.30 -10.03 20.61
CA LEU D 162 33.54 -10.20 21.38
C LEU D 162 34.48 -9.09 20.94
N THR D 163 34.80 -8.18 21.83
CA THR D 163 35.67 -7.04 21.55
C THR D 163 37.08 -7.41 21.99
N HIS D 164 38.02 -7.40 21.03
CA HIS D 164 39.44 -7.57 21.31
C HIS D 164 40.17 -6.24 21.50
N ASN D 165 41.18 -6.26 22.39
CA ASN D 165 42.20 -5.21 22.47
C ASN D 165 43.48 -5.72 21.81
N VAL D 166 44.06 -4.93 20.92
CA VAL D 166 45.26 -5.35 20.21
C VAL D 166 46.29 -4.23 20.32
N TYR D 167 47.57 -4.59 20.23
CA TYR D 167 48.64 -3.61 20.43
C TYR D 167 48.54 -2.51 19.37
N ARG D 168 49.02 -1.34 19.68
CA ARG D 168 48.88 -0.25 18.78
C ARG D 168 49.54 -0.57 17.52
N GLY D 169 48.85 -0.29 16.45
CA GLY D 169 49.36 -0.74 15.16
C GLY D 169 48.67 -1.99 14.62
N ARG D 170 48.24 -2.89 15.50
CA ARG D 170 47.78 -4.20 15.10
C ARG D 170 46.31 -4.23 14.72
N MET D 171 45.64 -3.09 14.74
CA MET D 171 44.21 -3.10 14.45
C MET D 171 43.93 -3.46 13.00
N VAL D 172 44.66 -2.87 12.06
CA VAL D 172 44.45 -3.22 10.66
C VAL D 172 45.05 -4.57 10.29
N TYR D 173 46.02 -5.07 11.07
CA TYR D 173 46.48 -6.43 10.85
C TYR D 173 45.35 -7.43 11.06
N TRP D 174 44.75 -7.41 12.25
CA TRP D 174 43.65 -8.33 12.54
C TRP D 174 42.42 -8.01 11.70
N ALA D 175 42.24 -6.74 11.33
CA ALA D 175 41.17 -6.41 10.40
C ALA D 175 41.40 -7.11 9.05
N ASN D 176 42.65 -7.14 8.60
CA ASN D 176 42.94 -7.82 7.33
C ASN D 176 42.80 -9.32 7.49
N PHE D 177 43.17 -9.85 8.65
CA PHE D 177 42.94 -11.26 8.97
C PHE D 177 41.48 -11.67 8.71
N TYR D 178 40.54 -11.01 9.37
CA TYR D 178 39.14 -11.41 9.22
C TYR D 178 38.57 -11.03 7.87
N GLU D 179 39.09 -9.98 7.24
CA GLU D 179 38.67 -9.63 5.88
C GLU D 179 39.15 -10.66 4.87
N LYS D 180 40.43 -11.04 4.94
CA LYS D 180 41.02 -11.97 3.96
C LYS D 180 40.37 -13.35 4.06
N LEU D 181 40.24 -13.88 5.27
CA LEU D 181 39.78 -15.25 5.43
C LEU D 181 38.28 -15.38 5.55
N PHE D 182 37.58 -14.44 6.17
CA PHE D 182 36.16 -14.65 6.37
C PHE D 182 35.28 -13.61 5.71
N ASN D 183 35.87 -12.72 4.92
CA ASN D 183 35.12 -11.64 4.28
C ASN D 183 34.37 -10.76 5.29
N PHE D 184 34.98 -10.54 6.45
CA PHE D 184 34.47 -9.52 7.35
C PHE D 184 34.64 -8.17 6.67
N ARG D 185 33.83 -7.20 7.09
CA ARG D 185 34.00 -5.83 6.64
C ARG D 185 33.89 -4.92 7.84
N GLU D 186 34.53 -3.76 7.75
CA GLU D 186 34.38 -2.74 8.78
C GLU D 186 33.04 -2.06 8.60
N ALA D 187 32.13 -2.30 9.55
CA ALA D 187 30.82 -1.67 9.51
C ALA D 187 30.86 -0.28 10.13
N ARG D 188 31.39 -0.19 11.34
CA ARG D 188 31.48 1.05 12.07
C ARG D 188 32.95 1.44 12.23
N TYR D 189 33.18 2.73 12.54
CA TYR D 189 34.49 3.26 12.93
C TYR D 189 34.29 4.33 13.99
N PHE D 190 35.11 4.27 15.05
CA PHE D 190 35.01 5.16 16.19
C PHE D 190 36.34 5.86 16.49
N ASP D 191 36.28 7.15 16.85
CA ASP D 191 37.46 7.87 17.38
C ASP D 191 37.21 8.38 18.80
N THR D 200 40.06 4.48 19.65
CA THR D 200 40.25 4.03 18.28
C THR D 200 39.74 2.60 18.06
N SER D 201 38.74 2.43 17.20
CA SER D 201 38.09 1.13 17.16
C SER D 201 37.46 0.87 15.79
N LYS D 202 37.76 -0.31 15.24
CA LYS D 202 37.18 -0.82 14.01
C LYS D 202 36.16 -1.92 14.36
N ALA D 203 34.94 -1.80 13.82
CA ALA D 203 33.85 -2.73 14.15
C ALA D 203 33.69 -3.76 13.04
N MET D 204 34.28 -4.92 13.22
CA MET D 204 34.28 -5.96 12.20
C MET D 204 33.01 -6.79 12.32
N SER D 205 32.19 -6.80 11.27
CA SER D 205 31.01 -7.65 11.22
C SER D 205 31.21 -8.76 10.21
N ALA D 206 30.61 -9.89 10.50
CA ALA D 206 30.76 -11.04 9.63
C ALA D 206 29.71 -11.01 8.54
N PRO D 207 29.92 -11.75 7.47
CA PRO D 207 28.93 -11.76 6.40
C PRO D 207 27.59 -12.39 6.78
N ASP D 208 27.41 -12.82 8.03
CA ASP D 208 26.14 -13.37 8.45
C ASP D 208 25.30 -12.40 9.27
N GLY D 209 25.84 -11.21 9.60
CA GLY D 209 25.13 -10.28 10.46
C GLY D 209 24.97 -10.77 11.87
N MET D 210 25.93 -11.53 12.37
CA MET D 210 25.82 -12.13 13.69
C MET D 210 27.16 -12.04 14.38
N ILE D 211 28.23 -12.43 13.69
CA ILE D 211 29.54 -12.46 14.32
C ILE D 211 30.11 -11.05 14.24
N ARG D 212 30.15 -10.37 15.37
CA ARG D 212 30.74 -9.05 15.51
C ARG D 212 32.01 -9.17 16.34
N ILE D 213 33.11 -8.63 15.82
CA ILE D 213 34.37 -8.59 16.55
C ILE D 213 34.97 -7.20 16.45
N PRO D 214 34.66 -6.31 17.38
CA PRO D 214 35.30 -4.98 17.37
C PRO D 214 36.75 -5.07 17.84
N LEU D 215 37.61 -4.35 17.14
CA LEU D 215 39.03 -4.28 17.44
C LEU D 215 39.38 -2.93 18.06
N ASN D 216 40.08 -2.94 19.19
CA ASN D 216 40.39 -1.73 19.95
C ASN D 216 41.89 -1.49 20.02
N GLU D 217 42.31 -0.29 19.61
CA GLU D 217 43.68 0.20 19.72
C GLU D 217 43.73 1.38 20.69
N GLU D 218 44.88 1.56 21.36
CA GLU D 218 45.06 2.75 22.22
C GLU D 218 45.46 4.00 21.43
N GLY D 222 48.19 7.26 24.36
CA GLY D 222 48.55 6.18 25.25
C GLY D 222 48.10 6.36 26.70
N ALA D 223 48.60 5.49 27.59
CA ALA D 223 48.42 5.62 29.04
C ALA D 223 46.94 5.52 29.45
N GLY D 224 46.27 4.48 28.98
CA GLY D 224 44.84 4.40 29.21
C GLY D 224 44.24 3.05 29.52
N GLN D 225 42.94 2.96 29.23
CA GLN D 225 42.16 1.77 29.54
C GLN D 225 42.54 0.59 28.66
N ILE D 226 42.99 0.86 27.43
CA ILE D 226 43.40 -0.21 26.53
C ILE D 226 44.83 -0.62 26.82
N GLU D 227 45.72 0.38 26.89
CA GLU D 227 47.11 0.09 27.20
C GLU D 227 47.23 -0.71 28.50
N GLU D 228 46.34 -0.46 29.48
CA GLU D 228 46.42 -1.23 30.72
C GLU D 228 45.93 -2.67 30.59
N PHE D 229 44.96 -2.93 29.69
CA PHE D 229 44.52 -4.29 29.43
C PHE D 229 45.65 -5.17 28.88
N LEU D 230 46.46 -4.62 27.98
CA LEU D 230 47.50 -5.39 27.32
C LEU D 230 48.67 -5.75 28.23
N MET D 231 48.53 -5.39 29.50
CA MET D 231 49.46 -5.69 30.55
C MET D 231 48.92 -6.70 31.52
N GLN D 232 47.76 -6.50 32.08
CA GLN D 232 47.06 -7.43 32.96
C GLN D 232 46.77 -8.74 32.23
N PHE D 233 46.49 -8.64 30.92
CA PHE D 233 46.32 -9.80 30.06
C PHE D 233 47.63 -10.31 29.47
N ASN D 234 48.67 -9.46 29.36
CA ASN D 234 49.97 -9.91 28.88
C ASN D 234 49.90 -10.36 27.42
N GLY D 235 49.32 -9.50 26.59
CA GLY D 235 49.21 -9.76 25.18
C GLY D 235 47.85 -9.32 24.68
N GLU D 236 47.57 -9.68 23.43
CA GLU D 236 46.32 -9.37 22.79
C GLU D 236 45.23 -10.35 23.22
N GLY D 237 44.00 -9.87 23.30
CA GLY D 237 42.96 -10.71 23.85
C GLY D 237 41.60 -10.08 23.76
N ILE D 238 40.62 -10.86 24.24
CA ILE D 238 39.23 -10.44 24.33
C ILE D 238 39.06 -9.59 25.58
N GLN D 239 38.72 -8.32 25.39
CA GLN D 239 38.47 -7.42 26.51
C GLN D 239 37.11 -7.66 27.12
N HIS D 240 36.05 -7.64 26.32
CA HIS D 240 34.76 -7.89 26.91
C HIS D 240 33.93 -8.73 25.97
N VAL D 241 33.11 -9.59 26.57
CA VAL D 241 32.14 -10.44 25.88
C VAL D 241 30.77 -9.83 26.12
N ALA D 242 30.00 -9.67 25.05
CA ALA D 242 28.71 -9.00 25.11
C ALA D 242 27.60 -10.01 24.88
N PHE D 243 26.65 -10.07 25.82
CA PHE D 243 25.52 -10.99 25.73
C PHE D 243 24.28 -10.21 25.38
N LEU D 244 23.58 -10.65 24.35
CA LEU D 244 22.33 -10.06 23.97
C LEU D 244 21.23 -10.55 24.90
N THR D 245 20.33 -9.62 25.27
CA THR D 245 19.09 -9.94 25.97
C THR D 245 17.92 -9.26 25.25
N ASP D 246 16.73 -9.78 25.51
CA ASP D 246 15.49 -9.23 24.96
C ASP D 246 14.85 -8.20 25.89
N ASP D 247 15.25 -8.17 27.16
CA ASP D 247 14.78 -7.16 28.11
C ASP D 247 15.89 -6.99 29.15
N LEU D 248 16.67 -5.92 29.01
CA LEU D 248 17.80 -5.68 29.89
C LEU D 248 17.35 -5.43 31.34
N VAL D 249 16.32 -4.59 31.55
CA VAL D 249 15.90 -4.32 32.93
C VAL D 249 15.43 -5.60 33.60
N LYS D 250 14.73 -6.47 32.87
CA LYS D 250 14.34 -7.76 33.44
C LYS D 250 15.56 -8.66 33.63
N THR D 251 16.47 -8.69 32.67
CA THR D 251 17.71 -9.42 32.88
C THR D 251 18.48 -8.84 34.07
N TRP D 252 18.45 -7.52 34.21
CA TRP D 252 19.13 -6.87 35.34
C TRP D 252 18.62 -7.38 36.67
N ASP D 253 17.28 -7.38 36.84
CA ASP D 253 16.71 -7.92 38.06
C ASP D 253 17.13 -9.37 38.28
N ALA D 254 16.97 -10.22 37.27
CA ALA D 254 17.34 -11.62 37.42
C ALA D 254 18.85 -11.78 37.62
N LEU D 255 19.66 -11.00 36.90
CA LEU D 255 21.11 -11.05 37.12
C LEU D 255 21.47 -10.57 38.53
N LYS D 256 20.80 -9.51 39.00
CA LYS D 256 21.08 -8.99 40.34
C LYS D 256 20.56 -9.91 41.43
N LYS D 257 19.57 -10.75 41.11
CA LYS D 257 19.07 -11.69 42.10
C LYS D 257 20.11 -12.74 42.43
N ILE D 258 21.04 -13.00 41.52
CA ILE D 258 21.95 -14.14 41.67
C ILE D 258 23.38 -13.68 41.84
N GLY D 259 23.57 -12.47 42.34
CA GLY D 259 24.88 -12.04 42.80
C GLY D 259 25.73 -11.25 41.84
N MET D 260 25.15 -10.77 40.75
CA MET D 260 25.95 -10.05 39.76
C MET D 260 26.38 -8.69 40.31
N ARG D 261 27.61 -8.28 39.97
CA ARG D 261 28.11 -6.98 40.36
C ARG D 261 28.44 -6.17 39.10
N PHE D 262 27.85 -4.97 39.01
CA PHE D 262 27.93 -4.09 37.85
C PHE D 262 28.81 -2.88 38.13
N MET D 263 29.17 -2.21 37.04
CA MET D 263 29.84 -0.91 37.10
C MET D 263 29.00 0.08 37.91
N THR D 264 29.66 0.96 38.66
CA THR D 264 28.90 1.97 39.38
C THR D 264 28.17 2.88 38.39
N ALA D 265 26.94 3.22 38.75
CA ALA D 265 26.06 3.93 37.84
C ALA D 265 26.58 5.34 37.56
N PRO D 266 26.21 5.93 36.43
CA PRO D 266 26.59 7.31 36.14
C PRO D 266 25.96 8.26 37.13
N PRO D 267 26.41 9.50 37.17
CA PRO D 267 25.72 10.50 37.99
C PRO D 267 24.34 10.80 37.42
N ASP D 268 23.44 11.25 38.31
CA ASP D 268 22.08 11.60 37.90
C ASP D 268 22.07 12.62 36.77
N THR D 269 23.07 13.51 36.72
CA THR D 269 23.21 14.40 35.57
C THR D 269 23.10 13.64 34.25
N TYR D 270 23.71 12.45 34.18
CA TYR D 270 23.66 11.65 32.95
C TYR D 270 22.23 11.38 32.52
N TYR D 271 21.37 10.99 33.47
CA TYR D 271 19.99 10.64 33.14
C TYR D 271 19.11 11.87 32.90
N GLU D 272 19.45 13.03 33.46
CA GLU D 272 18.69 14.23 33.11
C GLU D 272 18.96 14.66 31.68
N MET D 273 20.13 14.36 31.14
CA MET D 273 20.50 14.85 29.81
C MET D 273 19.99 13.96 28.67
N LEU D 274 19.36 12.82 28.97
CA LEU D 274 18.96 11.89 27.90
C LEU D 274 17.96 12.51 26.94
N GLU D 275 17.00 13.29 27.44
CA GLU D 275 16.00 13.83 26.53
C GLU D 275 16.58 14.85 25.56
N GLY D 276 17.70 15.49 25.92
CA GLY D 276 18.40 16.33 24.99
C GLY D 276 19.27 15.56 24.03
N ARG D 277 20.03 14.59 24.55
CA ARG D 277 20.90 13.76 23.72
C ARG D 277 20.12 12.90 22.73
N LEU D 278 19.07 12.23 23.20
CA LEU D 278 18.30 11.33 22.36
C LEU D 278 16.82 11.73 22.44
N PRO D 279 16.42 12.77 21.72
CA PRO D 279 15.02 13.22 21.74
C PRO D 279 14.02 12.10 21.51
N ASP D 280 13.05 12.00 22.44
CA ASP D 280 11.90 11.11 22.33
C ASP D 280 12.32 9.65 22.17
N HIS D 281 13.28 9.22 23.01
CA HIS D 281 13.74 7.84 22.97
C HIS D 281 12.71 6.85 23.49
N GLY D 282 11.73 7.31 24.28
CA GLY D 282 10.66 6.46 24.72
C GLY D 282 10.98 5.58 25.91
N GLU D 283 12.21 5.61 26.40
CA GLU D 283 12.53 4.65 27.44
C GLU D 283 12.13 5.18 28.81
N PRO D 284 11.62 4.30 29.68
CA PRO D 284 11.30 4.71 31.05
C PRO D 284 12.56 5.10 31.82
N VAL D 285 12.97 6.37 31.71
CA VAL D 285 14.24 6.84 32.27
C VAL D 285 14.42 6.44 33.72
N ASP D 286 13.32 6.40 34.48
CA ASP D 286 13.44 6.18 35.92
C ASP D 286 13.89 4.75 36.21
N GLN D 287 13.54 3.81 35.34
CA GLN D 287 13.98 2.43 35.50
C GLN D 287 15.41 2.24 35.06
N LEU D 288 15.83 2.95 34.00
CA LEU D 288 17.24 2.94 33.60
C LEU D 288 18.13 3.55 34.68
N GLN D 289 17.64 4.62 35.32
CA GLN D 289 18.45 5.29 36.31
C GLN D 289 18.62 4.46 37.56
N ALA D 290 17.59 3.71 37.95
CA ALA D 290 17.60 2.93 39.17
C ALA D 290 18.51 1.70 39.07
N ARG D 291 18.98 1.37 37.87
CA ARG D 291 19.78 0.17 37.63
C ARG D 291 21.16 0.46 37.08
N GLY D 292 21.45 1.72 36.71
CA GLY D 292 22.70 2.07 36.08
C GLY D 292 22.76 1.84 34.58
N ILE D 293 21.67 1.40 33.96
CA ILE D 293 21.66 1.09 32.53
C ILE D 293 21.93 2.35 31.70
N LEU D 294 22.79 2.20 30.70
CA LEU D 294 23.13 3.27 29.75
C LEU D 294 22.29 3.14 28.49
N LEU D 295 22.28 4.22 27.70
CA LEU D 295 21.43 4.27 26.52
C LEU D 295 22.14 4.99 25.39
N ASP D 296 21.92 4.53 24.15
CA ASP D 296 22.51 5.23 23.01
C ASP D 296 21.72 4.91 21.75
N GLY D 297 22.03 5.65 20.69
CA GLY D 297 21.35 5.50 19.41
C GLY D 297 21.19 6.82 18.70
N SER D 298 20.15 6.95 17.86
CA SER D 298 19.93 8.19 17.12
C SER D 298 18.46 8.31 16.74
N SER D 299 17.86 9.48 17.04
CA SER D 299 16.45 9.77 16.75
C SER D 299 16.36 10.89 15.71
N VAL D 300 15.93 10.54 14.50
CA VAL D 300 15.80 11.48 13.38
C VAL D 300 14.56 11.09 12.57
N GLU D 301 13.60 12.01 12.46
CA GLU D 301 12.46 11.88 11.55
C GLU D 301 11.67 10.60 11.80
N GLY D 302 11.36 10.34 13.07
CA GLY D 302 10.46 9.24 13.43
C GLY D 302 11.07 7.85 13.39
N ASP D 303 12.35 7.71 13.04
CA ASP D 303 13.04 6.42 13.03
C ASP D 303 13.93 6.36 14.27
N LYS D 304 13.54 5.55 15.26
CA LYS D 304 14.27 5.42 16.52
C LYS D 304 15.14 4.16 16.46
N ARG D 305 16.45 4.36 16.33
CA ARG D 305 17.44 3.31 16.51
C ARG D 305 18.06 3.50 17.89
N LEU D 306 17.90 2.53 18.76
CA LEU D 306 18.31 2.69 20.15
C LEU D 306 19.02 1.44 20.64
N LEU D 307 19.69 1.60 21.78
CA LEU D 307 20.56 0.58 22.32
C LEU D 307 20.68 0.79 23.83
N LEU D 308 20.41 -0.27 24.60
CA LEU D 308 20.58 -0.29 26.04
C LEU D 308 21.71 -1.24 26.41
N GLN D 309 22.53 -0.84 27.39
CA GLN D 309 23.69 -1.65 27.74
C GLN D 309 24.13 -1.31 29.15
N ILE D 310 24.70 -2.32 29.84
CA ILE D 310 25.39 -2.12 31.11
C ILE D 310 26.57 -3.10 31.17
N PHE D 311 27.55 -2.75 31.97
CA PHE D 311 28.79 -3.50 32.02
C PHE D 311 28.99 -4.10 33.39
N SER D 312 29.50 -5.33 33.42
CA SER D 312 30.03 -5.84 34.67
C SER D 312 31.29 -5.08 35.07
N GLU D 313 31.70 -5.26 36.31
CA GLU D 313 33.07 -4.94 36.69
C GLU D 313 34.01 -5.93 35.98
N THR D 314 35.30 -5.79 36.23
CA THR D 314 36.21 -6.84 35.82
C THR D 314 35.95 -8.08 36.67
N LEU D 315 35.90 -9.23 36.02
CA LEU D 315 35.60 -10.48 36.71
C LEU D 315 36.66 -11.55 36.53
N MET D 316 37.32 -11.58 35.37
CA MET D 316 38.39 -12.52 35.06
C MET D 316 39.60 -11.68 34.70
N GLY D 317 40.48 -11.45 35.67
CA GLY D 317 41.52 -10.47 35.49
C GLY D 317 40.92 -9.20 34.91
N PRO D 318 41.47 -8.76 33.80
CA PRO D 318 41.01 -7.51 33.16
C PRO D 318 39.84 -7.66 32.18
N VAL D 319 39.23 -8.84 32.09
CA VAL D 319 38.13 -9.11 31.16
C VAL D 319 36.80 -8.84 31.87
N PHE D 320 35.85 -8.20 31.16
CA PHE D 320 34.55 -7.89 31.75
C PHE D 320 33.48 -8.22 30.73
N PHE D 321 32.23 -7.98 31.11
CA PHE D 321 31.11 -8.44 30.31
C PHE D 321 30.09 -7.33 30.14
N GLU D 322 29.36 -7.44 29.04
CA GLU D 322 28.38 -6.46 28.61
C GLU D 322 27.07 -7.17 28.38
N PHE D 323 26.02 -6.55 28.87
CA PHE D 323 24.66 -7.05 28.67
C PHE D 323 23.94 -5.96 27.92
N ILE D 324 23.45 -6.28 26.73
CA ILE D 324 22.97 -5.28 25.78
C ILE D 324 21.61 -5.70 25.26
N GLN D 325 20.75 -4.71 25.02
CA GLN D 325 19.48 -4.90 24.34
C GLN D 325 19.42 -3.93 23.18
N ARG D 326 19.22 -4.46 21.99
CA ARG D 326 19.24 -3.67 20.76
C ARG D 326 17.80 -3.33 20.34
N LYS D 327 17.50 -2.04 20.27
CA LYS D 327 16.21 -1.58 19.77
C LYS D 327 16.39 -0.81 18.46
N GLY D 328 17.09 -1.41 17.49
CA GLY D 328 17.23 -0.84 16.18
C GLY D 328 18.55 -0.16 15.89
N ASP D 329 19.38 0.09 16.91
CA ASP D 329 20.72 0.65 16.72
C ASP D 329 21.73 -0.48 16.55
N ASP D 330 22.59 -0.37 15.53
CA ASP D 330 23.56 -1.43 15.23
C ASP D 330 24.95 -1.12 15.73
N GLY D 331 25.12 -0.13 16.61
CA GLY D 331 26.41 0.26 17.14
C GLY D 331 26.71 -0.38 18.47
N PHE D 332 27.62 0.24 19.22
CA PHE D 332 28.13 -0.40 20.43
C PHE D 332 28.06 0.50 21.64
N GLY D 333 27.24 1.56 21.58
CA GLY D 333 27.13 2.49 22.67
C GLY D 333 28.24 3.51 22.70
N GLU D 334 28.90 3.75 21.57
CA GLU D 334 30.02 4.67 21.55
C GLU D 334 29.63 6.06 22.07
N GLY D 335 28.37 6.45 21.89
CA GLY D 335 27.93 7.75 22.39
C GLY D 335 28.09 7.91 23.89
N ASN D 336 27.98 6.82 24.63
CA ASN D 336 28.08 6.83 26.09
C ASN D 336 29.43 7.32 26.61
N PHE D 337 30.45 7.43 25.75
CA PHE D 337 31.75 7.91 26.20
C PHE D 337 31.72 9.40 26.46
N LYS D 338 31.37 10.18 25.44
CA LYS D 338 31.15 11.61 25.60
C LYS D 338 30.02 11.88 26.58
N ALA D 339 28.91 11.16 26.42
CA ALA D 339 27.75 11.36 27.28
C ALA D 339 28.10 11.20 28.75
N LEU D 340 29.04 10.32 29.07
CA LEU D 340 29.43 10.13 30.46
C LEU D 340 30.48 11.14 30.89
N PHE D 341 31.34 11.60 29.98
CA PHE D 341 32.30 12.63 30.35
C PHE D 341 31.59 13.92 30.73
N GLU D 342 30.64 14.34 29.89
CA GLU D 342 29.87 15.54 30.20
C GLU D 342 29.02 15.35 31.46
N SER D 343 28.54 14.13 31.70
CA SER D 343 27.81 13.85 32.95
C SER D 343 28.66 14.15 34.17
N ILE D 344 29.80 13.48 34.30
CA ILE D 344 30.66 13.72 35.46
C ILE D 344 31.15 15.18 35.48
N GLU D 345 31.09 15.89 34.36
CA GLU D 345 31.45 17.30 34.34
C GLU D 345 30.40 18.16 35.05
N ARG D 346 29.16 18.15 34.54
CA ARG D 346 28.09 18.91 35.19
C ARG D 346 28.00 18.59 36.68
N ASP D 347 28.18 17.32 37.04
CA ASP D 347 28.03 16.89 38.43
C ASP D 347 29.18 17.39 39.31
N GLN D 348 30.41 17.35 38.80
CA GLN D 348 31.53 17.90 39.57
C GLN D 348 31.45 19.43 39.63
N VAL D 349 30.98 20.06 38.55
CA VAL D 349 30.62 21.47 38.59
C VAL D 349 29.54 21.72 39.64
N ARG D 350 28.57 20.81 39.74
CA ARG D 350 27.42 21.01 40.62
C ARG D 350 27.79 21.01 42.10
N ARG D 351 28.92 20.42 42.49
CA ARG D 351 29.24 20.30 43.91
C ARG D 351 30.67 20.69 44.30
N GLY D 352 31.44 21.28 43.40
CA GLY D 352 32.83 21.59 43.69
C GLY D 352 33.82 20.74 42.90
N ASP E 2 5.53 50.92 -17.35
CA ASP E 2 5.20 50.89 -18.77
C ASP E 2 5.94 51.99 -19.53
N LEU E 3 6.19 53.10 -18.83
CA LEU E 3 6.50 54.42 -19.39
C LEU E 3 7.24 54.40 -20.72
N TYR E 4 8.42 53.77 -20.74
CA TYR E 4 9.25 53.75 -21.94
C TYR E 4 10.07 52.45 -21.96
N GLU E 5 11.06 52.40 -22.84
CA GLU E 5 11.70 51.11 -23.12
C GLU E 5 12.62 50.69 -21.99
N ASN E 6 12.58 49.40 -21.67
CA ASN E 6 13.18 48.74 -20.51
C ASN E 6 14.30 47.81 -20.95
N PRO E 7 15.44 48.34 -21.43
CA PRO E 7 16.47 47.48 -22.02
C PRO E 7 17.08 46.46 -21.05
N MET E 8 16.95 46.64 -19.75
CA MET E 8 17.38 45.61 -18.80
C MET E 8 16.21 44.82 -18.24
N GLY E 9 14.99 45.11 -18.67
CA GLY E 9 13.84 44.40 -18.14
C GLY E 9 13.64 44.54 -16.65
N LEU E 10 13.78 45.76 -16.12
CA LEU E 10 13.51 45.93 -14.71
C LEU E 10 12.03 45.63 -14.42
N MET E 11 11.78 45.08 -13.23
CA MET E 11 10.42 44.83 -12.75
C MET E 11 10.32 45.07 -11.24
N GLY E 12 10.82 46.22 -10.78
CA GLY E 12 10.65 46.63 -9.40
C GLY E 12 11.85 46.30 -8.53
N PHE E 13 11.81 46.80 -7.30
CA PHE E 13 12.78 46.37 -6.30
C PHE E 13 12.46 44.94 -5.89
N GLU E 14 13.50 44.13 -5.67
CA GLU E 14 13.29 42.77 -5.18
C GLU E 14 13.61 42.64 -3.68
N PHE E 15 14.78 43.09 -3.25
CA PHE E 15 15.08 43.15 -1.83
C PHE E 15 16.11 44.25 -1.57
N ILE E 16 16.17 44.69 -0.31
CA ILE E 16 17.31 45.45 0.17
C ILE E 16 17.97 44.69 1.32
N GLU E 17 19.27 44.88 1.44
CA GLU E 17 20.12 44.14 2.35
C GLU E 17 20.73 45.08 3.38
N PHE E 18 20.83 44.62 4.62
CA PHE E 18 21.40 45.39 5.71
C PHE E 18 22.54 44.62 6.36
N ALA E 19 23.51 45.35 6.90
CA ALA E 19 24.58 44.78 7.70
C ALA E 19 24.96 45.79 8.76
N SER E 20 25.42 45.28 9.90
CA SER E 20 25.92 46.14 10.98
C SER E 20 27.09 45.46 11.65
N PRO E 21 28.08 46.23 12.11
CA PRO E 21 29.22 45.63 12.81
C PRO E 21 29.03 45.48 14.32
N THR E 22 27.86 45.83 14.84
CA THR E 22 27.44 45.52 16.21
C THR E 22 26.22 44.62 16.17
N PRO E 23 26.24 43.48 16.85
CA PRO E 23 25.09 42.57 16.81
C PRO E 23 23.93 43.10 17.65
N GLY E 24 22.76 42.49 17.43
CA GLY E 24 21.57 42.86 18.19
C GLY E 24 21.20 44.32 18.08
N THR E 25 21.60 44.98 16.99
CA THR E 25 21.20 46.36 16.73
C THR E 25 20.31 46.52 15.50
N LEU E 26 20.36 45.60 14.54
CA LEU E 26 19.54 45.67 13.34
C LEU E 26 18.17 45.03 13.54
N GLU E 27 18.13 43.94 14.31
CA GLU E 27 16.87 43.24 14.56
C GLU E 27 15.83 44.10 15.27
N PRO E 28 16.12 44.74 16.41
CA PRO E 28 15.09 45.61 17.03
C PRO E 28 14.53 46.67 16.08
N ILE E 29 15.27 47.08 15.04
CA ILE E 29 14.75 48.14 14.17
C ILE E 29 13.76 47.58 13.14
N PHE E 30 14.01 46.37 12.62
CA PHE E 30 13.02 45.77 11.72
C PHE E 30 11.71 45.51 12.43
N GLU E 31 11.76 45.23 13.74
CA GLU E 31 10.58 44.80 14.49
C GLU E 31 9.61 45.96 14.73
N ILE E 32 10.10 47.07 15.28
CA ILE E 32 9.23 48.21 15.48
C ILE E 32 8.79 48.81 14.15
N MET E 33 9.49 48.51 13.06
CA MET E 33 8.99 48.91 11.75
C MET E 33 7.92 47.97 11.20
N GLY E 34 7.56 46.93 11.95
CA GLY E 34 6.49 46.02 11.56
C GLY E 34 6.89 44.87 10.66
N PHE E 35 8.18 44.54 10.61
CA PHE E 35 8.73 43.44 9.82
C PHE E 35 8.92 42.21 10.72
N THR E 36 8.76 41.05 10.11
CA THR E 36 8.76 39.78 10.82
C THR E 36 9.83 38.86 10.25
N LYS E 37 10.63 38.25 11.13
CA LYS E 37 11.55 37.23 10.66
C LYS E 37 10.74 36.06 10.13
N VAL E 38 11.14 35.56 8.98
CA VAL E 38 10.28 34.66 8.25
C VAL E 38 11.09 33.45 7.80
N ALA E 39 12.34 33.68 7.43
CA ALA E 39 13.20 32.63 6.89
C ALA E 39 14.63 32.88 7.33
N THR E 40 15.41 31.81 7.35
CA THR E 40 16.83 31.89 7.62
C THR E 40 17.58 31.15 6.52
N HIS E 41 18.67 31.74 6.06
CA HIS E 41 19.45 31.14 4.99
C HIS E 41 19.75 29.67 5.28
N ARG E 42 19.93 28.89 4.21
CA ARG E 42 20.18 27.46 4.35
C ARG E 42 21.55 27.18 5.00
N SER E 43 22.47 28.15 4.99
CA SER E 43 23.83 27.88 5.47
C SER E 43 24.52 29.12 6.04
N LYS E 44 24.34 30.28 5.42
CA LYS E 44 24.94 31.47 5.99
C LYS E 44 24.04 32.08 7.07
N ASN E 45 24.65 32.90 7.94
CA ASN E 45 23.95 33.59 9.01
C ASN E 45 23.28 34.83 8.40
N VAL E 46 22.29 34.58 7.55
CA VAL E 46 21.55 35.67 6.91
C VAL E 46 20.07 35.33 6.98
N HIS E 47 19.24 36.38 7.02
CA HIS E 47 17.86 36.26 7.48
C HIS E 47 16.95 37.11 6.61
N LEU E 48 15.70 36.68 6.49
CA LEU E 48 14.73 37.35 5.64
C LEU E 48 13.64 37.94 6.53
N TYR E 49 13.47 39.26 6.47
CA TYR E 49 12.41 39.97 7.18
C TYR E 49 11.41 40.47 6.15
N ARG E 50 10.13 40.31 6.43
CA ARG E 50 9.14 40.61 5.42
C ARG E 50 7.94 41.33 6.04
N GLN E 51 7.34 42.19 5.23
CA GLN E 51 6.09 42.87 5.54
C GLN E 51 5.53 43.33 4.21
N GLY E 52 4.26 43.04 3.96
CA GLY E 52 3.77 43.29 2.62
C GLY E 52 4.55 42.48 1.62
N GLU E 53 4.85 43.10 0.48
CA GLU E 53 5.74 42.52 -0.52
C GLU E 53 7.19 42.99 -0.36
N ILE E 54 7.53 43.61 0.77
CA ILE E 54 8.88 44.11 1.01
C ILE E 54 9.75 42.99 1.59
N ASN E 55 10.94 42.83 1.03
CA ASN E 55 11.89 41.80 1.47
C ASN E 55 13.15 42.46 1.99
N LEU E 56 13.47 42.20 3.25
CA LEU E 56 14.62 42.78 3.91
C LEU E 56 15.56 41.64 4.29
N ILE E 57 16.76 41.63 3.72
CA ILE E 57 17.75 40.61 4.06
C ILE E 57 18.68 41.17 5.12
N LEU E 58 18.80 40.46 6.23
CA LEU E 58 19.77 40.82 7.27
C LEU E 58 20.97 39.92 7.06
N ASN E 59 22.10 40.53 6.73
CA ASN E 59 23.32 39.77 6.44
C ASN E 59 24.24 39.88 7.63
N ASN E 60 24.37 38.79 8.39
CA ASN E 60 25.30 38.71 9.50
C ASN E 60 26.48 37.80 9.19
N GLU E 61 26.71 37.51 7.91
CA GLU E 61 27.82 36.67 7.49
C GLU E 61 29.17 37.36 7.71
N PRO E 62 30.07 36.79 8.47
CA PRO E 62 31.37 37.42 8.68
C PRO E 62 32.32 37.20 7.50
N ASN E 63 33.39 38.00 7.50
CA ASN E 63 34.47 37.90 6.51
C ASN E 63 33.92 37.95 5.09
N SER E 64 32.89 38.76 4.88
CA SER E 64 32.11 38.76 3.64
C SER E 64 31.97 40.17 3.07
N ILE E 65 31.28 40.24 1.94
CA ILE E 65 31.00 41.49 1.26
C ILE E 65 30.25 42.46 2.17
N ALA E 66 29.29 41.95 2.94
CA ALA E 66 28.43 42.84 3.72
C ALA E 66 29.10 43.33 4.99
N SER E 67 29.95 42.50 5.58
CA SER E 67 30.62 42.91 6.81
C SER E 67 31.71 43.95 6.54
N TYR E 68 32.47 43.80 5.45
CA TYR E 68 33.45 44.82 5.12
C TYR E 68 32.77 46.13 4.83
N PHE E 69 31.61 46.07 4.16
CA PHE E 69 30.82 47.28 3.94
C PHE E 69 30.31 47.85 5.26
N ALA E 70 29.81 46.99 6.14
CA ALA E 70 29.31 47.45 7.42
C ALA E 70 30.42 47.99 8.31
N ALA E 71 31.63 47.40 8.25
CA ALA E 71 32.71 47.90 9.10
C ALA E 71 33.12 49.31 8.72
N GLU E 72 32.90 49.70 7.47
CA GLU E 72 33.25 51.05 7.04
C GLU E 72 32.13 52.05 7.33
N HIS E 73 30.87 51.64 7.18
CA HIS E 73 29.73 52.56 7.25
C HIS E 73 28.75 52.29 8.39
N GLY E 74 29.04 51.34 9.29
CA GLY E 74 28.14 51.02 10.38
C GLY E 74 26.82 50.47 9.89
N PRO E 75 25.80 50.51 10.74
CA PRO E 75 24.49 49.95 10.33
C PRO E 75 23.97 50.63 9.08
N SER E 76 23.78 49.84 8.01
CA SER E 76 23.59 50.44 6.71
C SER E 76 22.69 49.57 5.84
N VAL E 77 22.18 50.17 4.78
CA VAL E 77 21.68 49.40 3.64
C VAL E 77 22.89 49.09 2.78
N CYS E 78 23.32 47.83 2.79
CA CYS E 78 24.59 47.44 2.20
C CYS E 78 24.43 46.75 0.86
N GLY E 79 23.19 46.52 0.42
CA GLY E 79 22.94 45.99 -0.90
C GLY E 79 21.52 46.26 -1.32
N MET E 80 21.31 46.30 -2.63
CA MET E 80 20.01 46.62 -3.19
C MET E 80 19.86 45.79 -4.44
N ALA E 81 18.70 45.14 -4.59
CA ALA E 81 18.47 44.21 -5.69
C ALA E 81 17.31 44.68 -6.57
N PHE E 82 17.57 44.86 -7.86
CA PHE E 82 16.52 45.09 -8.85
C PHE E 82 16.01 43.75 -9.34
N ARG E 83 14.75 43.71 -9.71
CA ARG E 83 14.13 42.53 -10.27
C ARG E 83 14.10 42.68 -11.78
N VAL E 84 14.35 41.58 -12.50
CA VAL E 84 14.58 41.65 -13.94
C VAL E 84 14.01 40.41 -14.61
N LYS E 85 13.64 40.56 -15.90
CA LYS E 85 13.13 39.41 -16.66
C LYS E 85 14.24 38.39 -16.88
N ASP E 86 15.31 38.81 -17.55
CA ASP E 86 16.47 37.96 -17.82
C ASP E 86 17.67 38.50 -17.05
N SER E 87 18.13 37.76 -16.05
CA SER E 87 19.24 38.28 -15.26
C SER E 87 20.57 38.11 -15.98
N GLN E 88 20.68 37.10 -16.84
CA GLN E 88 21.95 36.89 -17.52
C GLN E 88 22.17 37.94 -18.60
N LYS E 89 21.13 38.27 -19.34
CA LYS E 89 21.33 39.24 -20.42
C LYS E 89 21.61 40.61 -19.84
N ALA E 90 20.94 40.94 -18.73
CA ALA E 90 21.22 42.18 -18.01
C ALA E 90 22.66 42.20 -17.48
N TYR E 91 23.09 41.10 -16.84
CA TYR E 91 24.44 41.08 -16.28
C TYR E 91 25.49 41.35 -17.35
N ASN E 92 25.43 40.63 -18.47
CA ASN E 92 26.42 40.86 -19.52
C ASN E 92 26.22 42.23 -20.15
N ARG E 93 24.99 42.70 -20.29
CA ARG E 93 24.77 44.04 -20.85
C ARG E 93 25.38 45.12 -19.98
N ALA E 94 25.13 45.08 -18.65
CA ALA E 94 25.78 46.00 -17.72
C ALA E 94 27.29 45.97 -17.87
N LEU E 95 27.85 44.76 -18.04
CA LEU E 95 29.30 44.65 -18.11
C LEU E 95 29.82 45.15 -19.45
N GLU E 96 29.12 44.88 -20.54
CA GLU E 96 29.64 45.33 -21.82
C GLU E 96 29.45 46.83 -21.98
N LEU E 97 28.50 47.42 -21.23
CA LEU E 97 28.40 48.87 -21.18
C LEU E 97 29.37 49.49 -20.18
N GLY E 98 30.16 48.72 -19.46
CA GLY E 98 31.22 49.25 -18.65
C GLY E 98 31.07 49.13 -17.14
N ALA E 99 30.05 48.44 -16.65
CA ALA E 99 29.87 48.33 -15.21
C ALA E 99 30.92 47.40 -14.61
N GLN E 100 31.17 47.56 -13.35
CA GLN E 100 32.09 46.57 -12.81
C GLN E 100 31.33 45.46 -12.08
N PRO E 101 31.85 44.23 -12.09
CA PRO E 101 31.19 43.16 -11.33
C PRO E 101 31.66 43.12 -9.89
N ILE E 102 30.73 42.81 -8.98
CA ILE E 102 31.08 42.40 -7.63
C ILE E 102 30.78 40.92 -7.52
N HIS E 103 31.78 40.14 -7.15
CA HIS E 103 31.55 38.72 -6.96
C HIS E 103 31.11 38.46 -5.52
N ILE E 104 29.97 37.80 -5.36
CA ILE E 104 29.45 37.37 -4.07
C ILE E 104 29.67 35.87 -3.95
N ASP E 105 30.40 35.48 -2.89
CA ASP E 105 30.87 34.11 -2.71
C ASP E 105 29.69 33.18 -2.43
N THR E 106 29.53 32.18 -3.28
CA THR E 106 28.34 31.33 -3.28
C THR E 106 28.70 29.94 -2.83
N GLY E 107 28.02 29.46 -1.81
CA GLY E 107 28.25 28.14 -1.29
C GLY E 107 27.82 27.06 -2.26
N PRO E 108 28.26 25.83 -2.00
CA PRO E 108 27.72 24.68 -2.72
C PRO E 108 26.21 24.69 -2.73
N MET E 109 25.63 24.33 -3.88
CA MET E 109 24.20 24.09 -4.03
C MET E 109 23.36 25.34 -3.80
N GLU E 110 23.97 26.53 -3.81
CA GLU E 110 23.25 27.78 -3.64
C GLU E 110 23.24 28.55 -4.95
N LEU E 111 22.45 29.61 -4.98
CA LEU E 111 22.27 30.42 -6.18
C LEU E 111 23.42 31.41 -6.36
N ASN E 112 23.99 31.42 -7.57
CA ASN E 112 25.07 32.35 -7.91
C ASN E 112 24.43 33.70 -8.25
N LEU E 113 24.50 34.65 -7.32
CA LEU E 113 23.76 35.91 -7.48
C LEU E 113 24.59 36.93 -8.24
N PRO E 114 24.12 37.42 -9.39
CA PRO E 114 24.87 38.44 -10.13
C PRO E 114 24.69 39.82 -9.51
N ALA E 115 25.79 40.57 -9.40
CA ALA E 115 25.69 41.95 -8.95
C ALA E 115 26.82 42.78 -9.54
N ILE E 116 26.50 44.02 -9.86
CA ILE E 116 27.49 45.04 -10.21
C ILE E 116 27.72 45.96 -9.01
N LYS E 117 28.81 46.71 -9.05
CA LYS E 117 29.08 47.66 -7.99
C LYS E 117 28.30 48.94 -8.24
N GLY E 118 27.43 49.29 -7.29
CA GLY E 118 26.57 50.47 -7.35
C GLY E 118 26.93 51.49 -6.29
N ILE E 119 25.93 52.22 -5.77
CA ILE E 119 26.18 53.39 -4.92
C ILE E 119 27.13 53.05 -3.78
N GLY E 120 28.13 53.90 -3.58
CA GLY E 120 29.00 53.77 -2.44
C GLY E 120 29.81 52.48 -2.38
N GLY E 121 29.65 51.61 -3.37
CA GLY E 121 30.33 50.33 -3.42
C GLY E 121 29.45 49.16 -3.08
N ALA E 122 28.19 49.40 -2.75
CA ALA E 122 27.30 48.31 -2.40
C ALA E 122 26.93 47.51 -3.64
N PRO E 123 26.82 46.19 -3.52
CA PRO E 123 26.39 45.39 -4.68
C PRO E 123 24.99 45.80 -5.13
N LEU E 124 24.80 45.85 -6.45
CA LEU E 124 23.47 45.96 -7.06
C LEU E 124 23.13 44.62 -7.70
N TYR E 125 22.37 43.80 -6.98
CA TYR E 125 21.95 42.50 -7.49
C TYR E 125 20.93 42.66 -8.61
N LEU E 126 20.89 41.70 -9.52
CA LEU E 126 19.93 41.63 -10.63
C LEU E 126 19.27 40.27 -10.59
N ILE E 127 18.05 40.19 -10.05
CA ILE E 127 17.42 38.92 -9.66
C ILE E 127 16.26 38.65 -10.59
N ASP E 128 16.21 37.45 -11.17
CA ASP E 128 15.13 37.10 -12.09
C ASP E 128 14.29 35.94 -11.61
N ARG E 129 14.40 35.56 -10.33
CA ARG E 129 13.56 34.55 -9.70
C ARG E 129 12.76 35.23 -8.59
N PHE E 130 11.44 35.10 -8.65
CA PHE E 130 10.56 35.87 -7.77
C PHE E 130 9.19 35.18 -7.72
N GLY E 131 8.34 35.68 -6.83
CA GLY E 131 7.04 35.09 -6.63
C GLY E 131 7.11 33.79 -5.83
N GLU E 132 5.95 33.40 -5.29
CA GLU E 132 5.89 32.28 -4.36
C GLU E 132 6.26 30.97 -5.04
N GLY E 133 7.08 30.17 -4.34
CA GLY E 133 7.56 28.90 -4.85
C GLY E 133 8.75 28.97 -5.78
N SER E 134 9.05 30.14 -6.37
CA SER E 134 10.10 30.26 -7.36
C SER E 134 11.09 31.39 -7.05
N SER E 135 10.96 32.05 -5.91
CA SER E 135 11.85 33.15 -5.58
C SER E 135 13.15 32.61 -5.00
N ILE E 136 14.09 33.53 -4.77
CA ILE E 136 15.34 33.16 -4.15
C ILE E 136 15.19 32.79 -2.66
N TYR E 137 14.09 33.20 -2.01
CA TYR E 137 13.85 32.79 -0.63
C TYR E 137 13.28 31.38 -0.54
N ASP E 138 12.41 31.00 -1.48
CA ASP E 138 11.94 29.62 -1.49
C ASP E 138 13.08 28.63 -1.69
N ILE E 139 14.11 29.02 -2.43
CA ILE E 139 15.23 28.17 -2.76
C ILE E 139 16.27 28.17 -1.64
N ASP E 140 16.92 29.32 -1.43
CA ASP E 140 18.10 29.42 -0.57
C ASP E 140 17.78 29.67 0.90
N PHE E 141 16.53 29.91 1.26
CA PHE E 141 16.18 30.18 2.65
C PHE E 141 15.23 29.10 3.18
N VAL E 142 15.34 28.84 4.47
CA VAL E 142 14.51 27.87 5.17
C VAL E 142 13.53 28.63 6.03
N TYR E 143 12.26 28.64 5.63
CA TYR E 143 11.22 29.32 6.38
C TYR E 143 11.04 28.71 7.77
N LEU E 144 10.84 29.59 8.76
CA LEU E 144 10.52 29.13 10.10
C LEU E 144 9.23 28.33 10.05
N GLU E 145 9.32 27.08 10.49
CA GLU E 145 8.25 26.12 10.23
C GLU E 145 7.04 26.47 11.06
N GLY E 146 5.89 26.50 10.39
CA GLY E 146 4.66 27.01 10.93
C GLY E 146 4.41 28.48 10.68
N VAL E 147 5.44 29.32 10.76
CA VAL E 147 5.27 30.77 10.70
C VAL E 147 4.56 31.19 9.42
N GLU E 148 3.55 32.06 9.57
CA GLU E 148 2.89 32.68 8.42
C GLU E 148 3.92 33.44 7.60
N ARG E 149 4.06 33.06 6.34
CA ARG E 149 5.13 33.51 5.47
C ARG E 149 4.71 34.69 4.60
N ASN E 150 3.48 35.20 4.79
CA ASN E 150 3.03 36.41 4.11
C ASN E 150 2.58 37.46 5.12
N PRO E 151 3.45 37.82 6.06
CA PRO E 151 3.02 38.73 7.11
C PRO E 151 2.71 40.08 6.51
N VAL E 152 1.69 40.73 7.06
CA VAL E 152 1.22 42.01 6.55
C VAL E 152 1.46 43.14 7.54
N GLY E 153 1.54 42.85 8.84
CA GLY E 153 2.15 43.76 9.80
C GLY E 153 1.37 45.05 9.96
N ALA E 154 2.07 46.18 9.82
CA ALA E 154 1.46 47.50 9.91
C ALA E 154 0.94 48.01 8.58
N GLY E 155 0.88 47.15 7.56
CA GLY E 155 0.34 47.57 6.29
C GLY E 155 1.29 48.33 5.38
N LEU E 156 2.60 48.16 5.55
CA LEU E 156 3.53 48.62 4.53
C LEU E 156 3.53 47.61 3.40
N LYS E 157 3.49 48.10 2.16
CA LYS E 157 3.25 47.25 1.00
C LYS E 157 4.51 47.01 0.17
N VAL E 158 4.98 48.05 -0.52
CA VAL E 158 6.16 47.96 -1.35
C VAL E 158 7.19 48.99 -0.90
N ILE E 159 8.42 48.78 -1.35
CA ILE E 159 9.43 49.82 -1.26
C ILE E 159 9.07 50.91 -2.28
N ASP E 160 8.58 52.05 -1.80
CA ASP E 160 8.23 53.12 -2.72
C ASP E 160 9.46 53.63 -3.46
N HIS E 161 10.43 54.14 -2.71
CA HIS E 161 11.69 54.57 -3.28
C HIS E 161 12.76 54.43 -2.22
N LEU E 162 14.01 54.54 -2.65
CA LEU E 162 15.09 54.84 -1.72
C LEU E 162 15.95 55.90 -2.37
N THR E 163 16.56 56.74 -1.54
CA THR E 163 17.30 57.89 -2.02
C THR E 163 18.77 57.73 -1.66
N HIS E 164 19.63 58.37 -2.45
CA HIS E 164 21.07 58.34 -2.24
C HIS E 164 21.59 59.74 -1.94
N ASN E 165 22.39 59.86 -0.89
CA ASN E 165 23.22 61.04 -0.66
C ASN E 165 24.59 60.80 -1.29
N VAL E 166 24.97 61.66 -2.23
CA VAL E 166 26.26 61.61 -2.91
C VAL E 166 27.01 62.92 -2.63
N TYR E 167 28.32 62.88 -2.82
CA TYR E 167 29.15 64.05 -2.58
C TYR E 167 28.88 65.12 -3.63
N ARG E 168 29.45 66.30 -3.42
CA ARG E 168 29.20 67.42 -4.33
C ARG E 168 29.74 67.11 -5.72
N GLY E 169 28.90 67.31 -6.73
CA GLY E 169 29.25 67.02 -8.10
C GLY E 169 28.90 65.63 -8.58
N ARG E 170 28.68 64.69 -7.67
CA ARG E 170 28.49 63.31 -8.07
C ARG E 170 27.04 62.94 -8.33
N MET E 171 26.12 63.89 -8.19
CA MET E 171 24.75 63.67 -8.67
C MET E 171 24.74 63.28 -10.14
N VAL E 172 25.49 64.02 -10.97
CA VAL E 172 25.56 63.74 -12.40
C VAL E 172 26.19 62.38 -12.67
N TYR E 173 27.22 62.05 -11.90
CA TYR E 173 27.92 60.78 -12.08
C TYR E 173 26.95 59.62 -11.88
N TRP E 174 26.11 59.70 -10.84
CA TRP E 174 25.18 58.62 -10.54
C TRP E 174 23.93 58.67 -11.40
N ALA E 175 23.56 59.85 -11.90
CA ALA E 175 22.47 59.90 -12.86
C ALA E 175 22.86 59.19 -14.15
N ASN E 176 24.04 59.51 -14.69
CA ASN E 176 24.58 58.79 -15.84
C ASN E 176 24.58 57.29 -15.61
N PHE E 177 25.11 56.87 -14.45
CA PHE E 177 25.17 55.46 -14.14
C PHE E 177 23.81 54.80 -14.23
N TYR E 178 22.76 55.47 -13.74
CA TYR E 178 21.44 54.89 -13.88
C TYR E 178 20.78 55.26 -15.20
N GLU E 179 21.36 56.18 -15.97
CA GLU E 179 20.87 56.43 -17.32
C GLU E 179 21.47 55.45 -18.32
N LYS E 180 22.81 55.34 -18.33
CA LYS E 180 23.48 54.46 -19.28
C LYS E 180 23.07 53.00 -19.08
N LEU E 181 23.10 52.53 -17.84
CA LEU E 181 22.92 51.09 -17.65
C LEU E 181 21.45 50.69 -17.72
N PHE E 182 20.56 51.43 -17.07
CA PHE E 182 19.19 50.98 -16.91
C PHE E 182 18.16 51.82 -17.63
N ASN E 183 18.58 52.91 -18.28
CA ASN E 183 17.64 53.80 -18.98
C ASN E 183 16.68 54.50 -18.00
N PHE E 184 17.18 54.86 -16.83
CA PHE E 184 16.43 55.73 -15.92
C PHE E 184 16.31 57.12 -16.54
N ARG E 185 15.21 57.81 -16.23
CA ARG E 185 15.06 59.18 -16.69
C ARG E 185 14.78 60.10 -15.51
N GLU E 186 15.36 61.31 -15.56
CA GLU E 186 15.12 62.30 -14.52
C GLU E 186 13.73 62.88 -14.70
N ALA E 187 12.84 62.60 -13.74
CA ALA E 187 11.44 62.98 -13.81
C ALA E 187 10.97 63.62 -12.49
N THR E 200 19.40 70.29 -3.25
CA THR E 200 19.48 69.93 -4.66
C THR E 200 19.32 68.43 -4.88
N SER E 201 18.34 68.06 -5.72
CA SER E 201 17.89 66.69 -5.89
C SER E 201 17.69 66.34 -7.37
N LYS E 202 17.67 65.03 -7.63
CA LYS E 202 17.45 64.51 -8.98
C LYS E 202 16.69 63.21 -8.83
N ALA E 203 15.42 63.21 -9.25
CA ALA E 203 14.51 62.08 -9.05
C ALA E 203 14.65 61.12 -10.22
N MET E 204 15.49 60.11 -10.06
CA MET E 204 15.73 59.17 -11.14
C MET E 204 14.73 58.03 -11.04
N SER E 205 13.91 57.89 -12.07
CA SER E 205 12.88 56.88 -12.12
C SER E 205 13.22 55.87 -13.21
N ALA E 206 12.76 54.66 -13.02
CA ALA E 206 13.13 53.56 -13.88
C ALA E 206 12.09 53.33 -14.97
N PRO E 207 12.48 52.69 -16.08
CA PRO E 207 11.51 52.42 -17.15
C PRO E 207 10.34 51.51 -16.74
N ASP E 208 10.36 50.92 -15.56
CA ASP E 208 9.29 50.02 -15.13
C ASP E 208 8.26 50.71 -14.24
N GLY E 209 8.36 52.03 -14.05
CA GLY E 209 7.38 52.78 -13.27
C GLY E 209 7.38 52.53 -11.77
N MET E 210 8.24 51.64 -11.25
CA MET E 210 8.24 51.32 -9.84
C MET E 210 9.54 51.64 -9.10
N ILE E 211 10.68 51.69 -9.79
CA ILE E 211 11.97 51.89 -9.14
C ILE E 211 12.33 53.37 -9.25
N ARG E 212 12.35 54.04 -8.11
CA ARG E 212 12.71 55.45 -8.05
C ARG E 212 13.90 55.60 -7.12
N ILE E 213 14.95 56.21 -7.63
CA ILE E 213 16.12 56.49 -6.81
C ILE E 213 16.42 57.98 -6.93
N PRO E 214 16.04 58.78 -5.94
CA PRO E 214 16.44 60.19 -5.95
C PRO E 214 17.84 60.39 -5.40
N LEU E 215 18.57 61.32 -6.01
CA LEU E 215 19.96 61.60 -5.67
C LEU E 215 20.10 63.01 -5.12
N ASN E 216 20.67 63.14 -3.93
CA ASN E 216 20.83 64.41 -3.23
C ASN E 216 22.30 64.80 -3.10
N GLU E 217 22.59 66.10 -3.19
CA GLU E 217 23.90 66.63 -2.77
C GLU E 217 23.70 67.88 -1.94
N GLU E 218 24.74 68.20 -1.15
CA GLU E 218 24.98 69.44 -0.33
C GLU E 218 24.90 69.14 1.18
N GLY E 222 27.58 75.00 2.57
CA GLY E 222 27.46 73.62 3.01
C GLY E 222 27.00 73.50 4.46
N ALA E 223 27.53 72.49 5.16
CA ALA E 223 27.33 72.26 6.59
C ALA E 223 25.91 71.84 6.97
N GLY E 224 25.16 71.24 6.04
CA GLY E 224 23.75 70.91 6.23
C GLY E 224 23.52 69.44 6.59
N GLN E 225 22.30 68.97 6.33
CA GLN E 225 21.95 67.63 6.78
C GLN E 225 22.37 66.54 5.81
N ILE E 226 22.83 66.91 4.62
CA ILE E 226 23.47 65.92 3.75
C ILE E 226 24.97 65.86 4.02
N GLU E 227 25.59 67.01 4.25
CA GLU E 227 26.96 66.99 4.74
C GLU E 227 27.07 66.14 6.00
N GLU E 228 26.07 66.24 6.89
CA GLU E 228 26.09 65.45 8.13
C GLU E 228 25.92 63.95 7.83
N PHE E 229 25.15 63.59 6.80
CA PHE E 229 24.99 62.16 6.52
C PHE E 229 26.27 61.54 5.96
N LEU E 230 26.91 62.21 4.99
CA LEU E 230 28.12 61.66 4.40
C LEU E 230 29.28 61.66 5.36
N MET E 231 29.27 62.52 6.38
CA MET E 231 30.21 62.37 7.48
C MET E 231 29.86 61.14 8.29
N GLN E 232 28.66 61.13 8.88
CA GLN E 232 28.26 60.08 9.80
C GLN E 232 28.14 58.72 9.13
N PHE E 233 27.99 58.67 7.80
CA PHE E 233 27.92 57.40 7.08
C PHE E 233 29.25 56.96 6.50
N ASN E 234 30.21 57.88 6.33
CA ASN E 234 31.53 57.55 5.80
C ASN E 234 31.50 57.27 4.30
N GLY E 235 30.62 57.95 3.56
CA GLY E 235 30.60 57.87 2.11
C GLY E 235 29.20 58.01 1.57
N GLU E 236 29.09 57.91 0.26
CA GLU E 236 27.78 57.86 -0.40
C GLU E 236 27.02 56.60 -0.02
N GLY E 237 25.70 56.69 -0.04
CA GLY E 237 24.88 55.57 0.38
C GLY E 237 23.42 55.99 0.45
N ILE E 238 22.59 55.00 0.78
CA ILE E 238 21.15 55.20 0.91
C ILE E 238 20.88 55.92 2.22
N GLN E 239 20.17 57.04 2.15
CA GLN E 239 19.90 57.88 3.31
C GLN E 239 18.57 57.58 3.96
N HIS E 240 17.53 57.37 3.15
CA HIS E 240 16.33 56.76 3.69
C HIS E 240 15.70 55.84 2.65
N VAL E 241 15.04 54.81 3.15
CA VAL E 241 14.19 53.95 2.36
C VAL E 241 12.74 54.31 2.68
N ALA E 242 11.91 54.43 1.65
CA ALA E 242 10.51 54.77 1.79
C ALA E 242 9.65 53.57 1.43
N PHE E 243 8.85 53.10 2.39
CA PHE E 243 7.87 52.03 2.17
C PHE E 243 6.47 52.63 2.06
N LEU E 244 5.78 52.31 0.96
CA LEU E 244 4.43 52.81 0.71
C LEU E 244 3.37 52.02 1.50
N THR E 245 2.29 52.73 1.87
CA THR E 245 1.12 52.14 2.53
C THR E 245 -0.15 52.80 2.02
N ASP E 246 -1.28 52.11 2.22
CA ASP E 246 -2.58 52.55 1.72
C ASP E 246 -3.37 53.39 2.71
N ASP E 247 -3.04 53.29 3.99
CA ASP E 247 -3.70 54.09 5.01
C ASP E 247 -2.64 54.48 6.03
N LEU E 248 -2.06 55.67 5.85
CA LEU E 248 -0.95 56.09 6.68
C LEU E 248 -1.38 56.37 8.12
N VAL E 249 -2.59 56.90 8.34
CA VAL E 249 -3.11 57.01 9.70
C VAL E 249 -3.27 55.62 10.33
N LYS E 250 -3.74 54.64 9.54
CA LYS E 250 -3.85 53.27 10.04
C LYS E 250 -2.47 52.67 10.28
N THR E 251 -1.54 52.86 9.34
CA THR E 251 -0.19 52.36 9.52
C THR E 251 0.50 53.01 10.72
N TRP E 252 0.10 54.25 11.06
CA TRP E 252 0.72 54.98 12.15
C TRP E 252 0.37 54.38 13.50
N ASP E 253 -0.92 54.14 13.73
CA ASP E 253 -1.35 53.60 15.03
C ASP E 253 -0.80 52.20 15.21
N ALA E 254 -0.67 51.43 14.13
CA ALA E 254 -0.01 50.14 14.19
C ALA E 254 1.47 50.29 14.51
N LEU E 255 2.16 51.15 13.76
CA LEU E 255 3.60 51.30 13.95
C LEU E 255 3.93 51.86 15.33
N LYS E 256 3.16 52.84 15.81
CA LYS E 256 3.32 53.32 17.18
C LYS E 256 3.09 52.20 18.19
N LYS E 257 2.05 51.40 17.96
CA LYS E 257 1.69 50.38 18.93
C LYS E 257 2.88 49.47 19.26
N ILE E 258 3.84 49.33 18.34
CA ILE E 258 4.93 48.38 18.50
C ILE E 258 6.26 49.06 18.74
N GLY E 259 6.31 50.39 18.77
CA GLY E 259 7.47 51.04 19.34
C GLY E 259 8.22 51.95 18.42
N MET E 260 7.63 52.33 17.30
CA MET E 260 8.34 53.15 16.33
C MET E 260 8.62 54.54 16.93
N ARG E 261 9.79 55.10 16.60
CA ARG E 261 10.18 56.45 17.00
C ARG E 261 10.18 57.35 15.77
N PHE E 262 9.27 58.33 15.73
CA PHE E 262 9.22 59.26 14.61
C PHE E 262 9.99 60.53 14.93
N MET E 263 10.39 61.25 13.89
CA MET E 263 10.83 62.62 14.07
C MET E 263 9.63 63.46 14.49
N THR E 264 9.80 64.25 15.55
CA THR E 264 8.69 64.86 16.26
C THR E 264 7.98 65.91 15.39
N ALA E 265 6.74 66.19 15.77
CA ALA E 265 5.76 66.80 14.89
C ALA E 265 6.17 68.22 14.53
N PRO E 266 5.68 68.73 13.40
CA PRO E 266 5.78 70.16 13.12
C PRO E 266 5.13 70.98 14.21
N PRO E 267 5.38 72.28 14.24
CA PRO E 267 4.55 73.16 15.07
C PRO E 267 3.20 73.38 14.42
N ASP E 268 2.18 73.56 15.27
CA ASP E 268 0.80 73.65 14.81
C ASP E 268 0.61 74.69 13.72
N THR E 269 1.53 75.64 13.64
CA THR E 269 1.49 76.63 12.56
C THR E 269 1.57 75.98 11.17
N TYR E 270 2.26 74.84 11.06
CA TYR E 270 2.28 74.06 9.81
C TYR E 270 0.87 73.65 9.36
N TYR E 271 -0.04 73.44 10.32
CA TYR E 271 -1.41 73.05 10.06
C TYR E 271 -2.36 74.23 9.85
N GLU E 272 -2.03 75.40 10.40
CA GLU E 272 -2.75 76.61 10.02
C GLU E 272 -2.53 76.95 8.56
N MET E 273 -1.43 76.51 7.97
CA MET E 273 -1.09 76.87 6.60
C MET E 273 -1.48 75.82 5.57
N LEU E 274 -2.09 74.72 6.00
CA LEU E 274 -2.44 73.66 5.06
C LEU E 274 -3.45 74.13 4.02
N GLU E 275 -4.65 74.53 4.48
CA GLU E 275 -5.68 74.96 3.53
C GLU E 275 -5.35 76.28 2.85
N GLY E 276 -4.25 76.92 3.25
CA GLY E 276 -3.71 78.05 2.52
C GLY E 276 -2.76 77.64 1.42
N ARG E 277 -1.96 76.60 1.64
CA ARG E 277 -1.02 76.10 0.64
C ARG E 277 -1.63 75.00 -0.22
N LEU E 278 -2.51 74.19 0.36
CA LEU E 278 -3.19 73.12 -0.38
C LEU E 278 -4.68 73.34 -0.19
N PRO E 279 -5.25 74.33 -0.89
CA PRO E 279 -6.68 74.60 -0.77
C PRO E 279 -7.53 73.36 -1.03
N ASP E 280 -8.44 73.10 -0.09
CA ASP E 280 -9.42 72.03 -0.21
C ASP E 280 -8.71 70.71 -0.45
N HIS E 281 -7.74 70.43 0.41
CA HIS E 281 -7.07 69.15 0.37
C HIS E 281 -7.96 68.04 0.91
N GLY E 282 -8.83 68.36 1.87
CA GLY E 282 -9.80 67.42 2.39
C GLY E 282 -9.28 66.45 3.44
N GLU E 283 -8.03 66.56 3.84
CA GLU E 283 -7.55 65.56 4.79
C GLU E 283 -8.01 65.89 6.21
N PRO E 284 -8.33 64.88 7.00
CA PRO E 284 -8.69 65.10 8.40
C PRO E 284 -7.56 65.73 9.21
N VAL E 285 -7.43 67.06 9.13
CA VAL E 285 -6.29 67.77 9.68
C VAL E 285 -6.02 67.38 11.14
N ASP E 286 -7.06 67.08 11.91
CA ASP E 286 -6.87 66.73 13.31
C ASP E 286 -6.23 65.35 13.45
N GLN E 287 -6.63 64.39 12.60
CA GLN E 287 -6.05 63.06 12.67
C GLN E 287 -4.60 63.05 12.23
N LEU E 288 -4.26 63.90 11.24
CA LEU E 288 -2.87 64.08 10.85
C LEU E 288 -2.07 64.73 11.98
N GLN E 289 -2.50 65.93 12.41
CA GLN E 289 -1.78 66.71 13.42
C GLN E 289 -1.62 65.94 14.75
N ALA E 290 -2.50 64.98 15.04
CA ALA E 290 -2.28 64.14 16.22
C ALA E 290 -1.11 63.17 16.02
N ARG E 291 -0.65 62.97 14.79
CA ARG E 291 0.42 62.02 14.50
C ARG E 291 1.66 62.66 13.87
N GLY E 292 1.71 63.98 13.74
CA GLY E 292 2.85 64.62 13.12
C GLY E 292 3.07 64.25 11.66
N ILE E 293 2.01 64.02 10.93
CA ILE E 293 2.11 63.60 9.54
C ILE E 293 2.19 64.83 8.65
N LEU E 294 2.96 64.73 7.57
CA LEU E 294 3.09 65.83 6.64
C LEU E 294 2.19 65.62 5.42
N LEU E 295 1.93 66.71 4.71
CA LEU E 295 1.11 66.69 3.52
C LEU E 295 1.89 67.36 2.40
N ASP E 296 1.55 67.06 1.16
CA ASP E 296 2.07 67.81 0.02
C ASP E 296 1.34 67.39 -1.25
N GLY E 297 1.37 68.26 -2.25
CA GLY E 297 0.73 68.01 -3.52
C GLY E 297 0.35 69.32 -4.19
N SER E 298 -0.71 69.25 -4.99
CA SER E 298 -1.24 70.40 -5.71
C SER E 298 -2.73 70.19 -6.00
N SER E 299 -3.48 71.30 -6.04
CA SER E 299 -4.87 71.29 -6.45
C SER E 299 -5.03 72.25 -7.62
N VAL E 300 -5.24 71.70 -8.82
CA VAL E 300 -5.41 72.48 -10.04
C VAL E 300 -6.44 71.77 -10.91
N GLU E 301 -7.47 72.53 -11.33
CA GLU E 301 -8.56 72.02 -12.18
C GLU E 301 -9.37 70.94 -11.48
N GLY E 302 -9.54 71.09 -10.16
CA GLY E 302 -10.23 70.10 -9.37
C GLY E 302 -9.53 68.76 -9.24
N ASP E 303 -8.34 68.61 -9.82
CA ASP E 303 -7.51 67.42 -9.67
C ASP E 303 -6.54 67.67 -8.51
N LYS E 304 -6.79 67.00 -7.39
CA LYS E 304 -6.00 67.21 -6.16
C LYS E 304 -4.99 66.07 -6.01
N ARG E 305 -3.90 66.17 -6.79
CA ARG E 305 -2.74 65.30 -6.62
C ARG E 305 -2.08 65.62 -5.28
N LEU E 306 -2.11 64.68 -4.35
CA LEU E 306 -1.72 64.93 -2.98
C LEU E 306 -0.96 63.72 -2.44
N LEU E 307 -0.20 63.90 -1.36
CA LEU E 307 0.47 62.77 -0.75
C LEU E 307 0.68 63.02 0.74
N LEU E 308 0.63 61.94 1.52
CA LEU E 308 0.94 61.98 2.95
C LEU E 308 2.28 61.30 3.20
N GLN E 309 2.97 61.72 4.27
CA GLN E 309 4.29 61.20 4.58
C GLN E 309 4.68 61.51 6.01
N ILE E 310 5.40 60.59 6.64
CA ILE E 310 6.07 60.79 7.91
C ILE E 310 7.42 60.07 7.89
N PHE E 311 8.36 60.55 8.67
CA PHE E 311 9.68 59.95 8.76
C PHE E 311 9.92 59.47 10.18
N SER E 312 10.99 58.74 10.34
CA SER E 312 11.41 58.22 11.63
C SER E 312 12.68 58.94 12.07
N GLU E 313 13.11 58.63 13.30
CA GLU E 313 14.43 59.02 13.76
C GLU E 313 15.51 58.40 12.87
N THR E 314 16.73 58.90 13.03
CA THR E 314 17.86 58.12 12.53
C THR E 314 17.96 56.87 13.39
N LEU E 315 17.80 55.71 12.76
CA LEU E 315 17.75 54.44 13.49
C LEU E 315 18.93 53.52 13.22
N MET E 316 19.54 53.63 12.05
CA MET E 316 20.74 52.91 11.65
C MET E 316 21.78 53.98 11.28
N GLY E 317 22.57 54.39 12.27
CA GLY E 317 23.42 55.54 12.11
C GLY E 317 22.57 56.70 11.62
N PRO E 318 23.03 57.36 10.57
CA PRO E 318 22.27 58.48 10.00
C PRO E 318 21.19 58.08 9.01
N VAL E 319 20.82 56.81 8.96
CA VAL E 319 19.82 56.31 8.00
C VAL E 319 18.49 56.21 8.73
N PHE E 320 17.41 56.53 8.03
CA PHE E 320 16.08 56.54 8.58
C PHE E 320 15.12 56.03 7.51
N PHE E 321 13.83 56.01 7.84
CA PHE E 321 12.85 55.45 6.91
C PHE E 321 11.65 56.37 6.84
N GLU E 322 11.03 56.40 5.66
CA GLU E 322 9.88 57.24 5.38
C GLU E 322 8.69 56.34 5.09
N PHE E 323 7.52 56.74 5.57
CA PHE E 323 6.29 55.97 5.40
C PHE E 323 5.29 56.88 4.71
N ILE E 324 5.08 56.64 3.41
CA ILE E 324 4.32 57.56 2.57
C ILE E 324 3.02 56.89 2.12
N GLN E 325 2.01 57.71 1.86
CA GLN E 325 0.80 57.28 1.16
C GLN E 325 0.50 58.23 0.03
N ARG E 326 0.34 57.71 -1.17
CA ARG E 326 0.22 58.53 -2.37
C ARG E 326 -1.24 58.64 -2.78
N LYS E 327 -1.79 59.85 -2.65
CA LYS E 327 -3.12 60.17 -3.17
C LYS E 327 -3.00 60.97 -4.47
N GLY E 328 -2.35 60.36 -5.45
CA GLY E 328 -2.27 60.94 -6.78
C GLY E 328 -1.09 61.85 -7.04
N ASP E 329 -0.28 62.16 -6.02
CA ASP E 329 0.95 62.91 -6.22
C ASP E 329 2.13 61.97 -6.46
N ASP E 330 2.85 62.23 -7.55
CA ASP E 330 4.03 61.49 -7.97
C ASP E 330 5.32 62.03 -7.36
N GLY E 331 5.22 62.98 -6.42
CA GLY E 331 6.39 63.62 -5.84
C GLY E 331 6.83 62.95 -4.55
N PHE E 332 7.67 63.67 -3.80
CA PHE E 332 8.31 63.11 -2.62
C PHE E 332 8.12 63.95 -1.36
N GLY E 333 7.22 64.93 -1.38
CA GLY E 333 7.09 65.81 -0.25
C GLY E 333 8.07 66.97 -0.22
N GLU E 334 8.49 67.45 -1.39
CA GLU E 334 9.55 68.45 -1.46
C GLU E 334 9.10 69.77 -0.84
N GLY E 335 7.98 70.30 -1.34
CA GLY E 335 7.39 71.53 -0.82
C GLY E 335 7.23 71.54 0.68
N ASN E 336 7.31 70.38 1.33
CA ASN E 336 7.33 70.35 2.79
C ASN E 336 8.55 71.06 3.37
N PHE E 337 9.62 71.23 2.58
CA PHE E 337 10.82 71.91 3.05
C PHE E 337 10.55 73.39 3.30
N LYS E 338 10.11 74.12 2.26
CA LYS E 338 9.69 75.50 2.47
C LYS E 338 8.52 75.58 3.43
N ALA E 339 7.59 74.61 3.34
CA ALA E 339 6.39 74.65 4.17
C ALA E 339 6.72 74.52 5.64
N LEU E 340 7.68 73.67 6.01
CA LEU E 340 8.06 73.62 7.41
C LEU E 340 8.79 74.90 7.81
N PHE E 341 9.76 75.34 6.99
CA PHE E 341 10.53 76.56 7.28
C PHE E 341 9.61 77.70 7.71
N GLU E 342 8.55 77.95 6.94
CA GLU E 342 7.58 78.98 7.31
C GLU E 342 6.80 78.62 8.58
N SER E 343 6.62 77.33 8.84
CA SER E 343 6.02 76.96 10.11
C SER E 343 6.97 77.19 11.28
N ILE E 344 8.28 77.22 11.08
CA ILE E 344 9.10 77.54 12.25
C ILE E 344 9.25 79.06 12.46
N GLU E 345 9.15 79.86 11.40
CA GLU E 345 9.18 81.31 11.56
C GLU E 345 7.93 81.82 12.27
N ARG E 346 6.74 81.52 11.72
CA ARG E 346 5.46 81.88 12.34
C ARG E 346 5.26 81.25 13.73
N ASP E 347 6.05 80.25 14.11
CA ASP E 347 6.03 79.76 15.49
C ASP E 347 7.08 80.45 16.35
N GLN E 348 8.22 80.80 15.77
CA GLN E 348 9.23 81.56 16.51
C GLN E 348 8.72 82.96 16.84
N VAL E 349 8.06 83.60 15.86
CA VAL E 349 7.53 84.94 16.08
C VAL E 349 6.46 84.91 17.17
N ARG E 350 5.50 84.00 17.08
CA ARG E 350 4.57 83.83 18.21
C ARG E 350 5.21 83.13 19.41
N ARG E 351 6.55 83.13 19.49
CA ARG E 351 7.26 82.68 20.67
C ARG E 351 8.39 83.68 20.96
N ASP F 2 -1.78 17.91 -16.36
CA ASP F 2 -0.79 17.14 -15.63
C ASP F 2 0.16 18.06 -14.90
N LEU F 3 -0.44 19.03 -14.21
CA LEU F 3 0.28 20.07 -13.49
C LEU F 3 1.58 19.55 -12.87
N TYR F 4 1.48 18.58 -11.95
CA TYR F 4 2.56 18.21 -11.04
C TYR F 4 2.69 16.68 -11.02
N GLU F 5 3.53 16.17 -10.11
CA GLU F 5 3.73 14.73 -9.97
C GLU F 5 2.57 14.13 -9.19
N ASN F 6 2.03 13.03 -9.71
CA ASN F 6 0.77 12.44 -9.27
C ASN F 6 1.04 11.06 -8.67
N PRO F 7 1.54 11.01 -7.42
CA PRO F 7 2.00 9.73 -6.87
C PRO F 7 0.90 8.69 -6.71
N MET F 8 -0.34 9.10 -6.53
CA MET F 8 -1.46 8.16 -6.45
C MET F 8 -2.19 8.01 -7.78
N GLY F 9 -1.77 8.73 -8.81
CA GLY F 9 -2.37 8.59 -10.12
C GLY F 9 -3.83 9.02 -10.24
N LEU F 10 -4.20 10.14 -9.63
CA LEU F 10 -5.55 10.66 -9.81
C LEU F 10 -5.84 10.97 -11.27
N MET F 11 -7.08 10.72 -11.68
CA MET F 11 -7.56 11.14 -12.98
C MET F 11 -9.04 11.50 -12.89
N GLY F 12 -9.42 12.28 -11.88
CA GLY F 12 -10.75 12.83 -11.83
C GLY F 12 -11.57 12.32 -10.65
N PHE F 13 -12.62 13.08 -10.32
CA PHE F 13 -13.70 12.55 -9.50
C PHE F 13 -14.36 11.41 -10.25
N GLU F 14 -14.65 10.30 -9.56
CA GLU F 14 -15.27 9.16 -10.23
C GLU F 14 -16.79 9.10 -10.01
N PHE F 15 -17.23 9.20 -8.75
CA PHE F 15 -18.64 9.33 -8.45
C PHE F 15 -18.78 10.07 -7.13
N ILE F 16 -20.02 10.46 -6.81
CA ILE F 16 -20.38 10.99 -5.51
C ILE F 16 -21.57 10.20 -4.97
N GLU F 17 -21.53 9.89 -3.68
CA GLU F 17 -22.50 9.04 -3.03
C GLU F 17 -23.37 9.85 -2.08
N PHE F 18 -24.65 9.51 -2.02
CA PHE F 18 -25.60 10.18 -1.14
C PHE F 18 -26.35 9.17 -0.29
N ALA F 19 -26.93 9.65 0.80
CA ALA F 19 -27.68 8.83 1.73
C ALA F 19 -28.52 9.73 2.60
N SER F 20 -29.78 9.38 2.79
CA SER F 20 -30.63 10.13 3.68
C SER F 20 -31.30 9.18 4.67
N PRO F 21 -31.60 9.65 5.86
CA PRO F 21 -32.34 8.82 6.84
C PRO F 21 -33.85 8.95 6.73
N THR F 22 -34.35 9.66 5.72
CA THR F 22 -35.78 9.81 5.48
C THR F 22 -36.06 9.54 4.00
N PRO F 23 -36.95 8.60 3.67
CA PRO F 23 -37.08 8.14 2.28
C PRO F 23 -37.78 9.15 1.39
N GLY F 24 -37.54 9.02 0.09
CA GLY F 24 -38.12 9.91 -0.89
C GLY F 24 -37.67 11.35 -0.79
N THR F 25 -36.54 11.62 -0.13
CA THR F 25 -36.06 12.99 0.02
C THR F 25 -34.98 13.37 -0.98
N LEU F 26 -34.22 12.40 -1.48
CA LEU F 26 -33.09 12.60 -2.37
C LEU F 26 -33.47 12.42 -3.83
N GLU F 27 -34.36 11.47 -4.12
CA GLU F 27 -34.84 11.24 -5.48
C GLU F 27 -35.41 12.50 -6.11
N PRO F 28 -36.37 13.20 -5.50
CA PRO F 28 -36.87 14.44 -6.13
C PRO F 28 -35.81 15.50 -6.32
N ILE F 29 -34.71 15.48 -5.55
CA ILE F 29 -33.67 16.50 -5.69
C ILE F 29 -32.75 16.22 -6.88
N PHE F 30 -32.52 14.93 -7.21
CA PHE F 30 -31.72 14.62 -8.39
C PHE F 30 -32.46 14.98 -9.66
N GLU F 31 -33.79 14.91 -9.62
CA GLU F 31 -34.58 15.07 -10.84
C GLU F 31 -34.66 16.54 -11.26
N ILE F 32 -34.87 17.46 -10.31
CA ILE F 32 -34.85 18.88 -10.67
C ILE F 32 -33.45 19.40 -10.94
N MET F 33 -32.39 18.65 -10.64
CA MET F 33 -31.06 19.04 -11.06
C MET F 33 -30.67 18.48 -12.43
N GLY F 34 -31.56 17.79 -13.10
CA GLY F 34 -31.27 17.26 -14.43
C GLY F 34 -30.62 15.90 -14.47
N PHE F 35 -30.62 15.15 -13.35
CA PHE F 35 -30.10 13.80 -13.31
C PHE F 35 -31.22 12.82 -13.56
N THR F 36 -30.87 11.70 -14.19
CA THR F 36 -31.78 10.63 -14.57
C THR F 36 -31.34 9.34 -13.88
N LYS F 37 -32.29 8.63 -13.27
CA LYS F 37 -31.97 7.29 -12.79
C LYS F 37 -31.64 6.40 -13.96
N VAL F 38 -30.55 5.66 -13.86
CA VAL F 38 -29.99 5.02 -15.03
C VAL F 38 -29.71 3.53 -14.77
N ALA F 39 -29.45 3.17 -13.51
CA ALA F 39 -29.13 1.79 -13.20
C ALA F 39 -29.48 1.51 -11.74
N THR F 40 -29.59 0.22 -11.43
CA THR F 40 -29.83 -0.20 -10.05
C THR F 40 -28.93 -1.38 -9.72
N HIS F 41 -28.18 -1.24 -8.63
CA HIS F 41 -27.22 -2.23 -8.14
C HIS F 41 -27.72 -3.65 -8.30
N ARG F 42 -26.80 -4.59 -8.53
CA ARG F 42 -27.15 -5.98 -8.78
C ARG F 42 -27.85 -6.65 -7.60
N SER F 43 -27.76 -6.07 -6.39
CA SER F 43 -28.29 -6.73 -5.19
C SER F 43 -28.61 -5.76 -4.05
N LYS F 44 -27.87 -4.66 -3.95
CA LYS F 44 -28.12 -3.66 -2.93
C LYS F 44 -29.15 -2.64 -3.42
N ASN F 45 -29.86 -2.02 -2.46
CA ASN F 45 -30.87 -1.01 -2.73
C ASN F 45 -30.19 0.33 -3.05
N VAL F 46 -29.37 0.33 -4.10
CA VAL F 46 -28.60 1.52 -4.44
C VAL F 46 -28.69 1.74 -5.94
N HIS F 47 -28.61 3.02 -6.33
CA HIS F 47 -29.08 3.49 -7.62
C HIS F 47 -28.08 4.48 -8.18
N LEU F 48 -28.02 4.55 -9.51
CA LEU F 48 -27.04 5.38 -10.19
C LEU F 48 -27.77 6.48 -10.98
N TYR F 49 -27.56 7.72 -10.58
CA TYR F 49 -28.09 8.86 -11.32
C TYR F 49 -26.98 9.44 -12.17
N ARG F 50 -27.32 9.91 -13.37
CA ARG F 50 -26.27 10.35 -14.27
C ARG F 50 -26.68 11.59 -15.04
N GLN F 51 -25.70 12.43 -15.35
CA GLN F 51 -25.87 13.62 -16.19
C GLN F 51 -24.49 14.02 -16.69
N GLY F 52 -24.33 14.11 -18.00
CA GLY F 52 -22.98 14.29 -18.51
C GLY F 52 -22.12 13.13 -18.06
N GLU F 53 -20.89 13.43 -17.65
CA GLU F 53 -20.00 12.46 -17.04
C GLU F 53 -20.13 12.41 -15.52
N ILE F 54 -21.16 13.03 -14.96
CA ILE F 54 -21.36 13.03 -13.53
C ILE F 54 -22.11 11.76 -13.12
N ASN F 55 -21.57 11.05 -12.15
CA ASN F 55 -22.21 9.84 -11.61
C ASN F 55 -22.57 10.11 -10.16
N LEU F 56 -23.85 9.99 -9.84
CA LEU F 56 -24.34 10.15 -8.47
C LEU F 56 -24.91 8.83 -7.99
N ILE F 57 -24.41 8.35 -6.85
CA ILE F 57 -24.88 7.09 -6.26
C ILE F 57 -25.83 7.39 -5.12
N LEU F 58 -26.98 6.74 -5.12
CA LEU F 58 -27.95 6.87 -4.05
C LEU F 58 -27.85 5.60 -3.23
N ASN F 59 -27.28 5.70 -2.04
CA ASN F 59 -27.20 4.55 -1.15
C ASN F 59 -28.43 4.54 -0.24
N ASN F 60 -29.35 3.63 -0.51
CA ASN F 60 -30.45 3.38 0.41
C ASN F 60 -30.33 2.04 1.11
N GLU F 61 -29.15 1.41 1.07
CA GLU F 61 -28.95 0.15 1.75
C GLU F 61 -28.90 0.35 3.25
N PRO F 62 -29.78 -0.27 4.02
CA PRO F 62 -29.78 -0.05 5.46
C PRO F 62 -28.66 -0.82 6.14
N ASN F 63 -28.42 -0.46 7.40
CA ASN F 63 -27.48 -1.18 8.27
C ASN F 63 -26.05 -1.14 7.75
N SER F 64 -25.68 -0.06 7.07
CA SER F 64 -24.43 0.02 6.32
C SER F 64 -23.66 1.30 6.65
N ILE F 65 -22.47 1.40 6.06
CA ILE F 65 -21.62 2.58 6.25
C ILE F 65 -22.37 3.85 5.92
N ALA F 66 -23.22 3.80 4.88
CA ALA F 66 -23.88 5.02 4.43
C ALA F 66 -25.08 5.33 5.31
N SER F 67 -25.82 4.31 5.70
CA SER F 67 -26.95 4.55 6.58
C SER F 67 -26.50 5.17 7.91
N TYR F 68 -25.42 4.65 8.50
CA TYR F 68 -24.96 5.17 9.79
C TYR F 68 -24.49 6.61 9.64
N PHE F 69 -23.81 6.93 8.54
CA PHE F 69 -23.41 8.30 8.25
C PHE F 69 -24.61 9.24 8.19
N ALA F 70 -25.62 8.88 7.42
CA ALA F 70 -26.79 9.74 7.30
C ALA F 70 -27.65 9.75 8.55
N ALA F 71 -27.60 8.71 9.39
CA ALA F 71 -28.33 8.76 10.65
C ALA F 71 -27.83 9.90 11.52
N GLU F 72 -26.58 10.31 11.32
CA GLU F 72 -25.94 11.33 12.13
C GLU F 72 -25.91 12.70 11.48
N HIS F 73 -25.83 12.77 10.16
CA HIS F 73 -25.67 14.05 9.47
C HIS F 73 -26.88 14.45 8.62
N GLY F 74 -27.89 13.58 8.49
CA GLY F 74 -29.04 13.85 7.66
C GLY F 74 -28.72 13.64 6.19
N PRO F 75 -29.63 14.04 5.30
CA PRO F 75 -29.38 13.88 3.85
C PRO F 75 -28.07 14.56 3.48
N SER F 76 -27.11 13.76 3.01
CA SER F 76 -25.72 14.22 2.95
C SER F 76 -25.03 13.69 1.72
N VAL F 77 -23.86 14.24 1.43
CA VAL F 77 -22.89 13.56 0.57
C VAL F 77 -22.06 12.67 1.49
N CYS F 78 -22.27 11.36 1.39
CA CYS F 78 -21.75 10.43 2.35
C CYS F 78 -20.53 9.65 1.87
N GLY F 79 -20.15 9.79 0.60
CA GLY F 79 -18.90 9.21 0.14
C GLY F 79 -18.44 9.88 -1.12
N MET F 80 -17.14 9.79 -1.38
CA MET F 80 -16.52 10.49 -2.49
C MET F 80 -15.45 9.60 -3.10
N ALA F 81 -15.47 9.44 -4.42
CA ALA F 81 -14.66 8.43 -5.09
C ALA F 81 -13.71 9.08 -6.08
N PHE F 82 -12.40 8.96 -5.82
CA PHE F 82 -11.40 9.41 -6.79
C PHE F 82 -11.15 8.30 -7.80
N ARG F 83 -10.85 8.71 -9.02
CA ARG F 83 -10.50 7.79 -10.08
C ARG F 83 -8.99 7.79 -10.18
N VAL F 84 -8.40 6.60 -10.27
CA VAL F 84 -6.95 6.43 -10.19
C VAL F 84 -6.52 5.38 -11.21
N LYS F 85 -5.22 5.36 -11.53
CA LYS F 85 -4.73 4.38 -12.50
C LYS F 85 -4.64 3.00 -11.89
N ASP F 86 -3.93 2.88 -10.76
CA ASP F 86 -3.72 1.64 -10.03
C ASP F 86 -4.35 1.79 -8.64
N SER F 87 -5.56 1.24 -8.48
CA SER F 87 -6.24 1.41 -7.19
C SER F 87 -5.53 0.64 -6.08
N GLN F 88 -4.92 -0.50 -6.40
CA GLN F 88 -4.21 -1.25 -5.37
C GLN F 88 -2.94 -0.54 -4.92
N LYS F 89 -2.25 0.15 -5.82
CA LYS F 89 -1.03 0.80 -5.37
C LYS F 89 -1.35 2.08 -4.60
N ALA F 90 -2.39 2.80 -5.02
CA ALA F 90 -2.88 3.92 -4.24
C ALA F 90 -3.31 3.49 -2.85
N TYR F 91 -4.08 2.40 -2.75
CA TYR F 91 -4.53 1.91 -1.45
C TYR F 91 -3.35 1.66 -0.52
N ASN F 92 -2.40 0.82 -0.96
CA ASN F 92 -1.26 0.50 -0.10
C ASN F 92 -0.47 1.75 0.22
N ARG F 93 -0.28 2.63 -0.76
CA ARG F 93 0.50 3.85 -0.52
C ARG F 93 -0.15 4.73 0.54
N ALA F 94 -1.47 4.98 0.41
CA ALA F 94 -2.21 5.65 1.47
C ALA F 94 -1.98 5.01 2.82
N LEU F 95 -2.12 3.69 2.89
CA LEU F 95 -2.02 3.00 4.18
C LEU F 95 -0.62 3.12 4.76
N GLU F 96 0.41 2.93 3.93
CA GLU F 96 1.77 3.12 4.42
C GLU F 96 1.96 4.53 4.94
N LEU F 97 1.41 5.51 4.22
CA LEU F 97 1.60 6.90 4.63
C LEU F 97 0.84 7.26 5.89
N GLY F 98 -0.06 6.42 6.37
CA GLY F 98 -0.74 6.69 7.63
C GLY F 98 -2.26 6.74 7.59
N ALA F 99 -2.85 6.38 6.44
CA ALA F 99 -4.30 6.50 6.28
C ALA F 99 -5.02 5.44 7.09
N GLN F 100 -6.26 5.73 7.43
CA GLN F 100 -7.02 4.61 7.97
C GLN F 100 -7.98 4.06 6.92
N PRO F 101 -8.14 2.74 6.87
CA PRO F 101 -9.06 2.13 5.91
C PRO F 101 -10.48 2.07 6.44
N ILE F 102 -11.43 2.23 5.52
CA ILE F 102 -12.82 1.91 5.78
C ILE F 102 -13.19 0.72 4.92
N HIS F 103 -13.59 -0.38 5.56
CA HIS F 103 -14.03 -1.55 4.83
C HIS F 103 -15.52 -1.43 4.51
N ILE F 104 -15.85 -1.56 3.23
CA ILE F 104 -17.23 -1.63 2.76
C ILE F 104 -17.52 -3.08 2.38
N ASP F 105 -18.65 -3.60 2.86
CA ASP F 105 -18.96 -5.02 2.79
C ASP F 105 -19.55 -5.38 1.43
N THR F 106 -18.82 -6.19 0.68
CA THR F 106 -19.18 -6.52 -0.69
C THR F 106 -19.80 -7.91 -0.71
N GLY F 107 -20.94 -8.03 -1.36
CA GLY F 107 -21.59 -9.31 -1.48
C GLY F 107 -20.82 -10.24 -2.39
N PRO F 108 -21.30 -11.48 -2.48
CA PRO F 108 -20.76 -12.42 -3.47
C PRO F 108 -20.78 -11.84 -4.89
N MET F 109 -19.72 -12.13 -5.63
CA MET F 109 -19.62 -11.82 -7.05
C MET F 109 -19.68 -10.33 -7.32
N GLU F 110 -19.42 -9.51 -6.33
CA GLU F 110 -19.39 -8.07 -6.50
C GLU F 110 -17.97 -7.56 -6.33
N LEU F 111 -17.76 -6.29 -6.67
CA LEU F 111 -16.45 -5.67 -6.62
C LEU F 111 -16.12 -5.18 -5.22
N ASN F 112 -14.90 -5.43 -4.79
CA ASN F 112 -14.42 -5.00 -3.46
C ASN F 112 -13.86 -3.58 -3.60
N LEU F 113 -14.61 -2.60 -3.11
CA LEU F 113 -14.25 -1.20 -3.34
C LEU F 113 -13.30 -0.71 -2.26
N PRO F 114 -12.10 -0.26 -2.62
CA PRO F 114 -11.18 0.28 -1.62
C PRO F 114 -11.52 1.72 -1.25
N ALA F 115 -11.47 2.01 0.04
CA ALA F 115 -11.71 3.37 0.53
C ALA F 115 -10.95 3.59 1.82
N ILE F 116 -10.49 4.82 2.01
CA ILE F 116 -9.92 5.26 3.29
C ILE F 116 -10.90 6.21 3.97
N LYS F 117 -10.63 6.47 5.25
CA LYS F 117 -11.42 7.40 6.06
C LYS F 117 -11.08 8.84 5.66
N GLY F 118 -12.09 9.59 5.24
CA GLY F 118 -11.90 10.96 4.80
C GLY F 118 -12.75 11.94 5.58
N ILE F 119 -13.03 13.09 4.96
CA ILE F 119 -13.67 14.22 5.63
C ILE F 119 -14.88 13.77 6.44
N GLY F 120 -14.91 14.15 7.71
CA GLY F 120 -16.00 13.76 8.59
C GLY F 120 -16.25 12.26 8.69
N GLY F 121 -15.31 11.44 8.24
CA GLY F 121 -15.46 10.00 8.29
C GLY F 121 -16.12 9.39 7.07
N ALA F 122 -16.50 10.19 6.09
CA ALA F 122 -17.04 9.64 4.87
C ALA F 122 -15.95 8.89 4.11
N PRO F 123 -16.25 7.72 3.57
CA PRO F 123 -15.25 6.97 2.79
C PRO F 123 -14.72 7.78 1.63
N LEU F 124 -13.47 7.51 1.27
CA LEU F 124 -12.86 8.01 0.05
C LEU F 124 -12.46 6.80 -0.78
N TYR F 125 -13.26 6.48 -1.78
CA TYR F 125 -12.97 5.36 -2.66
C TYR F 125 -11.87 5.73 -3.67
N LEU F 126 -11.11 4.72 -4.09
CA LEU F 126 -10.07 4.87 -5.11
C LEU F 126 -10.35 3.85 -6.21
N ILE F 127 -10.92 4.30 -7.33
CA ILE F 127 -11.43 3.44 -8.39
C ILE F 127 -10.48 3.48 -9.57
N ASP F 128 -10.25 2.31 -10.19
CA ASP F 128 -9.45 2.28 -11.42
C ASP F 128 -10.12 1.46 -12.51
N ARG F 129 -11.45 1.36 -12.45
CA ARG F 129 -12.26 0.79 -13.52
C ARG F 129 -13.22 1.88 -14.00
N PHE F 130 -13.11 2.25 -15.29
CA PHE F 130 -13.81 3.42 -15.81
C PHE F 130 -13.86 3.34 -17.33
N GLY F 131 -14.61 4.28 -17.92
CA GLY F 131 -14.98 4.20 -19.33
C GLY F 131 -16.19 3.30 -19.51
N GLU F 132 -16.89 3.48 -20.62
CA GLU F 132 -18.08 2.67 -20.85
C GLU F 132 -17.66 1.24 -21.19
N GLY F 133 -18.44 0.27 -20.69
CA GLY F 133 -18.13 -1.13 -20.78
C GLY F 133 -17.10 -1.65 -19.79
N SER F 134 -16.35 -0.77 -19.13
CA SER F 134 -15.29 -1.19 -18.22
C SER F 134 -15.49 -0.71 -16.79
N SER F 135 -16.52 0.08 -16.54
CA SER F 135 -16.63 0.78 -15.27
C SER F 135 -17.37 -0.06 -14.25
N ILE F 136 -17.30 0.39 -13.00
CA ILE F 136 -17.98 -0.27 -11.90
C ILE F 136 -19.49 -0.27 -12.04
N TYR F 137 -20.07 0.61 -12.88
CA TYR F 137 -21.51 0.57 -13.10
C TYR F 137 -21.88 -0.45 -14.18
N ASP F 138 -20.99 -0.70 -15.15
CA ASP F 138 -21.23 -1.81 -16.05
C ASP F 138 -21.28 -3.14 -15.30
N ILE F 139 -20.46 -3.28 -14.26
CA ILE F 139 -20.31 -4.54 -13.53
C ILE F 139 -21.39 -4.72 -12.46
N ASP F 140 -21.43 -3.82 -11.48
CA ASP F 140 -22.24 -4.03 -10.27
C ASP F 140 -23.62 -3.40 -10.35
N PHE F 141 -23.94 -2.69 -11.43
CA PHE F 141 -25.26 -2.10 -11.60
C PHE F 141 -25.92 -2.69 -12.83
N VAL F 142 -27.24 -2.74 -12.81
CA VAL F 142 -28.05 -3.25 -13.92
C VAL F 142 -28.80 -2.06 -14.51
N TYR F 143 -28.47 -1.72 -15.75
CA TYR F 143 -29.09 -0.55 -16.37
C TYR F 143 -30.57 -0.81 -16.61
N LEU F 144 -31.33 0.27 -16.56
CA LEU F 144 -32.76 0.17 -16.83
C LEU F 144 -32.95 -0.19 -18.29
N GLU F 145 -33.79 -1.21 -18.54
CA GLU F 145 -34.04 -1.70 -19.89
C GLU F 145 -34.39 -0.55 -20.82
N GLY F 146 -33.59 -0.40 -21.86
CA GLY F 146 -33.85 0.60 -22.88
C GLY F 146 -33.36 2.00 -22.60
N VAL F 147 -33.35 2.42 -21.33
CA VAL F 147 -33.14 3.83 -20.99
C VAL F 147 -31.81 4.32 -21.54
N GLU F 148 -31.81 5.54 -22.11
CA GLU F 148 -30.57 6.12 -22.63
C GLU F 148 -29.56 6.20 -21.51
N ARG F 149 -28.46 5.48 -21.70
CA ARG F 149 -27.45 5.28 -20.68
C ARG F 149 -26.45 6.43 -20.60
N ASN F 150 -26.65 7.50 -21.35
CA ASN F 150 -25.77 8.67 -21.29
C ASN F 150 -26.59 9.95 -21.34
N PRO F 151 -27.48 10.15 -20.36
CA PRO F 151 -28.36 11.32 -20.42
C PRO F 151 -27.56 12.61 -20.27
N VAL F 152 -27.96 13.61 -21.06
CA VAL F 152 -27.24 14.89 -21.15
C VAL F 152 -27.96 15.94 -20.31
N GLY F 153 -29.29 15.82 -20.23
CA GLY F 153 -30.06 16.58 -19.24
C GLY F 153 -30.02 18.08 -19.48
N ALA F 154 -29.74 18.83 -18.41
CA ALA F 154 -29.64 20.29 -18.49
C ALA F 154 -28.21 20.77 -18.71
N GLY F 155 -27.35 19.92 -19.27
CA GLY F 155 -26.04 20.35 -19.72
C GLY F 155 -24.93 20.37 -18.70
N LEU F 156 -25.15 19.82 -17.51
CA LEU F 156 -24.05 19.71 -16.57
C LEU F 156 -23.09 18.59 -16.98
N LYS F 157 -21.80 18.90 -17.03
CA LYS F 157 -20.81 18.01 -17.63
C LYS F 157 -20.02 17.21 -16.60
N VAL F 158 -19.18 17.89 -15.82
CA VAL F 158 -18.35 17.24 -14.81
C VAL F 158 -18.59 17.90 -13.47
N ILE F 159 -18.30 17.13 -12.42
CA ILE F 159 -18.16 17.71 -11.09
C ILE F 159 -16.97 18.66 -11.13
N ASP F 160 -17.23 19.96 -10.95
CA ASP F 160 -16.13 20.92 -11.01
C ASP F 160 -15.30 20.88 -9.73
N HIS F 161 -15.97 20.97 -8.57
CA HIS F 161 -15.33 20.89 -7.27
C HIS F 161 -16.35 20.47 -6.23
N LEU F 162 -15.84 20.02 -5.08
CA LEU F 162 -16.59 19.87 -3.84
C LEU F 162 -15.87 20.70 -2.81
N THR F 163 -16.62 21.30 -1.91
CA THR F 163 -15.97 21.99 -0.80
C THR F 163 -16.12 21.17 0.48
N HIS F 164 -15.34 21.58 1.48
CA HIS F 164 -15.41 21.00 2.82
C HIS F 164 -15.54 22.13 3.82
N ASN F 165 -16.62 22.10 4.59
CA ASN F 165 -16.72 22.95 5.77
C ASN F 165 -16.10 22.20 6.94
N VAL F 166 -15.15 22.85 7.58
CA VAL F 166 -14.20 22.26 8.51
C VAL F 166 -14.23 23.11 9.79
N TYR F 167 -14.03 22.46 10.93
CA TYR F 167 -14.10 23.21 12.19
C TYR F 167 -12.90 24.15 12.32
N ARG F 168 -12.98 25.06 13.29
CA ARG F 168 -11.91 26.04 13.46
C ARG F 168 -10.60 25.35 13.83
N GLY F 169 -9.55 25.65 13.08
CA GLY F 169 -8.25 25.03 13.21
C GLY F 169 -8.00 23.84 12.29
N ARG F 170 -9.05 23.17 11.83
CA ARG F 170 -8.90 21.92 11.10
C ARG F 170 -8.58 22.12 9.63
N MET F 171 -8.54 23.36 9.15
CA MET F 171 -8.25 23.61 7.73
C MET F 171 -6.88 23.06 7.35
N VAL F 172 -5.85 23.38 8.14
CA VAL F 172 -4.52 22.85 7.84
C VAL F 172 -4.45 21.34 8.08
N TYR F 173 -5.25 20.82 9.02
CA TYR F 173 -5.30 19.38 9.23
C TYR F 173 -5.69 18.67 7.94
N TRP F 174 -6.76 19.13 7.32
CA TRP F 174 -7.27 18.53 6.09
C TRP F 174 -6.43 18.89 4.87
N ALA F 175 -5.65 19.97 4.94
CA ALA F 175 -4.70 20.24 3.86
C ALA F 175 -3.58 19.21 3.86
N ASN F 176 -2.96 18.98 5.02
CA ASN F 176 -1.88 18.00 5.12
C ASN F 176 -2.37 16.62 4.74
N PHE F 177 -3.60 16.28 5.14
CA PHE F 177 -4.19 15.03 4.69
C PHE F 177 -4.13 14.92 3.16
N TYR F 178 -4.69 15.91 2.47
CA TYR F 178 -4.63 15.87 1.01
C TYR F 178 -3.26 16.23 0.45
N GLU F 179 -2.37 16.83 1.24
CA GLU F 179 -0.99 17.03 0.79
C GLU F 179 -0.18 15.74 0.87
N LYS F 180 -0.07 15.20 2.09
CA LYS F 180 0.75 14.00 2.31
C LYS F 180 0.25 12.84 1.47
N LEU F 181 -1.07 12.61 1.48
CA LEU F 181 -1.58 11.41 0.84
C LEU F 181 -1.62 11.52 -0.68
N PHE F 182 -2.06 12.65 -1.22
CA PHE F 182 -2.28 12.73 -2.66
C PHE F 182 -1.43 13.75 -3.38
N ASN F 183 -0.58 14.50 -2.67
CA ASN F 183 0.25 15.54 -3.28
C ASN F 183 -0.61 16.69 -3.81
N PHE F 184 -1.63 17.06 -3.06
CA PHE F 184 -2.44 18.23 -3.38
C PHE F 184 -1.62 19.50 -3.11
N ARG F 185 -1.98 20.59 -3.79
CA ARG F 185 -1.33 21.87 -3.54
C ARG F 185 -2.36 22.97 -3.49
N GLU F 186 -2.17 23.91 -2.57
CA GLU F 186 -3.03 25.07 -2.46
C GLU F 186 -2.76 26.05 -3.62
N ALA F 187 -3.82 26.51 -4.28
CA ALA F 187 -3.68 27.39 -5.44
C ALA F 187 -4.26 28.80 -5.25
N ARG F 188 -5.35 28.97 -4.50
CA ARG F 188 -5.89 30.32 -4.21
C ARG F 188 -6.77 30.38 -2.94
N THR F 200 -12.39 32.73 5.60
CA THR F 200 -11.05 32.27 5.20
C THR F 200 -11.09 30.85 4.62
N SER F 201 -10.24 30.60 3.62
CA SER F 201 -10.45 29.49 2.69
C SER F 201 -9.12 28.99 2.16
N LYS F 202 -9.14 27.76 1.59
CA LYS F 202 -7.92 27.12 1.08
C LYS F 202 -8.32 26.20 -0.07
N ALA F 203 -7.96 26.60 -1.29
CA ALA F 203 -8.34 25.86 -2.50
C ALA F 203 -7.31 24.78 -2.77
N MET F 204 -7.63 23.55 -2.39
CA MET F 204 -6.72 22.43 -2.59
C MET F 204 -6.95 21.82 -3.97
N SER F 205 -5.91 21.85 -4.80
CA SER F 205 -5.91 21.25 -6.12
C SER F 205 -5.07 19.99 -6.13
N ALA F 206 -5.48 19.04 -6.94
CA ALA F 206 -4.85 17.75 -7.12
C ALA F 206 -3.88 17.77 -8.30
N PRO F 207 -2.84 16.94 -8.27
CA PRO F 207 -1.89 16.92 -9.40
C PRO F 207 -2.51 16.62 -10.76
N ASP F 208 -3.71 16.04 -10.82
CA ASP F 208 -4.33 15.79 -12.12
C ASP F 208 -4.99 17.04 -12.71
N GLY F 209 -5.10 18.13 -11.95
CA GLY F 209 -5.68 19.38 -12.43
C GLY F 209 -7.17 19.38 -12.64
N MET F 210 -7.88 18.35 -12.19
CA MET F 210 -9.33 18.29 -12.29
C MET F 210 -10.04 18.13 -10.95
N ILE F 211 -9.36 17.62 -9.93
CA ILE F 211 -9.93 17.44 -8.60
C ILE F 211 -9.56 18.64 -7.74
N ARG F 212 -10.56 19.45 -7.40
CA ARG F 212 -10.39 20.61 -6.55
C ARG F 212 -11.30 20.45 -5.34
N ILE F 213 -10.71 20.60 -4.15
CA ILE F 213 -11.49 20.59 -2.91
C ILE F 213 -11.11 21.83 -2.10
N PRO F 214 -11.94 22.87 -2.09
CA PRO F 214 -11.69 23.98 -1.17
C PRO F 214 -12.12 23.64 0.25
N LEU F 215 -11.31 24.11 1.20
CA LEU F 215 -11.54 23.91 2.62
C LEU F 215 -11.89 25.25 3.27
N ASN F 216 -13.09 25.33 3.86
CA ASN F 216 -13.61 26.54 4.49
C ASN F 216 -13.70 26.37 6.00
N GLU F 217 -13.23 27.37 6.75
CA GLU F 217 -13.52 27.44 8.19
C GLU F 217 -14.11 28.80 8.55
N GLU F 218 -14.53 28.92 9.81
CA GLU F 218 -14.97 30.18 10.47
C GLU F 218 -16.32 30.68 9.97
N GLY F 222 -17.10 34.83 14.79
CA GLY F 222 -17.91 33.70 14.39
C GLY F 222 -19.33 34.13 14.07
N ALA F 223 -20.28 33.20 14.27
CA ALA F 223 -21.72 33.46 14.14
C ALA F 223 -22.14 33.66 12.68
N GLY F 224 -21.57 32.87 11.76
CA GLY F 224 -21.78 33.08 10.33
C GLY F 224 -22.34 31.91 9.53
N GLN F 225 -21.92 31.79 8.27
CA GLN F 225 -22.49 30.80 7.36
C GLN F 225 -21.92 29.41 7.55
N ILE F 226 -20.69 29.31 8.07
CA ILE F 226 -20.06 28.00 8.21
C ILE F 226 -20.51 27.30 9.48
N GLU F 227 -20.49 28.02 10.61
CA GLU F 227 -20.94 27.41 11.86
C GLU F 227 -22.38 26.93 11.76
N GLU F 228 -23.22 27.65 10.99
CA GLU F 228 -24.58 27.18 10.77
C GLU F 228 -24.59 25.87 10.00
N PHE F 229 -23.65 25.70 9.06
CA PHE F 229 -23.56 24.41 8.38
C PHE F 229 -23.12 23.32 9.35
N LEU F 230 -22.13 23.61 10.20
CA LEU F 230 -21.57 22.57 11.06
C LEU F 230 -22.56 22.16 12.15
N MET F 231 -23.31 23.12 12.70
CA MET F 231 -24.40 22.73 13.59
C MET F 231 -25.47 21.95 12.83
N GLN F 232 -25.89 22.44 11.67
CA GLN F 232 -27.00 21.80 10.96
C GLN F 232 -26.58 20.48 10.33
N PHE F 233 -25.30 20.30 10.02
CA PHE F 233 -24.84 19.05 9.46
C PHE F 233 -24.36 18.07 10.52
N ASN F 234 -23.96 18.57 11.71
CA ASN F 234 -23.48 17.74 12.81
C ASN F 234 -22.07 17.21 12.52
N GLY F 235 -21.21 18.09 12.02
CA GLY F 235 -19.83 17.72 11.76
C GLY F 235 -19.32 18.32 10.47
N GLU F 236 -18.03 18.08 10.19
CA GLU F 236 -17.44 18.47 8.92
C GLU F 236 -18.04 17.66 7.78
N GLY F 237 -18.08 18.25 6.60
CA GLY F 237 -18.71 17.58 5.49
C GLY F 237 -18.64 18.43 4.24
N ILE F 238 -19.16 17.87 3.16
CA ILE F 238 -19.23 18.56 1.89
C ILE F 238 -20.40 19.54 1.96
N GLN F 239 -20.11 20.82 1.77
CA GLN F 239 -21.10 21.88 1.90
C GLN F 239 -21.86 22.12 0.60
N HIS F 240 -21.15 22.16 -0.53
CA HIS F 240 -21.82 22.15 -1.81
C HIS F 240 -20.97 21.43 -2.84
N VAL F 241 -21.65 20.96 -3.88
CA VAL F 241 -21.02 20.34 -5.04
C VAL F 241 -21.19 21.28 -6.22
N ALA F 242 -20.10 21.56 -6.91
CA ALA F 242 -20.13 22.36 -8.13
C ALA F 242 -20.11 21.45 -9.36
N PHE F 243 -21.18 21.53 -10.17
CA PHE F 243 -21.23 20.90 -11.49
C PHE F 243 -20.95 21.93 -12.57
N LEU F 244 -19.96 21.66 -13.43
CA LEU F 244 -19.62 22.59 -14.50
C LEU F 244 -20.53 22.40 -15.72
N THR F 245 -20.84 23.52 -16.38
CA THR F 245 -21.60 23.52 -17.62
C THR F 245 -20.98 24.49 -18.62
N ASP F 246 -21.22 24.23 -19.90
CA ASP F 246 -20.62 25.02 -20.97
C ASP F 246 -21.43 26.28 -21.28
N ASP F 247 -22.70 26.31 -20.92
CA ASP F 247 -23.55 27.47 -21.15
C ASP F 247 -24.51 27.59 -19.96
N LEU F 248 -24.13 28.41 -18.97
CA LEU F 248 -24.93 28.51 -17.75
C LEU F 248 -26.31 29.11 -18.02
N VAL F 249 -26.47 29.86 -19.11
CA VAL F 249 -27.79 30.40 -19.47
C VAL F 249 -28.67 29.29 -20.02
N LYS F 250 -28.13 28.47 -20.93
CA LYS F 250 -28.88 27.31 -21.43
C LYS F 250 -29.23 26.36 -20.30
N THR F 251 -28.26 26.11 -19.40
CA THR F 251 -28.51 25.26 -18.24
C THR F 251 -29.56 25.88 -17.31
N TRP F 252 -29.63 27.21 -17.25
CA TRP F 252 -30.55 27.85 -16.30
C TRP F 252 -32.00 27.66 -16.73
N ASP F 253 -32.32 27.97 -18.00
CA ASP F 253 -33.70 27.79 -18.45
C ASP F 253 -34.10 26.32 -18.44
N ALA F 254 -33.14 25.43 -18.70
CA ALA F 254 -33.41 24.00 -18.65
C ALA F 254 -33.58 23.54 -17.20
N LEU F 255 -32.69 23.98 -16.31
CA LEU F 255 -32.84 23.63 -14.90
C LEU F 255 -34.10 24.23 -14.31
N LYS F 256 -34.33 25.52 -14.56
CA LYS F 256 -35.57 26.16 -14.14
C LYS F 256 -36.77 25.39 -14.62
N LYS F 257 -36.72 24.89 -15.87
CA LYS F 257 -37.88 24.22 -16.43
C LYS F 257 -38.33 23.02 -15.61
N ILE F 258 -37.42 22.35 -14.89
CA ILE F 258 -37.77 21.06 -14.28
C ILE F 258 -37.99 21.15 -12.79
N GLY F 259 -37.91 22.34 -12.20
CA GLY F 259 -38.29 22.49 -10.82
C GLY F 259 -37.18 23.01 -9.94
N MET F 260 -36.08 23.42 -10.54
CA MET F 260 -34.93 23.81 -9.74
C MET F 260 -35.24 25.09 -8.97
N ARG F 261 -34.78 25.14 -7.72
CA ARG F 261 -34.96 26.29 -6.83
C ARG F 261 -33.62 26.98 -6.65
N PHE F 262 -33.52 28.24 -7.08
CA PHE F 262 -32.28 28.98 -6.98
C PHE F 262 -32.28 29.90 -5.77
N MET F 263 -31.09 30.12 -5.21
CA MET F 263 -30.87 31.20 -4.27
C MET F 263 -31.44 32.49 -4.85
N THR F 264 -32.18 33.22 -4.02
CA THR F 264 -32.83 34.46 -4.44
C THR F 264 -31.82 35.44 -5.04
N ALA F 265 -32.27 36.14 -6.09
CA ALA F 265 -31.37 36.92 -6.95
C ALA F 265 -30.72 38.07 -6.20
N PRO F 266 -29.58 38.57 -6.71
CA PRO F 266 -29.01 39.81 -6.16
C PRO F 266 -29.90 41.00 -6.47
N PRO F 267 -29.70 42.11 -5.78
CA PRO F 267 -30.41 43.34 -6.15
C PRO F 267 -29.74 44.02 -7.33
N ASP F 268 -30.53 44.83 -8.04
CA ASP F 268 -30.06 45.43 -9.28
C ASP F 268 -28.80 46.24 -9.08
N THR F 269 -28.55 46.71 -7.86
CA THR F 269 -27.32 47.41 -7.55
C THR F 269 -26.10 46.59 -7.92
N TYR F 270 -26.20 45.27 -7.78
CA TYR F 270 -25.10 44.36 -8.10
C TYR F 270 -24.76 44.40 -9.60
N TYR F 271 -25.79 44.49 -10.44
CA TYR F 271 -25.58 44.54 -11.89
C TYR F 271 -25.14 45.92 -12.38
N GLU F 272 -25.60 46.98 -11.73
CA GLU F 272 -25.11 48.31 -12.03
C GLU F 272 -23.61 48.43 -11.76
N MET F 273 -23.06 47.65 -10.84
CA MET F 273 -21.65 47.73 -10.50
C MET F 273 -20.79 46.73 -11.27
N LEU F 274 -21.37 46.03 -12.25
CA LEU F 274 -20.60 45.05 -13.01
C LEU F 274 -19.49 45.72 -13.82
N GLU F 275 -19.86 46.66 -14.69
CA GLU F 275 -18.92 47.27 -15.62
C GLU F 275 -17.86 48.13 -14.93
N GLY F 276 -18.05 48.47 -13.67
CA GLY F 276 -16.99 49.09 -12.90
C GLY F 276 -16.06 48.08 -12.27
N ARG F 277 -16.58 46.87 -12.03
CA ARG F 277 -15.89 45.76 -11.37
C ARG F 277 -15.07 44.92 -12.34
N LEU F 278 -15.66 44.61 -13.48
CA LEU F 278 -15.03 43.79 -14.51
C LEU F 278 -15.10 44.57 -15.81
N PRO F 279 -14.35 45.68 -15.91
CA PRO F 279 -14.45 46.55 -17.08
C PRO F 279 -14.29 45.78 -18.38
N ASP F 280 -15.27 45.96 -19.26
CA ASP F 280 -15.29 45.30 -20.56
C ASP F 280 -15.31 43.79 -20.39
N HIS F 281 -16.27 43.32 -19.58
CA HIS F 281 -16.46 41.89 -19.46
C HIS F 281 -17.19 41.31 -20.67
N GLY F 282 -18.08 42.10 -21.27
CA GLY F 282 -18.73 41.66 -22.49
C GLY F 282 -19.90 40.72 -22.32
N GLU F 283 -20.32 40.42 -21.08
CA GLU F 283 -21.41 39.46 -20.97
C GLU F 283 -22.77 40.17 -21.02
N PRO F 284 -23.84 39.44 -21.45
CA PRO F 284 -25.15 40.08 -21.57
C PRO F 284 -25.81 40.35 -20.23
N VAL F 285 -25.49 41.52 -19.65
CA VAL F 285 -25.89 41.88 -18.28
C VAL F 285 -27.37 41.60 -18.05
N ASP F 286 -28.19 41.84 -19.06
CA ASP F 286 -29.63 41.70 -18.88
C ASP F 286 -30.03 40.23 -18.71
N GLN F 287 -29.40 39.32 -19.44
CA GLN F 287 -29.81 37.92 -19.38
C GLN F 287 -29.25 37.23 -18.15
N LEU F 288 -28.10 37.70 -17.65
CA LEU F 288 -27.65 37.34 -16.31
C LEU F 288 -28.63 37.83 -15.26
N GLN F 289 -29.03 39.11 -15.37
CA GLN F 289 -29.94 39.69 -14.39
C GLN F 289 -31.33 39.07 -14.42
N ALA F 290 -31.76 38.51 -15.56
CA ALA F 290 -33.04 37.79 -15.56
C ALA F 290 -33.01 36.55 -14.67
N ARG F 291 -31.83 36.00 -14.41
CA ARG F 291 -31.69 34.68 -13.82
C ARG F 291 -30.91 34.67 -12.51
N GLY F 292 -30.49 35.82 -11.99
CA GLY F 292 -29.76 35.80 -10.73
C GLY F 292 -28.37 35.22 -10.80
N ILE F 293 -27.70 35.34 -11.94
CA ILE F 293 -26.40 34.75 -12.15
C ILE F 293 -25.32 35.71 -11.67
N LEU F 294 -24.34 35.18 -10.93
CA LEU F 294 -23.22 36.01 -10.51
C LEU F 294 -22.09 35.94 -11.55
N LEU F 295 -21.11 36.84 -11.41
CA LEU F 295 -19.98 36.93 -12.32
C LEU F 295 -18.71 37.26 -11.53
N ASP F 296 -17.59 36.67 -11.90
CA ASP F 296 -16.34 37.05 -11.27
C ASP F 296 -15.18 36.75 -12.20
N GLY F 297 -14.05 37.40 -11.95
CA GLY F 297 -12.86 37.25 -12.76
C GLY F 297 -12.03 38.53 -12.75
N SER F 298 -11.25 38.70 -13.82
CA SER F 298 -10.36 39.85 -13.97
C SER F 298 -10.22 40.19 -15.45
N SER F 299 -9.89 41.46 -15.72
CA SER F 299 -9.59 41.96 -17.06
C SER F 299 -8.27 42.70 -17.01
N VAL F 300 -7.17 42.01 -17.32
CA VAL F 300 -5.82 42.58 -17.26
C VAL F 300 -5.20 42.40 -18.65
N GLU F 301 -5.19 43.48 -19.44
CA GLU F 301 -4.54 43.52 -20.76
C GLU F 301 -5.23 42.58 -21.75
N GLY F 302 -6.54 42.74 -21.87
CA GLY F 302 -7.32 41.92 -22.79
C GLY F 302 -7.41 40.46 -22.39
N ASP F 303 -6.73 40.09 -21.31
CA ASP F 303 -6.84 38.76 -20.73
C ASP F 303 -8.08 38.73 -19.83
N LYS F 304 -9.23 38.69 -20.49
CA LYS F 304 -10.55 38.65 -19.83
C LYS F 304 -10.77 37.25 -19.27
N ARG F 305 -10.15 36.99 -18.11
CA ARG F 305 -10.35 35.74 -17.37
C ARG F 305 -11.59 35.90 -16.49
N LEU F 306 -12.68 35.24 -16.86
CA LEU F 306 -13.98 35.42 -16.24
C LEU F 306 -14.57 34.07 -15.82
N LEU F 307 -15.71 34.12 -15.11
CA LEU F 307 -16.34 32.95 -14.50
C LEU F 307 -17.79 33.27 -14.13
N LEU F 308 -18.71 32.39 -14.50
CA LEU F 308 -20.11 32.54 -14.15
C LEU F 308 -20.56 31.42 -13.22
N GLN F 309 -21.55 31.72 -12.38
CA GLN F 309 -21.97 30.77 -11.35
C GLN F 309 -23.34 31.14 -10.78
N ILE F 310 -24.07 30.12 -10.34
CA ILE F 310 -25.30 30.32 -9.58
C ILE F 310 -25.45 29.16 -8.62
N PHE F 311 -26.16 29.41 -7.52
CA PHE F 311 -26.33 28.44 -6.46
C PHE F 311 -27.81 28.12 -6.31
N SER F 312 -28.08 26.99 -5.65
CA SER F 312 -29.43 26.58 -5.35
C SER F 312 -29.75 26.89 -3.89
N GLU F 313 -31.02 26.67 -3.54
CA GLU F 313 -31.40 26.61 -2.13
C GLU F 313 -30.60 25.51 -1.43
N THR F 314 -30.50 25.61 -0.11
CA THR F 314 -30.19 24.42 0.65
C THR F 314 -31.24 23.37 0.33
N LEU F 315 -30.79 22.17 -0.03
CA LEU F 315 -31.66 21.14 -0.59
C LEU F 315 -31.55 19.82 0.13
N MET F 316 -30.37 19.47 0.61
CA MET F 316 -30.13 18.30 1.45
C MET F 316 -29.55 18.81 2.76
N GLY F 317 -30.42 19.07 3.73
CA GLY F 317 -30.00 19.76 4.93
C GLY F 317 -29.39 21.11 4.60
N PRO F 318 -28.22 21.39 5.18
CA PRO F 318 -27.52 22.63 4.85
C PRO F 318 -26.64 22.50 3.61
N VAL F 319 -26.91 21.47 2.80
CA VAL F 319 -26.13 21.22 1.58
C VAL F 319 -26.91 21.79 0.42
N PHE F 320 -26.20 22.48 -0.46
CA PHE F 320 -26.73 23.09 -1.67
C PHE F 320 -25.79 22.75 -2.80
N PHE F 321 -26.10 23.26 -4.00
CA PHE F 321 -25.29 22.92 -5.16
C PHE F 321 -24.96 24.15 -5.97
N GLU F 322 -23.87 24.05 -6.73
CA GLU F 322 -23.36 25.12 -7.56
C GLU F 322 -23.42 24.70 -9.01
N PHE F 323 -23.67 25.69 -9.88
CA PHE F 323 -23.65 25.53 -11.32
C PHE F 323 -22.81 26.68 -11.88
N ILE F 324 -21.77 26.34 -12.64
CA ILE F 324 -20.68 27.26 -12.93
C ILE F 324 -20.25 27.08 -14.39
N GLN F 325 -19.91 28.20 -15.04
CA GLN F 325 -19.35 28.19 -16.37
C GLN F 325 -18.04 28.96 -16.35
N ARG F 326 -16.97 28.33 -16.81
CA ARG F 326 -15.64 28.89 -16.65
C ARG F 326 -15.16 29.51 -17.97
N LYS F 327 -14.69 30.75 -17.89
CA LYS F 327 -14.24 31.55 -19.03
C LYS F 327 -12.89 32.18 -18.75
N GLY F 328 -11.91 31.36 -18.37
CA GLY F 328 -10.55 31.80 -18.20
C GLY F 328 -10.12 31.98 -16.76
N ASP F 329 -11.09 32.09 -15.85
CA ASP F 329 -10.83 32.18 -14.42
C ASP F 329 -10.92 30.79 -13.80
N ASP F 330 -9.86 30.38 -13.10
CA ASP F 330 -9.93 29.19 -12.25
C ASP F 330 -10.06 29.54 -10.77
N GLY F 331 -10.70 30.68 -10.46
CA GLY F 331 -11.15 30.98 -9.11
C GLY F 331 -12.51 30.36 -8.84
N PHE F 332 -13.11 30.75 -7.71
CA PHE F 332 -14.37 30.13 -7.29
C PHE F 332 -15.49 31.15 -7.09
N GLY F 333 -15.35 32.34 -7.65
CA GLY F 333 -16.39 33.36 -7.49
C GLY F 333 -16.25 34.15 -6.22
N GLU F 334 -15.04 34.22 -5.67
CA GLU F 334 -14.86 34.76 -4.32
C GLU F 334 -15.19 36.24 -4.26
N GLY F 335 -14.78 37.00 -5.30
CA GLY F 335 -15.09 38.41 -5.35
C GLY F 335 -16.56 38.71 -5.21
N ASN F 336 -17.42 37.74 -5.52
CA ASN F 336 -18.86 37.94 -5.37
C ASN F 336 -19.27 38.16 -3.91
N PHE F 337 -18.43 37.80 -2.96
CA PHE F 337 -18.76 38.04 -1.55
C PHE F 337 -18.76 39.54 -1.27
N LYS F 338 -17.60 40.18 -1.47
CA LYS F 338 -17.54 41.64 -1.37
C LYS F 338 -18.52 42.31 -2.31
N ALA F 339 -18.68 41.76 -3.52
CA ALA F 339 -19.53 42.40 -4.53
C ALA F 339 -20.99 42.43 -4.10
N LEU F 340 -21.46 41.40 -3.41
CA LEU F 340 -22.86 41.43 -2.99
C LEU F 340 -23.06 42.34 -1.77
N PHE F 341 -22.07 42.41 -0.88
CA PHE F 341 -22.19 43.28 0.29
C PHE F 341 -22.34 44.73 -0.13
N GLU F 342 -21.43 45.22 -0.98
CA GLU F 342 -21.59 46.56 -1.56
C GLU F 342 -22.82 46.65 -2.44
N SER F 343 -23.28 45.53 -3.00
CA SER F 343 -24.53 45.54 -3.72
C SER F 343 -25.73 45.71 -2.79
N ILE F 344 -25.64 45.22 -1.56
CA ILE F 344 -26.75 45.39 -0.64
C ILE F 344 -26.65 46.69 0.17
N GLU F 345 -25.46 47.27 0.29
CA GLU F 345 -25.36 48.60 0.89
C GLU F 345 -25.97 49.66 0.00
N ARG F 346 -25.59 49.68 -1.29
CA ARG F 346 -26.19 50.57 -2.27
C ARG F 346 -27.63 50.22 -2.62
N ASP F 347 -28.16 49.09 -2.14
CA ASP F 347 -29.60 48.88 -2.13
C ASP F 347 -30.20 49.25 -0.78
N GLN F 348 -29.42 49.14 0.30
CA GLN F 348 -29.89 49.57 1.61
C GLN F 348 -30.03 51.09 1.66
N VAL F 349 -29.01 51.81 1.17
CA VAL F 349 -29.02 53.27 1.18
C VAL F 349 -30.08 53.81 0.20
N ARG F 350 -30.23 53.18 -0.97
CA ARG F 350 -31.36 53.52 -1.85
C ARG F 350 -32.73 53.08 -1.28
N ARG F 351 -32.79 52.62 -0.04
CA ARG F 351 -34.03 52.22 0.61
C ARG F 351 -34.14 52.82 2.02
N ASP G 2 -9.49 -9.78 -34.59
CA ASP G 2 -10.24 -10.68 -33.71
C ASP G 2 -10.39 -10.05 -32.34
N LEU G 3 -11.23 -9.02 -32.30
CA LEU G 3 -11.39 -8.25 -31.06
C LEU G 3 -12.13 -9.05 -29.99
N TYR G 4 -13.26 -9.66 -30.37
CA TYR G 4 -14.10 -10.39 -29.43
C TYR G 4 -14.39 -11.79 -29.95
N GLU G 5 -15.33 -12.49 -29.32
CA GLU G 5 -15.67 -13.81 -29.80
C GLU G 5 -16.40 -13.68 -31.12
N ASN G 6 -16.03 -14.56 -32.05
CA ASN G 6 -16.54 -14.63 -33.42
C ASN G 6 -17.37 -15.89 -33.60
N PRO G 7 -18.58 -15.94 -33.03
CA PRO G 7 -19.36 -17.18 -33.08
C PRO G 7 -19.73 -17.62 -34.48
N MET G 8 -19.80 -16.71 -35.44
CA MET G 8 -20.05 -17.06 -36.83
C MET G 8 -18.78 -17.22 -37.63
N GLY G 9 -17.62 -17.04 -36.99
CA GLY G 9 -16.38 -17.10 -37.75
C GLY G 9 -16.32 -16.13 -38.89
N LEU G 10 -16.79 -14.88 -38.67
CA LEU G 10 -16.62 -13.83 -39.67
C LEU G 10 -15.15 -13.68 -40.04
N MET G 11 -14.91 -13.38 -41.32
CA MET G 11 -13.56 -13.17 -41.83
C MET G 11 -13.51 -12.15 -42.96
N GLY G 12 -14.35 -11.13 -42.94
CA GLY G 12 -14.28 -10.09 -43.94
C GLY G 12 -15.38 -10.17 -44.99
N PHE G 13 -15.43 -9.14 -45.84
CA PHE G 13 -16.38 -9.09 -46.94
C PHE G 13 -15.88 -10.00 -48.07
N GLU G 14 -16.74 -10.89 -48.55
CA GLU G 14 -16.31 -11.72 -49.68
C GLU G 14 -16.69 -11.09 -51.02
N PHE G 15 -17.91 -10.55 -51.13
CA PHE G 15 -18.31 -9.86 -52.35
C PHE G 15 -19.60 -9.08 -52.09
N ILE G 16 -19.81 -8.07 -52.92
CA ILE G 16 -21.11 -7.41 -53.02
C ILE G 16 -21.65 -7.58 -54.44
N GLU G 17 -22.97 -7.54 -54.54
CA GLU G 17 -23.69 -7.91 -55.75
C GLU G 17 -24.56 -6.76 -56.17
N PHE G 18 -24.56 -6.47 -57.47
CA PHE G 18 -25.32 -5.37 -58.05
C PHE G 18 -26.32 -5.90 -59.07
N ALA G 19 -27.41 -5.15 -59.26
CA ALA G 19 -28.37 -5.45 -60.30
C ALA G 19 -29.07 -4.17 -60.72
N SER G 20 -29.52 -4.14 -61.96
CA SER G 20 -30.23 -2.97 -62.47
C SER G 20 -31.33 -3.40 -63.42
N PRO G 21 -32.48 -2.71 -63.41
CA PRO G 21 -33.53 -3.00 -64.40
C PRO G 21 -33.31 -2.35 -65.76
N THR G 22 -32.24 -1.59 -65.95
CA THR G 22 -31.86 -1.02 -67.24
C THR G 22 -30.48 -1.55 -67.62
N PRO G 23 -30.32 -2.18 -68.78
CA PRO G 23 -29.03 -2.77 -69.14
C PRO G 23 -28.01 -1.70 -69.54
N GLY G 24 -26.75 -2.12 -69.56
CA GLY G 24 -25.67 -1.20 -69.89
C GLY G 24 -25.65 0.07 -69.05
N THR G 25 -26.20 0.02 -67.83
CA THR G 25 -26.10 1.13 -66.90
C THR G 25 -25.15 0.89 -65.74
N LEU G 26 -24.73 -0.35 -65.51
CA LEU G 26 -23.81 -0.65 -64.42
C LEU G 26 -22.41 -0.94 -64.90
N GLU G 27 -22.27 -1.48 -66.11
CA GLU G 27 -20.95 -1.77 -66.66
C GLU G 27 -20.10 -0.51 -66.75
N PRO G 28 -20.56 0.61 -67.33
CA PRO G 28 -19.71 1.81 -67.36
C PRO G 28 -19.24 2.24 -65.99
N ILE G 29 -20.07 2.12 -64.95
CA ILE G 29 -19.75 2.64 -63.63
C ILE G 29 -18.68 1.79 -62.93
N PHE G 30 -18.66 0.48 -63.19
CA PHE G 30 -17.53 -0.32 -62.72
C PHE G 30 -16.24 0.12 -63.39
N GLU G 31 -16.32 0.54 -64.66
CA GLU G 31 -15.13 0.79 -65.45
C GLU G 31 -14.44 2.10 -65.03
N ILE G 32 -15.20 3.18 -64.87
CA ILE G 32 -14.62 4.43 -64.36
C ILE G 32 -14.23 4.35 -62.90
N MET G 33 -14.63 3.30 -62.18
CA MET G 33 -14.27 3.11 -60.78
C MET G 33 -13.02 2.26 -60.59
N GLY G 34 -12.39 1.84 -61.69
CA GLY G 34 -11.18 1.04 -61.63
C GLY G 34 -11.39 -0.45 -61.57
N PHE G 35 -12.58 -0.94 -61.90
CA PHE G 35 -12.90 -2.35 -61.89
C PHE G 35 -12.85 -2.92 -63.29
N THR G 36 -12.34 -4.15 -63.39
CA THR G 36 -12.14 -4.85 -64.65
C THR G 36 -13.02 -6.09 -64.68
N LYS G 37 -13.71 -6.32 -65.81
CA LYS G 37 -14.44 -7.57 -65.99
C LYS G 37 -13.43 -8.70 -66.18
N VAL G 38 -13.33 -9.59 -65.20
CA VAL G 38 -12.36 -10.67 -65.29
C VAL G 38 -13.00 -12.05 -65.49
N ALA G 39 -14.27 -12.25 -65.16
CA ALA G 39 -14.84 -13.58 -65.21
C ALA G 39 -16.31 -13.50 -65.59
N THR G 40 -16.84 -14.61 -66.07
CA THR G 40 -18.25 -14.66 -66.43
C THR G 40 -18.82 -16.01 -66.02
N HIS G 41 -19.96 -15.98 -65.32
CA HIS G 41 -20.56 -17.16 -64.75
C HIS G 41 -20.65 -18.28 -65.78
N ARG G 42 -20.65 -19.52 -65.28
CA ARG G 42 -20.56 -20.71 -66.11
C ARG G 42 -21.85 -20.98 -66.87
N SER G 43 -22.98 -20.41 -66.45
CA SER G 43 -24.26 -20.68 -67.09
C SER G 43 -25.23 -19.50 -66.97
N LYS G 44 -25.11 -18.72 -65.91
CA LYS G 44 -25.99 -17.57 -65.76
C LYS G 44 -25.30 -16.31 -66.31
N ASN G 45 -26.12 -15.31 -66.64
CA ASN G 45 -25.64 -14.01 -67.11
C ASN G 45 -25.23 -13.17 -65.90
N VAL G 46 -24.16 -13.60 -65.24
CA VAL G 46 -23.62 -12.88 -64.10
C VAL G 46 -22.11 -12.83 -64.26
N HIS G 47 -21.52 -11.72 -63.81
CA HIS G 47 -20.16 -11.34 -64.17
C HIS G 47 -19.40 -10.90 -62.92
N LEU G 48 -18.08 -11.06 -62.97
CA LEU G 48 -17.21 -10.76 -61.83
C LEU G 48 -16.26 -9.63 -62.19
N TYR G 49 -16.38 -8.50 -61.48
CA TYR G 49 -15.50 -7.36 -61.63
C TYR G 49 -14.56 -7.31 -60.44
N ARG G 50 -13.29 -7.00 -60.70
CA ARG G 50 -12.33 -7.08 -59.61
C ARG G 50 -11.31 -5.93 -59.67
N GLN G 51 -10.89 -5.50 -58.47
CA GLN G 51 -9.84 -4.52 -58.29
C GLN G 51 -9.29 -4.72 -56.88
N GLY G 52 -7.98 -4.89 -56.77
CA GLY G 52 -7.44 -5.29 -55.49
C GLY G 52 -8.03 -6.61 -55.07
N GLU G 53 -8.40 -6.72 -53.80
CA GLU G 53 -9.09 -7.88 -53.27
C GLU G 53 -10.61 -7.71 -53.28
N ILE G 54 -11.12 -6.70 -53.96
CA ILE G 54 -12.56 -6.44 -53.99
C ILE G 54 -13.20 -7.26 -55.11
N ASN G 55 -14.27 -7.97 -54.77
CA ASN G 55 -15.01 -8.77 -55.74
C ASN G 55 -16.41 -8.19 -55.89
N LEU G 56 -16.75 -7.81 -57.11
CA LEU G 56 -18.07 -7.29 -57.43
C LEU G 56 -18.72 -8.24 -58.41
N ILE G 57 -19.94 -8.69 -58.11
CA ILE G 57 -20.67 -9.55 -59.05
C ILE G 57 -21.82 -8.78 -59.66
N LEU G 58 -21.81 -8.68 -60.98
CA LEU G 58 -22.88 -8.05 -61.72
C LEU G 58 -23.88 -9.12 -62.11
N ASN G 59 -25.08 -9.03 -61.55
CA ASN G 59 -26.10 -10.05 -61.75
C ASN G 59 -27.09 -9.54 -62.79
N ASN G 60 -27.07 -10.14 -63.97
CA ASN G 60 -28.03 -9.81 -65.02
C ASN G 60 -28.96 -10.98 -65.34
N GLU G 61 -29.16 -11.87 -64.36
CA GLU G 61 -30.03 -13.02 -64.57
C GLU G 61 -31.50 -12.59 -64.48
N PRO G 62 -32.31 -12.88 -65.47
CA PRO G 62 -33.74 -12.55 -65.39
C PRO G 62 -34.50 -13.54 -64.51
N ASN G 63 -35.69 -13.11 -64.09
CA ASN G 63 -36.61 -13.91 -63.27
C ASN G 63 -35.95 -14.45 -62.02
N SER G 64 -35.02 -13.68 -61.46
CA SER G 64 -34.20 -14.07 -60.32
C SER G 64 -34.42 -13.14 -59.12
N ILE G 65 -33.87 -13.56 -57.99
CA ILE G 65 -33.93 -12.75 -56.79
C ILE G 65 -33.27 -11.39 -57.00
N ALA G 66 -32.23 -11.32 -57.83
CA ALA G 66 -31.57 -10.05 -58.10
C ALA G 66 -32.48 -9.14 -58.91
N SER G 67 -33.06 -9.67 -59.99
CA SER G 67 -33.89 -8.84 -60.86
C SER G 67 -35.07 -8.24 -60.12
N TYR G 68 -35.75 -9.02 -59.28
CA TYR G 68 -36.90 -8.51 -58.54
C TYR G 68 -36.49 -7.41 -57.57
N PHE G 69 -35.35 -7.60 -56.90
CA PHE G 69 -34.80 -6.55 -56.07
C PHE G 69 -34.53 -5.31 -56.91
N ALA G 70 -33.81 -5.47 -58.02
CA ALA G 70 -33.52 -4.33 -58.88
C ALA G 70 -34.78 -3.73 -59.51
N ALA G 71 -35.83 -4.51 -59.74
CA ALA G 71 -37.05 -3.90 -60.28
C ALA G 71 -37.74 -3.00 -59.26
N GLU G 72 -37.51 -3.22 -57.97
CA GLU G 72 -38.13 -2.39 -56.96
C GLU G 72 -37.27 -1.20 -56.61
N HIS G 73 -35.95 -1.36 -56.63
CA HIS G 73 -35.05 -0.34 -56.12
C HIS G 73 -34.16 0.32 -57.18
N GLY G 74 -34.27 -0.06 -58.46
CA GLY G 74 -33.41 0.44 -59.50
C GLY G 74 -31.99 -0.11 -59.39
N PRO G 75 -31.02 0.51 -60.06
CA PRO G 75 -29.64 0.04 -59.95
C PRO G 75 -29.17 0.14 -58.51
N SER G 76 -28.64 -0.96 -57.98
CA SER G 76 -28.53 -1.09 -56.54
C SER G 76 -27.46 -2.10 -56.19
N VAL G 77 -27.07 -2.11 -54.92
CA VAL G 77 -26.36 -3.23 -54.33
C VAL G 77 -27.42 -4.20 -53.81
N CYS G 78 -27.58 -5.34 -54.49
CA CYS G 78 -28.73 -6.21 -54.29
C CYS G 78 -28.41 -7.42 -53.44
N GLY G 79 -27.15 -7.58 -53.04
CA GLY G 79 -26.79 -8.57 -52.04
C GLY G 79 -25.36 -8.33 -51.59
N MET G 80 -25.05 -8.85 -50.42
CA MET G 80 -23.75 -8.67 -49.79
C MET G 80 -23.38 -9.95 -49.05
N ALA G 81 -22.10 -10.34 -49.14
CA ALA G 81 -21.64 -11.65 -48.72
C ALA G 81 -20.48 -11.56 -47.74
N PHE G 82 -20.63 -12.19 -46.57
CA PHE G 82 -19.58 -12.25 -45.57
C PHE G 82 -18.72 -13.50 -45.80
N ARG G 83 -17.47 -13.43 -45.35
CA ARG G 83 -16.61 -14.60 -45.33
C ARG G 83 -16.73 -15.27 -43.98
N VAL G 84 -16.80 -16.59 -44.00
CA VAL G 84 -16.95 -17.38 -42.79
C VAL G 84 -16.09 -18.63 -42.91
N LYS G 85 -15.56 -19.10 -41.77
CA LYS G 85 -14.75 -20.31 -41.78
C LYS G 85 -15.60 -21.52 -42.15
N ASP G 86 -16.66 -21.79 -41.39
CA ASP G 86 -17.58 -22.87 -41.68
C ASP G 86 -18.94 -22.27 -42.00
N SER G 87 -19.32 -22.31 -43.27
CA SER G 87 -20.57 -21.69 -43.66
C SER G 87 -21.77 -22.49 -43.18
N GLN G 88 -21.60 -23.79 -43.00
CA GLN G 88 -22.75 -24.61 -42.62
C GLN G 88 -23.11 -24.42 -41.15
N LYS G 89 -22.11 -24.32 -40.26
CA LYS G 89 -22.46 -24.03 -38.87
C LYS G 89 -23.05 -22.63 -38.76
N ALA G 90 -22.57 -21.70 -39.60
CA ALA G 90 -23.11 -20.34 -39.60
C ALA G 90 -24.57 -20.30 -40.04
N TYR G 91 -24.86 -20.88 -41.22
CA TYR G 91 -26.25 -20.94 -41.71
C TYR G 91 -27.19 -21.54 -40.66
N ASN G 92 -26.88 -22.74 -40.17
CA ASN G 92 -27.64 -23.35 -39.09
C ASN G 92 -27.83 -22.38 -37.92
N ARG G 93 -26.74 -21.73 -37.48
CA ARG G 93 -26.84 -20.88 -36.29
C ARG G 93 -27.75 -19.67 -36.51
N ALA G 94 -27.64 -18.99 -37.67
CA ALA G 94 -28.57 -17.90 -37.97
C ALA G 94 -30.01 -18.35 -37.89
N LEU G 95 -30.31 -19.53 -38.45
CA LEU G 95 -31.69 -19.97 -38.51
C LEU G 95 -32.24 -20.27 -37.12
N GLU G 96 -31.42 -20.88 -36.25
CA GLU G 96 -31.93 -21.24 -34.93
C GLU G 96 -32.16 -19.98 -34.09
N LEU G 97 -31.33 -18.93 -34.31
CA LEU G 97 -31.59 -17.69 -33.61
C LEU G 97 -32.70 -16.88 -34.25
N GLY G 98 -33.29 -17.36 -35.35
CA GLY G 98 -34.47 -16.73 -35.90
C GLY G 98 -34.32 -16.02 -37.24
N ALA G 99 -33.21 -16.21 -37.96
CA ALA G 99 -33.03 -15.56 -39.25
C ALA G 99 -33.99 -16.13 -40.28
N GLN G 100 -34.39 -15.29 -41.23
CA GLN G 100 -35.14 -15.97 -42.27
C GLN G 100 -34.20 -16.31 -43.45
N PRO G 101 -34.36 -17.46 -44.08
CA PRO G 101 -33.49 -17.84 -45.19
C PRO G 101 -33.99 -17.31 -46.52
N ILE G 102 -33.06 -17.16 -47.46
CA ILE G 102 -33.39 -16.81 -48.83
C ILE G 102 -32.82 -17.89 -49.74
N HIS G 103 -33.65 -18.42 -50.62
CA HIS G 103 -33.22 -19.49 -51.51
C HIS G 103 -32.75 -18.89 -52.82
N ILE G 104 -31.49 -19.16 -53.17
CA ILE G 104 -30.91 -18.76 -54.45
C ILE G 104 -30.94 -19.98 -55.36
N ASP G 105 -31.61 -19.84 -56.51
CA ASP G 105 -31.79 -20.90 -57.49
C ASP G 105 -30.46 -21.34 -58.09
N THR G 106 -30.05 -22.58 -57.78
CA THR G 106 -28.76 -23.10 -58.18
C THR G 106 -28.97 -24.18 -59.24
N GLY G 107 -28.18 -24.11 -60.30
CA GLY G 107 -28.31 -25.05 -61.40
C GLY G 107 -27.52 -26.31 -61.16
N PRO G 108 -27.66 -27.28 -62.06
CA PRO G 108 -26.83 -28.48 -61.99
C PRO G 108 -25.35 -28.13 -61.93
N MET G 109 -24.62 -28.88 -61.12
CA MET G 109 -23.16 -28.79 -61.03
C MET G 109 -22.67 -27.44 -60.54
N GLU G 110 -23.53 -26.64 -59.93
CA GLU G 110 -23.14 -25.35 -59.40
C GLU G 110 -23.19 -25.38 -57.88
N LEU G 111 -22.51 -24.43 -57.25
CA LEU G 111 -22.49 -24.38 -55.81
C LEU G 111 -23.81 -23.86 -55.24
N ASN G 112 -24.21 -24.40 -54.09
CA ASN G 112 -25.47 -24.07 -53.43
C ASN G 112 -25.22 -22.93 -52.44
N LEU G 113 -25.58 -21.70 -52.82
CA LEU G 113 -25.15 -20.52 -52.07
C LEU G 113 -26.07 -20.22 -50.89
N PRO G 114 -25.60 -20.32 -49.64
CA PRO G 114 -26.46 -20.00 -48.48
C PRO G 114 -26.59 -18.49 -48.27
N ALA G 115 -27.83 -18.04 -48.09
CA ALA G 115 -28.05 -16.64 -47.79
C ALA G 115 -29.24 -16.54 -46.86
N ILE G 116 -29.23 -15.50 -46.02
CA ILE G 116 -30.38 -15.13 -45.19
C ILE G 116 -30.92 -13.79 -45.67
N LYS G 117 -32.13 -13.46 -45.21
CA LYS G 117 -32.79 -12.19 -45.50
C LYS G 117 -32.13 -11.08 -44.68
N GLY G 118 -31.41 -10.18 -45.34
CA GLY G 118 -30.78 -9.04 -44.70
C GLY G 118 -31.47 -7.73 -44.99
N ILE G 119 -30.66 -6.66 -45.08
CA ILE G 119 -31.17 -5.28 -45.12
C ILE G 119 -32.01 -5.03 -46.37
N GLY G 120 -33.23 -4.54 -46.16
CA GLY G 120 -34.10 -4.33 -47.30
C GLY G 120 -34.49 -5.59 -48.06
N GLY G 121 -34.25 -6.77 -47.48
CA GLY G 121 -34.57 -8.03 -48.12
C GLY G 121 -33.52 -8.52 -49.07
N ALA G 122 -32.40 -7.83 -49.21
CA ALA G 122 -31.31 -8.35 -50.01
C ALA G 122 -30.71 -9.59 -49.37
N PRO G 123 -30.28 -10.57 -50.17
CA PRO G 123 -29.58 -11.72 -49.60
C PRO G 123 -28.33 -11.32 -48.85
N LEU G 124 -28.01 -12.05 -47.79
CA LEU G 124 -26.69 -11.99 -47.17
C LEU G 124 -26.05 -13.38 -47.23
N TYR G 125 -25.06 -13.55 -48.09
CA TYR G 125 -24.41 -14.83 -48.29
C TYR G 125 -23.35 -15.08 -47.22
N LEU G 126 -23.14 -16.36 -46.91
CA LEU G 126 -22.10 -16.81 -45.97
C LEU G 126 -21.19 -17.78 -46.72
N ILE G 127 -20.10 -17.27 -47.28
CA ILE G 127 -19.21 -18.02 -48.17
C ILE G 127 -18.03 -18.54 -47.36
N ASP G 128 -17.70 -19.81 -47.51
CA ASP G 128 -16.56 -20.38 -46.79
C ASP G 128 -15.49 -20.94 -47.72
N ARG G 129 -15.59 -20.62 -49.01
CA ARG G 129 -14.56 -20.91 -49.98
C ARG G 129 -13.95 -19.58 -50.44
N PHE G 130 -12.63 -19.55 -50.62
CA PHE G 130 -11.96 -18.31 -50.93
C PHE G 130 -10.48 -18.58 -51.15
N GLY G 131 -9.82 -17.67 -51.85
CA GLY G 131 -8.42 -17.83 -52.21
C GLY G 131 -8.28 -18.25 -53.67
N GLU G 132 -7.11 -17.94 -54.22
CA GLU G 132 -6.86 -18.27 -55.63
C GLU G 132 -6.95 -19.78 -55.83
N GLY G 133 -7.74 -20.20 -56.82
CA GLY G 133 -7.93 -21.60 -57.14
C GLY G 133 -8.90 -22.36 -56.25
N SER G 134 -9.45 -21.72 -55.21
CA SER G 134 -10.33 -22.38 -54.25
C SER G 134 -11.64 -21.66 -54.03
N SER G 135 -11.80 -20.45 -54.58
CA SER G 135 -12.94 -19.61 -54.30
C SER G 135 -14.11 -20.00 -55.20
N ILE G 136 -15.27 -19.45 -54.84
CA ILE G 136 -16.46 -19.64 -55.64
C ILE G 136 -16.32 -19.11 -57.06
N TYR G 137 -15.41 -18.13 -57.30
CA TYR G 137 -15.17 -17.66 -58.68
C TYR G 137 -14.31 -18.64 -59.46
N ASP G 138 -13.43 -19.38 -58.79
CA ASP G 138 -12.68 -20.38 -59.53
C ASP G 138 -13.56 -21.52 -60.02
N ILE G 139 -14.71 -21.76 -59.38
CA ILE G 139 -15.60 -22.88 -59.64
C ILE G 139 -16.69 -22.44 -60.59
N ASP G 140 -17.59 -21.57 -60.12
CA ASP G 140 -18.80 -21.19 -60.86
C ASP G 140 -18.59 -20.07 -61.88
N PHE G 141 -17.33 -19.65 -62.12
CA PHE G 141 -17.05 -18.64 -63.14
C PHE G 141 -15.93 -19.12 -64.06
N VAL G 142 -15.92 -18.58 -65.27
CA VAL G 142 -14.89 -18.85 -66.27
C VAL G 142 -14.19 -17.55 -66.55
N TYR G 143 -12.91 -17.47 -66.23
CA TYR G 143 -12.15 -16.27 -66.53
C TYR G 143 -12.03 -16.07 -68.03
N LEU G 144 -11.92 -14.81 -68.44
CA LEU G 144 -11.74 -14.53 -69.84
C LEU G 144 -10.40 -15.07 -70.28
N GLU G 145 -10.38 -15.77 -71.42
CA GLU G 145 -9.16 -16.36 -71.95
C GLU G 145 -8.05 -15.34 -72.00
N GLY G 146 -6.97 -15.61 -71.26
CA GLY G 146 -5.81 -14.75 -71.23
C GLY G 146 -5.88 -13.66 -70.18
N VAL G 147 -7.06 -13.03 -70.07
CA VAL G 147 -7.21 -11.79 -69.31
C VAL G 147 -6.65 -11.92 -67.89
N GLU G 148 -5.99 -10.86 -67.44
CA GLU G 148 -5.23 -10.89 -66.20
C GLU G 148 -6.12 -11.18 -65.00
N ARG G 149 -5.62 -12.05 -64.13
CA ARG G 149 -6.43 -12.60 -63.03
C ARG G 149 -6.64 -11.58 -61.90
N ASN G 150 -5.63 -10.77 -61.59
CA ASN G 150 -5.61 -10.00 -60.35
C ASN G 150 -5.38 -8.51 -60.61
N PRO G 151 -6.37 -7.82 -61.20
CA PRO G 151 -6.14 -6.44 -61.58
C PRO G 151 -5.96 -5.59 -60.34
N VAL G 152 -5.13 -4.55 -60.47
CA VAL G 152 -4.75 -3.71 -59.34
C VAL G 152 -5.44 -2.37 -59.52
N GLY G 153 -5.59 -1.96 -60.78
CA GLY G 153 -6.45 -0.85 -61.13
C GLY G 153 -5.93 0.47 -60.60
N ALA G 154 -6.83 1.22 -59.97
CA ALA G 154 -6.47 2.49 -59.35
C ALA G 154 -6.05 2.33 -57.90
N GLY G 155 -5.56 1.15 -57.52
CA GLY G 155 -5.09 0.93 -56.17
C GLY G 155 -6.14 0.73 -55.09
N LEU G 156 -7.42 0.61 -55.43
CA LEU G 156 -8.39 0.23 -54.40
C LEU G 156 -8.15 -1.20 -53.96
N LYS G 157 -8.23 -1.43 -52.66
CA LYS G 157 -7.76 -2.68 -52.06
C LYS G 157 -8.87 -3.59 -51.55
N VAL G 158 -9.38 -3.31 -50.36
CA VAL G 158 -10.49 -4.04 -49.79
C VAL G 158 -11.72 -3.16 -49.80
N ILE G 159 -12.87 -3.77 -49.56
CA ILE G 159 -14.05 -3.02 -49.18
C ILE G 159 -13.88 -2.60 -47.74
N ASP G 160 -13.82 -1.29 -47.50
CA ASP G 160 -13.62 -0.82 -46.14
C ASP G 160 -14.90 -1.00 -45.32
N HIS G 161 -16.00 -0.47 -45.84
CA HIS G 161 -17.27 -0.48 -45.13
C HIS G 161 -18.34 -0.16 -46.14
N LEU G 162 -19.57 -0.54 -45.78
CA LEU G 162 -20.75 -0.05 -46.48
C LEU G 162 -21.78 0.26 -45.41
N THR G 163 -22.59 1.27 -45.69
CA THR G 163 -23.44 1.87 -44.68
C THR G 163 -24.90 1.79 -45.13
N HIS G 164 -25.75 1.20 -44.29
CA HIS G 164 -27.18 1.10 -44.54
C HIS G 164 -27.91 2.39 -44.12
N ASN G 165 -28.79 2.88 -44.99
CA ASN G 165 -29.82 3.84 -44.62
C ASN G 165 -31.10 3.09 -44.27
N VAL G 166 -31.69 3.44 -43.13
CA VAL G 166 -32.90 2.78 -42.63
C VAL G 166 -33.89 3.84 -42.18
N TYR G 167 -35.15 3.45 -42.13
CA TYR G 167 -36.18 4.38 -41.72
C TYR G 167 -36.06 4.67 -40.24
N ARG G 168 -36.79 5.66 -39.80
CA ARG G 168 -36.70 6.10 -38.44
C ARG G 168 -37.20 5.05 -37.48
N GLY G 169 -36.42 4.79 -36.49
CA GLY G 169 -36.69 3.72 -35.55
C GLY G 169 -35.95 2.43 -35.87
N ARG G 170 -35.62 2.20 -37.14
CA ARG G 170 -35.06 0.93 -37.56
C ARG G 170 -33.58 0.79 -37.24
N MET G 171 -32.90 1.87 -36.82
CA MET G 171 -31.49 1.79 -36.45
C MET G 171 -31.23 0.70 -35.42
N VAL G 172 -32.09 0.60 -34.41
CA VAL G 172 -31.93 -0.43 -33.39
C VAL G 172 -32.36 -1.81 -33.90
N TYR G 173 -33.37 -1.86 -34.77
CA TYR G 173 -33.76 -3.13 -35.39
C TYR G 173 -32.56 -3.79 -36.04
N TRP G 174 -31.82 -3.03 -36.85
CA TRP G 174 -30.72 -3.61 -37.60
C TRP G 174 -29.47 -3.77 -36.76
N ALA G 175 -29.35 -2.96 -35.70
CA ALA G 175 -28.28 -3.18 -34.73
C ALA G 175 -28.43 -4.55 -34.08
N ASN G 176 -29.61 -4.81 -33.47
CA ASN G 176 -29.90 -6.14 -32.93
C ASN G 176 -29.62 -7.23 -33.94
N PHE G 177 -30.13 -7.07 -35.16
CA PHE G 177 -29.91 -8.08 -36.18
C PHE G 177 -28.44 -8.37 -36.37
N TYR G 178 -27.59 -7.34 -36.39
CA TYR G 178 -26.18 -7.62 -36.55
C TYR G 178 -25.49 -7.98 -35.23
N GLU G 179 -26.17 -7.79 -34.10
CA GLU G 179 -25.62 -8.15 -32.80
C GLU G 179 -25.95 -9.60 -32.42
N LYS G 180 -27.25 -9.95 -32.47
CA LYS G 180 -27.67 -11.27 -32.06
C LYS G 180 -27.08 -12.34 -32.95
N LEU G 181 -27.05 -12.09 -34.25
CA LEU G 181 -26.60 -13.10 -35.19
C LEU G 181 -25.09 -13.23 -35.23
N PHE G 182 -24.38 -12.14 -35.54
CA PHE G 182 -22.96 -12.25 -35.81
C PHE G 182 -22.07 -11.76 -34.68
N ASN G 183 -22.65 -11.08 -33.68
CA ASN G 183 -21.93 -10.51 -32.54
C ASN G 183 -21.20 -9.22 -32.93
N PHE G 184 -21.87 -8.34 -33.65
CA PHE G 184 -21.34 -7.01 -33.91
C PHE G 184 -21.46 -6.16 -32.65
N ARG G 185 -20.59 -5.17 -32.52
CA ARG G 185 -20.66 -4.20 -31.44
C ARG G 185 -20.64 -2.80 -32.03
N GLU G 186 -21.41 -1.88 -31.45
CA GLU G 186 -21.30 -0.48 -31.84
C GLU G 186 -19.99 0.10 -31.31
N ALA G 187 -19.20 0.69 -32.19
CA ALA G 187 -17.92 1.29 -31.80
C ALA G 187 -17.73 2.69 -32.40
N THR G 200 -27.85 11.35 -37.34
CA THR G 200 -27.50 10.43 -36.26
C THR G 200 -27.22 9.00 -36.80
N SER G 201 -26.31 8.27 -36.13
CA SER G 201 -25.61 7.19 -36.81
C SER G 201 -25.00 6.23 -35.79
N LYS G 202 -24.67 5.03 -36.28
CA LYS G 202 -24.28 3.92 -35.40
C LYS G 202 -23.32 3.01 -36.16
N ALA G 203 -22.08 2.92 -35.67
CA ALA G 203 -21.01 2.24 -36.39
C ALA G 203 -20.91 0.79 -35.90
N MET G 204 -21.58 -0.11 -36.62
CA MET G 204 -21.56 -1.53 -36.26
C MET G 204 -20.36 -2.21 -36.90
N SER G 205 -19.56 -2.89 -36.07
CA SER G 205 -18.36 -3.57 -36.52
C SER G 205 -18.31 -4.99 -35.97
N ALA G 206 -17.72 -5.86 -36.74
CA ALA G 206 -17.72 -7.29 -36.51
C ALA G 206 -16.53 -7.72 -35.67
N PRO G 207 -16.63 -8.86 -34.98
CA PRO G 207 -15.47 -9.36 -34.21
C PRO G 207 -14.28 -9.80 -35.06
N ASP G 208 -14.34 -9.68 -36.38
CA ASP G 208 -13.18 -9.98 -37.22
C ASP G 208 -12.35 -8.74 -37.54
N GLY G 209 -12.81 -7.54 -37.15
CA GLY G 209 -12.06 -6.32 -37.31
C GLY G 209 -12.00 -5.75 -38.71
N MET G 210 -12.80 -6.26 -39.65
CA MET G 210 -12.76 -5.76 -41.02
C MET G 210 -14.14 -5.39 -41.54
N ILE G 211 -15.20 -6.00 -40.99
CA ILE G 211 -16.56 -5.76 -41.47
C ILE G 211 -17.18 -4.66 -40.61
N ARG G 212 -17.30 -3.47 -41.19
CA ARG G 212 -18.02 -2.38 -40.56
C ARG G 212 -19.29 -2.12 -41.35
N ILE G 213 -20.41 -2.10 -40.66
CA ILE G 213 -21.62 -1.59 -41.32
C ILE G 213 -22.21 -0.50 -40.45
N PRO G 214 -22.08 0.76 -40.83
CA PRO G 214 -22.77 1.82 -40.11
C PRO G 214 -24.21 1.96 -40.59
N LEU G 215 -25.10 2.23 -39.64
CA LEU G 215 -26.52 2.39 -39.92
C LEU G 215 -26.94 3.84 -39.71
N ASN G 216 -27.55 4.44 -40.74
CA ASN G 216 -28.01 5.83 -40.73
C ASN G 216 -29.52 5.92 -40.71
N GLU G 217 -30.07 6.77 -39.86
CA GLU G 217 -31.43 7.29 -39.99
C GLU G 217 -31.36 8.82 -39.89
N GLU G 218 -32.33 9.49 -40.51
CA GLU G 218 -32.31 10.96 -40.53
C GLU G 218 -32.34 11.61 -39.14
N GLY G 222 -36.59 16.38 -40.37
CA GLY G 222 -36.04 15.54 -41.43
C GLY G 222 -35.76 16.33 -42.69
N ALA G 223 -36.20 15.79 -43.83
CA ALA G 223 -36.20 16.45 -45.13
C ALA G 223 -34.76 16.73 -45.62
N GLY G 224 -34.04 15.64 -45.92
CA GLY G 224 -32.67 15.79 -46.37
C GLY G 224 -31.92 14.58 -46.89
N GLN G 225 -30.74 14.33 -46.31
CA GLN G 225 -29.77 13.43 -46.92
C GLN G 225 -30.27 11.99 -46.96
N ILE G 226 -30.85 11.51 -45.86
CA ILE G 226 -31.23 10.11 -45.75
C ILE G 226 -32.61 9.87 -46.34
N GLU G 227 -33.57 10.71 -45.96
CA GLU G 227 -34.92 10.57 -46.47
C GLU G 227 -34.95 10.61 -47.99
N GLU G 228 -34.04 11.35 -48.58
CA GLU G 228 -33.97 11.45 -50.05
C GLU G 228 -33.49 10.12 -50.59
N PHE G 229 -32.64 9.41 -49.87
CA PHE G 229 -32.16 8.09 -50.36
C PHE G 229 -33.26 7.06 -50.25
N LEU G 230 -34.03 7.13 -49.17
CA LEU G 230 -35.13 6.19 -48.90
C LEU G 230 -36.25 6.35 -49.92
N MET G 231 -36.43 7.53 -50.49
CA MET G 231 -37.42 7.63 -51.58
C MET G 231 -36.77 7.08 -52.83
N GLN G 232 -35.74 7.75 -53.30
CA GLN G 232 -35.04 7.41 -54.56
C GLN G 232 -34.73 5.94 -54.69
N PHE G 233 -34.38 5.27 -53.61
CA PHE G 233 -34.08 3.85 -53.55
C PHE G 233 -35.30 2.97 -53.30
N ASN G 234 -36.40 3.51 -52.74
CA ASN G 234 -37.64 2.76 -52.52
C ASN G 234 -37.50 1.72 -51.39
N GLY G 235 -36.82 2.14 -50.31
CA GLY G 235 -36.63 1.31 -49.14
C GLY G 235 -35.24 1.44 -48.54
N GLU G 236 -35.03 0.77 -47.41
CA GLU G 236 -33.69 0.62 -46.83
C GLU G 236 -32.75 -0.09 -47.81
N GLY G 237 -31.46 0.17 -47.63
CA GLY G 237 -30.48 -0.36 -48.55
C GLY G 237 -29.13 0.26 -48.28
N ILE G 238 -28.16 -0.20 -49.03
CA ILE G 238 -26.81 0.34 -48.94
C ILE G 238 -26.78 1.65 -49.67
N GLN G 239 -26.26 2.70 -49.01
CA GLN G 239 -26.21 4.04 -49.55
C GLN G 239 -24.87 4.35 -50.22
N HIS G 240 -23.78 3.91 -49.61
CA HIS G 240 -22.51 3.94 -50.32
C HIS G 240 -21.64 2.80 -49.85
N VAL G 241 -20.73 2.41 -50.72
CA VAL G 241 -19.70 1.44 -50.39
C VAL G 241 -18.37 2.17 -50.38
N ALA G 242 -17.64 2.06 -49.27
CA ALA G 242 -16.29 2.57 -49.17
C ALA G 242 -15.28 1.52 -49.61
N PHE G 243 -14.49 1.84 -50.62
CA PHE G 243 -13.29 1.08 -50.94
C PHE G 243 -12.06 1.80 -50.39
N LEU G 244 -11.21 1.07 -49.66
CA LEU G 244 -9.97 1.61 -49.10
C LEU G 244 -8.83 1.56 -50.11
N THR G 245 -7.95 2.57 -50.05
CA THR G 245 -6.73 2.62 -50.85
C THR G 245 -5.56 3.09 -50.00
N ASP G 246 -4.35 2.73 -50.44
CA ASP G 246 -3.13 3.02 -49.68
C ASP G 246 -2.59 4.42 -49.97
N ASP G 247 -2.98 5.02 -51.10
CA ASP G 247 -2.60 6.38 -51.42
C ASP G 247 -3.76 6.99 -52.20
N LEU G 248 -4.58 7.78 -51.51
CA LEU G 248 -5.77 8.36 -52.12
C LEU G 248 -5.45 9.37 -53.23
N VAL G 249 -4.36 10.13 -53.10
CA VAL G 249 -3.94 11.06 -54.15
C VAL G 249 -3.55 10.30 -55.41
N LYS G 250 -2.85 9.17 -55.25
CA LYS G 250 -2.52 8.35 -56.43
C LYS G 250 -3.77 7.70 -57.02
N THR G 251 -4.64 7.17 -56.16
CA THR G 251 -5.90 6.61 -56.64
C THR G 251 -6.74 7.69 -57.31
N TRP G 252 -6.60 8.95 -56.87
CA TRP G 252 -7.41 10.03 -57.45
C TRP G 252 -7.04 10.28 -58.90
N ASP G 253 -5.74 10.41 -59.19
CA ASP G 253 -5.36 10.70 -60.57
C ASP G 253 -5.68 9.51 -61.47
N ALA G 254 -5.44 8.29 -60.99
CA ALA G 254 -5.84 7.11 -61.74
C ALA G 254 -7.35 7.11 -61.97
N LEU G 255 -8.13 7.32 -60.90
CA LEU G 255 -9.57 7.31 -61.04
C LEU G 255 -10.05 8.41 -61.98
N LYS G 256 -9.47 9.62 -61.86
CA LYS G 256 -9.83 10.72 -62.74
C LYS G 256 -9.44 10.46 -64.19
N LYS G 257 -8.40 9.65 -64.43
CA LYS G 257 -7.99 9.46 -65.81
C LYS G 257 -9.08 8.74 -66.61
N ILE G 258 -9.87 7.88 -65.97
CA ILE G 258 -10.74 6.97 -66.71
C ILE G 258 -12.20 7.40 -66.72
N GLY G 259 -12.57 8.42 -65.96
CA GLY G 259 -13.89 8.97 -66.17
C GLY G 259 -14.68 9.13 -64.89
N MET G 260 -13.99 9.01 -63.75
CA MET G 260 -14.70 9.07 -62.49
C MET G 260 -15.26 10.48 -62.28
N ARG G 261 -16.46 10.55 -61.72
CA ARG G 261 -17.16 11.80 -61.44
C ARG G 261 -17.30 11.98 -59.93
N PHE G 262 -16.69 13.03 -59.38
CA PHE G 262 -16.71 13.25 -57.93
C PHE G 262 -17.72 14.33 -57.56
N MET G 263 -18.29 14.22 -56.36
CA MET G 263 -19.10 15.31 -55.85
C MET G 263 -18.20 16.54 -55.69
N THR G 264 -18.76 17.72 -55.95
CA THR G 264 -17.95 18.91 -56.15
C THR G 264 -17.21 19.31 -54.88
N ALA G 265 -16.06 19.95 -55.08
CA ALA G 265 -15.08 20.15 -54.02
C ALA G 265 -15.59 21.09 -52.93
N PRO G 266 -15.02 21.02 -51.73
CA PRO G 266 -15.33 22.01 -50.71
C PRO G 266 -14.93 23.41 -51.15
N PRO G 267 -15.46 24.44 -50.50
CA PRO G 267 -14.96 25.79 -50.77
C PRO G 267 -13.64 26.04 -50.05
N ASP G 268 -12.81 26.89 -50.64
CA ASP G 268 -11.41 27.02 -50.21
C ASP G 268 -11.33 27.37 -48.74
N THR G 269 -12.33 28.05 -48.22
CA THR G 269 -12.50 28.29 -46.80
C THR G 269 -12.30 27.01 -45.96
N TYR G 270 -12.69 25.85 -46.52
CA TYR G 270 -12.51 24.56 -45.83
C TYR G 270 -11.04 24.24 -45.60
N TYR G 271 -10.17 24.65 -46.52
CA TYR G 271 -8.74 24.42 -46.36
C TYR G 271 -8.07 25.48 -45.48
N GLU G 272 -8.60 26.70 -45.47
CA GLU G 272 -8.22 27.66 -44.43
C GLU G 272 -8.30 27.04 -43.05
N MET G 273 -9.36 26.28 -42.81
CA MET G 273 -9.67 25.82 -41.46
C MET G 273 -9.07 24.45 -41.17
N LEU G 274 -8.15 23.97 -42.01
CA LEU G 274 -7.59 22.65 -41.79
C LEU G 274 -6.69 22.62 -40.55
N GLU G 275 -5.63 23.44 -40.53
CA GLU G 275 -4.76 23.41 -39.35
C GLU G 275 -5.31 24.22 -38.20
N GLY G 276 -6.44 24.90 -38.39
CA GLY G 276 -7.22 25.31 -37.24
C GLY G 276 -7.91 24.11 -36.61
N ARG G 277 -8.53 23.29 -37.44
CA ARG G 277 -9.32 22.15 -36.98
C ARG G 277 -8.45 20.95 -36.61
N LEU G 278 -7.31 20.78 -37.27
CA LEU G 278 -6.44 19.64 -37.07
C LEU G 278 -5.00 20.17 -36.97
N PRO G 279 -4.65 20.74 -35.82
CA PRO G 279 -3.33 21.36 -35.67
C PRO G 279 -2.19 20.35 -35.83
N ASP G 280 -1.36 20.60 -36.84
CA ASP G 280 -0.17 19.82 -37.13
C ASP G 280 -0.60 18.45 -37.64
N HIS G 281 -1.35 18.48 -38.74
CA HIS G 281 -1.78 17.27 -39.43
C HIS G 281 -0.73 16.82 -40.44
N GLY G 282 -0.09 17.76 -41.12
CA GLY G 282 1.03 17.45 -41.98
C GLY G 282 0.71 17.14 -43.43
N GLU G 283 -0.55 17.23 -43.84
CA GLU G 283 -0.80 16.76 -45.19
C GLU G 283 -0.61 17.89 -46.19
N PRO G 284 -0.21 17.55 -47.44
CA PRO G 284 0.02 18.58 -48.46
C PRO G 284 -1.27 19.25 -48.87
N VAL G 285 -1.63 20.34 -48.19
CA VAL G 285 -2.96 20.94 -48.32
C VAL G 285 -3.27 21.30 -49.77
N ASP G 286 -2.25 21.64 -50.56
CA ASP G 286 -2.50 22.07 -51.94
C ASP G 286 -2.91 20.90 -52.84
N GLN G 287 -2.32 19.72 -52.64
CA GLN G 287 -2.68 18.55 -53.46
C GLN G 287 -4.04 17.99 -53.07
N LEU G 288 -4.39 18.07 -51.78
CA LEU G 288 -5.74 17.76 -51.35
C LEU G 288 -6.74 18.76 -51.91
N GLN G 289 -6.40 20.04 -51.89
CA GLN G 289 -7.31 21.05 -52.41
C GLN G 289 -7.45 20.97 -53.93
N ALA G 290 -6.42 20.51 -54.64
CA ALA G 290 -6.52 20.39 -56.09
C ALA G 290 -7.53 19.32 -56.51
N ARG G 291 -7.93 18.43 -55.60
CA ARG G 291 -8.74 17.26 -55.94
C ARG G 291 -10.03 17.15 -55.12
N GLY G 292 -10.36 18.15 -54.29
CA GLY G 292 -11.57 18.04 -53.50
C GLY G 292 -11.57 16.96 -52.44
N ILE G 293 -10.40 16.61 -51.93
CA ILE G 293 -10.29 15.56 -50.92
C ILE G 293 -10.69 16.14 -49.57
N LEU G 294 -11.39 15.34 -48.77
CA LEU G 294 -11.75 15.72 -47.41
C LEU G 294 -10.73 15.14 -46.44
N LEU G 295 -10.71 15.67 -45.21
CA LEU G 295 -9.78 15.16 -44.23
C LEU G 295 -10.39 15.22 -42.84
N ASP G 296 -10.14 14.21 -42.01
CA ASP G 296 -10.66 14.21 -40.65
C ASP G 296 -9.78 13.33 -39.76
N GLY G 297 -10.00 13.46 -38.46
CA GLY G 297 -9.25 12.72 -37.46
C GLY G 297 -9.03 13.55 -36.20
N SER G 298 -7.85 13.45 -35.60
CA SER G 298 -7.47 14.28 -34.46
C SER G 298 -5.95 14.32 -34.37
N SER G 299 -5.41 15.53 -34.13
CA SER G 299 -3.96 15.69 -33.94
C SER G 299 -3.64 16.08 -32.49
N ASP G 303 -0.50 12.03 -30.95
CA ASP G 303 -1.17 10.94 -31.66
C ASP G 303 -1.94 11.48 -32.88
N LYS G 304 -1.22 11.66 -33.99
CA LYS G 304 -1.79 12.16 -35.24
C LYS G 304 -2.63 11.07 -35.91
N ARG G 305 -3.87 10.94 -35.45
CA ARG G 305 -4.80 9.95 -35.98
C ARG G 305 -5.72 10.63 -37.00
N LEU G 306 -5.49 10.33 -38.27
CA LEU G 306 -6.02 11.12 -39.38
C LEU G 306 -6.61 10.17 -40.42
N LEU G 307 -7.29 10.73 -41.42
CA LEU G 307 -8.08 9.94 -42.36
C LEU G 307 -8.45 10.82 -43.55
N LEU G 308 -8.14 10.38 -44.76
CA LEU G 308 -8.48 11.12 -45.96
C LEU G 308 -9.63 10.41 -46.66
N GLN G 309 -10.53 11.18 -47.27
CA GLN G 309 -11.68 10.58 -47.93
C GLN G 309 -12.19 11.46 -49.06
N ILE G 310 -12.88 10.84 -50.00
CA ILE G 310 -13.60 11.55 -51.04
C ILE G 310 -14.74 10.65 -51.52
N PHE G 311 -15.72 11.27 -52.17
CA PHE G 311 -16.94 10.59 -52.58
C PHE G 311 -17.15 10.87 -54.04
N SER G 312 -18.13 10.19 -54.62
CA SER G 312 -18.48 10.39 -56.02
C SER G 312 -19.88 10.98 -56.11
N GLU G 313 -20.31 11.22 -57.36
CA GLU G 313 -21.71 11.49 -57.64
C GLU G 313 -22.53 10.31 -57.16
N THR G 314 -23.82 10.51 -56.90
CA THR G 314 -24.71 9.37 -56.96
C THR G 314 -24.59 8.78 -58.37
N LEU G 315 -24.37 7.47 -58.44
CA LEU G 315 -23.97 6.79 -59.67
C LEU G 315 -24.92 5.69 -60.08
N MET G 316 -25.38 4.87 -59.14
CA MET G 316 -26.48 3.92 -59.36
C MET G 316 -27.66 4.40 -58.52
N GLY G 317 -28.55 5.18 -59.13
CA GLY G 317 -29.61 5.80 -58.41
C GLY G 317 -29.05 6.70 -57.32
N PRO G 318 -29.63 6.62 -56.13
CA PRO G 318 -29.12 7.40 -55.00
C PRO G 318 -27.92 6.79 -54.30
N VAL G 319 -27.31 5.74 -54.86
CA VAL G 319 -26.17 5.07 -54.24
C VAL G 319 -24.93 5.70 -54.84
N PHE G 320 -23.92 5.89 -54.01
CA PHE G 320 -22.68 6.53 -54.44
C PHE G 320 -21.54 5.77 -53.78
N PHE G 321 -20.31 6.26 -53.94
CA PHE G 321 -19.16 5.47 -53.52
C PHE G 321 -18.10 6.34 -52.89
N GLU G 322 -17.44 5.78 -51.88
CA GLU G 322 -16.42 6.46 -51.10
C GLU G 322 -15.08 5.82 -51.38
N PHE G 323 -14.04 6.65 -51.37
CA PHE G 323 -12.65 6.19 -51.49
C PHE G 323 -11.87 6.83 -50.36
N ILE G 324 -11.32 6.01 -49.47
CA ILE G 324 -10.80 6.48 -48.20
C ILE G 324 -9.39 5.94 -48.03
N GLN G 325 -8.52 6.76 -47.42
CA GLN G 325 -7.20 6.32 -46.98
C GLN G 325 -7.09 6.54 -45.49
N ARG G 326 -6.77 5.48 -44.76
CA ARG G 326 -6.72 5.52 -43.31
C ARG G 326 -5.30 5.78 -42.86
N LYS G 327 -5.12 6.81 -42.03
CA LYS G 327 -3.84 7.18 -41.45
C LYS G 327 -3.91 7.26 -39.93
N GLY G 328 -4.48 6.23 -39.28
CA GLY G 328 -4.56 6.11 -37.84
C GLY G 328 -5.96 6.28 -37.28
N ASP G 329 -6.82 7.02 -37.97
CA ASP G 329 -8.19 7.24 -37.53
C ASP G 329 -9.07 6.08 -37.99
N ASP G 330 -9.86 5.54 -37.06
CA ASP G 330 -10.79 4.48 -37.38
C ASP G 330 -12.23 4.98 -37.44
N GLY G 331 -12.43 6.28 -37.62
CA GLY G 331 -13.75 6.84 -37.83
C GLY G 331 -14.13 6.87 -39.30
N PHE G 332 -15.19 7.62 -39.61
CA PHE G 332 -15.72 7.63 -40.97
C PHE G 332 -15.73 9.01 -41.60
N GLY G 333 -15.02 9.97 -41.02
CA GLY G 333 -15.08 11.33 -41.53
C GLY G 333 -16.31 12.09 -41.11
N GLU G 334 -16.82 11.83 -39.90
CA GLU G 334 -18.04 12.49 -39.45
C GLU G 334 -17.79 13.94 -39.11
N GLY G 335 -16.59 14.26 -38.58
CA GLY G 335 -16.21 15.63 -38.38
C GLY G 335 -16.37 16.49 -39.63
N ASN G 336 -16.24 15.89 -40.81
CA ASN G 336 -16.39 16.65 -42.05
C ASN G 336 -17.79 17.25 -42.23
N PHE G 337 -18.76 16.93 -41.35
CA PHE G 337 -20.10 17.49 -41.49
C PHE G 337 -20.17 18.90 -40.90
N LYS G 338 -19.75 19.07 -39.65
CA LYS G 338 -19.65 20.44 -39.11
C LYS G 338 -18.56 21.24 -39.82
N ALA G 339 -17.52 20.57 -40.34
CA ALA G 339 -16.43 21.27 -40.99
C ALA G 339 -16.84 21.86 -42.32
N LEU G 340 -17.62 21.12 -43.12
CA LEU G 340 -18.07 21.70 -44.39
C LEU G 340 -19.12 22.78 -44.15
N PHE G 341 -19.89 22.65 -43.07
CA PHE G 341 -20.91 23.64 -42.75
C PHE G 341 -20.29 25.00 -42.50
N GLU G 342 -19.44 25.09 -41.47
CA GLU G 342 -18.70 26.33 -41.20
C GLU G 342 -17.94 26.79 -42.45
N SER G 343 -17.60 25.87 -43.35
CA SER G 343 -16.97 26.27 -44.59
C SER G 343 -17.97 26.94 -45.53
N ILE G 344 -19.19 26.42 -45.60
CA ILE G 344 -20.13 27.03 -46.52
C ILE G 344 -20.62 28.37 -45.97
N GLU G 345 -20.51 28.62 -44.66
CA GLU G 345 -20.83 29.94 -44.12
C GLU G 345 -19.69 30.93 -44.35
N ARG G 346 -18.49 30.63 -43.84
CA ARG G 346 -17.33 31.50 -44.05
C ARG G 346 -17.06 31.77 -45.54
N ASP G 347 -17.66 31.00 -46.45
CA ASP G 347 -17.67 31.36 -47.86
C ASP G 347 -18.92 32.16 -48.22
N GLN G 348 -20.04 31.88 -47.56
CA GLN G 348 -21.26 32.64 -47.84
C GLN G 348 -21.13 34.08 -47.38
N VAL G 349 -20.49 34.29 -46.22
CA VAL G 349 -20.24 35.64 -45.73
C VAL G 349 -19.18 36.34 -46.60
N ARG G 350 -18.09 35.64 -46.92
CA ARG G 350 -17.08 36.17 -47.83
C ARG G 350 -17.63 36.34 -49.26
N ARG G 351 -18.93 36.18 -49.43
CA ARG G 351 -19.57 36.41 -50.71
C ARG G 351 -20.76 37.36 -50.52
N ASP H 2 12.54 -33.59 31.41
CA ASP H 2 12.56 -33.17 30.01
C ASP H 2 13.57 -33.97 29.21
N LEU H 3 13.06 -34.92 28.43
CA LEU H 3 13.94 -35.75 27.61
C LEU H 3 14.77 -34.89 26.65
N TYR H 4 14.11 -34.04 25.86
CA TYR H 4 14.74 -33.34 24.75
C TYR H 4 14.46 -31.83 24.86
N GLU H 5 14.97 -31.09 23.88
CA GLU H 5 14.71 -29.65 23.80
C GLU H 5 13.27 -29.38 23.38
N ASN H 6 12.63 -28.45 24.08
CA ASN H 6 11.19 -28.18 24.00
C ASN H 6 10.93 -26.80 23.39
N PRO H 7 11.06 -26.67 22.06
CA PRO H 7 10.98 -25.33 21.45
C PRO H 7 9.63 -24.65 21.59
N MET H 8 8.55 -25.38 21.76
CA MET H 8 7.28 -24.73 22.03
C MET H 8 6.90 -24.81 23.48
N GLY H 9 7.82 -25.21 24.35
CA GLY H 9 7.52 -25.34 25.77
C GLY H 9 6.30 -26.15 26.14
N LEU H 10 6.14 -27.36 25.59
CA LEU H 10 5.05 -28.23 26.02
C LEU H 10 5.15 -28.54 27.51
N MET H 11 4.00 -28.68 28.18
CA MET H 11 3.92 -29.10 29.57
C MET H 11 2.67 -29.94 29.81
N GLY H 12 2.42 -30.93 28.95
CA GLY H 12 1.35 -31.87 29.20
C GLY H 12 0.09 -31.57 28.41
N PHE H 13 -0.79 -32.57 28.34
CA PHE H 13 -2.14 -32.31 27.84
C PHE H 13 -2.85 -31.37 28.80
N GLU H 14 -3.62 -30.41 28.25
CA GLU H 14 -4.36 -29.51 29.12
C GLU H 14 -5.82 -29.90 29.26
N PHE H 15 -6.49 -30.19 28.13
CA PHE H 15 -7.86 -30.69 28.17
C PHE H 15 -8.17 -31.39 26.87
N ILE H 16 -9.23 -32.19 26.91
CA ILE H 16 -9.77 -32.88 25.74
C ILE H 16 -11.23 -32.45 25.56
N GLU H 17 -11.62 -32.24 24.31
CA GLU H 17 -12.94 -31.71 24.00
C GLU H 17 -13.72 -32.74 23.20
N PHE H 18 -15.01 -32.87 23.51
CA PHE H 18 -15.90 -33.81 22.85
C PHE H 18 -17.10 -33.09 22.26
N ALA H 19 -17.73 -33.70 21.26
CA ALA H 19 -18.95 -33.16 20.68
C ALA H 19 -19.70 -34.30 20.01
N SER H 20 -21.01 -34.28 20.13
CA SER H 20 -21.86 -35.28 19.48
C SER H 20 -23.02 -34.57 18.81
N PRO H 21 -23.51 -35.12 17.70
CA PRO H 21 -24.71 -34.57 17.05
C PRO H 21 -26.02 -35.15 17.58
N THR H 22 -25.96 -36.01 18.60
CA THR H 22 -27.16 -36.56 19.24
C THR H 22 -27.11 -36.20 20.71
N PRO H 23 -28.15 -35.57 21.26
CA PRO H 23 -28.12 -35.13 22.67
C PRO H 23 -28.19 -36.32 23.62
N GLY H 24 -27.73 -36.09 24.85
CA GLY H 24 -27.79 -37.10 25.89
C GLY H 24 -27.00 -38.36 25.59
N THR H 25 -26.09 -38.30 24.62
CA THR H 25 -25.27 -39.46 24.28
C THR H 25 -23.91 -39.45 24.95
N LEU H 26 -23.35 -38.26 25.23
CA LEU H 26 -22.01 -38.13 25.78
C LEU H 26 -21.99 -38.04 27.30
N GLU H 27 -22.97 -37.33 27.88
CA GLU H 27 -23.03 -37.19 29.34
C GLU H 27 -23.06 -38.53 30.07
N PRO H 28 -23.94 -39.48 29.71
CA PRO H 28 -23.85 -40.82 30.33
C PRO H 28 -22.47 -41.47 30.31
N ILE H 29 -21.74 -41.31 29.21
CA ILE H 29 -20.45 -42.00 29.08
C ILE H 29 -19.41 -41.41 30.01
N PHE H 30 -19.45 -40.09 30.24
CA PHE H 30 -18.54 -39.51 31.23
C PHE H 30 -18.82 -40.03 32.63
N GLU H 31 -20.09 -40.35 32.90
CA GLU H 31 -20.47 -40.71 34.27
C GLU H 31 -19.96 -42.11 34.63
N ILE H 32 -20.29 -43.11 33.83
CA ILE H 32 -19.77 -44.44 34.09
C ILE H 32 -18.26 -44.52 33.94
N MET H 33 -17.61 -43.46 33.44
CA MET H 33 -16.16 -43.43 33.37
C MET H 33 -15.52 -42.78 34.59
N GLY H 34 -16.34 -42.29 35.52
CA GLY H 34 -15.84 -41.65 36.72
C GLY H 34 -15.54 -40.16 36.62
N PHE H 35 -16.20 -39.44 35.71
CA PHE H 35 -16.05 -38.00 35.59
C PHE H 35 -17.28 -37.30 36.14
N THR H 36 -17.06 -36.12 36.70
CA THR H 36 -18.08 -35.31 37.37
C THR H 36 -18.25 -33.99 36.63
N LYS H 37 -19.50 -33.60 36.38
CA LYS H 37 -19.76 -32.27 35.85
C LYS H 37 -19.42 -31.24 36.92
N VAL H 38 -18.39 -30.45 36.67
CA VAL H 38 -17.82 -29.57 37.68
C VAL H 38 -18.15 -28.11 37.42
N ALA H 39 -18.21 -27.69 36.16
CA ALA H 39 -18.46 -26.30 35.83
C ALA H 39 -19.18 -26.20 34.50
N THR H 40 -19.69 -25.01 34.23
CA THR H 40 -20.32 -24.69 32.95
C THR H 40 -19.88 -23.32 32.47
N HIS H 41 -19.51 -23.23 31.19
CA HIS H 41 -19.18 -21.97 30.53
C HIS H 41 -20.14 -20.88 30.97
N ARG H 42 -19.63 -19.64 31.09
CA ARG H 42 -20.47 -18.53 31.52
C ARG H 42 -21.43 -18.06 30.44
N SER H 43 -21.18 -18.40 29.18
CA SER H 43 -21.99 -17.91 28.08
C SER H 43 -22.38 -19.02 27.11
N LYS H 44 -21.43 -19.89 26.79
CA LYS H 44 -21.66 -20.93 25.81
C LYS H 44 -22.22 -22.18 26.47
N ASN H 45 -22.81 -23.04 25.66
CA ASN H 45 -23.37 -24.32 26.12
C ASN H 45 -22.27 -25.37 26.17
N VAL H 46 -21.28 -25.14 27.04
CA VAL H 46 -20.17 -26.07 27.14
C VAL H 46 -19.89 -26.30 28.61
N HIS H 47 -19.43 -27.52 28.92
CA HIS H 47 -19.40 -28.02 30.28
C HIS H 47 -18.05 -28.67 30.53
N LEU H 48 -17.69 -28.78 31.80
CA LEU H 48 -16.37 -29.26 32.19
C LEU H 48 -16.54 -30.47 33.08
N TYR H 49 -15.99 -31.61 32.66
CA TYR H 49 -16.02 -32.84 33.44
C TYR H 49 -14.61 -33.13 33.93
N ARG H 50 -14.46 -33.40 35.23
CA ARG H 50 -13.12 -33.55 35.79
C ARG H 50 -12.99 -34.83 36.60
N GLN H 51 -11.79 -35.40 36.57
CA GLN H 51 -11.42 -36.55 37.40
C GLN H 51 -9.91 -36.52 37.58
N GLY H 52 -9.45 -36.53 38.83
CA GLY H 52 -8.03 -36.31 39.04
C GLY H 52 -7.64 -35.01 38.36
N GLU H 53 -6.54 -35.05 37.62
CA GLU H 53 -6.09 -33.93 36.80
C GLU H 53 -6.61 -34.00 35.36
N ILE H 54 -7.68 -34.73 35.11
CA ILE H 54 -8.28 -34.82 33.78
C ILE H 54 -9.31 -33.72 33.63
N ASN H 55 -9.22 -32.98 32.51
CA ASN H 55 -10.22 -31.98 32.18
C ASN H 55 -10.86 -32.36 30.85
N LEU H 56 -12.17 -32.49 30.84
CA LEU H 56 -12.92 -32.91 29.66
C LEU H 56 -14.00 -31.90 29.38
N ILE H 57 -13.92 -31.22 28.24
CA ILE H 57 -14.91 -30.21 27.86
C ILE H 57 -15.95 -30.84 26.97
N LEU H 58 -17.20 -30.72 27.37
CA LEU H 58 -18.32 -31.17 26.55
C LEU H 58 -18.81 -29.94 25.82
N ASN H 59 -18.59 -29.89 24.52
CA ASN H 59 -18.95 -28.74 23.71
C ASN H 59 -20.32 -29.00 23.10
N ASN H 60 -21.34 -28.33 23.62
CA ASN H 60 -22.68 -28.46 23.06
C ASN H 60 -23.07 -27.24 22.22
N GLU H 61 -22.11 -26.40 21.87
CA GLU H 61 -22.38 -25.15 21.17
C GLU H 61 -22.87 -25.39 19.74
N PRO H 62 -24.09 -24.97 19.40
CA PRO H 62 -24.53 -25.10 18.02
C PRO H 62 -23.83 -24.08 17.12
N ASN H 63 -23.84 -24.39 15.82
CA ASN H 63 -23.27 -23.55 14.78
C ASN H 63 -21.81 -23.23 15.08
N SER H 64 -21.11 -24.18 15.67
CA SER H 64 -19.75 -24.01 16.15
C SER H 64 -18.80 -24.86 15.33
N ILE H 65 -17.50 -24.66 15.56
CA ILE H 65 -16.53 -25.56 14.97
C ILE H 65 -16.72 -26.99 15.45
N ALA H 66 -17.15 -27.18 16.70
CA ALA H 66 -17.30 -28.54 17.23
C ALA H 66 -18.55 -29.22 16.67
N SER H 67 -19.63 -28.48 16.48
CA SER H 67 -20.83 -29.10 15.93
C SER H 67 -20.59 -29.55 14.48
N TYR H 68 -19.84 -28.78 13.70
CA TYR H 68 -19.52 -29.21 12.33
C TYR H 68 -18.67 -30.48 12.36
N PHE H 69 -17.72 -30.55 13.28
CA PHE H 69 -16.90 -31.76 13.41
C PHE H 69 -17.77 -32.97 13.76
N ALA H 70 -18.58 -32.85 14.81
CA ALA H 70 -19.47 -33.95 15.20
C ALA H 70 -20.49 -34.29 14.11
N ALA H 71 -20.91 -33.31 13.30
CA ALA H 71 -21.83 -33.64 12.22
C ALA H 71 -21.17 -34.54 11.20
N GLU H 72 -19.85 -34.47 11.09
CA GLU H 72 -19.13 -35.28 10.13
C GLU H 72 -18.62 -36.59 10.72
N HIS H 73 -18.42 -36.66 12.04
CA HIS H 73 -17.82 -37.86 12.62
C HIS H 73 -18.60 -38.46 13.79
N GLY H 74 -19.81 -37.98 14.08
CA GLY H 74 -20.57 -38.48 15.21
C GLY H 74 -19.83 -38.21 16.51
N PRO H 75 -20.24 -38.90 17.59
CA PRO H 75 -19.61 -38.64 18.89
C PRO H 75 -18.11 -38.90 18.82
N SER H 76 -17.33 -37.91 19.27
CA SER H 76 -15.93 -37.85 18.91
C SER H 76 -15.14 -37.05 19.93
N VAL H 77 -13.82 -37.30 19.95
CA VAL H 77 -12.88 -36.34 20.52
C VAL H 77 -12.61 -35.30 19.45
N CYS H 78 -13.12 -34.08 19.66
CA CYS H 78 -13.24 -33.09 18.61
C CYS H 78 -12.24 -31.94 18.76
N GLY H 79 -11.33 -32.03 19.73
CA GLY H 79 -10.25 -31.09 19.87
C GLY H 79 -9.37 -31.49 21.02
N MET H 80 -8.09 -31.18 20.94
CA MET H 80 -7.11 -31.53 21.96
C MET H 80 -6.28 -30.30 22.26
N ALA H 81 -5.80 -30.18 23.50
CA ALA H 81 -5.21 -28.91 23.94
C ALA H 81 -3.92 -29.16 24.72
N PHE H 82 -2.79 -28.75 24.14
CA PHE H 82 -1.50 -28.87 24.81
C PHE H 82 -1.32 -27.70 25.76
N ARG H 83 -0.71 -27.98 26.90
CA ARG H 83 -0.33 -26.94 27.84
C ARG H 83 1.07 -26.46 27.49
N VAL H 84 1.26 -25.14 27.48
CA VAL H 84 2.51 -24.55 27.01
C VAL H 84 2.89 -23.38 27.91
N LYS H 85 4.19 -23.07 27.95
CA LYS H 85 4.66 -22.03 28.87
C LYS H 85 4.22 -20.65 28.40
N ASP H 86 4.53 -20.29 27.15
CA ASP H 86 4.01 -19.07 26.52
C ASP H 86 3.27 -19.45 25.25
N SER H 87 1.98 -19.15 25.21
CA SER H 87 1.15 -19.59 24.10
C SER H 87 1.31 -18.71 22.86
N GLN H 88 1.70 -17.45 23.02
CA GLN H 88 1.85 -16.57 21.87
C GLN H 88 3.14 -16.86 21.10
N LYS H 89 4.22 -17.22 21.78
CA LYS H 89 5.43 -17.57 21.05
C LYS H 89 5.20 -18.87 20.29
N ALA H 90 4.50 -19.83 20.91
CA ALA H 90 4.21 -21.09 20.25
C ALA H 90 3.27 -20.89 19.07
N TYR H 91 2.21 -20.11 19.25
CA TYR H 91 1.27 -19.88 18.15
C TYR H 91 1.98 -19.20 16.97
N ASN H 92 2.78 -18.16 17.22
CA ASN H 92 3.56 -17.55 16.16
C ASN H 92 4.49 -18.57 15.52
N ARG H 93 5.13 -19.41 16.33
CA ARG H 93 6.11 -20.34 15.79
C ARG H 93 5.46 -21.41 14.91
N ALA H 94 4.34 -22.00 15.33
CA ALA H 94 3.63 -22.95 14.49
C ALA H 94 3.28 -22.35 13.14
N LEU H 95 2.94 -21.05 13.11
CA LEU H 95 2.51 -20.45 11.85
C LEU H 95 3.70 -20.23 10.92
N GLU H 96 4.84 -19.78 11.46
CA GLU H 96 6.03 -19.60 10.62
C GLU H 96 6.45 -20.93 10.01
N LEU H 97 6.33 -22.01 10.80
CA LEU H 97 6.74 -23.31 10.30
C LEU H 97 5.74 -23.91 9.34
N GLY H 98 4.63 -23.22 9.08
CA GLY H 98 3.73 -23.65 8.02
C GLY H 98 2.34 -24.10 8.44
N ALA H 99 2.04 -24.04 9.74
CA ALA H 99 0.76 -24.55 10.23
C ALA H 99 -0.40 -23.66 9.79
N GLN H 100 -1.55 -24.28 9.61
CA GLN H 100 -2.73 -23.47 9.40
C GLN H 100 -3.42 -23.18 10.72
N PRO H 101 -3.95 -21.97 10.90
CA PRO H 101 -4.72 -21.66 12.10
C PRO H 101 -6.15 -22.13 12.00
N ILE H 102 -6.78 -22.26 13.17
CA ILE H 102 -8.22 -22.40 13.26
C ILE H 102 -8.73 -21.34 14.22
N HIS H 103 -9.71 -20.58 13.77
CA HIS H 103 -10.27 -19.53 14.62
C HIS H 103 -11.49 -20.07 15.36
N ILE H 104 -11.43 -20.08 16.69
CA ILE H 104 -12.57 -20.38 17.54
C ILE H 104 -13.23 -19.07 17.93
N ASP H 105 -14.55 -18.97 17.71
CA ASP H 105 -15.29 -17.74 17.90
C ASP H 105 -15.51 -17.48 19.39
N THR H 106 -14.91 -16.39 19.87
CA THR H 106 -14.88 -16.05 21.27
C THR H 106 -15.85 -14.91 21.52
N GLY H 107 -16.54 -14.94 22.65
CA GLY H 107 -17.47 -13.90 22.98
C GLY H 107 -16.83 -12.72 23.66
N PRO H 108 -17.63 -11.67 23.90
CA PRO H 108 -17.22 -10.61 24.82
C PRO H 108 -16.68 -11.18 26.13
N MET H 109 -15.64 -10.54 26.64
CA MET H 109 -15.11 -10.79 27.98
C MET H 109 -14.68 -12.23 28.17
N GLU H 110 -14.38 -12.94 27.09
CA GLU H 110 -13.91 -14.32 27.15
C GLU H 110 -12.52 -14.41 26.58
N LEU H 111 -11.83 -15.50 26.92
CA LEU H 111 -10.45 -15.70 26.49
C LEU H 111 -10.36 -16.15 25.04
N ASN H 112 -9.51 -15.50 24.26
CA ASN H 112 -9.29 -15.86 22.86
C ASN H 112 -8.27 -16.99 22.78
N LEU H 113 -8.75 -18.21 22.46
CA LEU H 113 -7.90 -19.40 22.55
C LEU H 113 -7.27 -19.73 21.22
N PRO H 114 -5.93 -19.81 21.15
CA PRO H 114 -5.27 -20.12 19.87
C PRO H 114 -5.33 -21.61 19.58
N ALA H 115 -5.70 -21.95 18.35
CA ALA H 115 -5.63 -23.33 17.91
C ALA H 115 -5.09 -23.37 16.49
N ILE H 116 -4.42 -24.47 16.16
CA ILE H 116 -4.02 -24.78 14.80
C ILE H 116 -4.83 -26.00 14.31
N LYS H 117 -4.71 -26.28 13.00
CA LYS H 117 -5.43 -27.40 12.38
C LYS H 117 -4.66 -28.69 12.64
N GLY H 118 -5.26 -29.59 13.41
CA GLY H 118 -4.62 -30.86 13.73
C GLY H 118 -5.25 -32.05 13.04
N ILE H 119 -5.26 -33.20 13.71
CA ILE H 119 -5.67 -34.44 13.06
C ILE H 119 -7.14 -34.37 12.66
N GLY H 120 -7.41 -34.67 11.40
CA GLY H 120 -8.77 -34.60 10.91
C GLY H 120 -9.37 -33.22 10.98
N GLY H 121 -8.54 -32.18 11.02
CA GLY H 121 -9.01 -30.81 11.09
C GLY H 121 -9.59 -30.41 12.43
N ALA H 122 -9.42 -31.21 13.46
CA ALA H 122 -9.82 -30.81 14.79
C ALA H 122 -8.83 -29.76 15.34
N PRO H 123 -9.31 -28.80 16.14
CA PRO H 123 -8.40 -27.81 16.73
C PRO H 123 -7.36 -28.48 17.62
N LEU H 124 -6.15 -27.95 17.56
CA LEU H 124 -5.11 -28.21 18.58
C LEU H 124 -4.87 -26.90 19.32
N TYR H 125 -5.48 -26.76 20.49
CA TYR H 125 -5.33 -25.56 21.28
C TYR H 125 -3.95 -25.52 21.96
N LEU H 126 -3.41 -24.30 22.11
CA LEU H 126 -2.15 -24.04 22.82
C LEU H 126 -2.46 -23.09 23.98
N ILE H 127 -2.37 -23.61 25.21
CA ILE H 127 -2.95 -22.98 26.40
C ILE H 127 -1.82 -22.74 27.41
N ASP H 128 -1.70 -21.51 27.90
CA ASP H 128 -0.62 -21.18 28.84
C ASP H 128 -1.13 -20.63 30.17
N ARG H 129 -2.40 -20.84 30.46
CA ARG H 129 -2.97 -20.53 31.77
C ARG H 129 -3.42 -21.84 32.43
N PHE H 130 -2.98 -22.06 33.68
CA PHE H 130 -3.27 -23.31 34.37
C PHE H 130 -2.98 -23.14 35.85
N GLY H 131 -3.39 -24.16 36.63
CA GLY H 131 -3.38 -24.08 38.07
C GLY H 131 -4.71 -23.58 38.63
N GLU H 132 -4.91 -23.81 39.92
CA GLU H 132 -6.13 -23.36 40.58
C GLU H 132 -6.19 -21.84 40.61
N GLY H 133 -7.34 -21.28 40.26
CA GLY H 133 -7.53 -19.85 40.23
C GLY H 133 -6.79 -19.12 39.13
N SER H 134 -6.08 -19.84 38.25
CA SER H 134 -5.32 -19.24 37.15
C SER H 134 -5.66 -19.82 35.79
N SER H 135 -6.37 -20.95 35.74
CA SER H 135 -6.63 -21.68 34.52
C SER H 135 -7.82 -21.08 33.79
N ILE H 136 -8.03 -21.56 32.57
CA ILE H 136 -9.13 -21.10 31.76
C ILE H 136 -10.50 -21.49 32.33
N TYR H 137 -10.57 -22.54 33.16
CA TYR H 137 -11.85 -22.91 33.77
C TYR H 137 -12.23 -21.97 34.90
N ASP H 138 -11.24 -21.53 35.69
CA ASP H 138 -11.52 -20.45 36.65
C ASP H 138 -12.07 -19.21 35.97
N ILE H 139 -11.60 -18.93 34.76
CA ILE H 139 -11.99 -17.72 34.03
C ILE H 139 -13.31 -17.90 33.30
N ASP H 140 -13.34 -18.77 32.28
CA ASP H 140 -14.46 -18.83 31.34
C ASP H 140 -15.56 -19.83 31.73
N PHE H 141 -15.40 -20.58 32.82
CA PHE H 141 -16.45 -21.45 33.32
C PHE H 141 -16.92 -20.99 34.70
N VAL H 142 -18.12 -21.43 35.07
CA VAL H 142 -18.71 -21.12 36.37
C VAL H 142 -18.95 -22.43 37.09
N TYR H 143 -18.18 -22.68 38.14
CA TYR H 143 -18.41 -23.88 38.93
C TYR H 143 -19.82 -23.90 39.49
N LEU H 144 -20.31 -25.10 39.77
CA LEU H 144 -21.61 -25.19 40.41
C LEU H 144 -21.49 -24.83 41.88
N GLU H 145 -22.60 -24.34 42.44
CA GLU H 145 -22.69 -24.00 43.85
C GLU H 145 -22.22 -25.17 44.71
N GLY H 146 -21.09 -24.98 45.39
CA GLY H 146 -20.66 -25.93 46.40
C GLY H 146 -19.79 -27.07 45.93
N VAL H 147 -20.09 -27.62 44.75
CA VAL H 147 -19.51 -28.84 44.20
C VAL H 147 -18.00 -28.90 44.39
N GLU H 148 -17.45 -30.09 44.67
CA GLU H 148 -16.01 -30.19 44.88
C GLU H 148 -15.29 -30.00 43.56
N ARG H 149 -14.55 -28.91 43.45
CA ARG H 149 -13.85 -28.57 42.23
C ARG H 149 -12.71 -29.52 41.92
N ASN H 150 -12.47 -30.55 42.74
CA ASN H 150 -11.34 -31.45 42.51
C ASN H 150 -11.72 -32.91 42.72
N PRO H 151 -12.66 -33.41 41.93
CA PRO H 151 -13.10 -34.80 42.12
C PRO H 151 -11.94 -35.73 41.81
N VAL H 152 -11.98 -36.91 42.43
CA VAL H 152 -10.91 -37.90 42.32
C VAL H 152 -11.51 -39.17 41.76
N GLY H 153 -12.80 -39.36 42.02
CA GLY H 153 -13.61 -40.27 41.20
C GLY H 153 -13.20 -41.72 41.37
N ALA H 154 -12.91 -42.38 40.25
CA ALA H 154 -12.45 -43.75 40.29
C ALA H 154 -10.93 -43.85 40.27
N GLY H 155 -10.21 -42.76 40.52
CA GLY H 155 -8.76 -42.84 40.59
C GLY H 155 -8.01 -42.78 39.27
N LEU H 156 -8.61 -42.20 38.22
CA LEU H 156 -7.83 -41.85 37.04
C LEU H 156 -7.16 -40.50 37.24
N LYS H 157 -5.90 -40.41 36.83
CA LYS H 157 -5.06 -39.27 37.18
C LYS H 157 -4.83 -38.31 36.01
N VAL H 158 -3.99 -38.71 35.07
CA VAL H 158 -3.65 -37.89 33.90
C VAL H 158 -4.12 -38.60 32.64
N ILE H 159 -4.31 -37.82 31.58
CA ILE H 159 -4.40 -38.44 30.27
C ILE H 159 -3.03 -39.00 29.97
N ASP H 160 -2.95 -40.32 29.83
CA ASP H 160 -1.65 -40.95 29.57
C ASP H 160 -1.24 -40.72 28.12
N HIS H 161 -2.09 -41.12 27.18
CA HIS H 161 -1.86 -40.88 25.77
C HIS H 161 -3.21 -40.83 25.04
N LEU H 162 -3.19 -40.20 23.88
CA LEU H 162 -4.23 -40.34 22.86
C LEU H 162 -3.56 -40.93 21.65
N THR H 163 -4.28 -41.76 20.91
CA THR H 163 -3.73 -42.31 19.68
C THR H 163 -4.43 -41.67 18.50
N HIS H 164 -3.77 -41.75 17.34
CA HIS H 164 -4.39 -41.35 16.08
C HIS H 164 -4.44 -42.55 15.16
N ASN H 165 -5.64 -42.81 14.63
CA ASN H 165 -5.79 -43.66 13.46
C ASN H 165 -5.74 -42.77 12.20
N VAL H 166 -4.84 -43.11 11.27
CA VAL H 166 -4.62 -42.34 10.05
C VAL H 166 -4.70 -43.26 8.84
N TYR H 167 -5.00 -42.67 7.69
CA TYR H 167 -5.10 -43.49 6.49
C TYR H 167 -3.73 -44.00 6.08
N ARG H 168 -3.73 -45.00 5.21
CA ARG H 168 -2.47 -45.59 4.77
C ARG H 168 -1.62 -44.56 4.04
N GLY H 169 -0.34 -44.55 4.35
CA GLY H 169 0.56 -43.49 3.92
C GLY H 169 0.66 -42.31 4.86
N ARG H 170 -0.37 -42.05 5.67
CA ARG H 170 -0.48 -40.81 6.44
C ARG H 170 0.25 -40.85 7.78
N MET H 171 0.85 -41.98 8.14
CA MET H 171 1.63 -42.04 9.38
C MET H 171 2.83 -41.09 9.31
N VAL H 172 3.59 -41.15 8.22
CA VAL H 172 4.73 -40.25 8.05
C VAL H 172 4.26 -38.81 7.95
N TYR H 173 3.08 -38.58 7.37
CA TYR H 173 2.53 -37.23 7.31
C TYR H 173 2.40 -36.64 8.70
N TRP H 174 1.67 -37.34 9.58
CA TRP H 174 1.44 -36.83 10.92
C TRP H 174 2.67 -36.93 11.81
N ALA H 175 3.64 -37.79 11.48
CA ALA H 175 4.89 -37.83 12.23
C ALA H 175 5.71 -36.57 11.97
N ASN H 176 5.85 -36.20 10.71
CA ASN H 176 6.53 -34.94 10.38
C ASN H 176 5.85 -33.76 11.05
N PHE H 177 4.51 -33.73 10.99
CA PHE H 177 3.77 -32.64 11.62
C PHE H 177 4.17 -32.49 13.08
N TYR H 178 4.11 -33.57 13.86
CA TYR H 178 4.49 -33.44 15.25
C TYR H 178 6.00 -33.36 15.43
N GLU H 179 6.79 -33.74 14.42
CA GLU H 179 8.23 -33.52 14.51
C GLU H 179 8.59 -32.05 14.28
N LYS H 180 8.12 -31.48 13.16
CA LYS H 180 8.57 -30.16 12.75
C LYS H 180 8.10 -29.08 13.72
N LEU H 181 6.84 -29.14 14.12
CA LEU H 181 6.29 -28.10 14.97
C LEU H 181 6.76 -28.23 16.41
N PHE H 182 6.45 -29.37 17.05
CA PHE H 182 6.67 -29.51 18.48
C PHE H 182 7.93 -30.27 18.85
N ASN H 183 8.65 -30.83 17.88
CA ASN H 183 9.87 -31.60 18.16
C ASN H 183 9.58 -32.93 18.87
N PHE H 184 8.44 -33.54 18.53
CA PHE H 184 8.18 -34.93 18.90
C PHE H 184 9.21 -35.86 18.26
N ARG H 185 9.48 -36.97 18.92
CA ARG H 185 10.35 -38.02 18.37
C ARG H 185 9.75 -39.39 18.60
N GLU H 186 9.92 -40.29 17.62
CA GLU H 186 9.40 -41.66 17.75
C GLU H 186 10.23 -42.44 18.77
N ALA H 187 9.58 -42.92 19.84
CA ALA H 187 10.21 -43.77 20.84
C ALA H 187 9.72 -45.22 20.72
N THR H 200 0.49 -51.87 12.16
CA THR H 200 1.76 -51.17 12.30
C THR H 200 1.54 -49.74 12.83
N SER H 201 2.52 -49.24 13.60
CA SER H 201 2.22 -48.13 14.48
C SER H 201 3.50 -47.42 14.91
N LYS H 202 3.37 -46.13 15.25
CA LYS H 202 4.50 -45.27 15.57
C LYS H 202 4.14 -44.45 16.80
N ALA H 203 4.98 -44.54 17.85
CA ALA H 203 4.74 -43.87 19.13
C ALA H 203 5.50 -42.55 19.13
N MET H 204 4.77 -41.46 18.91
CA MET H 204 5.39 -40.13 18.95
C MET H 204 5.37 -39.60 20.37
N SER H 205 6.54 -39.21 20.87
CA SER H 205 6.72 -38.70 22.22
C SER H 205 7.15 -37.24 22.18
N ALA H 206 6.53 -36.43 23.01
CA ALA H 206 6.84 -35.02 23.07
C ALA H 206 8.06 -34.76 23.96
N PRO H 207 8.74 -33.64 23.75
CA PRO H 207 9.90 -33.30 24.61
C PRO H 207 9.59 -33.15 26.09
N ASP H 208 8.34 -32.93 26.49
CA ASP H 208 8.03 -32.81 27.92
C ASP H 208 7.90 -34.18 28.60
N GLY H 209 8.04 -35.28 27.85
CA GLY H 209 7.93 -36.62 28.39
C GLY H 209 6.56 -37.02 28.92
N MET H 210 5.54 -36.17 28.78
CA MET H 210 4.19 -36.47 29.23
C MET H 210 3.17 -36.60 28.10
N ILE H 211 3.38 -35.94 26.96
CA ILE H 211 2.44 -35.99 25.84
C ILE H 211 2.91 -37.08 24.89
N ARG H 212 2.14 -38.15 24.81
CA ARG H 212 2.42 -39.24 23.88
C ARG H 212 1.25 -39.36 22.92
N ILE H 213 1.57 -39.39 21.63
CA ILE H 213 0.56 -39.62 20.59
C ILE H 213 1.06 -40.72 19.65
N PRO H 214 0.55 -41.94 19.77
CA PRO H 214 0.89 -42.97 18.79
C PRO H 214 -0.03 -42.91 17.57
N LEU H 215 0.55 -43.22 16.41
CA LEU H 215 -0.14 -43.17 15.13
C LEU H 215 -0.24 -44.57 14.53
N ASN H 216 -1.44 -44.99 14.15
CA ASN H 216 -1.68 -46.32 13.58
C ASN H 216 -2.27 -46.22 12.19
N GLU H 217 -1.75 -47.01 11.24
CA GLU H 217 -2.41 -47.30 9.97
C GLU H 217 -2.61 -48.80 9.82
N GLU H 218 -3.45 -49.17 8.84
CA GLU H 218 -3.83 -50.56 8.42
C GLU H 218 -5.10 -51.08 9.12
N GLY H 222 -5.52 -55.40 4.26
CA GLY H 222 -6.37 -54.62 5.14
C GLY H 222 -7.49 -55.41 5.78
N ALA H 223 -8.68 -54.79 5.86
CA ALA H 223 -9.91 -55.41 6.36
C ALA H 223 -9.90 -55.63 7.88
N GLY H 224 -9.31 -54.71 8.65
CA GLY H 224 -9.10 -54.96 10.07
C GLY H 224 -9.59 -53.92 11.06
N GLN H 225 -8.88 -53.79 12.19
CA GLN H 225 -9.37 -52.94 13.27
C GLN H 225 -9.32 -51.47 12.90
N ILE H 226 -8.27 -51.05 12.19
CA ILE H 226 -8.09 -49.64 11.89
C ILE H 226 -9.01 -49.20 10.76
N GLU H 227 -9.20 -50.05 9.75
CA GLU H 227 -10.06 -49.69 8.63
C GLU H 227 -11.50 -49.45 9.11
N GLU H 228 -12.01 -50.32 9.99
CA GLU H 228 -13.36 -50.15 10.51
C GLU H 228 -13.52 -48.81 11.21
N PHE H 229 -12.47 -48.36 11.91
CA PHE H 229 -12.56 -47.08 12.61
C PHE H 229 -12.64 -45.91 11.62
N LEU H 230 -11.86 -45.96 10.54
CA LEU H 230 -11.86 -44.86 9.59
C LEU H 230 -13.16 -44.79 8.80
N MET H 231 -13.85 -45.93 8.62
CA MET H 231 -15.19 -45.87 8.01
C MET H 231 -16.22 -45.36 9.01
N GLN H 232 -16.18 -45.88 10.24
CA GLN H 232 -17.22 -45.53 11.20
C GLN H 232 -17.00 -44.15 11.78
N PHE H 233 -15.76 -43.67 11.79
CA PHE H 233 -15.48 -42.31 12.24
C PHE H 233 -15.48 -41.30 11.10
N ASN H 234 -15.40 -41.76 9.83
CA ASN H 234 -15.46 -40.86 8.67
C ASN H 234 -14.22 -39.96 8.58
N GLY H 235 -13.05 -40.57 8.77
CA GLY H 235 -11.77 -39.88 8.64
C GLY H 235 -10.81 -40.21 9.76
N GLU H 236 -9.63 -39.58 9.74
CA GLU H 236 -8.66 -39.69 10.82
C GLU H 236 -9.18 -39.06 12.10
N GLY H 237 -8.70 -39.55 13.24
CA GLY H 237 -9.28 -39.13 14.51
C GLY H 237 -8.64 -39.87 15.67
N ILE H 238 -9.05 -39.47 16.86
CA ILE H 238 -8.58 -40.10 18.08
C ILE H 238 -9.37 -41.37 18.29
N GLN H 239 -8.67 -42.49 18.41
CA GLN H 239 -9.30 -43.81 18.47
C GLN H 239 -9.59 -44.22 19.90
N HIS H 240 -8.62 -44.02 20.79
CA HIS H 240 -8.89 -44.18 22.21
C HIS H 240 -8.07 -43.19 23.01
N VAL H 241 -8.59 -42.84 24.17
CA VAL H 241 -7.89 -42.03 25.15
C VAL H 241 -7.51 -42.94 26.30
N ALA H 242 -6.23 -42.95 26.64
CA ALA H 242 -5.75 -43.67 27.81
C ALA H 242 -5.66 -42.73 29.01
N PHE H 243 -6.37 -43.07 30.09
CA PHE H 243 -6.23 -42.42 31.38
C PHE H 243 -5.41 -43.30 32.32
N LEU H 244 -4.33 -42.74 32.87
CA LEU H 244 -3.48 -43.50 33.77
C LEU H 244 -4.04 -43.52 35.18
N THR H 245 -3.84 -44.62 35.88
CA THR H 245 -4.18 -44.73 37.28
C THR H 245 -3.04 -45.36 38.05
N ASP H 246 -3.18 -45.31 39.38
CA ASP H 246 -2.17 -45.82 40.28
C ASP H 246 -2.51 -47.21 40.81
N ASP H 247 -3.78 -47.60 40.77
CA ASP H 247 -4.18 -48.95 41.14
C ASP H 247 -5.30 -49.38 40.19
N LEU H 248 -4.94 -50.09 39.12
CA LEU H 248 -5.91 -50.46 38.11
C LEU H 248 -7.00 -51.38 38.67
N VAL H 249 -6.63 -52.28 39.60
CA VAL H 249 -7.61 -53.15 40.23
C VAL H 249 -8.63 -52.34 41.02
N LYS H 250 -8.15 -51.35 41.79
CA LYS H 250 -9.05 -50.53 42.59
C LYS H 250 -9.97 -49.70 41.71
N THR H 251 -9.44 -49.09 40.64
CA THR H 251 -10.29 -48.29 39.77
C THR H 251 -11.20 -49.17 38.92
N TRP H 252 -10.83 -50.43 38.68
CA TRP H 252 -11.75 -51.37 38.06
C TRP H 252 -13.03 -51.50 38.88
N ASP H 253 -12.89 -51.84 40.17
CA ASP H 253 -14.08 -52.05 41.00
C ASP H 253 -14.87 -50.76 41.14
N ALA H 254 -14.16 -49.64 41.28
CA ALA H 254 -14.82 -48.35 41.31
C ALA H 254 -15.51 -48.07 39.98
N LEU H 255 -14.81 -48.31 38.86
CA LEU H 255 -15.42 -48.08 37.55
C LEU H 255 -16.56 -49.04 37.29
N LYS H 256 -16.37 -50.32 37.60
CA LYS H 256 -17.45 -51.30 37.50
C LYS H 256 -18.67 -50.83 38.28
N LYS H 257 -18.44 -50.25 39.45
CA LYS H 257 -19.54 -49.98 40.37
C LYS H 257 -20.57 -49.01 39.81
N ILE H 258 -20.27 -48.31 38.70
CA ILE H 258 -21.11 -47.20 38.29
C ILE H 258 -21.58 -47.34 36.85
N GLY H 259 -21.27 -48.47 36.21
CA GLY H 259 -21.92 -48.77 34.96
C GLY H 259 -20.96 -48.99 33.80
N MET H 260 -19.68 -49.19 34.11
CA MET H 260 -18.69 -49.21 33.05
C MET H 260 -18.70 -50.52 32.26
N ARG H 261 -18.81 -50.41 30.94
CA ARG H 261 -18.77 -51.55 30.04
C ARG H 261 -17.32 -51.82 29.60
N PHE H 262 -16.81 -53.00 29.92
CA PHE H 262 -15.43 -53.34 29.58
C PHE H 262 -15.37 -54.27 28.36
N MET H 263 -14.18 -54.33 27.77
CA MET H 263 -13.92 -55.29 26.71
C MET H 263 -14.11 -56.71 27.23
N THR H 264 -14.72 -57.56 26.39
CA THR H 264 -14.94 -58.97 26.74
C THR H 264 -13.65 -59.63 27.17
N ALA H 265 -13.72 -60.39 28.27
CA ALA H 265 -12.51 -60.92 28.90
C ALA H 265 -11.75 -61.85 27.95
N PRO H 266 -10.42 -61.89 28.04
CA PRO H 266 -9.65 -62.85 27.25
C PRO H 266 -9.89 -64.26 27.73
N PRO H 267 -9.41 -65.27 27.00
CA PRO H 267 -9.58 -66.65 27.46
C PRO H 267 -8.54 -67.02 28.51
N ASP H 268 -8.96 -67.90 29.42
CA ASP H 268 -8.12 -68.25 30.56
C ASP H 268 -6.78 -68.82 30.14
N THR H 269 -6.66 -69.30 28.90
CA THR H 269 -5.35 -69.67 28.39
C THR H 269 -4.38 -68.50 28.38
N TYR H 270 -4.90 -67.27 28.28
CA TYR H 270 -4.04 -66.09 28.29
C TYR H 270 -3.35 -65.94 29.65
N TYR H 271 -4.04 -66.28 30.74
CA TYR H 271 -3.47 -66.24 32.08
C TYR H 271 -2.60 -67.46 32.38
N GLU H 272 -2.93 -68.61 31.80
CA GLU H 272 -2.04 -69.77 31.94
C GLU H 272 -0.72 -69.56 31.21
N MET H 273 -0.78 -68.94 30.02
CA MET H 273 0.42 -68.61 29.26
C MET H 273 1.09 -67.34 29.75
N LEU H 274 0.75 -66.88 30.96
CA LEU H 274 1.31 -65.64 31.50
C LEU H 274 2.73 -65.86 32.01
N GLU H 275 2.88 -66.65 33.09
CA GLU H 275 4.15 -66.83 33.80
C GLU H 275 5.25 -67.41 32.91
N GLY H 276 4.90 -67.75 31.68
CA GLY H 276 5.88 -68.16 30.70
C GLY H 276 6.33 -66.99 29.83
N ARG H 277 5.42 -66.06 29.59
CA ARG H 277 5.75 -64.86 28.82
C ARG H 277 6.55 -63.86 29.65
N LEU H 278 6.27 -63.79 30.95
CA LEU H 278 6.89 -62.80 31.84
C LEU H 278 7.35 -63.52 33.10
N PRO H 279 8.55 -64.13 33.07
CA PRO H 279 9.13 -64.73 34.28
C PRO H 279 8.98 -63.88 35.53
N ASP H 280 8.18 -64.37 36.46
CA ASP H 280 8.06 -63.83 37.81
C ASP H 280 7.65 -62.36 37.77
N HIS H 281 6.53 -62.11 37.10
CA HIS H 281 5.95 -60.78 37.10
C HIS H 281 5.44 -60.39 38.47
N GLY H 282 5.05 -61.38 39.27
CA GLY H 282 4.60 -61.13 40.62
C GLY H 282 3.19 -60.61 40.77
N GLU H 283 2.44 -60.45 39.70
CA GLU H 283 1.11 -59.87 39.84
C GLU H 283 0.11 -60.95 40.26
N PRO H 284 -0.99 -60.55 40.92
CA PRO H 284 -1.97 -61.55 41.36
C PRO H 284 -2.86 -62.02 40.23
N VAL H 285 -2.46 -63.12 39.57
CA VAL H 285 -3.09 -63.64 38.36
C VAL H 285 -4.59 -63.84 38.55
N ASP H 286 -5.02 -63.99 39.80
CA ASP H 286 -6.44 -64.27 40.04
C ASP H 286 -7.27 -62.99 39.92
N GLN H 287 -6.78 -61.86 40.46
CA GLN H 287 -7.57 -60.64 40.48
C GLN H 287 -7.49 -59.87 39.17
N LEU H 288 -6.40 -60.06 38.44
CA LEU H 288 -6.38 -59.69 37.02
C LEU H 288 -7.43 -60.49 36.25
N GLN H 289 -7.36 -61.83 36.35
CA GLN H 289 -8.27 -62.68 35.60
C GLN H 289 -9.73 -62.48 36.00
N ALA H 290 -9.99 -62.10 37.26
CA ALA H 290 -11.36 -61.80 37.67
C ALA H 290 -11.92 -60.60 36.91
N ARG H 291 -11.06 -59.70 36.42
CA ARG H 291 -11.49 -58.43 35.85
C ARG H 291 -11.07 -58.22 34.40
N GLY H 292 -10.51 -59.24 33.74
CA GLY H 292 -10.13 -59.08 32.35
C GLY H 292 -8.98 -58.14 32.10
N ILE H 293 -8.16 -57.87 33.11
CA ILE H 293 -7.04 -56.98 32.95
C ILE H 293 -5.94 -57.66 32.14
N LEU H 294 -5.40 -56.96 31.16
CA LEU H 294 -4.25 -57.50 30.43
C LEU H 294 -2.96 -57.14 31.14
N LEU H 295 -1.88 -57.83 30.78
CA LEU H 295 -0.56 -57.58 31.35
C LEU H 295 0.47 -57.60 30.24
N ASP H 296 1.45 -56.70 30.29
CA ASP H 296 2.54 -56.72 29.32
C ASP H 296 3.76 -56.02 29.92
N GLY H 297 4.94 -56.38 29.42
CA GLY H 297 6.17 -55.74 29.88
C GLY H 297 7.39 -56.62 29.61
N SER H 298 8.42 -56.39 30.43
CA SER H 298 9.68 -57.12 30.34
C SER H 298 10.12 -57.52 31.75
N SER H 299 10.56 -58.77 31.90
CA SER H 299 11.10 -59.28 33.16
C SER H 299 12.43 -59.96 32.85
N VAL H 300 13.54 -59.33 33.24
CA VAL H 300 14.88 -59.83 32.96
C VAL H 300 15.68 -59.89 34.26
N GLU H 301 15.27 -60.76 35.19
CA GLU H 301 15.93 -60.96 36.48
C GLU H 301 16.08 -59.65 37.24
N GLY H 302 15.09 -59.30 38.05
CA GLY H 302 15.12 -58.01 38.71
C GLY H 302 14.99 -56.83 37.76
N ASP H 303 14.31 -57.03 36.63
CA ASP H 303 14.02 -55.99 35.65
C ASP H 303 12.53 -55.94 35.37
N LYS H 304 11.72 -56.01 36.43
CA LYS H 304 10.27 -56.08 36.34
C LYS H 304 9.66 -54.78 35.81
N ARG H 305 9.87 -54.49 34.52
CA ARG H 305 9.24 -53.36 33.84
C ARG H 305 7.94 -53.87 33.22
N LEU H 306 6.82 -53.62 33.91
CA LEU H 306 5.52 -54.15 33.49
C LEU H 306 4.51 -53.02 33.31
N LEU H 307 3.34 -53.35 32.76
CA LEU H 307 2.25 -52.41 32.61
C LEU H 307 0.93 -53.17 32.62
N LEU H 308 -0.07 -52.60 33.26
CA LEU H 308 -1.41 -53.19 33.32
C LEU H 308 -2.35 -52.31 32.54
N GLN H 309 -3.35 -52.93 31.88
CA GLN H 309 -4.24 -52.16 31.03
C GLN H 309 -5.54 -52.92 30.81
N ILE H 310 -6.62 -52.17 30.58
CA ILE H 310 -7.91 -52.72 30.19
C ILE H 310 -8.60 -51.68 29.31
N PHE H 311 -9.54 -52.12 28.49
CA PHE H 311 -10.22 -51.24 27.56
C PHE H 311 -11.71 -51.31 27.80
N SER H 312 -12.42 -50.36 27.22
CA SER H 312 -13.87 -50.38 27.24
C SER H 312 -14.39 -50.82 25.89
N GLU H 313 -15.69 -51.13 25.85
CA GLU H 313 -16.38 -51.24 24.57
C GLU H 313 -16.29 -49.90 23.84
N THR H 314 -16.58 -49.92 22.54
CA THR H 314 -16.74 -48.65 21.86
C THR H 314 -17.96 -47.95 22.43
N LEU H 315 -17.80 -46.67 22.74
CA LEU H 315 -18.82 -45.93 23.47
C LEU H 315 -19.26 -44.66 22.76
N MET H 316 -18.32 -43.93 22.15
CA MET H 316 -18.61 -42.78 21.30
C MET H 316 -18.30 -43.17 19.86
N GLY H 317 -19.30 -43.66 19.14
CA GLY H 317 -19.05 -44.25 17.85
C GLY H 317 -18.00 -45.35 17.98
N PRO H 318 -16.96 -45.30 17.14
CA PRO H 318 -15.92 -46.34 17.18
C PRO H 318 -14.80 -45.98 18.13
N VAL H 319 -15.08 -45.08 19.04
CA VAL H 319 -14.09 -44.60 19.98
C VAL H 319 -14.34 -45.33 21.29
N PHE H 320 -13.24 -45.63 21.99
CA PHE H 320 -13.27 -46.36 23.24
C PHE H 320 -12.14 -45.81 24.11
N PHE H 321 -11.97 -46.39 25.30
CA PHE H 321 -11.05 -45.79 26.26
C PHE H 321 -10.18 -46.85 26.91
N GLU H 322 -9.02 -46.41 27.39
CA GLU H 322 -8.02 -47.26 28.00
C GLU H 322 -7.81 -46.82 29.44
N PHE H 323 -7.58 -47.79 30.31
CA PHE H 323 -7.25 -47.54 31.71
C PHE H 323 -6.00 -48.36 32.02
N ILE H 324 -4.92 -47.68 32.36
CA ILE H 324 -3.61 -48.31 32.40
C ILE H 324 -2.92 -47.96 33.72
N GLN H 325 -2.14 -48.90 34.24
CA GLN H 325 -1.24 -48.62 35.36
C GLN H 325 0.18 -48.93 34.93
N ARG H 326 1.04 -47.92 34.97
CA ARG H 326 2.42 -48.06 34.53
C ARG H 326 3.30 -48.49 35.71
N LYS H 327 3.91 -49.67 35.57
CA LYS H 327 4.72 -50.25 36.63
C LYS H 327 6.12 -50.51 36.12
N GLY H 328 6.72 -49.52 35.45
CA GLY H 328 8.08 -49.61 34.98
C GLY H 328 8.24 -49.77 33.49
N ASP H 329 7.17 -50.10 32.76
CA ASP H 329 7.20 -50.17 31.31
C ASP H 329 6.77 -48.83 30.70
N ASP H 330 7.50 -48.42 29.67
CA ASP H 330 7.24 -47.21 28.91
C ASP H 330 6.38 -47.47 27.68
N GLY H 331 5.86 -48.69 27.51
CA GLY H 331 5.14 -49.08 26.32
C GLY H 331 3.62 -49.06 26.51
N PHE H 332 2.92 -49.52 25.47
CA PHE H 332 1.47 -49.40 25.36
C PHE H 332 0.77 -50.74 25.31
N GLY H 333 1.43 -51.83 25.68
CA GLY H 333 0.82 -53.14 25.64
C GLY H 333 0.85 -53.81 24.29
N GLU H 334 1.92 -53.59 23.52
CA GLU H 334 1.97 -54.05 22.13
C GLU H 334 2.04 -55.58 22.07
N GLY H 335 2.78 -56.20 22.98
CA GLY H 335 2.86 -57.64 23.06
C GLY H 335 1.52 -58.32 23.32
N ASN H 336 0.55 -57.60 23.89
CA ASN H 336 -0.76 -58.18 24.13
C ASN H 336 -1.45 -58.65 22.84
N PHE H 337 -1.08 -58.07 21.69
CA PHE H 337 -1.72 -58.47 20.43
C PHE H 337 -1.41 -59.93 20.11
N LYS H 338 -0.12 -60.28 20.06
CA LYS H 338 0.25 -61.68 19.85
C LYS H 338 -0.27 -62.57 20.97
N ALA H 339 -0.15 -62.10 22.22
CA ALA H 339 -0.53 -62.93 23.36
C ALA H 339 -2.00 -63.33 23.31
N LEU H 340 -2.87 -62.44 22.84
CA LEU H 340 -4.28 -62.82 22.75
C LEU H 340 -4.54 -63.77 21.58
N PHE H 341 -3.78 -63.63 20.48
CA PHE H 341 -3.95 -64.51 19.34
C PHE H 341 -3.49 -65.93 19.69
N GLU H 342 -2.36 -66.06 20.39
CA GLU H 342 -1.95 -67.37 20.89
C GLU H 342 -2.90 -67.90 21.94
N SER H 343 -3.60 -67.01 22.64
CA SER H 343 -4.61 -67.43 23.60
C SER H 343 -5.91 -67.81 22.92
N ILE H 344 -6.18 -67.24 21.74
CA ILE H 344 -7.32 -67.74 21.00
C ILE H 344 -6.97 -69.04 20.27
N GLU H 345 -5.68 -69.32 20.03
CA GLU H 345 -5.26 -70.58 19.43
C GLU H 345 -5.25 -71.71 20.45
N ARG H 346 -4.51 -71.53 21.56
CA ARG H 346 -4.50 -72.50 22.65
C ARG H 346 -5.87 -72.66 23.32
N ASP H 347 -6.85 -71.81 22.97
CA ASP H 347 -8.25 -72.07 23.32
C ASP H 347 -9.04 -72.63 22.16
N GLN H 348 -8.66 -72.28 20.92
CA GLN H 348 -9.33 -72.85 19.75
C GLN H 348 -9.12 -74.36 19.65
N VAL H 349 -7.96 -74.87 20.08
CA VAL H 349 -7.71 -76.30 20.06
C VAL H 349 -8.11 -76.99 21.37
N ARG H 350 -8.32 -76.25 22.45
CA ARG H 350 -8.87 -76.79 23.69
C ARG H 350 -10.39 -76.97 23.62
N ARG H 351 -11.00 -76.74 22.46
CA ARG H 351 -12.44 -76.94 22.28
C ARG H 351 -12.72 -77.91 21.13
CO CO I . 25.76 -5.38 -14.70
C10 92X J . 27.61 -8.76 -16.59
C13 92X J . 26.75 -10.84 -17.44
C15 92X J . 28.05 -9.40 -18.89
C17 92X J . 28.93 -7.15 -17.87
C21 92X J . 28.99 -9.92 -22.36
C22 92X J . 27.70 -11.24 -20.87
C26 92X J . 30.14 -10.65 -22.65
C28 92X J . 30.18 -9.60 -24.81
C1 92X J . 29.76 -6.46 -12.43
C2 92X J . 30.66 -7.66 -12.22
C3 92X J . 31.19 -8.24 -13.52
C4 92X J . 30.01 -8.52 -14.45
C5 92X J . 28.86 -7.53 -14.47
C6 92X J . 28.67 -6.67 -13.47
O7 92X J . 27.72 -5.65 -13.62
C8 92X J . 27.72 -7.70 -15.48
O9 92X J . 30.01 -9.48 -15.15
O11 92X J . 26.82 -6.93 -15.40
C12 92X J . 26.88 -9.93 -16.40
C14 92X J . 27.33 -10.57 -18.68
C16 92X J . 28.18 -8.48 -17.82
C18 92X J . 28.59 -9.20 -20.12
N19 92X J . 28.40 -10.11 -21.08
O20 92X J . 29.24 -8.26 -20.44
O23 92X J . 27.58 -12.01 -21.75
N24 92X J . 27.15 -11.46 -19.65
C25 92X J . 26.39 -12.67 -19.40
C27 92X J . 30.73 -10.48 -23.89
C29 92X J . 29.04 -8.88 -24.51
C30 92X J . 28.42 -9.03 -23.28
C31 92X J . 27.16 -8.22 -22.93
CO CO K . -14.09 -40.94 -17.12
C10 92X L . -12.66 -44.69 -16.29
C13 92X L . -12.44 -46.43 -17.84
C15 92X L . -10.64 -45.99 -16.46
C17 92X L . -10.93 -44.04 -14.74
C21 92X L . -7.32 -47.60 -16.23
C22 92X L . -9.19 -48.06 -17.70
C26 92X L . -7.14 -48.70 -15.45
C28 92X L . -4.90 -48.00 -15.25
C1 92X L . -16.77 -43.10 -13.82
C2 92X L . -16.50 -44.04 -12.68
C3 92X L . -15.95 -45.34 -13.17
C4 92X L . -14.86 -45.18 -14.20
C5 92X L . -14.74 -43.86 -14.89
C6 92X L . -15.56 -42.87 -14.65
O7 92X L . -15.31 -41.65 -15.29
C8 92X L . -13.52 -43.56 -15.76
O9 92X L . -14.17 -46.05 -14.49
O11 92X L . -13.47 -42.36 -16.26
C12 92X L . -13.17 -45.42 -17.28
C14 92X L . -11.17 -46.75 -17.48
C16 92X L . -11.41 -44.95 -15.88
C18 92X L . -9.35 -46.31 -16.09
N19 92X L . -8.63 -47.30 -16.69
O20 92X L . -8.89 -45.69 -15.25
O23 92X L . -8.58 -48.90 -18.21
N24 92X L . -10.48 -47.75 -18.10
C25 92X L . -11.07 -48.53 -19.17
C27 92X L . -5.89 -48.91 -14.99
C29 92X L . -5.12 -46.89 -15.98
C30 92X L . -6.36 -46.68 -16.45
C31 92X L . -6.65 -45.45 -17.25
CO CO M . -15.60 19.16 37.17
C10 92X N . -15.74 23.54 36.77
C13 92X N . -15.39 25.46 38.13
C15 92X N . -13.97 25.14 36.21
C17 92X N . -14.43 23.01 34.79
C21 92X N . -11.19 27.15 34.95
C22 92X N . -12.65 27.43 36.86
C26 92X N . -9.97 26.48 35.10
C28 92X N . -9.04 27.87 33.39
C1 92X N . -19.16 20.50 34.27
C2 92X N . -20.23 21.58 34.45
C3 92X N . -19.65 22.96 34.18
C4 92X N . -18.30 23.16 34.87
C5 92X N . -17.55 21.94 35.42
C6 92X N . -18.06 20.71 35.28
O7 92X N . -17.38 19.58 35.75
C8 92X N . -16.44 22.20 36.44
O9 92X N . -17.81 24.23 34.97
O11 92X N . -16.05 21.25 37.03
C12 92X N . -16.10 24.30 37.88
C14 92X N . -14.33 25.88 37.32
C16 92X N . -14.69 23.95 35.95
C18 92X N . -12.92 25.60 35.44
N19 92X N . -12.29 26.72 35.77
O20 92X N . -12.52 25.06 34.47
O23 92X N . -12.06 28.42 37.08
N24 92X N . -13.68 27.01 37.62
C25 92X N . -14.08 27.78 38.79
C27 92X N . -8.89 26.85 34.32
C29 92X N . -10.25 28.52 33.22
C30 92X N . -11.34 28.16 34.02
C31 92X N . -12.70 28.85 33.85
CO CO O . 30.65 -3.85 23.57
C10 92X P . 31.88 0.29 25.11
C13 92X P . 30.78 2.08 26.24
C15 92X P . 32.62 0.97 27.32
C17 92X P . 33.75 -0.98 26.03
C21 92X P . 34.11 1.56 30.56
C22 92X P . 32.28 2.65 29.46
C26 92X P . 33.83 0.55 31.47
C28 92X P . 35.74 1.23 32.70
C1 92X P . 33.68 -1.55 20.55
C2 92X P . 33.80 -0.14 20.03
C3 92X P . 34.37 0.80 21.08
C4 92X P . 33.68 0.59 22.43
C5 92X P . 32.94 -0.71 22.73
C6 92X P . 32.77 -1.62 21.76
O7 92X P . 32.13 -2.87 22.01
C8 92X P . 32.00 -0.71 23.93
O9 92X P . 33.71 1.43 23.26
O11 92X P . 31.23 -1.61 23.99
C12 92X P . 30.89 1.26 25.13
C14 92X P . 31.63 1.94 27.33
C16 92X P . 32.73 0.14 26.20
C18 92X P . 33.42 0.87 28.41
N19 92X P . 33.25 1.70 29.44
O20 92X P . 34.30 0.08 28.53
O23 92X P . 32.20 3.36 30.40
N24 92X P . 31.47 2.75 28.37
C25 92X P . 30.43 3.77 28.34
C27 92X P . 34.65 0.39 32.55
C29 92X P . 36.02 2.24 31.79
C30 92X P . 35.19 2.40 30.71
C31 92X P . 35.45 3.49 29.66
CO CO Q . 11.26 60.28 0.39
C10 92X R . 11.96 63.94 2.15
C13 92X R . 10.72 65.64 3.23
C15 92X R . 12.64 64.70 4.39
C17 92X R . 13.94 62.84 3.16
C21 92X R . 14.04 65.46 7.71
C22 92X R . 12.16 66.35 6.46
C26 92X R . 13.86 64.36 8.54
C28 92X R . 15.50 65.22 10.07
C1 92X R . 13.59 62.50 -2.50
C2 92X R . 13.57 63.95 -2.95
C3 92X R . 14.24 64.82 -1.89
C4 92X R . 13.61 64.54 -0.53
C5 92X R . 12.72 63.31 -0.39
C6 92X R . 12.75 62.32 -1.25
O7 92X R . 12.24 61.04 -0.91
C8 92X R . 12.20 62.95 0.99
O9 92X R . 13.82 65.24 0.41
O11 92X R . 11.92 61.79 1.14
C12 92X R . 10.90 64.82 2.13
C14 92X R . 11.57 65.58 4.34
C16 92X R . 12.81 63.87 3.26
C18 92X R . 13.45 64.69 5.51
N19 92X R . 13.22 65.51 6.51
O20 92X R . 14.39 63.99 5.68
O23 92X R . 11.98 67.06 7.38
N24 92X R . 11.35 66.39 5.38
C25 92X R . 10.24 67.32 5.32
C27 92X R . 14.58 64.25 9.72
C29 92X R . 15.69 66.33 9.24
C30 92X R . 14.96 66.46 8.06
C31 92X R . 15.20 67.67 7.15
CO CO S . -17.92 26.89 -5.28
C10 92X T . -18.83 30.50 -3.15
C13 92X T . -19.76 32.58 -3.80
C15 92X T . -20.92 31.28 -2.10
C17 92X T . -19.83 29.01 -1.44
C21 92X T . -24.05 32.00 -0.30
C22 92X T . -22.80 33.21 -1.96
C26 92X T . -25.10 31.25 -0.79
C28 92X T . -26.34 31.71 1.20
C1 92X T . -14.38 27.96 -2.38
C2 92X T . -13.83 29.21 -1.70
C3 92X T . -14.82 29.70 -0.65
C4 92X T . -16.16 29.94 -1.33
C5 92X T . -16.39 29.34 -2.71
C6 92X T . -15.66 28.31 -3.12
O7 92X T . -16.15 27.43 -4.09
C8 92X T . -17.78 29.39 -3.28
O9 92X T . -17.02 30.56 -0.79
O11 92X T . -18.05 28.44 -3.94
C12 92X T . -18.76 31.63 -3.94
C14 92X T . -20.83 32.40 -2.90
C16 92X T . -19.89 30.31 -2.25
C18 92X T . -21.99 31.17 -1.24
N19 92X T . -22.90 32.13 -1.17
O20 92X T . -22.20 30.27 -0.49
O23 92X T . -23.65 34.04 -1.88
N24 92X T . -21.76 33.35 -2.82
C25 92X T . -21.66 34.54 -3.65
C27 92X T . -26.26 31.11 -0.04
C29 92X T . -25.29 32.47 1.68
C30 92X T . -24.14 32.62 0.94
C31 92X T . -22.97 33.46 1.49
CO CO U . -18.33 6.22 -45.32
C10 92X V . -19.85 10.39 -44.77
C13 92X V . -18.88 12.56 -44.91
C15 92X V . -20.74 12.02 -46.38
C17 92X V . -21.74 9.62 -46.20
C21 92X V . -22.43 14.10 -48.91
C22 92X V . -20.60 14.53 -47.39
C26 92X V . -22.10 13.79 -50.22
C28 92X V . -24.10 14.92 -50.98
C1 92X V . -20.72 6.25 -41.62
C2 92X V . -21.16 7.14 -40.47
C3 92X V . -22.15 8.18 -40.99
C4 92X V . -21.50 8.94 -42.15
C5 92X V . -20.33 8.34 -42.90
C6 92X V . -20.05 7.06 -42.72
O7 92X V . -19.22 6.39 -43.62
C8 92X V . -19.86 8.93 -44.23
O9 92X V . -21.91 10.00 -42.47
O11 92X V . -19.39 8.11 -44.94
C12 92X V . -18.90 11.29 -44.34
C14 92X V . -19.79 12.92 -45.92
C16 92X V . -20.75 10.72 -45.79
C18 92X V . -21.61 12.45 -47.37
N19 92X V . -21.53 13.67 -47.86
O20 92X V . -22.47 11.81 -47.87
O23 92X V . -20.55 15.61 -47.86
N24 92X V . -19.74 14.14 -46.43
C25 92X V . -18.74 15.08 -45.94
C27 92X V . -22.93 14.21 -51.25
C29 92X V . -24.42 15.21 -49.67
C30 92X V . -23.60 14.82 -48.63
C31 92X V . -23.96 15.14 -47.18
CO CO W . -3.12 -47.38 24.33
C10 92X X . -3.63 -51.26 22.34
C13 92X X . -3.69 -53.53 23.05
C15 92X X . -5.58 -52.65 21.82
C17 92X X . -5.45 -50.17 21.08
C21 92X X . -8.70 -54.28 20.82
C22 92X X . -6.77 -55.07 22.03
C26 92X X . -9.78 -53.78 21.55
C28 92X X . -11.29 -54.63 19.90
C1 92X X . -0.09 -47.67 20.99
C2 92X X . 0.32 -48.32 19.67
C3 92X X . -0.10 -49.76 19.43
C4 92X X . -1.24 -50.27 20.32
C5 92X X . -1.90 -49.35 21.31
C6 92X X . -1.39 -48.17 21.62
O7 92X X . -1.98 -47.43 22.64
C8 92X X . -2.95 -49.87 22.28
O9 92X X . -1.60 -51.39 20.22
O11 92X X . -3.30 -49.07 23.07
C12 92X X . -3.03 -52.31 22.99
C14 92X X . -4.96 -53.69 22.47
C16 92X X . -4.89 -51.42 21.77
C18 92X X . -6.83 -52.88 21.28
N19 92X X . -7.39 -54.07 21.38
O20 92X X . -7.49 -52.11 20.69
O23 92X X . -7.32 -56.11 22.10
N24 92X X . -5.54 -54.88 22.57
C25 92X X . -4.87 -55.96 23.25
C27 92X X . -11.07 -53.96 21.08
C29 92X X . -10.21 -55.12 19.18
C30 92X X . -8.90 -54.96 19.64
C31 92X X . -7.72 -55.51 18.83
#